data_2GHO
#
_entry.id   2GHO
#
_cell.length_a   202.800
_cell.length_b   202.800
_cell.length_c   326.800
_cell.angle_alpha   90.00
_cell.angle_beta   90.00
_cell.angle_gamma   90.00
#
_symmetry.space_group_name_H-M   'P 41 21 2'
#
loop_
_entity.id
_entity.type
_entity.pdbx_description
1 polymer 'DNA-directed RNA polymerase subunit alpha'
2 polymer 'DNA-directed RNA polymerase subunit beta'
3 polymer "DNA-directed RNA polymerase subunit beta',DNA-directed RNA polymerase subunit beta'"
#
loop_
_entity_poly.entity_id
_entity_poly.type
_entity_poly.pdbx_seq_one_letter_code
_entity_poly.pdbx_strand_id
1 'polypeptide(L)'
;MLESKLKAPVFTATTQGDHYGEFVLEPLERGFGVTLGNPLRRILLSSIPGTAVTSVYIEDVLHEFSTIPGVKEDVVEIIL
NLKELVVRFLDPKMASTTLILRAEGPKEVRAGDFTPSADVEIMNPDLHIATLEEGGKLYMEVRVDRGVGYVPAERHGIKD
RINAIPVDAIFSPVRRVAFQVEDTRLGQRTDLDKLTLRIWTDGSVTPLEALNQAVAILKEHLNYFANPEASLLPTPEVSK
GEKRESAEEDLDLPLEELGLSTRVLHSLKEEGIESVRALLALNLKDLRNIPGIGERSLEEIRQALAKKGFTLKE
;
A,B
2 'polypeptide(L)'
;MEIKRFGRIREVIPLPPLTEIQVESYKKALQADVPPEKRENVGIQAAFKETFPIEEGDKGKGGLVLDFLEYRIGDPPFSQ
DECREKDLTYQAPLYARLQLIHKDTGLIKEDEVFLGHLPLMTEDGSFIINGADRVIVSQIHRSPGVYFTPDPARPGRYIA
SIIPLPKRGPWIDLEVEASGVVTMKVNKRKFPLVLLLRVLGYDQETLVRELSAYGDLVQGLLDEAVLAMRPEEAMVRLFT
LLRPGDPPKKDKALAYLFGLLADPKRYDLGEAGRYKAEEKLGVGLSGRTLVRFEDGEFKDEVFLPTLRYLFALTAGVPGH
EVDDIDHLGNRRIRTVGELMADQFRVGLARLARGVRERMVMGSPDTLTPAKLVNSRPLEAALREFFSRSQLSQFKDETNP
LSSLRHKRRISALGPGGLTRERAGFDVRDVHRTHYGRICPVETPEGANIGLITSLAAYARVDALGFIRTPYRRVKNGVVT
EEVVYMTASEEDRYTIAQANTPLEGDRIATDRVVARRRGEPVIVAPEEVEFMDVSPKQVFSLNTNLIPFLEHDDANRALM
GSNMQTQAVPLIRAQAPVVMTGLEERVVRDSLAALYAEEDGEVVKVDGTRIAVRYEDGRLVEHPLRRYARSNQGTAFDQR
PRVRVGQRVKKGDLLADGPASEEGFLALGQNVLVAIMPFDGYNFEDAIVISEELLKRDFYTSIHIERYEIEARDTKLGPE
RITRDIPHLSEAALRDLDEEGIVRIGAEVKPGDILVGRTSFKGEQEPSPEERLLRSIFGEKARDVKDTSLRVPPGEGGIV
VGRLRLRRGDPGVELKPGVREVVRVFVAQKRKLQVGDKLANRHGNKGVVAKILPVEDMPHLPDGTPVDVILNPLGVPSRM
NLGQILETHLGLAGYFLGQRYISPVFDGATEPEIKELLAEAFNLYFGKRQGEGFGVDKREKEVLARAEKLGLVSPGKSPE
EQLKELFDLGKVVLYDGRTGEPFEGPIVVGQMFIMKLYHMVEDKMHARSTGPYSLITQQPLGGKAQFGGQRFGEMEVWAL
EAYGAAHTLQEMLTIKSDDIEGRNAAYQAIIKGEDVPEPSVPESFRVLVKELQALALDVQTLDEKDNPVDIFEGLASKR
;
C
3 'polypeptide(L)'
;MKKEVRKVRIALASPEKIRSWSYGEVEKPETINYRTLKPERDGLFDERIFGPIKDYECACGKYKRQRFEGKVCERCGVEV
TRSIVRRYRMGHIELATPAAHIWFVKDVPSKIGTLLDLSATELEQVLYFNKYIVLDPKGAVLDGVPVEKRQLLTDEEYGG
IDARMGAEAIQELLKELDLEKLERELLEEMKHPSRARRAKARKRLEVVRAFLDSGNRPEWMILEAVPVLPPDLRPMVQVD
GGRFATSDLNDLYRRLINRNNRLKKLLAQGAPEIIIRNEKRMLQEAVDAVIDNGRRGSPVTNPGSERPLRSLTDILSGKQ
GRFRQNLLGKRVDYSGRSVIVVGPQLKLHQCGLPKRMALELFKPFLLKKMEEKAFAPNVKAARRMLERQRDIKDEVWDAL
EEVIHGKVVLLNRAPTLHRLGIQAFQPVLVEGQSIQLHPLVCEAFNADFDGDQMAVHVPLSSFAQAEARIQMLSAHNLLS
PASGEPLAKPSRDIILGLYYITQVRKEKKGAGMAFATPEEALAAYERGEVALNAPIVVAGRETSVGRLKFVFANPDEALL
AVAHGLLDLQDVVTVRYLGRRLETSPGRILFARIVGEAVGDEKVAQELIQMDVPQEKNSLKDLVYQAFLRLGMEKTARLL
DALKYYGFTLSTTSGITIGIDDAVIPEEKQRYLEEADRKLRQIEQAYEMGFLTDRERYDQVIQLWTETTEKVTQAVFKNF
EENYPFNPLYVMAQSGARGNPQQIRQLCGMRGLMQKPSGETFEVPVRSSFREGLTVLEYFISSHGARKGGADTALRTADS
GYLTRKLVDVAHEIVVREADCGTTNYISVPLFQMDEVTRTLRLRKRSDIESGLYGRVLAREVEALGRRLEEGRYLSLEDV
HFLIKAAEAGEVREVPVRSPLTCQTRYGVCQKCYGYDLSMARPVSIGEAVGVVAAESIGEPGTQLTMRTFHTGGVAVGTD
ITQGLPRVIELFEARRPKAKAVISEIDGVVRIEEGEDRLSVFVESEGFSKEYKLPKDARLLVKDGDYVEAGQPLTRGAID
PHQLLEAKGPEAVERYLVDEIQKVYRAQGVKLHDKHIEIVVRQMLKYVEVTDPGDSRLLEGQVLEKWDVEALNERLIAEG
KVPVAWKPLLMGVTKSALSTKSWLSAASFQNTTHVLTEAAIAGKKDELIGLKENVILGRLIPAGTGSDFVRFTQVVDQRT
LKAIEEARKEAVEAKEKEAPRRPVRREQPGKGL
;
D
#
# COMPACT_ATOMS: atom_id res chain seq x y z
N LEU A 6 10.40 -56.52 -30.43
CA LEU A 6 10.33 -55.65 -29.23
C LEU A 6 11.72 -55.37 -28.61
N LYS A 7 12.77 -55.88 -29.27
CA LYS A 7 14.17 -55.71 -28.84
C LYS A 7 14.47 -55.86 -27.34
N ALA A 8 15.75 -55.78 -27.00
CA ALA A 8 16.21 -55.88 -25.62
C ALA A 8 17.36 -54.88 -25.48
N PRO A 9 17.22 -53.90 -24.56
CA PRO A 9 18.19 -52.83 -24.27
C PRO A 9 19.62 -53.18 -23.85
N VAL A 10 20.56 -52.38 -24.33
CA VAL A 10 21.97 -52.55 -24.00
C VAL A 10 22.33 -51.38 -23.10
N PHE A 11 22.53 -51.67 -21.81
CA PHE A 11 22.87 -50.67 -20.78
C PHE A 11 24.37 -50.35 -20.72
N THR A 12 24.71 -49.07 -20.69
CA THR A 12 26.11 -48.66 -20.67
C THR A 12 26.72 -48.27 -19.35
N ALA A 13 27.78 -48.99 -18.99
CA ALA A 13 28.54 -48.76 -17.78
C ALA A 13 29.83 -48.03 -18.20
N THR A 14 29.94 -46.74 -17.85
CA THR A 14 31.10 -45.90 -18.21
C THR A 14 31.71 -45.02 -17.09
N THR A 15 31.14 -45.06 -15.87
CA THR A 15 31.67 -44.23 -14.77
C THR A 15 33.15 -44.41 -14.63
N GLN A 16 33.75 -43.64 -13.74
CA GLN A 16 35.17 -43.71 -13.48
C GLN A 16 35.42 -43.24 -12.06
N GLY A 17 35.80 -41.98 -11.93
CA GLY A 17 36.06 -41.42 -10.62
C GLY A 17 34.81 -41.48 -9.77
N ASP A 18 34.93 -41.07 -8.51
CA ASP A 18 33.82 -41.06 -7.56
C ASP A 18 32.76 -40.05 -7.99
N HIS A 19 33.23 -38.92 -8.48
CA HIS A 19 32.33 -37.88 -8.93
C HIS A 19 32.10 -38.16 -10.41
N TYR A 20 30.84 -38.06 -10.86
CA TYR A 20 30.46 -38.27 -12.27
C TYR A 20 30.17 -39.73 -12.65
N GLY A 21 29.25 -39.92 -13.60
CA GLY A 21 28.88 -41.25 -14.07
C GLY A 21 27.92 -41.22 -15.25
N GLU A 22 28.19 -42.01 -16.29
CA GLU A 22 27.31 -42.06 -17.47
C GLU A 22 26.70 -43.42 -17.71
N PHE A 23 25.37 -43.45 -17.81
CA PHE A 23 24.66 -44.69 -18.05
C PHE A 23 23.83 -44.48 -19.28
N VAL A 24 23.75 -45.48 -20.14
CA VAL A 24 22.99 -45.31 -21.37
C VAL A 24 22.23 -46.53 -21.88
N LEU A 25 20.90 -46.42 -21.92
CA LEU A 25 20.03 -47.49 -22.43
C LEU A 25 19.74 -47.12 -23.88
N GLU A 26 20.18 -47.98 -24.80
CA GLU A 26 20.04 -47.68 -26.22
C GLU A 26 18.67 -47.85 -26.91
N PRO A 27 18.32 -49.08 -27.34
CA PRO A 27 17.04 -49.31 -28.03
C PRO A 27 15.77 -49.09 -27.21
N LEU A 28 15.38 -47.84 -27.06
CA LEU A 28 14.18 -47.54 -26.29
C LEU A 28 13.05 -47.04 -27.16
N GLU A 29 11.87 -47.60 -26.94
CA GLU A 29 10.68 -47.23 -27.70
C GLU A 29 10.41 -45.75 -27.51
N ARG A 30 9.85 -45.12 -28.53
CA ARG A 30 9.54 -43.69 -28.55
C ARG A 30 8.92 -43.11 -27.28
N GLY A 31 9.26 -41.85 -27.00
CA GLY A 31 8.70 -41.15 -25.85
C GLY A 31 9.25 -41.51 -24.49
N PHE A 32 9.54 -42.79 -24.27
CA PHE A 32 10.07 -43.24 -22.99
C PHE A 32 11.40 -42.57 -22.65
N GLY A 33 12.02 -41.97 -23.66
CA GLY A 33 13.29 -41.30 -23.47
C GLY A 33 13.33 -40.51 -22.19
N VAL A 34 12.21 -39.89 -21.86
CA VAL A 34 12.13 -39.11 -20.64
C VAL A 34 11.27 -39.81 -19.57
N THR A 35 10.40 -40.73 -19.99
CA THR A 35 9.56 -41.44 -19.03
C THR A 35 10.42 -42.03 -17.94
N LEU A 36 11.72 -42.06 -18.18
CA LEU A 36 12.65 -42.62 -17.22
C LEU A 36 13.65 -41.58 -16.75
N GLY A 37 14.29 -40.92 -17.71
CA GLY A 37 15.28 -39.89 -17.39
C GLY A 37 14.88 -38.85 -16.36
N ASN A 38 13.58 -38.63 -16.20
CA ASN A 38 13.07 -37.64 -15.25
C ASN A 38 12.86 -38.27 -13.88
N PRO A 39 11.98 -39.29 -13.80
CA PRO A 39 11.70 -39.96 -12.53
C PRO A 39 12.97 -40.16 -11.72
N LEU A 40 13.85 -41.01 -12.22
CA LEU A 40 15.11 -41.26 -11.54
C LEU A 40 15.76 -39.93 -11.20
N ARG A 41 15.89 -39.08 -12.23
CA ARG A 41 16.49 -37.78 -12.04
C ARG A 41 15.92 -37.19 -10.77
N ARG A 42 14.60 -37.28 -10.65
CA ARG A 42 13.88 -36.77 -9.49
C ARG A 42 14.38 -37.48 -8.24
N ILE A 43 14.19 -38.79 -8.22
CA ILE A 43 14.61 -39.59 -7.10
C ILE A 43 16.01 -39.24 -6.66
N LEU A 44 16.95 -39.27 -7.59
CA LEU A 44 18.32 -38.93 -7.25
C LEU A 44 18.39 -37.62 -6.49
N LEU A 45 18.28 -36.54 -7.23
CA LEU A 45 18.37 -35.18 -6.71
C LEU A 45 17.64 -34.83 -5.41
N SER A 46 17.09 -35.82 -4.72
CA SER A 46 16.35 -35.53 -3.50
C SER A 46 16.25 -36.63 -2.44
N SER A 47 16.18 -37.89 -2.89
CA SER A 47 16.04 -39.01 -1.97
C SER A 47 17.26 -39.91 -1.82
N ILE A 48 18.40 -39.41 -2.23
CA ILE A 48 19.64 -40.17 -2.12
C ILE A 48 20.34 -39.93 -0.81
N PRO A 49 20.35 -40.94 0.06
CA PRO A 49 20.96 -40.96 1.39
C PRO A 49 22.36 -40.32 1.45
N GLY A 50 22.45 -39.13 2.03
CA GLY A 50 23.72 -38.43 2.14
C GLY A 50 24.28 -38.32 3.55
N THR A 51 25.17 -37.36 3.75
CA THR A 51 25.80 -37.16 5.06
C THR A 51 26.38 -35.75 5.23
N ALA A 52 26.53 -35.31 6.48
CA ALA A 52 27.08 -33.99 6.75
C ALA A 52 27.15 -33.67 8.24
N VAL A 53 27.74 -32.51 8.56
CA VAL A 53 27.89 -32.07 9.94
C VAL A 53 26.58 -31.60 10.56
N THR A 54 26.01 -32.45 11.40
CA THR A 54 24.77 -32.15 12.08
C THR A 54 24.94 -31.06 13.15
N SER A 55 26.18 -30.86 13.59
CA SER A 55 26.48 -29.85 14.62
C SER A 55 27.98 -29.71 14.82
N VAL A 56 28.39 -28.75 15.66
CA VAL A 56 29.82 -28.52 15.91
C VAL A 56 30.08 -28.01 17.33
N TYR A 57 31.33 -27.63 17.60
CA TYR A 57 31.72 -27.10 18.90
C TYR A 57 33.14 -26.56 18.86
N ILE A 58 33.33 -25.36 19.37
CA ILE A 58 34.65 -24.76 19.41
C ILE A 58 34.95 -24.19 20.80
N GLU A 59 36.21 -24.29 21.19
CA GLU A 59 36.72 -23.82 22.49
C GLU A 59 35.79 -22.95 23.34
N ASP A 60 36.14 -21.66 23.39
CA ASP A 60 35.41 -20.65 24.15
C ASP A 60 34.44 -19.92 23.23
N VAL A 61 33.40 -20.66 22.87
CA VAL A 61 32.34 -20.22 21.99
C VAL A 61 31.00 -20.61 22.62
N LEU A 62 30.13 -19.61 22.76
CA LEU A 62 28.82 -19.78 23.38
C LEU A 62 27.69 -19.77 22.32
N HIS A 63 27.93 -19.06 21.22
CA HIS A 63 26.96 -18.94 20.13
C HIS A 63 27.57 -18.86 18.73
N GLU A 64 26.74 -19.09 17.72
CA GLU A 64 27.20 -19.05 16.34
C GLU A 64 27.76 -17.67 16.02
N PHE A 65 27.20 -16.64 16.63
CA PHE A 65 27.66 -15.30 16.33
C PHE A 65 28.86 -14.90 17.15
N SER A 66 29.90 -15.74 17.15
CA SER A 66 31.11 -15.45 17.93
C SER A 66 32.42 -15.33 17.16
N THR A 67 33.43 -14.80 17.85
CA THR A 67 34.76 -14.61 17.28
C THR A 67 35.74 -15.36 18.18
N ILE A 68 36.92 -15.67 17.63
CA ILE A 68 37.98 -16.37 18.37
C ILE A 68 39.30 -15.66 18.03
N PRO A 69 40.13 -15.41 19.05
CA PRO A 69 41.40 -14.74 18.78
C PRO A 69 42.28 -15.62 17.93
N GLY A 70 42.72 -15.10 16.79
CA GLY A 70 43.59 -15.85 15.90
C GLY A 70 42.93 -16.42 14.66
N VAL A 71 41.63 -16.18 14.51
CA VAL A 71 40.89 -16.69 13.37
C VAL A 71 40.27 -15.57 12.57
N LYS A 72 40.65 -15.48 11.31
CA LYS A 72 40.12 -14.42 10.44
C LYS A 72 38.69 -14.71 10.00
N GLU A 73 38.19 -15.91 10.33
CA GLU A 73 36.83 -16.28 9.95
C GLU A 73 35.85 -15.61 10.89
N ASP A 74 34.99 -16.44 11.44
CA ASP A 74 33.96 -16.05 12.38
C ASP A 74 33.01 -17.19 12.21
N VAL A 75 32.64 -17.82 13.31
CA VAL A 75 31.73 -18.95 13.32
C VAL A 75 31.09 -19.14 11.95
N VAL A 76 30.37 -18.11 11.50
CA VAL A 76 29.73 -18.18 10.21
C VAL A 76 30.76 -18.72 9.23
N GLU A 77 31.76 -17.88 8.90
CA GLU A 77 32.79 -18.31 7.99
C GLU A 77 33.21 -19.71 8.34
N ILE A 78 33.22 -20.04 9.62
CA ILE A 78 33.59 -21.38 10.00
C ILE A 78 32.50 -22.33 9.58
N ILE A 79 31.32 -22.15 10.19
CA ILE A 79 30.18 -23.00 9.90
C ILE A 79 29.91 -23.24 8.42
N LEU A 80 29.85 -22.20 7.61
CA LEU A 80 29.58 -22.39 6.18
C LEU A 80 30.62 -23.19 5.42
N ASN A 81 31.79 -23.41 6.03
CA ASN A 81 32.85 -24.17 5.39
C ASN A 81 32.76 -25.62 5.81
N LEU A 82 31.98 -25.86 6.86
CA LEU A 82 31.81 -27.20 7.38
C LEU A 82 30.55 -27.85 6.84
N LYS A 83 29.46 -27.11 6.81
CA LYS A 83 28.18 -27.62 6.30
C LYS A 83 28.49 -28.42 5.05
N GLU A 84 29.31 -27.82 4.20
CA GLU A 84 29.71 -28.41 2.93
C GLU A 84 30.50 -29.72 3.00
N LEU A 85 31.54 -29.77 3.85
CA LEU A 85 32.38 -30.96 3.95
C LEU A 85 31.60 -32.28 3.83
N VAL A 86 32.25 -33.26 3.22
CA VAL A 86 31.66 -34.58 3.01
C VAL A 86 32.49 -35.65 3.70
N VAL A 87 31.82 -36.72 4.12
CA VAL A 87 32.51 -37.81 4.81
C VAL A 87 31.95 -39.19 4.38
N ARG A 88 32.83 -40.11 4.02
CA ARG A 88 32.40 -41.45 3.62
C ARG A 88 32.28 -42.27 4.90
N PHE A 89 31.17 -42.99 5.05
CA PHE A 89 30.93 -43.80 6.25
C PHE A 89 31.36 -45.26 6.22
N LEU A 90 31.68 -45.75 5.03
CA LEU A 90 32.16 -47.13 4.85
C LEU A 90 31.29 -48.21 5.51
N ASP A 91 31.07 -48.09 6.82
CA ASP A 91 30.26 -49.05 7.56
C ASP A 91 28.76 -48.75 7.54
N PRO A 92 27.93 -49.80 7.49
CA PRO A 92 26.46 -49.71 7.46
C PRO A 92 25.94 -49.48 8.87
N LYS A 93 26.56 -50.19 9.82
CA LYS A 93 26.21 -50.08 11.22
C LYS A 93 26.20 -48.59 11.55
N MET A 94 27.30 -47.94 11.19
CA MET A 94 27.49 -46.51 11.44
C MET A 94 26.22 -45.64 11.38
N ALA A 95 25.55 -45.53 12.53
CA ALA A 95 24.37 -44.69 12.62
C ALA A 95 24.93 -43.28 12.61
N SER A 96 25.94 -43.03 13.45
CA SER A 96 26.55 -41.70 13.51
C SER A 96 27.81 -41.65 14.37
N THR A 97 28.64 -40.66 14.11
CA THR A 97 29.88 -40.46 14.85
C THR A 97 30.24 -38.99 14.94
N THR A 98 31.36 -38.70 15.61
CA THR A 98 31.78 -37.33 15.76
C THR A 98 33.22 -37.14 15.36
N LEU A 99 33.46 -36.30 14.37
CA LEU A 99 34.84 -36.06 13.96
C LEU A 99 35.48 -35.13 14.97
N ILE A 100 36.71 -34.73 14.71
CA ILE A 100 37.40 -33.85 15.65
C ILE A 100 38.73 -33.31 15.09
N LEU A 101 38.92 -31.99 15.17
CA LEU A 101 40.13 -31.34 14.67
C LEU A 101 40.76 -30.47 15.77
N ARG A 102 41.93 -29.88 15.51
CA ARG A 102 42.64 -29.04 16.49
C ARG A 102 43.73 -28.19 15.83
N ALA A 103 43.85 -26.93 16.23
CA ALA A 103 44.89 -26.05 15.64
C ALA A 103 45.89 -25.55 16.66
N GLU A 104 47.08 -25.19 16.18
CA GLU A 104 48.16 -24.70 17.03
C GLU A 104 49.00 -23.64 16.33
N GLY A 105 49.78 -22.88 17.10
CA GLY A 105 50.64 -21.84 16.55
C GLY A 105 50.14 -21.25 15.25
N PRO A 106 51.04 -20.87 14.32
CA PRO A 106 50.63 -20.30 13.03
C PRO A 106 50.52 -21.23 11.78
N LYS A 107 49.29 -21.51 11.33
CA LYS A 107 49.03 -22.36 10.14
C LYS A 107 47.66 -22.03 9.54
N GLU A 108 47.33 -22.68 8.43
CA GLU A 108 46.03 -22.46 7.78
C GLU A 108 45.23 -23.77 7.85
N VAL A 109 43.94 -23.65 8.16
CA VAL A 109 43.03 -24.81 8.28
C VAL A 109 42.51 -25.33 6.92
N ARG A 110 42.27 -26.64 6.84
CA ARG A 110 41.76 -27.27 5.61
C ARG A 110 41.37 -28.73 5.85
N ALA A 111 40.08 -29.02 5.66
CA ALA A 111 39.50 -30.35 5.85
C ALA A 111 40.49 -31.44 6.20
N GLY A 112 41.51 -31.61 5.38
CA GLY A 112 42.51 -32.63 5.65
C GLY A 112 43.02 -32.74 7.07
N ASP A 113 42.94 -31.65 7.86
CA ASP A 113 43.41 -31.67 9.25
C ASP A 113 42.55 -32.42 10.28
N PHE A 114 41.41 -32.94 9.84
CA PHE A 114 40.53 -33.68 10.74
C PHE A 114 41.16 -34.98 11.24
N THR A 115 41.17 -35.15 12.56
CA THR A 115 41.72 -36.35 13.19
C THR A 115 40.98 -37.60 12.70
N PRO A 116 41.60 -38.42 11.82
CA PRO A 116 40.96 -39.64 11.30
C PRO A 116 40.62 -40.72 12.36
N SER A 117 39.68 -41.59 12.02
CA SER A 117 39.25 -42.64 12.94
C SER A 117 38.87 -43.98 12.28
N ALA A 118 37.90 -44.67 12.90
CA ALA A 118 37.40 -45.98 12.46
C ALA A 118 37.04 -46.06 10.97
N ASP A 119 35.73 -46.09 10.69
CA ASP A 119 35.23 -46.15 9.31
C ASP A 119 34.97 -44.71 8.89
N VAL A 120 36.01 -44.05 8.36
CA VAL A 120 35.90 -42.65 7.96
C VAL A 120 36.82 -42.31 6.79
N GLU A 121 36.61 -41.15 6.19
CA GLU A 121 37.44 -40.70 5.06
C GLU A 121 37.06 -39.29 4.61
N ILE A 122 37.91 -38.31 4.95
CA ILE A 122 37.70 -36.93 4.57
C ILE A 122 37.77 -36.94 3.05
N MET A 123 36.78 -37.60 2.44
CA MET A 123 36.68 -37.73 0.99
C MET A 123 37.34 -36.57 0.29
N ASN A 124 37.00 -35.37 0.76
CA ASN A 124 37.52 -34.16 0.15
C ASN A 124 38.56 -33.41 0.97
N PRO A 125 39.84 -33.71 0.76
CA PRO A 125 40.87 -32.99 1.51
C PRO A 125 40.81 -31.53 1.02
N ASP A 126 41.70 -30.68 1.50
CA ASP A 126 41.71 -29.26 1.12
C ASP A 126 40.57 -28.58 1.91
N LEU A 127 39.60 -28.02 1.19
CA LEU A 127 38.45 -27.35 1.78
C LEU A 127 38.84 -26.35 2.87
N HIS A 128 39.71 -25.40 2.54
CA HIS A 128 40.17 -24.38 3.46
C HIS A 128 39.08 -24.10 4.48
N ILE A 129 39.23 -24.70 5.66
CA ILE A 129 38.25 -24.54 6.75
C ILE A 129 38.45 -23.28 7.56
N ALA A 130 39.70 -22.87 7.73
CA ALA A 130 39.99 -21.67 8.52
C ALA A 130 41.42 -21.16 8.35
N THR A 131 41.65 -19.92 8.77
CA THR A 131 42.95 -19.25 8.68
C THR A 131 43.52 -18.95 10.09
N LEU A 132 44.84 -18.91 10.22
CA LEU A 132 45.50 -18.63 11.51
C LEU A 132 46.90 -18.02 11.39
N GLU A 133 47.35 -17.42 12.49
CA GLU A 133 48.70 -16.84 12.57
C GLU A 133 49.28 -17.20 13.96
N GLU A 134 50.00 -16.28 14.60
CA GLU A 134 50.59 -16.57 15.92
C GLU A 134 49.56 -16.73 17.04
N GLY A 135 49.66 -17.84 17.78
CA GLY A 135 48.77 -18.10 18.89
C GLY A 135 47.30 -18.35 18.59
N GLY A 136 47.01 -19.37 17.79
CA GLY A 136 45.63 -19.67 17.44
C GLY A 136 45.09 -20.98 17.97
N LYS A 137 44.18 -20.89 18.94
CA LYS A 137 43.55 -22.07 19.54
C LYS A 137 42.59 -22.66 18.48
N LEU A 138 41.91 -23.76 18.79
CA LEU A 138 40.95 -24.37 17.84
C LEU A 138 40.16 -25.52 18.47
N TYR A 139 40.39 -26.74 17.99
CA TYR A 139 39.72 -27.91 18.52
C TYR A 139 38.20 -27.90 18.27
N MET A 140 37.75 -28.80 17.41
CA MET A 140 36.32 -28.91 17.07
C MET A 140 35.75 -30.32 17.22
N GLU A 141 34.56 -30.40 17.82
CA GLU A 141 33.87 -31.67 18.04
C GLU A 141 32.61 -31.82 17.19
N VAL A 142 32.70 -31.34 15.96
CA VAL A 142 31.59 -31.41 15.03
C VAL A 142 31.00 -32.82 15.02
N ARG A 143 29.69 -32.89 14.77
CA ARG A 143 28.96 -34.15 14.73
C ARG A 143 28.47 -34.44 13.30
N VAL A 144 28.39 -35.72 12.95
CA VAL A 144 27.93 -36.15 11.62
C VAL A 144 26.83 -37.21 11.74
N ASP A 145 25.87 -37.17 10.82
CA ASP A 145 24.75 -38.11 10.85
C ASP A 145 24.25 -38.66 9.53
N ARG A 146 23.51 -39.76 9.63
CA ARG A 146 22.91 -40.42 8.49
C ARG A 146 21.52 -39.83 8.43
N GLY A 147 21.31 -38.89 7.50
CA GLY A 147 20.02 -38.22 7.35
C GLY A 147 19.65 -38.04 5.88
N VAL A 148 18.41 -37.64 5.60
CA VAL A 148 17.97 -37.46 4.23
C VAL A 148 17.55 -36.05 3.85
N GLY A 149 18.11 -35.54 2.75
CA GLY A 149 17.77 -34.23 2.23
C GLY A 149 18.19 -32.98 2.99
N TYR A 150 17.58 -31.86 2.60
CA TYR A 150 17.85 -30.56 3.23
C TYR A 150 17.12 -30.47 4.57
N VAL A 151 17.86 -30.12 5.61
CA VAL A 151 17.23 -29.97 6.91
C VAL A 151 17.85 -28.88 7.74
N PRO A 152 17.11 -27.77 7.89
CA PRO A 152 17.41 -26.53 8.63
C PRO A 152 17.98 -26.71 10.04
N ALA A 153 18.27 -25.59 10.67
CA ALA A 153 18.84 -25.61 12.02
C ALA A 153 17.82 -25.24 13.08
N GLU A 154 16.74 -24.56 12.70
CA GLU A 154 15.72 -24.16 13.66
C GLU A 154 14.64 -25.22 13.73
N ARG A 155 14.83 -26.33 13.03
CA ARG A 155 13.83 -27.37 13.06
C ARG A 155 14.35 -28.68 13.62
N HIS A 156 15.65 -28.81 13.86
CA HIS A 156 16.18 -30.06 14.42
C HIS A 156 16.85 -29.96 15.80
N GLY A 157 17.51 -28.83 16.05
CA GLY A 157 18.17 -28.66 17.33
C GLY A 157 19.14 -29.79 17.61
N ILE A 158 20.15 -29.50 18.41
CA ILE A 158 21.14 -30.51 18.76
C ILE A 158 21.47 -30.53 20.25
N LYS A 159 21.37 -31.74 20.81
CA LYS A 159 21.64 -32.02 22.22
C LYS A 159 23.06 -32.64 22.37
N ASP A 160 24.08 -31.77 22.35
CA ASP A 160 25.50 -32.13 22.51
C ASP A 160 26.09 -31.08 23.48
N ARG A 161 25.82 -31.26 24.77
CA ARG A 161 26.24 -30.33 25.83
C ARG A 161 25.67 -28.97 25.48
N ILE A 162 26.21 -27.92 26.06
CA ILE A 162 25.72 -26.58 25.76
C ILE A 162 26.71 -25.93 24.76
N ASN A 163 26.31 -24.81 24.15
CA ASN A 163 27.12 -24.11 23.13
C ASN A 163 27.34 -25.06 21.96
N ALA A 164 26.29 -25.74 21.54
CA ALA A 164 26.34 -26.70 20.44
C ALA A 164 25.64 -26.23 19.15
N ILE A 165 25.60 -24.92 18.95
CA ILE A 165 24.97 -24.32 17.76
C ILE A 165 24.87 -25.31 16.62
N PRO A 166 23.75 -26.03 16.55
CA PRO A 166 23.52 -27.02 15.51
C PRO A 166 23.80 -26.45 14.13
N VAL A 167 23.60 -27.26 13.10
CA VAL A 167 23.86 -26.78 11.74
C VAL A 167 22.92 -27.32 10.67
N ASP A 168 22.77 -26.54 9.61
CA ASP A 168 21.92 -26.86 8.47
C ASP A 168 22.54 -28.04 7.68
N ALA A 169 21.84 -29.17 7.65
CA ALA A 169 22.34 -30.38 6.97
C ALA A 169 22.07 -30.51 5.47
N ILE A 170 23.14 -30.70 4.69
CA ILE A 170 23.09 -30.87 3.23
C ILE A 170 23.40 -32.32 2.90
N PHE A 171 22.41 -33.19 3.03
CA PHE A 171 22.61 -34.61 2.78
C PHE A 171 22.76 -35.05 1.33
N SER A 172 21.64 -35.30 0.64
CA SER A 172 21.66 -35.73 -0.76
C SER A 172 23.00 -35.46 -1.41
N PRO A 173 23.90 -36.45 -1.36
CA PRO A 173 25.24 -36.35 -1.95
C PRO A 173 25.24 -35.98 -3.43
N VAL A 174 24.08 -36.09 -4.07
CA VAL A 174 23.98 -35.75 -5.49
C VAL A 174 23.81 -34.25 -5.67
N ARG A 175 24.90 -33.66 -6.16
CA ARG A 175 25.02 -32.23 -6.38
C ARG A 175 24.50 -31.74 -7.73
N ARG A 176 24.69 -32.54 -8.78
CA ARG A 176 24.30 -32.14 -10.14
C ARG A 176 23.76 -33.31 -10.99
N VAL A 177 22.67 -33.07 -11.74
CA VAL A 177 22.09 -34.11 -12.58
C VAL A 177 21.33 -33.62 -13.81
N ALA A 178 21.70 -34.18 -14.96
CA ALA A 178 21.08 -33.88 -16.26
C ALA A 178 21.02 -35.17 -17.05
N PHE A 179 20.34 -35.15 -18.19
CA PHE A 179 20.26 -36.34 -19.01
C PHE A 179 19.97 -36.02 -20.47
N GLN A 180 20.51 -36.86 -21.36
CA GLN A 180 20.35 -36.67 -22.78
C GLN A 180 19.52 -37.69 -23.50
N VAL A 181 18.93 -37.26 -24.60
CA VAL A 181 18.08 -38.11 -25.40
C VAL A 181 18.46 -38.01 -26.87
N GLU A 182 19.62 -38.53 -27.22
CA GLU A 182 20.07 -38.49 -28.60
C GLU A 182 19.29 -39.49 -29.45
N ASP A 183 19.13 -39.20 -30.74
CA ASP A 183 18.43 -40.10 -31.64
C ASP A 183 19.30 -41.33 -31.66
N THR A 184 18.74 -42.50 -31.98
CA THR A 184 19.53 -43.74 -31.97
C THR A 184 19.56 -44.66 -33.19
N ARG A 185 20.71 -45.32 -33.34
CA ARG A 185 20.98 -46.27 -34.42
C ARG A 185 20.88 -47.70 -33.89
N LEU A 186 19.91 -48.44 -34.42
CA LEU A 186 19.67 -49.84 -34.06
C LEU A 186 18.58 -50.37 -34.97
N GLY A 187 18.54 -51.69 -35.13
CA GLY A 187 17.56 -52.34 -36.01
C GLY A 187 16.10 -52.05 -35.74
N GLN A 188 15.51 -51.16 -36.56
CA GLN A 188 14.10 -50.79 -36.45
C GLN A 188 13.77 -49.50 -37.20
N ARG A 189 12.80 -48.76 -36.67
CA ARG A 189 12.35 -47.49 -37.22
C ARG A 189 13.17 -46.33 -36.66
N THR A 190 13.35 -45.27 -37.45
CA THR A 190 14.13 -44.15 -36.94
C THR A 190 13.27 -42.99 -36.44
N ASP A 191 13.34 -42.86 -35.13
CA ASP A 191 12.67 -41.88 -34.28
C ASP A 191 12.62 -42.64 -32.96
N LEU A 192 13.79 -43.12 -32.55
CA LEU A 192 13.92 -43.88 -31.32
C LEU A 192 14.75 -43.09 -30.33
N ASP A 193 14.83 -43.59 -29.10
CA ASP A 193 15.59 -42.88 -28.09
C ASP A 193 16.78 -43.63 -27.53
N LYS A 194 17.81 -42.84 -27.20
CA LYS A 194 19.09 -43.27 -26.63
C LYS A 194 19.23 -42.60 -25.25
N LEU A 195 18.46 -43.08 -24.27
CA LEU A 195 18.45 -42.49 -22.93
C LEU A 195 19.73 -42.56 -22.11
N THR A 196 20.30 -41.39 -21.84
CA THR A 196 21.52 -41.28 -21.04
C THR A 196 21.27 -40.35 -19.87
N LEU A 197 22.02 -40.54 -18.79
CA LEU A 197 21.88 -39.71 -17.60
C LEU A 197 23.21 -39.41 -16.91
N ARG A 198 23.54 -38.12 -16.83
CA ARG A 198 24.78 -37.67 -16.20
C ARG A 198 24.83 -38.08 -14.73
N ILE A 199 24.70 -37.10 -13.84
CA ILE A 199 24.71 -37.32 -12.40
C ILE A 199 26.09 -37.23 -11.76
N TRP A 200 26.43 -36.05 -11.25
CA TRP A 200 27.71 -35.79 -10.55
C TRP A 200 27.58 -36.28 -9.11
N THR A 201 28.69 -36.39 -8.38
CA THR A 201 28.61 -36.86 -7.00
C THR A 201 29.74 -36.36 -6.13
N ASP A 202 29.41 -35.86 -4.94
CA ASP A 202 30.44 -35.40 -4.03
C ASP A 202 30.80 -36.63 -3.20
N GLY A 203 32.09 -36.83 -2.97
CA GLY A 203 32.58 -37.97 -2.20
C GLY A 203 31.66 -39.07 -1.67
N SER A 204 30.71 -38.71 -0.80
CA SER A 204 29.79 -39.66 -0.16
C SER A 204 29.60 -41.04 -0.83
N VAL A 205 29.13 -41.07 -2.08
CA VAL A 205 28.92 -42.34 -2.80
C VAL A 205 29.26 -42.27 -4.31
N THR A 206 29.08 -43.39 -5.01
CA THR A 206 29.35 -43.49 -6.45
C THR A 206 28.10 -43.16 -7.24
N PRO A 207 28.21 -42.30 -8.27
CA PRO A 207 27.06 -41.94 -9.08
C PRO A 207 26.25 -43.19 -9.35
N LEU A 208 26.96 -44.30 -9.49
CA LEU A 208 26.31 -45.57 -9.73
C LEU A 208 25.40 -45.96 -8.58
N GLU A 209 26.01 -46.36 -7.47
CA GLU A 209 25.25 -46.76 -6.30
C GLU A 209 23.95 -45.99 -6.28
N ALA A 210 24.04 -44.75 -5.88
CA ALA A 210 22.88 -43.89 -5.83
C ALA A 210 21.93 -44.31 -6.93
N LEU A 211 22.45 -44.40 -8.14
CA LEU A 211 21.63 -44.82 -9.25
C LEU A 211 20.85 -46.05 -8.80
N ASN A 212 21.57 -47.14 -8.56
CA ASN A 212 20.93 -48.38 -8.12
C ASN A 212 19.96 -48.11 -6.98
N GLN A 213 20.31 -47.20 -6.08
CA GLN A 213 19.41 -46.89 -4.98
C GLN A 213 18.18 -46.18 -5.50
N ALA A 214 18.37 -45.36 -6.54
CA ALA A 214 17.29 -44.58 -7.13
C ALA A 214 16.19 -45.41 -7.80
N VAL A 215 16.59 -46.26 -8.74
CA VAL A 215 15.66 -47.12 -9.47
C VAL A 215 14.82 -47.96 -8.51
N ALA A 216 15.45 -48.49 -7.48
CA ALA A 216 14.76 -49.30 -6.50
C ALA A 216 13.68 -48.40 -5.88
N ILE A 217 14.12 -47.27 -5.34
CA ILE A 217 13.24 -46.30 -4.71
C ILE A 217 11.97 -46.16 -5.53
N LEU A 218 12.10 -45.59 -6.72
CA LEU A 218 10.96 -45.42 -7.57
C LEU A 218 10.18 -46.72 -7.54
N LYS A 219 10.80 -47.79 -8.05
CA LYS A 219 10.14 -49.08 -8.04
C LYS A 219 9.31 -49.18 -6.76
N GLU A 220 9.98 -49.13 -5.61
CA GLU A 220 9.28 -49.23 -4.34
C GLU A 220 7.95 -48.48 -4.42
N HIS A 221 8.02 -47.18 -4.69
CA HIS A 221 6.83 -46.35 -4.79
C HIS A 221 5.82 -46.91 -5.80
N LEU A 222 6.33 -47.56 -6.84
CA LEU A 222 5.45 -48.14 -7.83
C LEU A 222 4.49 -49.09 -7.14
N ASN A 223 5.01 -50.22 -6.67
CA ASN A 223 4.21 -51.24 -6.00
C ASN A 223 3.04 -50.69 -5.19
N TYR A 224 3.24 -49.54 -4.57
CA TYR A 224 2.15 -48.96 -3.78
C TYR A 224 0.83 -49.07 -4.53
N PHE A 225 0.89 -49.05 -5.85
CA PHE A 225 -0.30 -49.16 -6.68
C PHE A 225 -0.79 -50.60 -6.71
N ALA A 226 -0.69 -51.26 -5.57
CA ALA A 226 -1.11 -52.66 -5.45
C ALA A 226 -2.63 -52.84 -5.46
N ASN A 227 -3.17 -53.46 -4.41
CA ASN A 227 -4.61 -53.71 -4.29
C ASN A 227 -5.36 -52.55 -3.62
N PRO A 228 -6.30 -51.93 -4.37
CA PRO A 228 -7.14 -50.80 -3.96
C PRO A 228 -8.09 -51.04 -2.79
N GLU A 229 -9.01 -50.09 -2.59
CA GLU A 229 -10.04 -50.13 -1.53
C GLU A 229 -11.28 -49.32 -1.98
N ALA A 230 -12.00 -48.73 -1.02
CA ALA A 230 -13.21 -47.92 -1.27
C ALA A 230 -13.47 -47.62 -2.76
N SER A 231 -14.14 -48.55 -3.45
CA SER A 231 -14.46 -48.41 -4.88
C SER A 231 -15.93 -48.01 -5.16
N LEU A 232 -16.41 -48.33 -6.36
CA LEU A 232 -17.78 -48.00 -6.75
C LEU A 232 -17.96 -46.48 -6.78
N LEU A 233 -18.51 -45.95 -7.87
CA LEU A 233 -18.74 -44.51 -8.02
C LEU A 233 -20.21 -44.25 -8.37
N PRO A 234 -20.77 -43.08 -7.97
CA PRO A 234 -22.18 -42.76 -8.26
C PRO A 234 -22.58 -43.22 -9.66
N THR A 235 -23.88 -43.40 -9.89
CA THR A 235 -24.37 -43.86 -11.20
C THR A 235 -25.23 -42.85 -11.95
N SER B 4 13.33 -38.89 8.24
CA SER B 4 12.72 -39.61 7.08
C SER B 4 11.24 -39.95 7.33
N LYS B 5 11.01 -41.01 8.10
CA LYS B 5 9.66 -41.47 8.48
C LYS B 5 8.61 -41.46 7.35
N LEU B 6 7.34 -41.24 7.72
CA LEU B 6 6.20 -41.22 6.81
C LEU B 6 5.76 -42.64 6.46
N LYS B 7 4.49 -42.94 6.66
CA LYS B 7 3.98 -44.27 6.39
C LYS B 7 3.63 -44.49 4.92
N ALA B 8 3.02 -45.65 4.65
CA ALA B 8 2.61 -46.03 3.30
C ALA B 8 1.31 -45.35 2.87
N PRO B 9 1.18 -45.09 1.55
CA PRO B 9 0.01 -44.45 0.95
C PRO B 9 -1.29 -45.21 1.12
N VAL B 10 -2.39 -44.50 0.90
CA VAL B 10 -3.74 -45.04 0.98
C VAL B 10 -4.28 -45.04 -0.46
N PHE B 11 -4.37 -46.22 -1.07
CA PHE B 11 -4.81 -46.36 -2.46
C PHE B 11 -6.28 -46.71 -2.62
N THR B 12 -7.09 -45.69 -2.90
CA THR B 12 -8.52 -45.88 -3.10
C THR B 12 -8.79 -45.82 -4.61
N ALA B 13 -10.05 -45.96 -5.03
CA ALA B 13 -10.40 -45.91 -6.45
C ALA B 13 -11.91 -45.90 -6.73
N THR B 14 -12.42 -44.77 -7.19
CA THR B 14 -13.84 -44.61 -7.48
C THR B 14 -14.10 -44.98 -8.93
N THR B 15 -14.18 -46.29 -9.21
CA THR B 15 -14.40 -46.76 -10.57
C THR B 15 -15.79 -46.48 -11.13
N GLN B 16 -15.90 -46.56 -12.46
CA GLN B 16 -17.16 -46.31 -13.13
C GLN B 16 -17.81 -47.59 -13.64
N GLY B 17 -17.03 -48.38 -14.39
CA GLY B 17 -17.50 -49.64 -14.94
C GLY B 17 -16.62 -50.13 -16.07
N ASP B 18 -16.51 -49.31 -17.11
CA ASP B 18 -15.71 -49.61 -18.29
C ASP B 18 -14.76 -48.46 -18.58
N HIS B 19 -15.30 -47.25 -18.58
CA HIS B 19 -14.51 -46.07 -18.84
C HIS B 19 -14.27 -45.30 -17.55
N TYR B 20 -13.29 -44.41 -17.60
CA TYR B 20 -12.97 -43.58 -16.45
C TYR B 20 -12.50 -44.35 -15.24
N GLY B 21 -12.08 -43.60 -14.22
CA GLY B 21 -11.59 -44.18 -12.98
C GLY B 21 -10.81 -43.17 -12.17
N GLU B 22 -11.40 -42.69 -11.08
CA GLU B 22 -10.73 -41.72 -10.24
C GLU B 22 -9.94 -42.43 -9.16
N PHE B 23 -8.73 -42.80 -9.53
CA PHE B 23 -7.85 -43.47 -8.62
C PHE B 23 -7.21 -42.41 -7.75
N VAL B 24 -6.89 -42.78 -6.52
CA VAL B 24 -6.29 -41.83 -5.59
C VAL B 24 -5.31 -42.43 -4.60
N LEU B 25 -4.10 -41.91 -4.62
CA LEU B 25 -3.10 -42.35 -3.67
C LEU B 25 -2.86 -41.07 -2.88
N GLU B 26 -2.83 -41.17 -1.55
CA GLU B 26 -2.67 -40.00 -0.68
C GLU B 26 -1.30 -39.63 -0.13
N PRO B 27 -0.79 -40.38 0.85
CA PRO B 27 0.52 -40.11 1.47
C PRO B 27 1.70 -39.99 0.53
N LEU B 28 2.31 -38.81 0.46
CA LEU B 28 3.46 -38.61 -0.42
C LEU B 28 4.34 -37.41 -0.06
N GLU B 29 5.65 -37.64 0.03
CA GLU B 29 6.61 -36.60 0.34
C GLU B 29 6.83 -35.72 -0.89
N ARG B 30 6.93 -34.41 -0.67
CA ARG B 30 7.12 -33.44 -1.74
C ARG B 30 7.78 -33.98 -3.01
N GLY B 31 7.27 -33.52 -4.15
CA GLY B 31 7.83 -33.96 -5.42
C GLY B 31 7.18 -35.20 -6.00
N PHE B 32 7.40 -36.33 -5.35
CA PHE B 32 6.85 -37.61 -5.79
C PHE B 32 5.53 -37.51 -6.55
N GLY B 33 4.64 -36.64 -6.10
CA GLY B 33 3.37 -36.50 -6.78
C GLY B 33 3.61 -36.49 -8.28
N VAL B 34 4.30 -35.45 -8.75
CA VAL B 34 4.62 -35.31 -10.17
C VAL B 34 5.41 -36.50 -10.63
N THR B 35 6.58 -36.67 -10.01
CA THR B 35 7.48 -37.76 -10.33
C THR B 35 6.65 -38.93 -10.82
N LEU B 36 5.94 -39.55 -9.89
CA LEU B 36 5.10 -40.70 -10.20
C LEU B 36 4.32 -40.48 -11.48
N GLY B 37 3.14 -39.90 -11.33
CA GLY B 37 2.26 -39.64 -12.45
C GLY B 37 2.92 -39.38 -13.78
N ASN B 38 3.03 -38.11 -14.14
CA ASN B 38 3.64 -37.69 -15.38
C ASN B 38 4.12 -38.86 -16.24
N PRO B 39 5.19 -39.55 -15.82
CA PRO B 39 5.67 -40.69 -16.62
C PRO B 39 4.58 -41.71 -16.87
N LEU B 40 3.82 -42.07 -15.82
CA LEU B 40 2.72 -43.02 -15.96
C LEU B 40 1.84 -42.54 -17.11
N ARG B 41 1.49 -41.26 -17.06
CA ARG B 41 0.66 -40.68 -18.11
C ARG B 41 1.32 -41.04 -19.43
N ARG B 42 2.59 -40.66 -19.54
CA ARG B 42 3.42 -40.89 -20.73
C ARG B 42 3.57 -42.35 -21.12
N ILE B 43 2.75 -43.20 -20.51
CA ILE B 43 2.77 -44.61 -20.81
C ILE B 43 1.35 -44.96 -21.10
N LEU B 44 0.43 -44.42 -20.31
CA LEU B 44 -0.95 -44.70 -20.57
C LEU B 44 -1.20 -44.39 -22.02
N LEU B 45 -1.04 -43.13 -22.38
CA LEU B 45 -1.27 -42.66 -23.75
C LEU B 45 -0.26 -43.13 -24.79
N SER B 46 0.83 -43.75 -24.35
CA SER B 46 1.86 -44.21 -25.28
C SER B 46 1.71 -45.68 -25.70
N SER B 47 2.60 -46.53 -25.19
CA SER B 47 2.59 -47.96 -25.51
C SER B 47 1.53 -48.73 -24.76
N ILE B 48 0.49 -49.10 -25.48
CA ILE B 48 -0.58 -49.83 -24.86
C ILE B 48 -1.17 -50.83 -25.81
N PRO B 49 -1.42 -52.05 -25.32
CA PRO B 49 -1.98 -53.12 -26.14
C PRO B 49 -3.46 -52.88 -26.50
N GLY B 50 -3.75 -52.81 -27.82
CA GLY B 50 -5.12 -52.56 -28.27
C GLY B 50 -5.34 -52.74 -29.78
N THR B 51 -6.60 -52.66 -30.24
CA THR B 51 -6.90 -52.84 -31.63
C THR B 51 -7.84 -51.82 -32.22
N ALA B 52 -7.71 -51.62 -33.53
CA ALA B 52 -8.56 -50.69 -34.26
C ALA B 52 -8.41 -50.97 -35.76
N VAL B 53 -9.18 -50.23 -36.54
CA VAL B 53 -9.26 -50.35 -38.00
C VAL B 53 -7.94 -49.90 -38.63
N THR B 54 -7.56 -50.58 -39.72
CA THR B 54 -6.32 -50.26 -40.45
C THR B 54 -6.55 -50.06 -41.95
N SER B 55 -7.69 -50.55 -42.48
CA SER B 55 -8.03 -50.40 -43.89
C SER B 55 -9.55 -50.39 -44.08
N VAL B 56 -10.06 -49.88 -45.19
CA VAL B 56 -11.51 -49.81 -45.41
C VAL B 56 -11.98 -49.96 -46.87
N TYR B 57 -12.30 -51.18 -47.28
CA TYR B 57 -12.80 -51.41 -48.64
C TYR B 57 -14.28 -51.12 -48.66
N ILE B 58 -14.72 -50.37 -49.68
CA ILE B 58 -16.12 -50.01 -49.81
C ILE B 58 -16.59 -50.18 -51.26
N GLU B 59 -17.05 -51.38 -51.61
CA GLU B 59 -17.53 -51.68 -52.96
C GLU B 59 -18.30 -50.47 -53.50
N ASP B 60 -17.72 -49.83 -54.52
CA ASP B 60 -18.27 -48.64 -55.20
C ASP B 60 -17.51 -47.38 -54.83
N VAL B 61 -16.76 -46.87 -55.79
CA VAL B 61 -16.00 -45.66 -55.60
C VAL B 61 -14.84 -45.78 -54.60
N LEU B 62 -13.65 -45.44 -55.07
CA LEU B 62 -12.45 -45.42 -54.27
C LEU B 62 -12.19 -43.92 -54.17
N HIS B 63 -11.59 -43.47 -53.06
CA HIS B 63 -11.29 -42.05 -52.78
C HIS B 63 -12.12 -41.56 -51.59
N GLU B 64 -11.47 -41.16 -50.48
CA GLU B 64 -12.20 -40.65 -49.31
C GLU B 64 -12.87 -39.36 -49.80
N PHE B 65 -12.41 -38.89 -50.96
CA PHE B 65 -12.91 -37.68 -51.59
C PHE B 65 -13.66 -37.98 -52.91
N SER B 66 -14.79 -38.68 -52.80
CA SER B 66 -15.64 -39.02 -53.93
C SER B 66 -17.08 -38.90 -53.44
N THR B 67 -18.03 -39.49 -54.17
CA THR B 67 -19.43 -39.44 -53.78
C THR B 67 -20.01 -40.85 -53.73
N ILE B 68 -21.07 -41.05 -52.95
CA ILE B 68 -21.68 -42.38 -52.81
C ILE B 68 -23.21 -42.47 -52.99
N PRO B 69 -23.67 -42.96 -54.16
CA PRO B 69 -25.11 -43.08 -54.39
C PRO B 69 -25.72 -44.19 -53.55
N GLY B 70 -26.92 -43.94 -53.07
CA GLY B 70 -27.57 -44.91 -52.24
C GLY B 70 -27.33 -44.61 -50.78
N VAL B 71 -26.22 -43.95 -50.49
CA VAL B 71 -25.77 -43.60 -49.12
C VAL B 71 -26.09 -42.15 -48.75
N LYS B 72 -26.23 -41.90 -47.44
CA LYS B 72 -26.55 -40.59 -46.92
C LYS B 72 -25.30 -39.84 -46.54
N GLU B 73 -24.45 -40.47 -45.73
CA GLU B 73 -23.19 -39.87 -45.33
C GLU B 73 -22.19 -40.01 -46.44
N ASP B 74 -20.94 -39.79 -46.09
CA ASP B 74 -19.87 -39.93 -47.06
C ASP B 74 -18.66 -40.56 -46.39
N VAL B 75 -17.90 -41.27 -47.22
CA VAL B 75 -16.69 -41.99 -46.83
C VAL B 75 -15.96 -41.43 -45.61
N VAL B 76 -15.57 -40.16 -45.69
CA VAL B 76 -14.85 -39.53 -44.59
C VAL B 76 -15.48 -39.84 -43.24
N GLU B 77 -16.80 -39.71 -43.14
CA GLU B 77 -17.54 -39.96 -41.89
C GLU B 77 -17.52 -41.42 -41.44
N ILE B 78 -17.90 -42.33 -42.35
CA ILE B 78 -17.90 -43.75 -42.05
C ILE B 78 -16.56 -44.06 -41.38
N ILE B 79 -15.53 -43.35 -41.82
CA ILE B 79 -14.18 -43.49 -41.29
C ILE B 79 -14.18 -43.23 -39.79
N LEU B 80 -14.42 -41.98 -39.41
CA LEU B 80 -14.44 -41.58 -38.02
C LEU B 80 -15.38 -42.46 -37.22
N ASN B 81 -16.56 -42.71 -37.76
CA ASN B 81 -17.52 -43.57 -37.10
C ASN B 81 -16.90 -44.95 -36.92
N LEU B 82 -16.06 -45.36 -37.86
CA LEU B 82 -15.41 -46.65 -37.77
C LEU B 82 -14.36 -46.70 -36.68
N LYS B 83 -13.74 -45.57 -36.41
CA LYS B 83 -12.71 -45.48 -35.38
C LYS B 83 -13.29 -45.76 -33.99
N GLU B 84 -14.30 -44.97 -33.60
CA GLU B 84 -14.95 -45.14 -32.31
C GLU B 84 -15.16 -46.62 -32.09
N LEU B 85 -15.34 -47.33 -33.19
CA LEU B 85 -15.53 -48.76 -33.16
C LEU B 85 -14.35 -49.46 -32.50
N VAL B 86 -14.63 -50.48 -31.72
CA VAL B 86 -13.58 -51.24 -31.07
C VAL B 86 -13.93 -52.71 -30.99
N VAL B 87 -12.93 -53.54 -31.26
CA VAL B 87 -13.09 -54.98 -31.23
C VAL B 87 -11.95 -55.55 -30.38
N ARG B 88 -12.07 -56.81 -29.94
CA ARG B 88 -11.05 -57.43 -29.10
C ARG B 88 -10.70 -58.84 -29.58
N PHE B 89 -9.49 -59.29 -29.24
CA PHE B 89 -9.06 -60.61 -29.68
C PHE B 89 -9.12 -61.75 -28.70
N LEU B 90 -9.88 -62.78 -29.08
CA LEU B 90 -10.04 -63.98 -28.27
C LEU B 90 -8.90 -64.98 -28.60
N ASP B 91 -8.25 -64.81 -29.75
CA ASP B 91 -7.14 -65.69 -30.15
C ASP B 91 -5.80 -65.08 -29.71
N PRO B 92 -5.13 -65.75 -28.75
CA PRO B 92 -3.83 -65.43 -28.11
C PRO B 92 -2.63 -64.96 -28.94
N LYS B 93 -2.63 -65.19 -30.25
CA LYS B 93 -1.50 -64.76 -31.08
C LYS B 93 -1.89 -64.61 -32.57
N MET B 94 -3.00 -63.91 -32.82
CA MET B 94 -3.47 -63.67 -34.18
C MET B 94 -3.63 -62.17 -34.42
N ALA B 95 -2.51 -61.45 -34.49
CA ALA B 95 -2.49 -60.00 -34.67
C ALA B 95 -2.95 -59.42 -36.03
N SER B 96 -4.12 -59.84 -36.50
CA SER B 96 -4.62 -59.33 -37.78
C SER B 96 -5.88 -60.07 -38.22
N THR B 97 -6.97 -59.34 -38.44
CA THR B 97 -8.24 -59.94 -38.87
C THR B 97 -8.90 -59.15 -40.00
N THR B 98 -9.75 -59.81 -40.77
CA THR B 98 -10.48 -59.16 -41.85
C THR B 98 -11.97 -59.21 -41.55
N LEU B 99 -12.66 -58.09 -41.73
CA LEU B 99 -14.08 -58.03 -41.45
C LEU B 99 -14.93 -57.71 -42.65
N ILE B 100 -16.11 -58.32 -42.69
CA ILE B 100 -17.03 -58.19 -43.81
C ILE B 100 -18.42 -57.59 -43.48
N LEU B 101 -18.64 -56.33 -43.87
CA LEU B 101 -19.92 -55.65 -43.62
C LEU B 101 -20.85 -55.72 -44.83
N ARG B 102 -22.10 -56.10 -44.60
CA ARG B 102 -23.09 -56.23 -45.69
C ARG B 102 -24.31 -55.32 -45.59
N ALA B 103 -24.46 -54.46 -46.59
CA ALA B 103 -25.58 -53.53 -46.61
C ALA B 103 -26.77 -54.07 -47.34
N GLU B 104 -27.89 -53.39 -47.16
CA GLU B 104 -29.14 -53.74 -47.79
C GLU B 104 -29.83 -52.43 -48.22
N GLY B 105 -31.08 -52.54 -48.68
CA GLY B 105 -31.88 -51.40 -49.10
C GLY B 105 -31.95 -50.30 -48.05
N PRO B 106 -33.14 -50.00 -47.49
CA PRO B 106 -33.36 -48.97 -46.46
C PRO B 106 -33.15 -49.51 -45.05
N LYS B 107 -32.07 -49.07 -44.39
CA LYS B 107 -31.76 -49.56 -43.05
C LYS B 107 -30.88 -48.56 -42.28
N GLU B 108 -30.35 -48.98 -41.13
CA GLU B 108 -29.45 -48.15 -40.29
C GLU B 108 -28.29 -48.98 -39.80
N VAL B 109 -27.21 -48.96 -40.57
CA VAL B 109 -26.03 -49.74 -40.22
C VAL B 109 -25.73 -49.67 -38.75
N ARG B 110 -25.31 -50.80 -38.18
CA ARG B 110 -24.97 -50.90 -36.78
C ARG B 110 -23.64 -51.66 -36.67
N ALA B 111 -22.82 -51.31 -35.68
CA ALA B 111 -21.52 -51.95 -35.49
C ALA B 111 -21.56 -53.47 -35.32
N GLY B 112 -22.69 -54.01 -34.88
CA GLY B 112 -22.80 -55.45 -34.71
C GLY B 112 -23.13 -56.18 -36.00
N ASP B 113 -23.84 -55.46 -36.87
CA ASP B 113 -24.26 -55.99 -38.17
C ASP B 113 -23.05 -56.46 -38.98
N PHE B 114 -21.90 -56.55 -38.33
CA PHE B 114 -20.68 -56.97 -39.00
C PHE B 114 -20.53 -58.50 -38.98
N THR B 115 -20.13 -59.05 -40.13
CA THR B 115 -19.91 -60.49 -40.32
C THR B 115 -19.80 -61.22 -39.00
N PRO B 116 -20.77 -62.13 -38.71
CA PRO B 116 -20.78 -62.91 -37.46
C PRO B 116 -19.37 -63.31 -37.02
N SER B 117 -18.91 -64.47 -37.50
CA SER B 117 -17.57 -64.97 -37.18
C SER B 117 -17.38 -65.08 -35.68
N ALA B 118 -16.75 -66.16 -35.23
CA ALA B 118 -16.56 -66.38 -33.79
C ALA B 118 -15.26 -65.83 -33.14
N ASP B 119 -14.11 -66.24 -33.68
CA ASP B 119 -12.78 -65.86 -33.20
C ASP B 119 -12.57 -64.46 -32.58
N VAL B 120 -13.35 -63.47 -33.02
CA VAL B 120 -13.23 -62.11 -32.51
C VAL B 120 -14.54 -61.58 -31.95
N GLU B 121 -14.47 -60.49 -31.19
CA GLU B 121 -15.68 -59.94 -30.60
C GLU B 121 -15.89 -58.44 -30.74
N ILE B 122 -17.07 -58.08 -31.24
CA ILE B 122 -17.46 -56.68 -31.42
C ILE B 122 -17.74 -56.22 -29.99
N MET B 123 -17.15 -55.12 -29.56
CA MET B 123 -17.40 -54.67 -28.19
C MET B 123 -18.50 -53.61 -28.02
N ASN B 124 -18.72 -52.79 -29.04
CA ASN B 124 -19.78 -51.78 -29.00
C ASN B 124 -20.72 -51.99 -30.20
N PRO B 125 -21.54 -53.07 -30.16
CA PRO B 125 -22.51 -53.47 -31.19
C PRO B 125 -23.19 -52.28 -31.87
N ASP B 126 -23.60 -51.32 -31.07
CA ASP B 126 -24.26 -50.11 -31.57
C ASP B 126 -23.20 -49.08 -31.91
N LEU B 127 -23.49 -48.32 -32.95
CA LEU B 127 -22.62 -47.28 -33.43
C LEU B 127 -23.44 -46.85 -34.61
N HIS B 128 -23.43 -45.57 -34.96
CA HIS B 128 -24.25 -45.17 -36.09
C HIS B 128 -23.72 -45.78 -37.37
N ILE B 129 -22.41 -45.80 -37.52
CA ILE B 129 -21.78 -46.35 -38.72
C ILE B 129 -22.37 -45.54 -39.89
N ALA B 130 -23.42 -46.07 -40.50
CA ALA B 130 -24.08 -45.41 -41.61
C ALA B 130 -25.58 -45.67 -41.64
N THR B 131 -26.20 -45.25 -42.73
CA THR B 131 -27.62 -45.40 -42.94
C THR B 131 -27.86 -45.08 -44.40
N LEU B 132 -28.57 -45.97 -45.09
CA LEU B 132 -28.83 -45.81 -46.51
C LEU B 132 -30.30 -45.80 -46.99
N GLU B 133 -30.53 -45.05 -48.08
CA GLU B 133 -31.82 -44.81 -48.76
C GLU B 133 -32.61 -46.05 -49.21
N GLU B 134 -32.85 -46.14 -50.53
CA GLU B 134 -33.56 -47.25 -51.14
C GLU B 134 -32.54 -48.11 -51.90
N GLY B 135 -32.49 -49.40 -51.60
CA GLY B 135 -31.54 -50.26 -52.26
C GLY B 135 -30.18 -49.61 -52.10
N GLY B 136 -29.57 -49.82 -50.94
CA GLY B 136 -28.26 -49.24 -50.66
C GLY B 136 -27.19 -50.30 -50.41
N LYS B 137 -26.21 -50.37 -51.31
CA LYS B 137 -25.13 -51.35 -51.22
C LYS B 137 -23.97 -50.90 -50.33
N LEU B 138 -23.30 -51.86 -49.70
CA LEU B 138 -22.18 -51.53 -48.88
C LEU B 138 -21.40 -52.71 -48.35
N TYR B 139 -20.67 -53.35 -49.24
CA TYR B 139 -19.81 -54.47 -48.87
C TYR B 139 -18.78 -53.68 -48.07
N MET B 140 -18.01 -54.32 -47.21
CA MET B 140 -17.05 -53.53 -46.45
C MET B 140 -15.87 -54.29 -45.85
N GLU B 141 -14.89 -54.59 -46.69
CA GLU B 141 -13.71 -55.28 -46.22
C GLU B 141 -12.93 -54.31 -45.35
N VAL B 142 -13.18 -54.38 -44.05
CA VAL B 142 -12.51 -53.52 -43.08
C VAL B 142 -11.42 -54.31 -42.36
N ARG B 143 -10.16 -54.07 -42.72
CA ARG B 143 -9.01 -54.76 -42.11
C ARG B 143 -8.66 -54.17 -40.74
N VAL B 144 -8.34 -55.02 -39.77
CA VAL B 144 -8.00 -54.55 -38.42
C VAL B 144 -6.67 -55.12 -37.91
N ASP B 145 -5.94 -54.33 -37.12
CA ASP B 145 -4.64 -54.73 -36.59
C ASP B 145 -4.44 -54.71 -35.08
N ARG B 146 -3.40 -55.42 -34.62
CA ARG B 146 -3.03 -55.46 -33.21
C ARG B 146 -1.90 -54.44 -33.12
N GLY B 147 -2.24 -53.21 -32.76
CA GLY B 147 -1.25 -52.15 -32.67
C GLY B 147 -0.58 -51.94 -31.33
N VAL B 148 -0.21 -50.67 -31.06
CA VAL B 148 0.48 -50.32 -29.82
C VAL B 148 0.16 -48.93 -29.21
N GLY B 149 0.12 -47.91 -30.06
CA GLY B 149 -0.18 -46.56 -29.62
C GLY B 149 -0.94 -45.90 -30.75
N TYR B 150 -0.36 -44.87 -31.33
CA TYR B 150 -1.03 -44.23 -32.44
C TYR B 150 -0.12 -44.14 -33.67
N VAL B 151 -0.59 -44.67 -34.80
CA VAL B 151 0.17 -44.65 -36.04
C VAL B 151 -0.68 -44.04 -37.19
N PRO B 152 -0.52 -42.75 -37.48
CA PRO B 152 -1.26 -42.06 -38.55
C PRO B 152 -1.41 -42.89 -39.81
N ALA B 153 -2.59 -42.81 -40.42
CA ALA B 153 -2.84 -43.57 -41.64
C ALA B 153 -1.83 -43.15 -42.68
N GLU B 154 -1.04 -42.15 -42.35
CA GLU B 154 -0.06 -41.67 -43.29
C GLU B 154 1.39 -41.98 -42.90
N ARG B 155 1.61 -43.13 -42.28
CA ARG B 155 2.97 -43.53 -41.90
C ARG B 155 3.23 -44.94 -42.36
N HIS B 156 2.19 -45.76 -42.32
CA HIS B 156 2.29 -47.18 -42.68
C HIS B 156 1.93 -47.54 -44.11
N GLY B 157 0.89 -46.90 -44.64
CA GLY B 157 0.45 -47.21 -46.00
C GLY B 157 -0.03 -48.65 -46.05
N ILE B 158 -1.34 -48.85 -45.87
CA ILE B 158 -1.91 -50.18 -45.88
C ILE B 158 -2.20 -50.68 -47.30
N LYS B 159 -1.99 -51.98 -47.50
CA LYS B 159 -2.19 -52.58 -48.83
C LYS B 159 -2.95 -53.91 -48.90
N ASP B 160 -4.17 -53.96 -48.38
CA ASP B 160 -4.96 -55.20 -48.43
C ASP B 160 -5.60 -55.31 -49.82
N ARG B 161 -6.29 -54.26 -50.25
CA ARG B 161 -6.90 -54.25 -51.57
C ARG B 161 -6.47 -53.02 -52.36
N ILE B 162 -6.90 -52.95 -53.61
CA ILE B 162 -6.52 -51.84 -54.47
C ILE B 162 -7.46 -50.62 -54.52
N ASN B 163 -8.73 -50.78 -54.17
CA ASN B 163 -9.68 -49.65 -54.20
C ASN B 163 -10.21 -49.24 -52.84
N ALA B 164 -9.68 -49.87 -51.79
CA ALA B 164 -10.05 -49.61 -50.40
C ALA B 164 -9.09 -48.55 -49.82
N ILE B 165 -9.50 -47.86 -48.74
CA ILE B 165 -8.68 -46.80 -48.12
C ILE B 165 -8.13 -47.09 -46.73
N PRO B 166 -6.83 -46.80 -46.49
CA PRO B 166 -6.28 -47.07 -45.17
C PRO B 166 -6.79 -45.99 -44.26
N VAL B 167 -6.63 -46.19 -42.97
CA VAL B 167 -7.10 -45.17 -42.05
C VAL B 167 -6.24 -44.99 -40.82
N ASP B 168 -6.64 -44.04 -39.99
CA ASP B 168 -5.91 -43.69 -38.78
C ASP B 168 -6.14 -44.66 -37.62
N ALA B 169 -5.11 -45.42 -37.29
CA ALA B 169 -5.20 -46.41 -36.22
C ALA B 169 -5.28 -45.79 -34.83
N ILE B 170 -6.44 -45.93 -34.19
CA ILE B 170 -6.65 -45.39 -32.85
C ILE B 170 -6.64 -46.51 -31.81
N PHE B 171 -5.90 -47.58 -32.09
CA PHE B 171 -5.84 -48.69 -31.16
C PHE B 171 -5.00 -48.39 -29.92
N SER B 172 -5.40 -47.37 -29.16
CA SER B 172 -4.69 -46.98 -27.93
C SER B 172 -5.73 -46.88 -26.80
N PRO B 173 -6.37 -48.00 -26.44
CA PRO B 173 -7.40 -48.08 -25.40
C PRO B 173 -7.45 -46.84 -24.52
N VAL B 174 -6.27 -46.44 -24.08
CA VAL B 174 -6.11 -45.26 -23.25
C VAL B 174 -6.54 -44.08 -24.10
N ARG B 175 -7.78 -43.62 -23.99
CA ARG B 175 -8.21 -42.50 -24.82
C ARG B 175 -8.02 -41.08 -24.26
N ARG B 176 -7.76 -40.99 -22.95
CA ARG B 176 -7.51 -39.71 -22.28
C ARG B 176 -7.12 -39.89 -20.83
N VAL B 177 -6.02 -39.26 -20.42
CA VAL B 177 -5.56 -39.39 -19.04
C VAL B 177 -4.97 -38.10 -18.47
N ALA B 178 -5.62 -37.58 -17.43
CA ALA B 178 -5.22 -36.36 -16.74
C ALA B 178 -5.10 -36.56 -15.21
N PHE B 179 -4.20 -35.80 -14.60
CA PHE B 179 -3.98 -35.91 -13.16
C PHE B 179 -3.85 -34.52 -12.56
N GLN B 180 -3.35 -34.48 -11.34
CA GLN B 180 -3.14 -33.23 -10.62
C GLN B 180 -2.63 -33.59 -9.24
N VAL B 181 -1.61 -32.86 -8.79
CA VAL B 181 -1.04 -33.16 -7.50
C VAL B 181 -1.37 -32.10 -6.46
N GLU B 182 -2.52 -32.24 -5.82
CA GLU B 182 -2.90 -31.31 -4.77
C GLU B 182 -2.20 -31.86 -3.53
N ASP B 183 -2.03 -31.03 -2.50
CA ASP B 183 -1.35 -31.49 -1.28
C ASP B 183 -2.22 -31.38 -0.03
N THR B 184 -2.44 -32.53 0.63
CA THR B 184 -3.24 -32.59 1.86
C THR B 184 -2.40 -32.39 3.12
N ARG B 185 -2.88 -32.90 4.25
CA ARG B 185 -2.17 -32.74 5.50
C ARG B 185 -2.24 -34.02 6.32
N LEU B 186 -1.29 -34.21 7.23
CA LEU B 186 -1.27 -35.39 8.09
C LEU B 186 -0.31 -35.09 9.24
N GLY B 187 -0.79 -34.28 10.17
CA GLY B 187 0.02 -33.88 11.30
C GLY B 187 0.39 -32.42 11.13
N GLN B 188 1.50 -32.00 11.73
CA GLN B 188 1.96 -30.62 11.63
C GLN B 188 2.41 -30.28 10.20
N ARG B 189 2.26 -31.23 9.29
CA ARG B 189 2.66 -31.10 7.89
C ARG B 189 1.47 -30.92 6.91
N THR B 190 1.59 -29.97 5.98
CA THR B 190 0.49 -29.72 5.05
C THR B 190 0.82 -29.72 3.56
N ASP B 191 2.10 -29.78 3.23
CA ASP B 191 2.52 -29.78 1.83
C ASP B 191 2.90 -31.20 1.43
N LEU B 192 2.00 -32.13 1.75
CA LEU B 192 2.21 -33.54 1.47
C LEU B 192 1.44 -34.04 0.25
N ASP B 193 2.16 -34.13 -0.86
CA ASP B 193 1.64 -34.57 -2.14
C ASP B 193 0.41 -35.50 -2.03
N LYS B 194 -0.59 -35.19 -2.84
CA LYS B 194 -1.87 -35.93 -2.94
C LYS B 194 -2.20 -36.07 -4.44
N LEU B 195 -1.87 -37.22 -5.01
CA LEU B 195 -2.11 -37.46 -6.43
C LEU B 195 -3.50 -37.96 -6.73
N THR B 196 -3.94 -37.66 -7.94
CA THR B 196 -5.26 -38.02 -8.42
C THR B 196 -5.15 -38.32 -9.91
N LEU B 197 -5.37 -39.58 -10.28
CA LEU B 197 -5.29 -39.94 -11.68
C LEU B 197 -6.65 -40.25 -12.24
N ARG B 198 -6.82 -39.96 -13.52
CA ARG B 198 -8.09 -40.19 -14.19
C ARG B 198 -7.83 -40.64 -15.63
N ILE B 199 -8.09 -41.92 -15.90
CA ILE B 199 -7.88 -42.47 -17.23
C ILE B 199 -9.23 -42.81 -17.85
N TRP B 200 -9.50 -42.25 -19.03
CA TRP B 200 -10.76 -42.52 -19.73
C TRP B 200 -10.51 -43.54 -20.83
N THR B 201 -11.33 -44.58 -20.86
CA THR B 201 -11.14 -45.62 -21.86
C THR B 201 -12.44 -46.02 -22.49
N ASP B 202 -12.31 -46.59 -23.69
CA ASP B 202 -13.43 -47.09 -24.45
C ASP B 202 -13.83 -48.37 -23.76
N GLY B 203 -14.90 -49.00 -24.23
CA GLY B 203 -15.35 -50.23 -23.61
C GLY B 203 -14.36 -51.39 -23.64
N SER B 204 -13.15 -51.16 -24.14
CA SER B 204 -12.15 -52.24 -24.23
C SER B 204 -11.56 -52.63 -22.89
N VAL B 205 -10.34 -52.19 -22.65
CA VAL B 205 -9.61 -52.51 -21.43
C VAL B 205 -9.81 -51.52 -20.27
N THR B 206 -10.39 -52.01 -19.16
CA THR B 206 -10.66 -51.19 -17.98
C THR B 206 -9.51 -50.25 -17.63
N PRO B 207 -9.86 -49.03 -17.20
CA PRO B 207 -8.84 -48.04 -16.82
C PRO B 207 -7.88 -48.67 -15.83
N LEU B 208 -8.44 -49.35 -14.83
CA LEU B 208 -7.62 -50.01 -13.81
C LEU B 208 -6.43 -50.65 -14.49
N GLU B 209 -6.71 -51.71 -15.22
CA GLU B 209 -5.66 -52.43 -15.93
C GLU B 209 -4.87 -51.43 -16.72
N ALA B 210 -5.55 -50.46 -17.33
CA ALA B 210 -4.83 -49.46 -18.09
C ALA B 210 -3.61 -49.13 -17.25
N LEU B 211 -3.83 -48.89 -15.96
CA LEU B 211 -2.73 -48.58 -15.06
C LEU B 211 -1.80 -49.76 -14.80
N ASN B 212 -2.35 -50.81 -14.21
CA ASN B 212 -1.55 -51.98 -13.92
C ASN B 212 -0.56 -52.25 -15.04
N GLN B 213 -1.08 -52.47 -16.25
CA GLN B 213 -0.22 -52.74 -17.40
C GLN B 213 0.83 -51.66 -17.58
N ALA B 214 0.45 -50.42 -17.29
CA ALA B 214 1.37 -49.30 -17.41
C ALA B 214 2.57 -49.52 -16.48
N VAL B 215 2.28 -49.61 -15.19
CA VAL B 215 3.31 -49.83 -14.19
C VAL B 215 4.19 -50.98 -14.64
N ALA B 216 3.65 -52.19 -14.61
CA ALA B 216 4.37 -53.39 -15.03
C ALA B 216 5.32 -53.07 -16.19
N ILE B 217 4.84 -52.28 -17.14
CA ILE B 217 5.67 -51.90 -18.26
C ILE B 217 6.79 -51.03 -17.73
N LEU B 218 6.43 -49.89 -17.18
CA LEU B 218 7.42 -48.99 -16.62
C LEU B 218 8.31 -49.77 -15.65
N LYS B 219 7.76 -50.81 -15.03
CA LYS B 219 8.52 -51.65 -14.10
C LYS B 219 9.60 -52.37 -14.87
N GLU B 220 9.18 -53.34 -15.66
CA GLU B 220 10.09 -54.11 -16.50
C GLU B 220 11.13 -53.12 -17.04
N HIS B 221 10.65 -51.95 -17.44
CA HIS B 221 11.48 -50.89 -18.00
C HIS B 221 12.48 -50.26 -17.04
N LEU B 222 12.68 -50.89 -15.90
CA LEU B 222 13.64 -50.38 -14.95
C LEU B 222 14.65 -51.48 -14.71
N ASN B 223 14.19 -52.72 -14.82
CA ASN B 223 15.03 -53.90 -14.63
C ASN B 223 16.21 -53.91 -15.59
N TYR B 224 16.19 -52.96 -16.52
CA TYR B 224 17.26 -52.86 -17.51
C TYR B 224 18.40 -52.02 -16.96
N PHE B 225 18.07 -51.15 -16.01
CA PHE B 225 19.10 -50.33 -15.41
C PHE B 225 19.91 -51.22 -14.51
N ALA B 226 19.70 -52.53 -14.65
CA ALA B 226 20.41 -53.53 -13.85
C ALA B 226 21.92 -53.27 -13.84
N ASN B 227 22.70 -54.22 -13.35
CA ASN B 227 24.15 -54.04 -13.28
C ASN B 227 25.04 -54.79 -14.29
N PRO B 228 24.51 -55.21 -15.47
CA PRO B 228 25.42 -55.90 -16.39
C PRO B 228 26.47 -54.96 -16.99
N MET C 1 36.54 -10.92 -9.72
CA MET C 1 37.07 -11.77 -10.83
C MET C 1 37.68 -10.87 -11.95
N GLU C 2 37.66 -11.34 -13.20
CA GLU C 2 38.22 -10.58 -14.34
C GLU C 2 37.22 -9.52 -14.84
N ILE C 3 37.53 -8.23 -14.65
CA ILE C 3 36.58 -7.17 -15.03
C ILE C 3 36.80 -6.29 -16.30
N LYS C 4 35.83 -6.34 -17.21
CA LYS C 4 35.86 -5.53 -18.44
C LYS C 4 35.07 -4.29 -18.07
N ARG C 5 35.36 -3.16 -18.72
CA ARG C 5 34.67 -1.90 -18.44
C ARG C 5 34.24 -1.22 -19.74
N PHE C 6 32.94 -1.00 -19.92
CA PHE C 6 32.44 -0.40 -21.15
C PHE C 6 32.46 1.11 -21.25
N GLY C 7 32.29 1.60 -22.48
CA GLY C 7 32.26 3.03 -22.77
C GLY C 7 33.43 3.83 -22.25
N ARG C 8 33.75 4.94 -22.93
CA ARG C 8 34.86 5.81 -22.51
C ARG C 8 34.39 7.08 -21.83
N ILE C 9 34.77 8.22 -22.40
CA ILE C 9 34.43 9.51 -21.80
C ILE C 9 35.04 9.38 -20.42
N ARG C 10 36.35 9.61 -20.35
CA ARG C 10 37.08 9.49 -19.08
C ARG C 10 36.75 10.61 -18.09
N GLU C 11 36.15 10.21 -16.97
CA GLU C 11 35.76 11.13 -15.90
C GLU C 11 36.93 12.05 -15.54
N VAL C 12 36.91 13.26 -16.11
CA VAL C 12 37.96 14.24 -15.89
C VAL C 12 38.28 14.36 -14.40
N ILE C 13 37.34 13.95 -13.56
CA ILE C 13 37.52 14.02 -12.11
C ILE C 13 36.64 13.01 -11.41
N PRO C 14 37.20 12.22 -10.46
CA PRO C 14 36.36 11.25 -9.75
C PRO C 14 35.18 12.04 -9.15
N LEU C 15 34.43 11.44 -8.23
CA LEU C 15 33.30 12.15 -7.65
C LEU C 15 33.58 12.82 -6.31
N PRO C 16 32.98 14.00 -6.06
CA PRO C 16 33.16 14.74 -4.81
C PRO C 16 33.43 13.84 -3.60
N PRO C 17 34.17 14.33 -2.59
CA PRO C 17 34.45 13.50 -1.41
C PRO C 17 33.17 13.21 -0.63
N LEU C 18 32.07 13.12 -1.37
CA LEU C 18 30.75 12.81 -0.83
C LEU C 18 30.36 13.43 0.49
N THR C 19 30.66 12.72 1.58
CA THR C 19 30.32 13.20 2.92
C THR C 19 30.64 14.67 3.12
N GLU C 20 31.09 15.35 2.07
CA GLU C 20 31.45 16.77 2.12
C GLU C 20 30.30 17.67 2.63
N ILE C 21 29.04 17.31 2.37
CA ILE C 21 27.94 18.13 2.83
C ILE C 21 27.79 18.29 4.34
N GLN C 22 28.35 17.42 5.10
CA GLN C 22 28.24 17.50 6.56
C GLN C 22 29.57 17.84 7.27
N VAL C 23 30.66 17.24 6.81
CA VAL C 23 32.00 17.49 7.38
C VAL C 23 32.57 18.84 6.85
N GLU C 24 32.81 18.94 5.54
CA GLU C 24 33.35 20.17 4.97
C GLU C 24 32.52 21.42 5.27
N SER C 25 31.31 21.22 5.78
CA SER C 25 30.43 22.33 6.10
C SER C 25 30.52 22.63 7.58
N TYR C 26 30.67 21.58 8.37
CA TYR C 26 30.73 21.73 9.81
C TYR C 26 32.11 22.15 10.31
N LYS C 27 33.16 21.96 9.50
CA LYS C 27 34.52 22.35 9.91
C LYS C 27 34.78 23.81 9.59
N LYS C 28 34.11 24.31 8.56
CA LYS C 28 34.26 25.70 8.19
C LYS C 28 33.22 26.56 8.93
N ALA C 29 32.75 26.04 10.05
CA ALA C 29 31.78 26.72 10.93
C ALA C 29 32.45 26.82 12.30
N LEU C 30 32.84 25.68 12.84
CA LEU C 30 33.53 25.60 14.13
C LEU C 30 35.02 25.53 13.88
N GLN C 31 35.62 26.69 13.60
CA GLN C 31 37.05 26.80 13.34
C GLN C 31 37.83 26.84 14.67
N ALA C 32 38.14 25.66 15.22
CA ALA C 32 38.90 25.54 16.47
C ALA C 32 40.36 25.26 16.14
N ASP C 33 40.58 25.03 14.85
CA ASP C 33 41.90 24.75 14.29
C ASP C 33 42.23 25.86 13.26
N VAL C 34 42.44 27.06 13.80
CA VAL C 34 42.79 28.28 13.05
C VAL C 34 42.82 29.43 14.10
N PRO C 35 43.99 30.10 14.28
CA PRO C 35 44.10 31.19 15.25
C PRO C 35 42.82 32.05 15.40
N PRO C 36 42.30 32.19 16.65
CA PRO C 36 41.09 32.94 17.06
C PRO C 36 40.96 34.41 16.64
N GLU C 37 42.09 35.05 16.33
CA GLU C 37 42.11 36.44 15.89
C GLU C 37 41.66 36.46 14.42
N LYS C 38 41.92 35.34 13.72
CA LYS C 38 41.56 35.16 12.32
C LYS C 38 40.06 34.83 12.24
N ARG C 39 39.70 33.77 11.50
CA ARG C 39 38.30 33.34 11.34
C ARG C 39 37.46 34.43 10.62
N GLU C 40 37.16 34.22 9.34
CA GLU C 40 36.41 35.20 8.53
C GLU C 40 34.87 35.21 8.64
N ASN C 41 34.34 35.14 9.86
CA ASN C 41 32.89 35.16 10.18
C ASN C 41 32.09 33.83 10.10
N VAL C 42 30.77 33.94 9.88
CA VAL C 42 29.83 32.80 9.79
C VAL C 42 29.93 31.83 10.98
N GLY C 43 28.94 30.96 11.12
CA GLY C 43 28.94 30.00 12.21
C GLY C 43 28.95 30.69 13.57
N ILE C 44 29.71 30.13 14.51
CA ILE C 44 29.81 30.67 15.87
C ILE C 44 30.38 32.09 15.91
N GLN C 45 31.25 32.41 14.96
CA GLN C 45 31.85 33.73 14.90
C GLN C 45 30.79 34.80 14.66
N ALA C 46 30.19 34.80 13.47
CA ALA C 46 29.16 35.77 13.14
C ALA C 46 27.97 35.70 14.08
N ALA C 47 27.93 34.69 14.96
CA ALA C 47 26.83 34.53 15.91
C ALA C 47 27.13 35.22 17.23
N PHE C 48 28.39 35.15 17.66
CA PHE C 48 28.83 35.79 18.89
C PHE C 48 28.97 37.28 18.59
N LYS C 49 29.32 37.61 17.35
CA LYS C 49 29.50 39.00 16.95
C LYS C 49 28.24 39.76 16.52
N GLU C 50 27.19 39.08 16.06
CA GLU C 50 25.94 39.77 15.67
C GLU C 50 25.27 40.29 16.94
N THR C 51 25.46 39.53 18.03
CA THR C 51 24.88 39.87 19.31
C THR C 51 25.89 40.05 20.45
N PHE C 52 27.01 40.71 20.20
CA PHE C 52 27.91 40.91 21.33
C PHE C 52 28.28 42.34 21.70
N PRO C 53 28.30 43.29 20.76
CA PRO C 53 28.64 44.58 21.38
C PRO C 53 27.37 44.97 22.19
N ILE C 54 26.82 43.98 22.91
CA ILE C 54 25.60 43.99 23.76
C ILE C 54 25.55 44.98 24.92
N GLU C 55 25.06 46.19 24.62
CA GLU C 55 24.94 47.28 25.60
C GLU C 55 24.12 46.99 26.86
N GLU C 56 23.34 48.00 27.25
CA GLU C 56 22.50 47.94 28.42
C GLU C 56 21.47 49.06 28.25
N GLY C 57 20.19 48.78 28.52
CA GLY C 57 19.15 49.81 28.40
C GLY C 57 19.68 51.14 28.92
N ASP C 58 19.43 52.23 28.18
CA ASP C 58 19.92 53.60 28.47
C ASP C 58 21.25 53.74 27.66
N LYS C 59 21.26 54.58 26.61
CA LYS C 59 22.45 54.74 25.74
C LYS C 59 23.50 55.82 26.11
N GLY C 60 24.50 55.42 26.89
CA GLY C 60 25.55 56.35 27.29
C GLY C 60 25.70 56.61 28.79
N LYS C 61 24.57 56.87 29.45
CA LYS C 61 24.50 57.17 30.90
C LYS C 61 25.15 56.10 31.85
N GLY C 62 24.33 55.32 32.57
CA GLY C 62 24.86 54.29 33.46
C GLY C 62 25.63 53.20 32.73
N GLY C 63 26.79 52.84 33.25
CA GLY C 63 27.64 51.85 32.61
C GLY C 63 27.06 50.51 32.14
N LEU C 64 27.86 49.46 32.34
CA LEU C 64 27.53 48.08 31.98
C LEU C 64 27.30 47.83 30.47
N VAL C 65 28.20 47.01 29.89
CA VAL C 65 28.17 46.65 28.46
C VAL C 65 28.37 45.13 28.20
N LEU C 66 29.62 44.69 27.97
CA LEU C 66 29.99 43.28 27.72
C LEU C 66 30.21 42.98 26.22
N ASP C 67 31.46 42.73 25.81
CA ASP C 67 31.78 42.46 24.39
C ASP C 67 32.45 41.08 24.09
N PHE C 68 33.06 40.97 22.90
CA PHE C 68 33.70 39.75 22.42
C PHE C 68 35.13 40.02 21.90
N LEU C 69 35.93 38.95 21.84
CA LEU C 69 37.33 39.01 21.35
C LEU C 69 37.72 37.72 20.54
N GLU C 70 37.36 36.55 21.06
CA GLU C 70 37.63 35.24 20.44
C GLU C 70 36.93 34.12 21.23
N TYR C 71 36.66 32.99 20.59
CA TYR C 71 36.00 31.87 21.26
C TYR C 71 36.89 30.61 21.35
N ARG C 72 36.88 29.95 22.51
CA ARG C 72 37.69 28.75 22.77
C ARG C 72 36.90 27.45 22.58
N ILE C 73 37.44 26.53 21.79
CA ILE C 73 36.78 25.25 21.55
C ILE C 73 37.02 24.28 22.69
N GLY C 74 36.05 23.42 22.95
CA GLY C 74 36.20 22.45 24.02
C GLY C 74 36.91 21.20 23.56
N ASP C 75 37.19 20.33 24.52
CA ASP C 75 37.85 19.04 24.29
C ASP C 75 36.90 17.94 24.84
N PRO C 76 36.50 16.97 23.98
CA PRO C 76 35.60 15.86 24.31
C PRO C 76 35.63 15.33 25.73
N PRO C 77 34.60 15.64 26.54
CA PRO C 77 34.61 15.14 27.91
C PRO C 77 34.59 13.62 27.85
N PHE C 78 34.26 13.08 26.67
CA PHE C 78 34.20 11.64 26.47
C PHE C 78 34.57 11.24 25.02
N SER C 79 34.77 9.94 24.78
CA SER C 79 35.13 9.37 23.46
C SER C 79 33.89 8.89 22.68
N GLN C 80 34.02 8.72 21.37
CA GLN C 80 32.89 8.28 20.52
C GLN C 80 32.08 7.08 21.03
N ASP C 81 32.77 5.99 21.38
CA ASP C 81 32.14 4.75 21.83
C ASP C 81 31.46 4.80 23.21
N GLU C 82 32.08 5.46 24.18
CA GLU C 82 31.51 5.57 25.52
C GLU C 82 30.27 6.46 25.49
N CYS C 83 30.45 7.71 25.04
CA CYS C 83 29.35 8.66 24.94
C CYS C 83 28.12 8.03 24.31
N ARG C 84 28.30 6.81 23.79
CA ARG C 84 27.21 6.10 23.15
C ARG C 84 26.63 4.98 24.02
N GLU C 85 27.49 4.26 24.72
CA GLU C 85 27.03 3.18 25.57
C GLU C 85 26.44 3.78 26.85
N LYS C 86 26.92 4.97 27.18
CA LYS C 86 26.48 5.68 28.38
C LYS C 86 25.37 6.71 28.19
N ASP C 87 24.82 6.78 26.98
CA ASP C 87 23.73 7.72 26.69
C ASP C 87 24.11 9.21 26.76
N LEU C 88 25.27 9.60 26.22
CA LEU C 88 25.63 11.01 26.24
C LEU C 88 25.61 11.70 24.89
N THR C 89 25.44 13.02 24.92
CA THR C 89 25.34 13.84 23.72
C THR C 89 26.68 14.18 23.03
N TYR C 90 27.74 13.41 23.32
CA TYR C 90 29.08 13.65 22.75
C TYR C 90 29.24 15.11 22.35
N GLN C 91 28.89 15.98 23.29
CA GLN C 91 28.99 17.42 23.10
C GLN C 91 30.47 17.78 23.29
N ALA C 92 30.76 18.97 23.81
CA ALA C 92 32.15 19.39 24.05
C ALA C 92 32.19 20.81 24.62
N PRO C 93 32.42 20.95 25.95
CA PRO C 93 32.46 22.29 26.54
C PRO C 93 32.93 23.39 25.57
N LEU C 94 32.24 24.53 25.59
CA LEU C 94 32.58 25.65 24.72
C LEU C 94 32.67 26.93 25.55
N TYR C 95 33.89 27.46 25.69
CA TYR C 95 34.12 28.69 26.46
C TYR C 95 34.24 29.92 25.55
N ALA C 96 33.95 31.09 26.11
CA ALA C 96 34.05 32.37 25.39
C ALA C 96 34.73 33.39 26.31
N ARG C 97 35.48 34.35 25.75
CA ARG C 97 36.19 35.36 26.54
C ARG C 97 35.48 36.70 26.62
N LEU C 98 34.88 36.98 27.76
CA LEU C 98 34.17 38.25 27.96
C LEU C 98 34.98 39.25 28.78
N GLN C 99 34.66 40.54 28.58
CA GLN C 99 35.28 41.67 29.27
C GLN C 99 34.28 42.82 29.14
N LEU C 100 33.90 43.42 30.26
CA LEU C 100 32.94 44.51 30.19
C LEU C 100 33.43 45.80 30.83
N ILE C 101 33.57 46.85 30.00
CA ILE C 101 33.99 48.15 30.48
C ILE C 101 32.78 48.79 31.17
N HIS C 102 33.04 49.57 32.22
CA HIS C 102 31.98 50.25 32.95
C HIS C 102 31.93 51.68 32.38
N LYS C 103 31.29 52.60 33.08
CA LYS C 103 31.26 53.99 32.61
C LYS C 103 32.52 54.69 33.16
N ASP C 104 32.96 54.22 34.34
CA ASP C 104 34.15 54.75 35.03
C ASP C 104 35.44 54.04 34.60
N THR C 105 35.28 52.99 33.78
CA THR C 105 36.37 52.18 33.22
C THR C 105 36.82 50.97 34.07
N GLY C 106 37.22 49.93 33.35
CA GLY C 106 37.68 48.71 33.98
C GLY C 106 37.77 47.63 32.92
N LEU C 107 38.97 47.07 32.74
CA LEU C 107 39.21 46.01 31.76
C LEU C 107 39.19 44.61 32.43
N ILE C 108 38.03 44.20 32.94
CA ILE C 108 37.85 42.89 33.63
C ILE C 108 37.49 41.74 32.68
N LYS C 109 38.52 41.02 32.22
CA LYS C 109 38.36 39.90 31.29
C LYS C 109 38.20 38.54 31.96
N GLU C 110 36.98 38.16 32.33
CA GLU C 110 36.79 36.87 32.97
C GLU C 110 37.13 35.65 32.09
N ASP C 111 38.32 35.11 32.37
CA ASP C 111 38.94 33.94 31.70
C ASP C 111 38.00 32.78 31.33
N GLU C 112 37.43 32.85 30.12
CA GLU C 112 36.56 31.80 29.62
C GLU C 112 35.32 31.55 30.47
N VAL C 113 34.17 31.89 29.92
CA VAL C 113 32.90 31.72 30.62
C VAL C 113 32.06 30.66 29.88
N PHE C 114 31.85 29.51 30.53
CA PHE C 114 31.09 28.39 29.94
C PHE C 114 29.71 28.85 29.47
N LEU C 115 29.46 28.73 28.17
CA LEU C 115 28.17 29.15 27.60
C LEU C 115 27.27 27.96 27.30
N GLY C 116 27.87 26.81 27.03
CA GLY C 116 27.05 25.65 26.74
C GLY C 116 27.71 24.57 25.92
N HIS C 117 27.19 23.35 26.06
CA HIS C 117 27.69 22.17 25.37
C HIS C 117 27.40 22.20 23.87
N LEU C 118 28.45 22.32 23.07
CA LEU C 118 28.27 22.29 21.63
C LEU C 118 28.86 20.95 21.16
N PRO C 119 28.01 20.04 20.68
CA PRO C 119 28.40 18.70 20.19
C PRO C 119 29.35 18.70 18.99
N LEU C 120 30.43 17.95 19.10
CA LEU C 120 31.37 17.88 18.00
C LEU C 120 30.90 16.83 17.00
N MET C 121 31.24 17.05 15.74
CA MET C 121 30.87 16.15 14.64
C MET C 121 31.72 14.88 14.62
N THR C 122 31.40 13.97 13.71
CA THR C 122 32.14 12.71 13.58
C THR C 122 32.75 12.58 12.16
N GLU C 123 33.75 11.71 12.04
CA GLU C 123 34.42 11.47 10.77
C GLU C 123 33.34 11.14 9.77
N ASP C 124 32.34 10.43 10.28
CA ASP C 124 31.17 10.00 9.52
C ASP C 124 30.56 11.25 8.86
N GLY C 125 29.70 11.91 9.62
CA GLY C 125 29.02 13.13 9.18
C GLY C 125 27.83 13.36 10.11
N SER C 126 27.53 12.35 10.91
CA SER C 126 26.44 12.35 11.87
C SER C 126 26.95 12.75 13.25
N PHE C 127 26.09 12.67 14.26
CA PHE C 127 26.49 13.04 15.62
C PHE C 127 26.10 11.98 16.62
N ILE C 128 26.32 12.29 17.89
CA ILE C 128 25.98 11.38 18.98
C ILE C 128 25.13 12.20 19.93
N ILE C 129 23.82 12.11 19.77
CA ILE C 129 22.91 12.87 20.61
C ILE C 129 22.04 11.95 21.49
N ASN C 130 22.31 11.99 22.80
CA ASN C 130 21.63 11.20 23.78
C ASN C 130 21.71 9.70 23.48
N GLY C 131 22.63 9.20 22.85
CA GLY C 131 22.81 7.82 22.49
C GLY C 131 23.16 7.64 21.02
N ALA C 132 22.22 7.04 20.30
CA ALA C 132 22.35 6.79 18.87
C ALA C 132 22.85 7.98 18.05
N ASP C 133 22.85 7.82 16.72
CA ASP C 133 23.31 8.84 15.76
C ASP C 133 22.13 9.43 14.94
N ARG C 134 22.21 10.73 14.67
CA ARG C 134 21.19 11.39 13.87
C ARG C 134 21.81 12.13 12.69
N VAL C 135 20.99 12.45 11.69
CA VAL C 135 21.47 13.13 10.49
C VAL C 135 20.98 14.55 10.34
N ILE C 136 21.66 15.50 10.96
CA ILE C 136 21.24 16.89 10.80
C ILE C 136 21.27 17.07 9.31
N VAL C 137 20.09 17.06 8.71
CA VAL C 137 19.95 17.19 7.27
C VAL C 137 20.15 18.60 6.76
N SER C 138 20.11 18.72 5.45
CA SER C 138 20.27 19.99 4.74
C SER C 138 18.99 20.39 4.02
N GLN C 139 18.34 21.46 4.48
CA GLN C 139 17.10 21.93 3.86
C GLN C 139 17.39 22.85 2.70
N ILE C 140 16.34 23.31 2.04
CA ILE C 140 16.48 24.21 0.91
C ILE C 140 15.33 25.21 0.88
N HIS C 141 15.64 26.47 1.12
CA HIS C 141 14.62 27.51 1.13
C HIS C 141 14.86 28.54 0.02
N ARG C 142 13.81 29.56 -0.17
CA ARG C 142 13.83 30.62 -1.18
C ARG C 142 14.99 31.61 -0.93
N SER C 143 15.97 31.60 -1.84
CA SER C 143 17.15 32.46 -1.76
C SER C 143 16.74 33.93 -1.83
N PRO C 144 17.21 34.74 -0.86
CA PRO C 144 16.96 36.18 -0.73
C PRO C 144 16.96 37.04 -2.01
N GLY C 145 16.40 38.24 -1.92
CA GLY C 145 16.36 39.15 -3.06
C GLY C 145 15.00 39.79 -3.30
N VAL C 146 14.63 39.96 -4.58
CA VAL C 146 13.35 40.56 -4.95
C VAL C 146 12.89 40.11 -6.34
N TYR C 147 11.65 39.64 -6.45
CA TYR C 147 11.15 39.18 -7.74
C TYR C 147 9.76 39.66 -8.17
N PHE C 148 8.90 39.94 -7.21
CA PHE C 148 7.52 40.40 -7.47
C PHE C 148 6.55 39.27 -7.72
N THR C 149 6.33 38.91 -8.98
CA THR C 149 5.39 37.82 -9.28
C THR C 149 3.97 38.40 -9.22
N PRO C 150 2.99 37.79 -9.92
CA PRO C 150 1.56 38.16 -10.01
C PRO C 150 0.75 38.11 -8.68
N ASP C 151 -0.54 38.49 -8.74
CA ASP C 151 -1.40 38.48 -7.56
C ASP C 151 -2.29 37.21 -7.57
N PRO C 152 -2.45 36.55 -6.39
CA PRO C 152 -3.25 35.31 -6.15
C PRO C 152 -4.78 35.44 -6.02
N ALA C 153 -5.26 36.28 -5.12
CA ALA C 153 -6.70 36.45 -4.95
C ALA C 153 -7.25 37.60 -5.81
N ARG C 154 -6.43 38.10 -6.74
CA ARG C 154 -6.81 39.21 -7.64
C ARG C 154 -6.07 39.17 -9.00
N PRO C 155 -6.52 38.32 -9.95
CA PRO C 155 -5.89 38.19 -11.27
C PRO C 155 -5.59 39.54 -11.96
N GLY C 156 -4.62 39.52 -12.87
CA GLY C 156 -4.27 40.73 -13.57
C GLY C 156 -3.32 41.67 -12.85
N ARG C 157 -3.47 41.82 -11.53
CA ARG C 157 -2.58 42.70 -10.74
C ARG C 157 -1.36 41.97 -10.18
N TYR C 158 -0.33 42.73 -9.81
CA TYR C 158 0.95 42.18 -9.30
C TYR C 158 1.34 42.52 -7.82
N ILE C 159 1.99 41.58 -7.13
CA ILE C 159 2.49 41.78 -5.74
C ILE C 159 4.04 41.81 -5.77
N ALA C 160 4.65 42.59 -4.86
CA ALA C 160 6.11 42.71 -4.79
C ALA C 160 6.69 41.93 -3.59
N SER C 161 7.95 41.53 -3.72
CA SER C 161 8.62 40.76 -2.66
C SER C 161 9.98 41.32 -2.20
N ILE C 162 10.20 41.26 -0.88
CA ILE C 162 11.43 41.74 -0.19
C ILE C 162 11.93 40.73 0.89
N ILE C 163 12.53 39.63 0.44
CA ILE C 163 13.03 38.55 1.31
C ILE C 163 14.49 38.62 1.74
N PRO C 164 14.74 38.95 3.01
CA PRO C 164 16.13 38.99 3.43
C PRO C 164 16.40 37.61 4.00
N LEU C 165 17.62 37.35 4.46
CA LEU C 165 17.96 36.05 5.04
C LEU C 165 16.95 35.78 6.19
N PRO C 166 16.49 34.51 6.40
CA PRO C 166 15.53 34.24 7.47
C PRO C 166 16.15 34.18 8.88
N LYS C 167 15.35 34.46 9.92
CA LYS C 167 15.81 34.44 11.31
C LYS C 167 16.90 35.49 11.49
N ARG C 168 16.73 36.57 10.75
CA ARG C 168 17.66 37.69 10.71
C ARG C 168 16.95 38.73 9.84
N GLY C 169 15.68 38.95 10.12
CA GLY C 169 14.92 39.92 9.34
C GLY C 169 13.49 39.53 9.02
N PRO C 170 12.58 40.52 8.98
CA PRO C 170 11.15 40.39 8.69
C PRO C 170 10.77 40.08 7.24
N TRP C 171 9.59 39.52 7.10
CA TRP C 171 9.02 39.17 5.80
C TRP C 171 8.30 40.45 5.32
N ILE C 172 8.52 40.85 4.06
CA ILE C 172 7.90 42.08 3.51
C ILE C 172 7.24 41.88 2.12
N ASP C 173 5.93 42.16 2.01
CA ASP C 173 5.16 41.99 0.75
C ASP C 173 4.36 43.26 0.34
N LEU C 174 4.78 43.94 -0.75
CA LEU C 174 4.13 45.16 -1.24
C LEU C 174 2.95 44.91 -2.19
N GLU C 175 1.91 44.21 -1.74
CA GLU C 175 0.78 43.91 -2.63
C GLU C 175 -0.14 45.09 -2.91
N VAL C 176 -0.39 45.34 -4.20
CA VAL C 176 -1.27 46.42 -4.65
C VAL C 176 -2.68 45.85 -4.84
N GLU C 177 -3.65 46.36 -4.08
CA GLU C 177 -5.04 45.88 -4.17
C GLU C 177 -5.98 46.74 -5.04
N ALA C 178 -7.30 46.56 -4.85
CA ALA C 178 -8.32 47.27 -5.62
C ALA C 178 -8.62 48.71 -5.13
N SER C 179 -8.43 48.97 -3.84
CA SER C 179 -8.68 50.30 -3.28
C SER C 179 -7.78 51.34 -3.96
N GLY C 180 -6.89 50.89 -4.85
CA GLY C 180 -5.98 51.78 -5.55
C GLY C 180 -4.61 51.80 -4.88
N VAL C 181 -4.64 51.71 -3.54
CA VAL C 181 -3.46 51.72 -2.65
C VAL C 181 -2.35 50.67 -2.99
N VAL C 182 -1.25 50.70 -2.24
CA VAL C 182 -0.12 49.79 -2.41
C VAL C 182 0.39 49.36 -1.01
N THR C 183 -0.56 49.02 -0.13
CA THR C 183 -0.28 48.62 1.26
C THR C 183 1.02 47.83 1.52
N MET C 184 1.47 47.90 2.77
CA MET C 184 2.71 47.24 3.22
C MET C 184 2.51 46.14 4.29
N LYS C 185 2.63 44.86 3.90
CA LYS C 185 2.48 43.75 4.87
C LYS C 185 3.84 43.43 5.53
N VAL C 186 3.86 43.41 6.87
CA VAL C 186 5.10 43.14 7.62
C VAL C 186 4.78 42.48 8.96
N ASN C 187 5.30 41.27 9.19
CA ASN C 187 5.03 40.53 10.43
C ASN C 187 3.53 40.61 10.79
N LYS C 188 2.68 40.15 9.86
CA LYS C 188 1.22 40.15 10.09
C LYS C 188 0.67 41.56 10.33
N ARG C 189 0.79 42.43 9.31
CA ARG C 189 0.31 43.82 9.38
C ARG C 189 0.08 44.38 7.96
N LYS C 190 -1.08 44.99 7.73
CA LYS C 190 -1.41 45.57 6.43
C LYS C 190 -1.85 47.05 6.52
N PHE C 191 -0.88 47.97 6.55
CA PHE C 191 -1.10 49.43 6.64
C PHE C 191 -0.75 50.18 5.33
N PRO C 192 -1.31 51.39 5.12
CA PRO C 192 -1.03 52.17 3.90
C PRO C 192 0.47 52.45 3.71
N LEU C 193 1.09 51.82 2.71
CA LEU C 193 2.53 52.01 2.44
C LEU C 193 2.96 53.46 2.22
N VAL C 194 2.00 54.38 2.07
CA VAL C 194 2.34 55.80 1.88
C VAL C 194 3.03 56.30 3.14
N LEU C 195 2.68 55.67 4.28
CA LEU C 195 3.23 56.02 5.60
C LEU C 195 4.70 55.64 5.77
N LEU C 196 5.23 54.81 4.87
CA LEU C 196 6.63 54.41 4.95
C LEU C 196 7.45 55.05 3.82
N LEU C 197 6.76 55.70 2.90
CA LEU C 197 7.47 56.36 1.82
C LEU C 197 7.94 57.70 2.40
N ARG C 198 7.08 58.39 3.16
CA ARG C 198 7.40 59.70 3.80
C ARG C 198 8.47 59.59 4.90
N VAL C 199 8.56 58.44 5.54
CA VAL C 199 9.53 58.21 6.60
C VAL C 199 10.95 58.13 6.05
N LEU C 200 11.05 57.74 4.79
CA LEU C 200 12.35 57.63 4.15
C LEU C 200 12.64 58.88 3.32
N GLY C 201 11.98 59.99 3.67
CA GLY C 201 12.20 61.24 2.95
C GLY C 201 11.63 61.37 1.53
N TYR C 202 10.30 61.31 1.41
CA TYR C 202 9.57 61.41 0.12
C TYR C 202 8.36 62.38 0.28
N ASP C 203 8.18 63.32 -0.64
CA ASP C 203 7.08 64.31 -0.54
C ASP C 203 5.66 63.93 -1.06
N GLN C 204 4.94 64.91 -1.60
CA GLN C 204 3.58 64.72 -2.15
C GLN C 204 3.58 64.93 -3.69
N GLU C 205 4.79 65.05 -4.25
CA GLU C 205 5.05 65.26 -5.69
C GLU C 205 6.21 64.42 -6.33
N THR C 206 6.97 63.67 -5.50
CA THR C 206 8.09 62.80 -5.94
C THR C 206 7.72 61.29 -5.87
N LEU C 207 6.44 61.05 -5.54
CA LEU C 207 5.82 59.73 -5.43
C LEU C 207 4.92 59.64 -6.67
N VAL C 208 4.70 60.81 -7.27
CA VAL C 208 3.89 60.98 -8.48
C VAL C 208 4.86 61.12 -9.65
N ARG C 209 6.05 61.60 -9.34
CA ARG C 209 7.12 61.82 -10.31
C ARG C 209 7.68 60.53 -10.90
N GLU C 210 8.65 59.97 -10.20
CA GLU C 210 9.35 58.75 -10.62
C GLU C 210 8.43 57.57 -10.97
N LEU C 211 7.15 57.63 -10.59
CA LEU C 211 6.27 56.50 -10.86
C LEU C 211 4.78 56.74 -11.22
N SER C 212 4.46 57.87 -11.83
CA SER C 212 3.06 58.10 -12.23
C SER C 212 3.08 58.32 -13.73
N ALA C 213 2.05 58.96 -14.26
CA ALA C 213 1.93 59.20 -15.70
C ALA C 213 1.53 57.86 -16.33
N TYR C 214 2.33 56.82 -16.08
CA TYR C 214 2.04 55.47 -16.56
C TYR C 214 1.59 54.66 -15.33
N GLY C 215 0.42 54.06 -15.41
CA GLY C 215 -0.09 53.33 -14.26
C GLY C 215 -0.66 54.36 -13.28
N ASP C 216 -1.96 54.65 -13.42
CA ASP C 216 -2.72 55.58 -12.58
C ASP C 216 -3.17 54.89 -11.29
N LEU C 217 -2.21 54.22 -10.63
CA LEU C 217 -2.42 53.49 -9.37
C LEU C 217 -1.79 54.37 -8.30
N VAL C 218 -1.07 55.39 -8.77
CA VAL C 218 -0.38 56.35 -7.92
C VAL C 218 -1.35 57.40 -7.41
N GLN C 219 -2.59 57.32 -7.86
CA GLN C 219 -3.67 58.23 -7.44
C GLN C 219 -4.69 57.42 -6.64
N GLY C 220 -4.13 56.63 -5.73
CA GLY C 220 -4.85 55.79 -4.79
C GLY C 220 -3.87 55.77 -3.62
N LEU C 221 -2.59 55.73 -4.00
CA LEU C 221 -1.44 55.73 -3.10
C LEU C 221 -1.25 57.20 -2.68
N LEU C 222 -1.92 58.10 -3.42
CA LEU C 222 -1.84 59.55 -3.22
C LEU C 222 -2.85 60.23 -2.27
N ASP C 223 -4.08 60.49 -2.75
CA ASP C 223 -5.05 61.17 -1.88
C ASP C 223 -5.30 60.46 -0.55
N GLU C 224 -4.61 61.02 0.44
CA GLU C 224 -4.60 60.64 1.85
C GLU C 224 -3.79 61.83 2.37
N ALA C 225 -4.33 63.02 2.09
CA ALA C 225 -3.71 64.31 2.45
C ALA C 225 -3.72 64.61 3.96
N VAL C 226 -3.92 63.56 4.77
CA VAL C 226 -3.92 63.66 6.24
C VAL C 226 -2.67 62.94 6.77
N LEU C 227 -2.00 62.21 5.87
CA LEU C 227 -0.79 61.44 6.18
C LEU C 227 0.34 61.76 5.18
N ALA C 228 0.15 62.76 4.33
CA ALA C 228 1.19 63.19 3.39
C ALA C 228 1.90 64.36 4.06
N MET C 229 2.02 64.25 5.39
CA MET C 229 2.65 65.23 6.30
C MET C 229 3.97 64.81 6.98
N ARG C 230 4.54 65.77 7.72
CA ARG C 230 5.81 65.70 8.50
C ARG C 230 6.61 64.38 8.63
N PRO C 231 7.96 64.48 8.81
CA PRO C 231 8.93 63.37 8.98
C PRO C 231 8.90 62.55 10.32
N GLU C 232 9.03 63.20 11.49
CA GLU C 232 8.98 62.48 12.79
C GLU C 232 7.54 62.29 13.28
N GLU C 233 6.59 62.60 12.39
CA GLU C 233 5.14 62.50 12.62
C GLU C 233 4.53 61.30 11.89
N ALA C 234 5.16 60.87 10.80
CA ALA C 234 4.69 59.71 10.04
C ALA C 234 5.41 58.54 10.68
N MET C 235 5.94 58.80 11.88
CA MET C 235 6.67 57.83 12.70
C MET C 235 5.88 57.40 13.93
N VAL C 236 4.80 58.12 14.22
CA VAL C 236 3.96 57.82 15.37
C VAL C 236 2.59 57.25 14.94
N ARG C 237 2.33 57.20 13.62
CA ARG C 237 1.10 56.64 13.06
C ARG C 237 1.54 55.27 12.53
N LEU C 238 2.85 55.06 12.65
CA LEU C 238 3.55 53.85 12.22
C LEU C 238 3.96 53.03 13.45
N PHE C 239 4.20 53.72 14.57
CA PHE C 239 4.60 53.08 15.82
C PHE C 239 3.39 52.93 16.75
N THR C 240 2.23 53.41 16.28
CA THR C 240 0.94 53.34 16.99
C THR C 240 -0.05 52.49 16.16
N LEU C 241 0.50 51.78 15.16
CA LEU C 241 -0.27 50.89 14.27
C LEU C 241 0.56 49.62 13.90
N LEU C 242 1.84 49.63 14.29
CA LEU C 242 2.78 48.52 14.07
C LEU C 242 3.03 47.83 15.41
N ARG C 243 3.03 48.65 16.46
CA ARG C 243 3.25 48.19 17.84
C ARG C 243 2.44 48.97 18.90
N PRO C 244 1.24 48.47 19.27
CA PRO C 244 0.38 49.12 20.27
C PRO C 244 0.92 48.99 21.70
N GLY C 245 0.42 49.84 22.59
CA GLY C 245 0.84 49.80 23.98
C GLY C 245 1.85 50.88 24.35
N ASP C 246 2.46 51.52 23.35
CA ASP C 246 3.49 52.56 23.60
C ASP C 246 3.56 53.69 22.52
N PRO C 247 2.95 54.88 22.79
CA PRO C 247 3.04 55.95 21.77
C PRO C 247 4.22 56.97 21.79
N PRO C 248 5.39 56.64 22.41
CA PRO C 248 6.46 57.65 22.41
C PRO C 248 7.12 57.89 21.05
N LYS C 249 7.89 58.98 20.97
CA LYS C 249 8.61 59.37 19.75
C LYS C 249 9.88 58.53 19.63
N LYS C 250 9.90 57.44 20.38
CA LYS C 250 11.00 56.49 20.37
C LYS C 250 10.55 55.46 19.32
N ASP C 251 10.11 55.98 18.17
CA ASP C 251 9.63 55.17 17.04
C ASP C 251 10.77 54.92 16.06
N LYS C 252 11.99 55.04 16.58
CA LYS C 252 13.24 54.81 15.84
C LYS C 252 14.06 53.88 16.75
N ALA C 253 13.34 53.24 17.67
CA ALA C 253 13.89 52.26 18.61
C ALA C 253 13.42 50.92 18.07
N LEU C 254 12.21 50.93 17.50
CA LEU C 254 11.62 49.73 16.89
C LEU C 254 11.74 49.86 15.36
N ALA C 255 11.42 51.04 14.85
CA ALA C 255 11.52 51.31 13.42
C ALA C 255 13.02 51.31 13.06
N TYR C 256 13.82 50.75 13.97
CA TYR C 256 15.28 50.67 13.83
C TYR C 256 15.75 49.23 13.53
N LEU C 257 14.81 48.29 13.52
CA LEU C 257 15.17 46.92 13.18
C LEU C 257 15.03 46.86 11.66
N PHE C 258 13.79 46.64 11.21
CA PHE C 258 13.36 46.53 9.82
C PHE C 258 14.05 47.47 8.79
N GLY C 259 15.34 47.73 8.94
CA GLY C 259 16.01 48.60 8.00
C GLY C 259 17.52 48.68 8.13
N LEU C 260 17.99 49.73 8.81
CA LEU C 260 19.43 49.92 8.99
C LEU C 260 20.11 48.68 9.55
N LEU C 261 21.36 48.84 9.97
CA LEU C 261 22.18 47.77 10.52
C LEU C 261 21.86 46.40 9.92
N ALA C 262 21.98 45.36 10.73
CA ALA C 262 21.71 44.01 10.30
C ALA C 262 21.06 43.21 11.44
N ASP C 263 20.51 43.93 12.42
CA ASP C 263 19.82 43.34 13.58
C ASP C 263 18.81 42.34 12.96
N PRO C 264 17.94 42.84 12.04
CA PRO C 264 16.96 42.01 11.36
C PRO C 264 17.23 42.10 9.84
N LYS C 265 16.47 42.91 9.12
CA LYS C 265 16.60 43.06 7.65
C LYS C 265 17.99 43.11 7.01
N ARG C 266 18.14 42.33 5.94
CA ARG C 266 19.36 42.22 5.16
C ARG C 266 19.37 40.85 4.47
N TYR C 267 19.70 40.81 3.18
CA TYR C 267 19.74 39.55 2.43
C TYR C 267 21.19 39.19 2.03
N ASP C 268 21.93 38.62 3.00
CA ASP C 268 23.33 38.24 2.83
C ASP C 268 24.16 39.55 2.84
N LEU C 269 25.49 39.47 2.87
CA LEU C 269 26.34 40.68 2.93
C LEU C 269 26.32 41.60 1.70
N GLY C 270 25.46 41.27 0.72
CA GLY C 270 25.36 42.04 -0.51
C GLY C 270 25.36 41.10 -1.70
N GLU C 271 25.24 39.81 -1.38
CA GLU C 271 25.24 38.74 -2.37
C GLU C 271 23.83 38.61 -2.92
N ALA C 272 23.24 37.45 -2.74
CA ALA C 272 21.89 37.20 -3.23
C ALA C 272 20.96 38.35 -2.91
N GLY C 273 21.16 38.98 -1.76
CA GLY C 273 20.30 40.08 -1.38
C GLY C 273 20.49 41.34 -2.18
N ARG C 274 21.75 41.67 -2.48
CA ARG C 274 22.10 42.87 -3.23
C ARG C 274 22.44 42.62 -4.70
N TYR C 275 23.47 41.79 -4.93
CA TYR C 275 23.92 41.43 -6.28
C TYR C 275 22.72 41.01 -7.17
N LYS C 276 21.62 40.60 -6.54
CA LYS C 276 20.41 40.20 -7.26
C LYS C 276 19.46 41.38 -7.32
N ALA C 277 19.27 42.06 -6.19
CA ALA C 277 18.40 43.22 -6.08
C ALA C 277 19.05 44.45 -6.72
N GLU C 278 20.03 44.19 -7.57
CA GLU C 278 20.76 45.24 -8.29
C GLU C 278 20.53 45.07 -9.79
N GLU C 279 20.75 43.85 -10.29
CA GLU C 279 20.58 43.52 -11.71
C GLU C 279 19.13 43.62 -12.22
N LYS C 280 18.18 43.20 -11.38
CA LYS C 280 16.77 43.24 -11.75
C LYS C 280 16.02 44.49 -11.27
N LEU C 281 16.52 45.11 -10.20
CA LEU C 281 15.90 46.30 -9.61
C LEU C 281 16.22 47.62 -10.30
N GLY C 282 16.80 48.54 -9.53
CA GLY C 282 17.19 49.84 -10.05
C GLY C 282 18.67 50.09 -9.76
N VAL C 283 19.47 49.01 -9.87
CA VAL C 283 20.92 49.00 -9.63
C VAL C 283 21.43 49.82 -8.44
N GLY C 284 22.37 49.25 -7.70
CA GLY C 284 22.96 49.93 -6.56
C GLY C 284 22.31 49.76 -5.19
N LEU C 285 22.84 48.81 -4.40
CA LEU C 285 22.35 48.55 -3.05
C LEU C 285 23.50 47.89 -2.26
N SER C 286 23.65 48.24 -0.99
CA SER C 286 24.73 47.66 -0.22
C SER C 286 24.40 46.46 0.66
N GLY C 287 23.58 46.66 1.70
CA GLY C 287 23.24 45.55 2.60
C GLY C 287 22.23 45.69 3.76
N ARG C 288 20.99 46.05 3.42
CA ARG C 288 19.86 46.23 4.36
C ARG C 288 18.77 47.09 3.64
N THR C 289 17.49 46.88 3.96
CA THR C 289 16.40 47.67 3.30
C THR C 289 16.41 49.16 3.69
N LEU C 290 17.25 49.93 2.99
CA LEU C 290 17.47 51.38 3.19
C LEU C 290 18.55 51.56 4.28
N VAL C 291 18.73 52.76 4.82
CA VAL C 291 19.74 52.99 5.87
C VAL C 291 19.35 54.14 6.82
N ARG C 292 19.61 53.94 8.12
CA ARG C 292 19.29 54.94 9.15
C ARG C 292 20.40 55.97 9.40
N PHE C 293 20.93 55.99 10.63
CA PHE C 293 21.99 56.93 11.03
C PHE C 293 22.95 57.23 9.87
N GLU C 294 22.58 58.19 9.02
CA GLU C 294 23.38 58.62 7.87
C GLU C 294 23.87 60.07 8.11
N ASP C 295 22.95 60.92 8.56
CA ASP C 295 23.22 62.34 8.91
C ASP C 295 22.13 62.86 9.87
N GLY C 296 21.00 62.14 9.89
CA GLY C 296 19.87 62.46 10.74
C GLY C 296 18.71 61.51 10.48
N GLU C 297 18.07 61.65 9.31
CA GLU C 297 16.93 60.81 8.92
C GLU C 297 17.28 59.57 8.06
N PHE C 298 16.24 58.97 7.48
CA PHE C 298 16.35 57.75 6.68
C PHE C 298 16.40 57.97 5.16
N LYS C 299 17.54 57.64 4.56
CA LYS C 299 17.76 57.81 3.12
C LYS C 299 17.54 56.57 2.22
N ASP C 300 16.27 56.20 2.08
CA ASP C 300 15.76 55.09 1.26
C ASP C 300 16.70 54.49 0.19
N GLU C 301 16.71 53.16 0.06
CA GLU C 301 17.56 52.47 -0.92
C GLU C 301 16.86 51.40 -1.77
N VAL C 302 15.96 50.63 -1.16
CA VAL C 302 15.30 49.56 -1.88
C VAL C 302 13.77 49.39 -1.72
N PHE C 303 13.06 50.49 -1.39
CA PHE C 303 11.59 50.48 -1.24
C PHE C 303 10.98 51.33 -2.38
N LEU C 304 11.84 51.68 -3.36
CA LEU C 304 11.45 52.46 -4.54
C LEU C 304 11.98 51.86 -5.86
N PRO C 305 13.19 51.25 -5.87
CA PRO C 305 13.58 50.70 -7.19
C PRO C 305 12.77 49.44 -7.55
N THR C 306 12.19 48.81 -6.51
CA THR C 306 11.35 47.61 -6.61
C THR C 306 9.89 48.04 -6.75
N LEU C 307 9.66 49.34 -6.52
CA LEU C 307 8.33 49.97 -6.63
C LEU C 307 8.43 50.73 -7.99
N ARG C 308 9.31 50.20 -8.85
CA ARG C 308 9.59 50.74 -10.19
C ARG C 308 9.97 49.49 -11.00
N TYR C 309 9.01 48.57 -11.05
CA TYR C 309 9.15 47.28 -11.71
C TYR C 309 7.92 46.40 -11.36
N LEU C 310 7.14 46.84 -10.37
CA LEU C 310 5.92 46.17 -9.90
C LEU C 310 4.66 46.85 -10.47
N PHE C 311 4.77 48.16 -10.75
CA PHE C 311 3.69 48.99 -11.29
C PHE C 311 3.92 49.22 -12.79
N ALA C 312 5.14 48.91 -13.22
CA ALA C 312 5.53 48.98 -14.63
C ALA C 312 5.50 47.50 -15.00
N LEU C 313 4.77 46.75 -14.19
CA LEU C 313 4.59 45.31 -14.33
C LEU C 313 3.08 45.05 -14.43
N THR C 314 2.32 46.08 -14.02
CA THR C 314 0.85 46.11 -14.06
C THR C 314 0.50 47.17 -15.14
N ALA C 315 1.16 47.02 -16.29
CA ALA C 315 1.05 47.88 -17.47
C ALA C 315 2.40 47.73 -18.19
N GLY C 316 3.40 48.40 -17.62
CA GLY C 316 4.79 48.37 -18.06
C GLY C 316 5.36 48.13 -19.46
N VAL C 317 6.69 47.97 -19.47
CA VAL C 317 7.49 47.75 -20.66
C VAL C 317 8.45 46.56 -20.48
N PRO C 318 9.31 46.27 -21.48
CA PRO C 318 10.32 45.18 -21.49
C PRO C 318 11.50 45.25 -20.50
N GLY C 319 11.90 44.07 -20.04
CA GLY C 319 12.97 43.95 -19.06
C GLY C 319 12.30 43.64 -17.72
N HIS C 320 11.08 44.16 -17.56
CA HIS C 320 10.24 44.01 -16.34
C HIS C 320 9.33 42.77 -16.42
N GLU C 321 9.87 41.61 -16.03
CA GLU C 321 9.10 40.36 -16.06
C GLU C 321 9.06 39.60 -14.72
N VAL C 322 8.06 38.73 -14.57
CA VAL C 322 7.92 37.93 -13.36
C VAL C 322 9.16 37.06 -13.16
N ASP C 323 9.41 36.62 -11.93
CA ASP C 323 10.56 35.75 -11.64
C ASP C 323 10.03 34.32 -11.37
N ASP C 324 10.88 33.31 -11.58
CA ASP C 324 10.49 31.93 -11.32
C ASP C 324 10.95 31.66 -9.88
N ILE C 325 10.02 31.41 -8.95
CA ILE C 325 10.34 31.20 -7.53
C ILE C 325 10.75 29.77 -7.14
N ASP C 326 11.17 28.97 -8.10
CA ASP C 326 11.56 27.60 -7.79
C ASP C 326 12.80 27.22 -8.58
N HIS C 327 13.45 28.25 -9.11
CA HIS C 327 14.67 28.13 -9.88
C HIS C 327 15.74 28.00 -8.81
N LEU C 328 16.80 27.25 -9.11
CA LEU C 328 17.90 27.03 -8.17
C LEU C 328 18.83 28.24 -8.00
N GLY C 329 18.98 29.02 -9.07
CA GLY C 329 19.79 30.22 -9.02
C GLY C 329 18.99 31.16 -8.16
N ASN C 330 17.73 30.77 -7.95
CA ASN C 330 16.80 31.51 -7.12
C ASN C 330 16.49 30.71 -5.85
N ARG C 331 17.19 29.60 -5.67
CA ARG C 331 16.99 28.76 -4.48
C ARG C 331 18.29 28.47 -3.71
N ARG C 332 18.16 28.41 -2.38
CA ARG C 332 19.26 28.19 -1.46
C ARG C 332 19.29 26.85 -0.70
N ILE C 333 20.37 26.62 0.04
CA ILE C 333 20.55 25.39 0.82
C ILE C 333 21.25 25.62 2.18
N ARG C 334 20.52 25.40 3.28
CA ARG C 334 21.11 25.57 4.61
C ARG C 334 21.86 24.32 5.03
N THR C 335 23.18 24.40 5.01
CA THR C 335 23.99 23.26 5.39
C THR C 335 23.95 23.00 6.87
N VAL C 336 24.72 22.02 7.26
CA VAL C 336 24.76 21.60 8.64
C VAL C 336 25.34 22.69 9.55
N GLY C 337 26.67 22.79 9.59
CA GLY C 337 27.34 23.79 10.43
C GLY C 337 26.65 25.12 10.70
N GLU C 338 25.85 25.59 9.73
CA GLU C 338 25.12 26.85 9.85
C GLU C 338 23.79 26.68 10.59
N LEU C 339 23.18 25.51 10.44
CA LEU C 339 21.90 25.26 11.11
C LEU C 339 22.03 25.21 12.63
N MET C 340 23.25 24.98 13.12
CA MET C 340 23.51 24.95 14.56
C MET C 340 23.89 26.36 14.98
N ALA C 341 24.46 27.09 14.02
CA ALA C 341 24.88 28.46 14.23
C ALA C 341 23.62 29.33 14.35
N ASP C 342 22.56 28.93 13.64
CA ASP C 342 21.27 29.65 13.67
C ASP C 342 20.52 29.29 14.95
N GLN C 343 21.01 28.24 15.61
CA GLN C 343 20.46 27.76 16.88
C GLN C 343 21.48 28.24 17.90
N PHE C 344 22.11 29.36 17.54
CA PHE C 344 23.12 30.04 18.33
C PHE C 344 22.73 31.53 18.35
N ARG C 345 21.96 31.93 17.34
CA ARG C 345 21.45 33.30 17.25
C ARG C 345 20.19 33.15 18.06
N VAL C 346 19.96 31.90 18.46
CA VAL C 346 18.83 31.47 19.27
C VAL C 346 19.38 30.89 20.58
N GLY C 347 20.69 30.61 20.58
CA GLY C 347 21.34 30.08 21.77
C GLY C 347 21.98 31.28 22.46
N LEU C 348 22.25 32.30 21.66
CA LEU C 348 22.83 33.54 22.15
C LEU C 348 21.71 34.54 22.24
N ALA C 349 20.48 34.06 22.04
CA ALA C 349 19.31 34.94 22.11
C ALA C 349 18.77 35.01 23.53
N ARG C 350 18.11 33.94 23.98
CA ARG C 350 17.56 33.92 25.34
C ARG C 350 18.66 34.06 26.37
N LEU C 351 19.79 34.62 25.92
CA LEU C 351 20.97 34.85 26.74
C LEU C 351 21.33 36.35 26.70
N ALA C 352 20.76 37.10 25.76
CA ALA C 352 21.04 38.53 25.67
C ALA C 352 19.90 39.29 26.35
N ARG C 353 19.10 38.54 27.11
CA ARG C 353 17.96 39.04 27.88
C ARG C 353 18.03 38.34 29.26
N GLY C 354 19.16 37.70 29.51
CA GLY C 354 19.42 37.02 30.77
C GLY C 354 20.55 37.76 31.48
N VAL C 355 20.98 38.86 30.85
CA VAL C 355 22.03 39.76 31.33
C VAL C 355 21.48 41.19 31.36
N ARG C 356 20.73 41.59 30.32
CA ARG C 356 20.12 42.94 30.21
C ARG C 356 19.01 43.17 31.24
N GLU C 357 18.86 42.19 32.13
CA GLU C 357 17.87 42.21 33.20
C GLU C 357 18.66 41.94 34.47
N ARG C 358 19.92 41.59 34.28
CA ARG C 358 20.85 41.28 35.36
C ARG C 358 21.73 42.48 35.72
N MET C 359 21.62 43.53 34.92
CA MET C 359 22.39 44.77 35.11
C MET C 359 21.49 45.93 35.61
N VAL C 360 20.22 45.58 35.90
CA VAL C 360 19.17 46.47 36.41
C VAL C 360 19.02 46.24 37.94
N MET C 361 19.03 44.96 38.35
CA MET C 361 18.88 44.55 39.76
C MET C 361 20.18 44.45 40.56
N GLY C 362 21.26 44.00 39.90
CA GLY C 362 22.55 43.84 40.56
C GLY C 362 23.45 45.07 40.49
N SER C 363 24.21 45.28 41.56
CA SER C 363 25.15 46.42 41.70
C SER C 363 26.01 46.57 40.41
N PRO C 364 26.10 47.79 39.82
CA PRO C 364 26.93 47.94 38.60
C PRO C 364 28.49 48.02 38.77
N ASP C 365 29.01 47.74 39.98
CA ASP C 365 30.47 47.73 40.31
C ASP C 365 30.94 46.29 40.61
N THR C 366 30.12 45.61 41.41
CA THR C 366 30.30 44.22 41.85
C THR C 366 30.18 43.25 40.64
N LEU C 367 30.15 43.81 39.42
CA LEU C 367 29.98 43.02 38.18
C LEU C 367 31.22 42.71 37.29
N THR C 368 31.37 41.41 36.97
CA THR C 368 32.45 40.83 36.13
C THR C 368 31.85 39.61 35.37
N PRO C 369 32.07 39.49 34.03
CA PRO C 369 31.51 38.33 33.30
C PRO C 369 31.81 36.98 33.98
N ALA C 370 30.85 36.06 33.94
CA ALA C 370 30.96 34.74 34.59
C ALA C 370 30.22 34.85 35.93
N LYS C 371 29.52 35.98 36.10
CA LYS C 371 28.74 36.30 37.29
C LYS C 371 27.47 37.04 36.83
N LEU C 372 27.38 37.30 35.53
CA LEU C 372 26.25 37.97 34.87
C LEU C 372 25.48 36.95 34.00
N VAL C 373 26.22 35.97 33.47
CA VAL C 373 25.69 34.89 32.60
C VAL C 373 25.51 33.55 33.33
N ASN C 374 24.43 32.85 32.99
CA ASN C 374 24.13 31.55 33.58
C ASN C 374 24.46 30.42 32.61
N SER C 375 24.46 30.73 31.30
CA SER C 375 24.79 29.75 30.27
C SER C 375 23.90 28.51 30.17
N ARG C 376 22.60 28.72 30.30
CA ARG C 376 21.59 27.67 30.21
C ARG C 376 20.87 27.74 28.85
N PRO C 377 20.76 28.96 28.26
CA PRO C 377 20.09 29.20 26.96
C PRO C 377 20.84 28.74 25.69
N LEU C 378 22.06 28.23 25.84
CA LEU C 378 22.78 27.73 24.69
C LEU C 378 22.82 26.23 24.84
N GLU C 379 22.66 25.74 26.06
CA GLU C 379 22.62 24.31 26.30
C GLU C 379 21.19 23.84 26.01
N ALA C 380 20.21 24.50 26.62
CA ALA C 380 18.80 24.15 26.43
C ALA C 380 18.27 24.45 25.02
N ALA C 381 18.93 25.38 24.32
CA ALA C 381 18.54 25.77 22.97
C ALA C 381 19.42 25.16 21.87
N LEU C 382 20.60 24.65 22.25
CA LEU C 382 21.51 24.02 21.29
C LEU C 382 21.59 22.52 21.60
N ARG C 383 20.70 22.07 22.47
CA ARG C 383 20.59 20.66 22.83
C ARG C 383 19.18 20.36 22.35
N GLU C 384 18.35 21.39 22.35
CA GLU C 384 16.97 21.28 21.89
C GLU C 384 16.99 20.98 20.39
N PHE C 385 18.04 21.47 19.74
CA PHE C 385 18.23 21.31 18.31
C PHE C 385 18.59 19.89 17.85
N PHE C 386 19.55 19.27 18.53
CA PHE C 386 19.95 17.91 18.16
C PHE C 386 19.05 16.86 18.84
N SER C 387 18.00 17.32 19.51
CA SER C 387 17.09 16.41 20.20
C SER C 387 15.62 16.47 19.79
N ARG C 388 15.25 17.43 18.94
CA ARG C 388 13.85 17.53 18.55
C ARG C 388 13.45 18.00 17.14
N SER C 389 14.14 18.99 16.57
CA SER C 389 13.79 19.52 15.24
C SER C 389 13.61 18.49 14.12
N GLN C 390 12.45 18.55 13.47
CA GLN C 390 12.06 17.65 12.38
C GLN C 390 13.18 17.31 11.39
N LEU C 391 14.26 18.08 11.43
CA LEU C 391 15.38 17.86 10.53
C LEU C 391 16.45 16.94 11.10
N SER C 392 16.60 16.94 12.42
CA SER C 392 17.57 16.08 13.09
C SER C 392 17.02 14.66 13.03
N GLN C 393 17.06 13.91 11.90
CA GLN C 393 16.57 12.55 11.62
C GLN C 393 17.39 11.40 12.24
N PHE C 394 16.73 10.26 12.46
CA PHE C 394 17.39 9.09 13.03
C PHE C 394 18.69 8.79 12.26
N LYS C 395 18.60 7.96 11.22
CA LYS C 395 19.73 7.59 10.37
C LYS C 395 19.60 6.16 9.88
N ASP C 396 19.15 5.99 8.63
CA ASP C 396 18.99 4.66 8.01
C ASP C 396 20.31 3.88 7.88
N GLU C 397 20.58 3.01 8.85
CA GLU C 397 21.81 2.21 8.83
C GLU C 397 21.59 0.82 8.28
N THR C 398 20.50 0.64 7.56
CA THR C 398 20.18 -0.65 6.95
C THR C 398 21.51 -1.14 6.38
N ASN C 399 21.86 -0.58 5.24
CA ASN C 399 23.11 -0.91 4.59
C ASN C 399 23.96 0.35 4.74
N PRO C 400 25.15 0.40 4.12
CA PRO C 400 26.00 1.58 4.23
C PRO C 400 25.55 2.71 3.29
N LEU C 401 25.01 2.31 2.14
CA LEU C 401 24.54 3.26 1.15
C LEU C 401 23.53 4.19 1.81
N SER C 402 22.38 3.63 2.13
CA SER C 402 21.31 4.40 2.77
C SER C 402 21.94 5.35 3.77
N SER C 403 22.86 4.83 4.58
CA SER C 403 23.53 5.66 5.55
C SER C 403 23.84 6.96 4.81
N LEU C 404 24.71 6.85 3.83
CA LEU C 404 25.07 8.01 3.05
C LEU C 404 23.88 8.65 2.36
N ARG C 405 23.04 7.84 1.71
CA ARG C 405 21.87 8.39 1.02
C ARG C 405 21.26 9.45 1.90
N HIS C 406 20.96 9.04 3.13
CA HIS C 406 20.37 9.93 4.11
C HIS C 406 21.05 11.29 4.00
N LYS C 407 22.32 11.34 4.37
CA LYS C 407 23.07 12.60 4.33
C LYS C 407 22.78 13.45 3.10
N ARG C 408 22.97 12.87 1.92
CA ARG C 408 22.76 13.60 0.67
C ARG C 408 21.40 14.29 0.59
N ARG C 409 20.41 13.78 1.32
CA ARG C 409 19.07 14.36 1.29
C ARG C 409 18.96 15.88 1.27
N ILE C 410 17.78 16.33 0.84
CA ILE C 410 17.41 17.73 0.71
C ILE C 410 15.96 17.84 1.10
N SER C 411 15.67 18.63 2.13
CA SER C 411 14.31 18.80 2.59
C SER C 411 13.80 20.20 2.41
N ALA C 412 12.49 20.31 2.43
CA ALA C 412 11.85 21.59 2.30
C ALA C 412 11.26 21.82 3.66
N LEU C 413 10.83 20.73 4.30
CA LEU C 413 10.25 20.80 5.62
C LEU C 413 11.23 21.54 6.50
N GLY C 414 10.81 21.88 7.71
CA GLY C 414 11.72 22.57 8.58
C GLY C 414 11.03 23.27 9.72
N PRO C 415 11.81 23.65 10.74
CA PRO C 415 11.30 24.36 11.93
C PRO C 415 11.09 25.82 11.55
N GLY C 416 9.85 26.18 11.20
CA GLY C 416 9.57 27.55 10.79
C GLY C 416 9.90 27.76 9.31
N GLY C 417 11.12 28.22 9.02
CA GLY C 417 11.52 28.42 7.63
C GLY C 417 11.43 27.09 6.90
N LEU C 418 10.28 26.85 6.28
CA LEU C 418 10.05 25.61 5.57
C LEU C 418 8.70 25.55 4.85
N THR C 419 8.22 24.33 4.66
CA THR C 419 6.95 24.05 3.98
C THR C 419 6.08 23.06 4.80
N ARG C 420 4.81 23.39 4.99
CA ARG C 420 3.92 22.53 5.76
C ARG C 420 3.57 21.22 5.02
N GLU C 421 2.57 20.50 5.53
CA GLU C 421 2.12 19.25 4.92
C GLU C 421 0.74 19.51 4.31
N ARG C 422 0.70 20.45 3.36
CA ARG C 422 -0.51 20.87 2.64
C ARG C 422 -0.33 22.00 1.59
N ALA C 423 0.69 21.86 0.74
CA ALA C 423 0.99 22.83 -0.32
C ALA C 423 2.17 22.34 -1.19
N GLY C 424 2.59 23.17 -2.16
CA GLY C 424 3.71 22.80 -3.00
C GLY C 424 3.53 22.17 -4.38
N PHE C 425 2.64 22.72 -5.21
CA PHE C 425 2.47 22.16 -6.55
C PHE C 425 3.11 23.05 -7.60
N ASP C 426 4.05 23.86 -7.13
CA ASP C 426 4.82 24.78 -7.96
C ASP C 426 6.29 24.59 -7.55
N VAL C 427 6.52 23.70 -6.59
CA VAL C 427 7.86 23.41 -6.08
C VAL C 427 8.19 21.94 -6.22
N ARG C 428 7.35 21.11 -5.61
CA ARG C 428 7.52 19.67 -5.63
C ARG C 428 8.10 19.27 -6.98
N ASP C 429 7.40 19.66 -8.05
CA ASP C 429 7.82 19.36 -9.42
C ASP C 429 9.32 19.55 -9.68
N VAL C 430 9.85 18.77 -10.63
CA VAL C 430 11.26 18.83 -11.04
C VAL C 430 11.45 20.00 -12.01
N HIS C 431 12.48 20.81 -11.77
CA HIS C 431 12.67 21.99 -12.61
C HIS C 431 13.90 22.09 -13.50
N ARG C 432 13.65 22.70 -14.64
CA ARG C 432 14.67 23.00 -15.63
C ARG C 432 15.72 23.81 -14.86
N THR C 433 16.59 23.11 -14.16
CA THR C 433 17.65 23.75 -13.40
C THR C 433 18.38 22.56 -12.88
N HIS C 434 17.65 21.86 -12.03
CA HIS C 434 18.09 20.65 -11.38
C HIS C 434 19.22 19.94 -12.12
N TYR C 435 19.12 19.91 -13.44
CA TYR C 435 20.11 19.27 -14.29
C TYR C 435 21.52 19.27 -13.69
N GLY C 436 21.89 18.17 -13.06
CA GLY C 436 23.21 18.07 -12.47
C GLY C 436 23.36 18.56 -11.05
N ARG C 437 22.27 19.05 -10.47
CA ARG C 437 22.31 19.58 -9.11
C ARG C 437 21.47 18.76 -8.12
N ILE C 438 20.19 18.56 -8.43
CA ILE C 438 19.29 17.80 -7.58
C ILE C 438 18.64 16.67 -8.36
N CYS C 439 19.08 15.44 -8.15
CA CYS C 439 18.51 14.32 -8.89
C CYS C 439 16.98 14.40 -8.94
N PRO C 440 16.38 13.87 -10.02
CA PRO C 440 14.94 13.90 -10.21
C PRO C 440 14.29 12.54 -10.00
N VAL C 441 15.09 11.54 -9.66
CA VAL C 441 14.53 10.22 -9.46
C VAL C 441 15.06 9.59 -8.18
N GLU C 442 14.79 10.26 -7.05
CA GLU C 442 15.20 9.79 -5.72
C GLU C 442 14.12 10.01 -4.66
N THR C 443 13.27 11.02 -4.90
CA THR C 443 12.20 11.33 -3.97
C THR C 443 11.33 10.12 -3.63
N PRO C 444 10.60 10.20 -2.51
CA PRO C 444 9.72 9.14 -2.01
C PRO C 444 8.34 8.96 -2.66
N GLU C 445 7.94 7.70 -2.79
CA GLU C 445 6.67 7.31 -3.38
C GLU C 445 5.60 8.40 -3.26
N GLY C 446 5.01 8.51 -2.08
CA GLY C 446 3.97 9.49 -1.90
C GLY C 446 4.08 10.19 -0.57
N ALA C 447 3.02 10.90 -0.22
CA ALA C 447 2.97 11.62 1.03
C ALA C 447 3.89 12.82 0.99
N ASN C 448 5.14 12.60 0.63
CA ASN C 448 6.11 13.69 0.61
C ASN C 448 6.65 14.07 -0.74
N ILE C 449 6.74 13.07 -1.62
CA ILE C 449 7.27 13.24 -2.98
C ILE C 449 7.51 14.70 -3.38
N GLY C 450 8.73 14.98 -3.85
CA GLY C 450 9.08 16.31 -4.27
C GLY C 450 9.92 17.07 -3.27
N LEU C 451 9.24 17.66 -2.30
CA LEU C 451 9.87 18.43 -1.24
C LEU C 451 11.23 17.89 -0.81
N ILE C 452 11.30 16.58 -0.64
CA ILE C 452 12.51 15.89 -0.21
C ILE C 452 13.29 15.29 -1.41
N THR C 453 14.61 15.17 -1.28
CA THR C 453 15.41 14.58 -2.37
C THR C 453 16.92 14.51 -2.11
N SER C 454 17.62 13.77 -2.98
CA SER C 454 19.08 13.58 -2.88
C SER C 454 19.87 14.35 -3.94
N LEU C 455 21.03 14.86 -3.54
CA LEU C 455 21.89 15.65 -4.41
C LEU C 455 22.35 14.87 -5.63
N ALA C 456 22.66 15.61 -6.69
CA ALA C 456 23.12 15.03 -7.95
C ALA C 456 24.64 14.80 -8.05
N ALA C 457 25.06 13.63 -7.59
CA ALA C 457 26.45 13.20 -7.62
C ALA C 457 27.55 14.27 -7.48
N TYR C 458 28.09 14.69 -8.62
CA TYR C 458 29.16 15.66 -8.66
C TYR C 458 28.86 16.97 -8.00
N ALA C 459 27.72 17.55 -8.35
CA ALA C 459 27.28 18.84 -7.82
C ALA C 459 27.68 19.15 -6.36
N ARG C 460 28.07 20.39 -6.13
CA ARG C 460 28.47 20.88 -4.80
C ARG C 460 27.64 22.09 -4.47
N VAL C 461 27.44 22.31 -3.18
CA VAL C 461 26.71 23.48 -2.76
C VAL C 461 27.87 24.41 -2.41
N ASP C 462 27.68 25.73 -2.45
CA ASP C 462 28.79 26.63 -2.13
C ASP C 462 28.35 28.04 -1.71
N ALA C 463 29.34 28.85 -1.28
CA ALA C 463 29.09 30.21 -0.85
C ALA C 463 27.73 30.23 -0.18
N LEU C 464 26.84 31.10 -0.65
CA LEU C 464 25.50 31.16 -0.08
C LEU C 464 24.73 30.04 -0.80
N GLY C 465 24.80 28.85 -0.20
CA GLY C 465 24.13 27.65 -0.70
C GLY C 465 23.67 27.55 -2.14
N PHE C 466 24.49 27.99 -3.09
CA PHE C 466 24.12 27.89 -4.49
C PHE C 466 24.65 26.59 -5.04
N ILE C 467 23.79 25.73 -5.56
CA ILE C 467 24.28 24.47 -6.11
C ILE C 467 25.12 24.80 -7.31
N ARG C 468 26.25 24.10 -7.44
CA ARG C 468 27.17 24.28 -8.56
C ARG C 468 27.47 22.91 -9.17
N THR C 469 27.28 22.77 -10.47
CA THR C 469 27.51 21.51 -11.15
C THR C 469 28.61 21.62 -12.21
N PRO C 470 29.51 20.61 -12.27
CA PRO C 470 30.66 20.52 -13.19
C PRO C 470 30.39 20.46 -14.70
N TYR C 471 31.07 21.32 -15.44
CA TYR C 471 30.98 21.43 -16.90
C TYR C 471 32.40 21.53 -17.47
N ARG C 472 32.61 21.11 -18.71
CA ARG C 472 33.95 21.15 -19.27
C ARG C 472 34.02 22.21 -20.38
N ARG C 473 34.95 23.15 -20.22
CA ARG C 473 35.11 24.24 -21.19
C ARG C 473 35.88 23.95 -22.48
N VAL C 474 35.40 24.53 -23.59
CA VAL C 474 36.01 24.37 -24.92
C VAL C 474 36.50 25.71 -25.50
N LYS C 475 37.35 25.62 -26.53
CA LYS C 475 37.93 26.79 -27.21
C LYS C 475 37.24 26.96 -28.59
N ASN C 476 35.89 26.88 -28.59
CA ASN C 476 34.97 26.97 -29.75
C ASN C 476 35.26 26.04 -30.95
N GLY C 477 35.25 24.74 -30.68
CA GLY C 477 35.52 23.75 -31.71
C GLY C 477 36.57 22.78 -31.21
N VAL C 478 37.42 23.26 -30.30
CA VAL C 478 38.50 22.48 -29.69
C VAL C 478 37.96 22.02 -28.30
N VAL C 479 38.81 21.39 -27.49
CA VAL C 479 38.40 20.91 -26.16
C VAL C 479 39.47 20.99 -25.06
N THR C 480 39.19 21.84 -24.06
CA THR C 480 40.07 22.05 -22.94
C THR C 480 40.09 20.85 -22.01
N GLU C 481 40.72 21.06 -20.86
CA GLU C 481 40.85 20.05 -19.82
C GLU C 481 40.24 20.73 -18.59
N GLU C 482 40.33 22.05 -18.60
CA GLU C 482 39.80 22.87 -17.53
C GLU C 482 38.35 22.45 -17.32
N VAL C 483 37.89 22.49 -16.08
CA VAL C 483 36.51 22.12 -15.77
C VAL C 483 35.82 23.25 -14.98
N VAL C 484 34.58 23.58 -15.38
CA VAL C 484 33.79 24.68 -14.81
C VAL C 484 32.65 24.43 -13.80
N TYR C 485 32.98 24.40 -12.51
CA TYR C 485 31.95 24.23 -11.47
C TYR C 485 31.20 25.56 -11.46
N MET C 486 29.90 25.54 -11.74
CA MET C 486 29.17 26.80 -11.75
C MET C 486 27.71 26.76 -11.32
N THR C 487 27.27 27.88 -10.76
CA THR C 487 25.91 28.07 -10.28
C THR C 487 24.91 27.97 -11.45
N ALA C 488 23.62 28.00 -11.14
CA ALA C 488 22.57 27.91 -12.16
C ALA C 488 22.40 29.21 -12.93
N SER C 489 22.21 30.32 -12.20
CA SER C 489 22.04 31.64 -12.80
C SER C 489 23.22 31.94 -13.75
N GLU C 490 24.25 31.10 -13.66
CA GLU C 490 25.46 31.20 -14.49
C GLU C 490 25.35 30.23 -15.67
N GLU C 491 24.27 29.46 -15.68
CA GLU C 491 24.02 28.46 -16.73
C GLU C 491 22.93 28.80 -17.74
N ASP C 492 21.98 29.66 -17.37
CA ASP C 492 20.87 30.06 -18.25
C ASP C 492 21.28 30.88 -19.49
N ARG C 493 22.58 31.13 -19.64
CA ARG C 493 23.10 31.90 -20.78
C ARG C 493 24.25 31.22 -21.55
N TYR C 494 24.40 29.91 -21.38
CA TYR C 494 25.43 29.13 -22.07
C TYR C 494 24.77 28.04 -22.89
N THR C 495 25.29 27.82 -24.10
CA THR C 495 24.74 26.81 -24.99
C THR C 495 25.39 25.42 -24.82
N ILE C 496 25.32 24.83 -23.61
CA ILE C 496 25.93 23.51 -23.28
C ILE C 496 25.64 22.29 -24.17
N ALA C 497 26.60 21.36 -24.26
CA ALA C 497 26.46 20.17 -25.09
C ALA C 497 26.72 18.86 -24.34
N GLN C 498 25.95 17.83 -24.70
CA GLN C 498 26.09 16.51 -24.09
C GLN C 498 27.51 16.00 -24.16
N ALA C 499 27.86 15.10 -23.23
CA ALA C 499 29.18 14.47 -23.18
C ALA C 499 29.06 13.21 -24.00
N ASN C 500 27.82 12.80 -24.16
CA ASN C 500 27.44 11.64 -24.94
C ASN C 500 28.04 11.86 -26.34
N THR C 501 28.00 13.11 -26.82
CA THR C 501 28.48 13.54 -28.16
C THR C 501 29.95 13.19 -28.55
N PRO C 502 30.14 12.57 -29.75
CA PRO C 502 31.44 12.15 -30.31
C PRO C 502 32.59 13.17 -30.29
N LEU C 503 33.66 12.84 -29.58
CA LEU C 503 34.83 13.71 -29.45
C LEU C 503 36.12 12.94 -29.81
N GLU C 504 36.80 13.39 -30.86
CA GLU C 504 38.06 12.80 -31.33
C GLU C 504 39.23 13.33 -30.51
N GLY C 505 40.25 12.50 -30.28
CA GLY C 505 41.40 12.93 -29.51
C GLY C 505 40.99 13.79 -28.33
N ASP C 506 40.86 15.09 -28.56
CA ASP C 506 40.46 16.04 -27.51
C ASP C 506 39.69 17.25 -28.01
N ARG C 507 38.64 17.04 -28.82
CA ARG C 507 37.83 18.14 -29.33
C ARG C 507 36.48 17.76 -29.92
N ILE C 508 36.01 18.52 -30.92
CA ILE C 508 34.71 18.28 -31.55
C ILE C 508 34.82 17.36 -32.78
N ALA C 509 33.91 16.40 -32.88
CA ALA C 509 33.91 15.44 -33.98
C ALA C 509 32.53 15.24 -34.60
N THR C 510 32.29 15.97 -35.70
CA THR C 510 31.05 15.97 -36.50
C THR C 510 30.42 17.35 -36.42
N ASP C 511 29.43 17.60 -37.27
CA ASP C 511 28.75 18.90 -37.32
C ASP C 511 27.32 18.92 -36.72
N ARG C 512 26.70 17.75 -36.60
CA ARG C 512 25.35 17.66 -36.01
C ARG C 512 25.50 17.44 -34.50
N VAL C 513 25.71 18.52 -33.74
CA VAL C 513 25.90 18.48 -32.27
C VAL C 513 24.66 18.82 -31.42
N VAL C 514 24.29 17.92 -30.51
CA VAL C 514 23.15 18.13 -29.62
C VAL C 514 23.57 18.99 -28.43
N ALA C 515 22.88 20.09 -28.18
CA ALA C 515 23.21 20.99 -27.07
C ALA C 515 21.99 21.67 -26.46
N ARG C 516 22.11 22.18 -25.25
CA ARG C 516 21.01 22.87 -24.58
C ARG C 516 21.43 24.28 -24.18
N ARG C 517 20.47 25.20 -24.07
CA ARG C 517 20.72 26.58 -23.67
C ARG C 517 19.64 27.01 -22.66
N ARG C 518 20.05 27.55 -21.52
CA ARG C 518 19.09 27.96 -20.50
C ARG C 518 18.50 26.64 -19.99
N GLY C 519 17.60 26.09 -20.81
CA GLY C 519 16.96 24.83 -20.49
C GLY C 519 16.50 24.14 -21.75
N GLU C 520 16.22 24.92 -22.81
CA GLU C 520 15.76 24.36 -24.07
C GLU C 520 16.80 23.50 -24.78
N PRO C 521 16.38 22.31 -25.25
CA PRO C 521 17.17 21.31 -25.97
C PRO C 521 17.16 21.59 -27.46
N VAL C 522 18.32 21.93 -28.02
CA VAL C 522 18.42 22.23 -29.44
C VAL C 522 19.70 21.58 -30.01
N ILE C 523 19.81 21.54 -31.33
CA ILE C 523 21.01 20.99 -31.97
C ILE C 523 21.88 22.20 -32.30
N VAL C 524 23.19 22.11 -32.10
CA VAL C 524 24.05 23.25 -32.36
C VAL C 524 25.25 22.97 -33.27
N ALA C 525 25.87 24.06 -33.74
CA ALA C 525 27.03 23.99 -34.62
C ALA C 525 28.26 23.74 -33.75
N PRO C 526 29.16 22.85 -34.21
CA PRO C 526 30.41 22.48 -33.52
C PRO C 526 31.24 23.54 -32.76
N GLU C 527 31.25 24.80 -33.23
CA GLU C 527 32.02 25.86 -32.56
C GLU C 527 31.10 26.94 -31.98
N GLU C 528 29.81 26.68 -32.10
CA GLU C 528 28.77 27.56 -31.58
C GLU C 528 28.61 27.06 -30.14
N VAL C 529 29.66 26.39 -29.67
CA VAL C 529 29.73 25.78 -28.34
C VAL C 529 30.52 26.49 -27.25
N GLU C 530 29.90 26.59 -26.07
CA GLU C 530 30.51 27.21 -24.91
C GLU C 530 31.19 26.12 -24.09
N PHE C 531 30.39 25.24 -23.49
CA PHE C 531 30.91 24.15 -22.65
C PHE C 531 30.56 22.73 -23.10
N MET C 532 30.47 21.84 -22.11
CA MET C 532 30.12 20.42 -22.26
C MET C 532 30.30 19.65 -20.94
N ASP C 533 29.21 19.06 -20.45
CA ASP C 533 29.19 18.30 -19.20
C ASP C 533 30.35 17.31 -19.07
N VAL C 534 30.71 16.97 -17.84
CA VAL C 534 31.80 16.03 -17.57
C VAL C 534 31.37 14.57 -17.81
N SER C 535 30.07 14.32 -17.73
CA SER C 535 29.52 12.97 -17.90
C SER C 535 28.04 12.93 -17.48
N PRO C 536 27.37 11.77 -17.60
CA PRO C 536 25.97 11.71 -17.21
C PRO C 536 25.78 11.46 -15.71
N LYS C 537 26.72 10.74 -15.10
CA LYS C 537 26.65 10.46 -13.68
C LYS C 537 26.42 11.78 -12.97
N GLN C 538 26.95 12.83 -13.58
CA GLN C 538 26.84 14.19 -13.12
C GLN C 538 25.37 14.58 -13.00
N VAL C 539 24.54 13.83 -13.72
CA VAL C 539 23.11 14.10 -13.75
C VAL C 539 22.23 13.38 -12.73
N PHE C 540 22.55 12.13 -12.40
CA PHE C 540 21.69 11.42 -11.46
C PHE C 540 22.16 11.41 -10.03
N SER C 541 21.21 11.20 -9.12
CA SER C 541 21.51 11.16 -7.70
C SER C 541 22.65 10.21 -7.45
N LEU C 542 22.99 10.06 -6.19
CA LEU C 542 24.07 9.18 -5.81
C LEU C 542 23.73 7.73 -6.13
N ASN C 543 22.79 7.15 -5.41
CA ASN C 543 22.41 5.77 -5.66
C ASN C 543 21.70 5.59 -7.00
N THR C 544 20.93 6.60 -7.42
CA THR C 544 20.22 6.52 -8.69
C THR C 544 21.22 6.21 -9.79
N ASN C 545 22.49 6.14 -9.42
CA ASN C 545 23.56 5.86 -10.36
C ASN C 545 23.90 4.36 -10.38
N LEU C 546 23.89 3.72 -9.22
CA LEU C 546 24.22 2.30 -9.14
C LEU C 546 23.46 1.50 -10.18
N ILE C 547 22.47 2.13 -10.80
CA ILE C 547 21.68 1.47 -11.82
C ILE C 547 22.54 1.05 -13.00
N PRO C 548 22.49 -0.23 -13.35
CA PRO C 548 23.25 -0.82 -14.45
C PRO C 548 22.79 -0.43 -15.87
N PHE C 549 21.55 -0.73 -16.24
CA PHE C 549 21.08 -0.39 -17.58
C PHE C 549 19.96 0.62 -17.58
N LEU C 550 20.09 1.63 -16.74
CA LEU C 550 19.11 2.69 -16.63
C LEU C 550 18.68 3.19 -17.99
N GLU C 551 19.61 3.11 -18.94
CA GLU C 551 19.39 3.54 -20.30
C GLU C 551 18.11 2.93 -20.86
N HIS C 552 17.63 1.86 -20.22
CA HIS C 552 16.44 1.19 -20.71
C HIS C 552 15.37 0.89 -19.65
N ASP C 553 14.99 1.91 -18.87
CA ASP C 553 13.98 1.72 -17.83
C ASP C 553 13.06 2.93 -17.78
N ASP C 554 11.78 2.71 -17.50
CA ASP C 554 10.86 3.81 -17.41
C ASP C 554 11.47 4.75 -16.41
N ALA C 555 10.95 5.96 -16.34
CA ALA C 555 11.44 6.94 -15.40
C ALA C 555 10.80 6.68 -14.04
N ASN C 556 9.51 6.31 -14.06
CA ASN C 556 8.79 6.05 -12.82
C ASN C 556 9.33 4.80 -12.10
N ARG C 557 9.08 3.62 -12.65
CA ARG C 557 9.52 2.33 -12.07
C ARG C 557 11.02 2.29 -11.79
N ALA C 558 11.68 3.41 -12.01
CA ALA C 558 13.11 3.53 -11.79
C ALA C 558 13.43 4.02 -10.39
N LEU C 559 12.98 5.23 -10.05
CA LEU C 559 13.23 5.77 -8.72
C LEU C 559 12.97 4.66 -7.70
N MET C 560 11.92 3.88 -7.97
CA MET C 560 11.56 2.77 -7.12
C MET C 560 12.86 2.01 -6.83
N GLY C 561 13.58 1.73 -7.90
CA GLY C 561 14.82 1.00 -7.83
C GLY C 561 15.94 1.72 -7.10
N SER C 562 16.18 2.99 -7.43
CA SER C 562 17.23 3.70 -6.73
C SER C 562 16.76 3.60 -5.29
N ASN C 563 15.46 3.78 -5.11
CA ASN C 563 14.85 3.65 -3.81
C ASN C 563 14.81 2.15 -3.63
N MET C 564 14.25 1.69 -2.52
CA MET C 564 14.17 0.25 -2.30
C MET C 564 15.59 -0.24 -2.13
N GLN C 565 16.47 0.18 -3.03
CA GLN C 565 17.86 -0.18 -2.97
C GLN C 565 18.35 0.33 -1.63
N THR C 566 17.57 1.22 -1.05
CA THR C 566 17.90 1.79 0.24
C THR C 566 17.39 0.87 1.33
N GLN C 567 16.11 0.50 1.24
CA GLN C 567 15.48 -0.41 2.21
C GLN C 567 16.17 -1.78 2.08
N ALA C 568 17.38 -1.77 1.52
CA ALA C 568 18.14 -2.97 1.32
C ALA C 568 18.86 -3.45 2.57
N VAL C 569 18.63 -4.70 2.93
CA VAL C 569 19.26 -5.28 4.11
C VAL C 569 20.35 -6.27 3.71
N PRO C 570 21.49 -6.24 4.42
CA PRO C 570 22.64 -7.11 4.18
C PRO C 570 22.43 -8.57 4.49
N LEU C 571 23.35 -9.38 3.99
CA LEU C 571 23.28 -10.80 4.21
C LEU C 571 24.72 -11.24 4.34
N ILE C 572 24.93 -12.48 4.74
CA ILE C 572 26.28 -12.98 4.93
C ILE C 572 27.05 -13.15 3.63
N ARG C 573 26.87 -14.29 2.95
CA ARG C 573 27.56 -14.57 1.68
C ARG C 573 27.20 -13.55 0.59
N ALA C 574 27.09 -12.28 0.98
CA ALA C 574 26.75 -11.20 0.07
C ALA C 574 27.56 -11.29 -1.23
N GLN C 575 27.24 -10.42 -2.17
CA GLN C 575 27.97 -10.40 -3.42
C GLN C 575 27.56 -9.21 -4.27
N ALA C 576 28.55 -8.58 -4.90
CA ALA C 576 28.30 -7.41 -5.73
C ALA C 576 27.72 -7.82 -7.08
N PRO C 577 26.75 -7.04 -7.58
CA PRO C 577 26.09 -7.28 -8.86
C PRO C 577 27.04 -7.64 -9.98
N VAL C 578 26.66 -8.63 -10.79
CA VAL C 578 27.51 -9.04 -11.89
C VAL C 578 27.77 -7.84 -12.77
N VAL C 579 26.72 -7.08 -13.04
CA VAL C 579 26.84 -5.89 -13.87
C VAL C 579 26.88 -4.64 -12.98
N MET C 580 28.02 -3.96 -12.97
CA MET C 580 28.19 -2.76 -12.14
C MET C 580 28.32 -1.45 -12.94
N THR C 581 28.77 -0.38 -12.27
CA THR C 581 28.93 0.92 -12.92
C THR C 581 30.15 1.68 -12.40
N GLY C 582 31.08 0.94 -11.81
CA GLY C 582 32.28 1.57 -11.29
C GLY C 582 32.14 2.02 -9.86
N LEU C 583 31.64 3.25 -9.70
CA LEU C 583 31.41 3.84 -8.39
C LEU C 583 31.16 2.74 -7.36
N GLU C 584 30.48 1.70 -7.83
CA GLU C 584 30.14 0.52 -7.06
C GLU C 584 31.09 0.27 -5.90
N GLU C 585 32.38 0.44 -6.15
CA GLU C 585 33.40 0.25 -5.13
C GLU C 585 33.51 1.46 -4.22
N ARG C 586 33.65 2.64 -4.83
CA ARG C 586 33.81 3.90 -4.10
C ARG C 586 32.77 4.14 -3.00
N VAL C 587 31.51 3.93 -3.33
CA VAL C 587 30.44 4.11 -2.36
C VAL C 587 30.92 3.52 -1.02
N VAL C 588 31.40 2.27 -1.06
CA VAL C 588 31.87 1.57 0.13
C VAL C 588 32.95 2.32 0.88
N ARG C 589 33.76 3.10 0.18
CA ARG C 589 34.82 3.83 0.84
C ARG C 589 34.38 5.13 1.51
N ASP C 590 33.61 5.95 0.80
CA ASP C 590 33.15 7.21 1.37
C ASP C 590 32.16 6.99 2.53
N SER C 591 31.61 5.77 2.62
CA SER C 591 30.65 5.43 3.67
C SER C 591 31.39 5.26 4.98
N LEU C 592 32.64 4.81 4.87
CA LEU C 592 33.52 4.61 6.01
C LEU C 592 33.22 3.35 6.81
N ALA C 593 32.14 2.65 6.47
CA ALA C 593 31.79 1.43 7.20
C ALA C 593 32.78 0.31 6.86
N ALA C 594 33.58 0.56 5.84
CA ALA C 594 34.61 -0.39 5.41
C ALA C 594 35.90 0.20 5.98
N LEU C 595 36.88 -0.65 6.31
CA LEU C 595 38.15 -0.18 6.90
C LEU C 595 39.37 -0.12 5.98
N TYR C 596 39.90 1.10 5.81
CA TYR C 596 41.08 1.34 4.96
C TYR C 596 42.30 1.82 5.76
N ALA C 597 43.47 1.82 5.10
CA ALA C 597 44.75 2.24 5.71
C ALA C 597 45.36 3.55 5.15
N GLU C 598 45.52 4.51 6.04
CA GLU C 598 46.07 5.82 5.72
C GLU C 598 47.34 5.72 4.87
N GLU C 599 48.41 5.17 5.47
CA GLU C 599 49.71 4.99 4.81
C GLU C 599 50.04 3.51 4.56
N ASP C 600 50.68 3.23 3.42
CA ASP C 600 51.04 1.86 3.04
C ASP C 600 52.19 1.22 3.84
N GLY C 601 51.95 0.00 4.32
CA GLY C 601 52.95 -0.71 5.08
C GLY C 601 52.90 -2.20 4.83
N GLU C 602 52.21 -2.92 5.73
CA GLU C 602 52.03 -4.38 5.64
C GLU C 602 51.50 -4.95 6.97
N VAL C 603 50.55 -5.88 6.88
CA VAL C 603 49.93 -6.48 8.07
C VAL C 603 50.79 -7.49 8.82
N VAL C 604 50.64 -7.54 10.14
CA VAL C 604 51.38 -8.48 10.99
C VAL C 604 50.44 -9.42 11.77
N LYS C 605 49.52 -8.86 12.56
CA LYS C 605 48.53 -9.63 13.33
C LYS C 605 47.20 -9.55 12.57
N VAL C 606 46.49 -10.68 12.43
CA VAL C 606 45.22 -10.69 11.69
C VAL C 606 44.14 -11.70 12.12
N ASP C 607 43.07 -11.21 12.73
CA ASP C 607 41.96 -12.06 13.17
C ASP C 607 40.62 -11.34 13.17
N GLY C 608 39.55 -12.08 13.40
CA GLY C 608 38.23 -11.48 13.41
C GLY C 608 38.12 -10.34 14.39
N THR C 609 38.84 -10.42 15.50
CA THR C 609 38.80 -9.39 16.54
C THR C 609 39.75 -8.18 16.36
N ARG C 610 40.61 -8.23 15.34
CA ARG C 610 41.54 -7.12 15.12
C ARG C 610 42.41 -7.25 13.89
N ILE C 611 43.14 -6.18 13.57
CA ILE C 611 44.06 -6.15 12.44
C ILE C 611 45.19 -5.20 12.73
N ALA C 612 46.37 -5.75 13.00
CA ALA C 612 47.55 -4.96 13.27
C ALA C 612 48.44 -4.92 12.04
N VAL C 613 48.98 -3.75 11.75
CA VAL C 613 49.85 -3.58 10.60
C VAL C 613 51.12 -2.91 11.07
N ARG C 614 51.98 -2.56 10.12
CA ARG C 614 53.23 -1.88 10.43
C ARG C 614 53.55 -0.97 9.25
N TYR C 615 52.71 0.04 9.04
CA TYR C 615 52.88 1.00 7.96
C TYR C 615 54.37 1.33 7.74
N GLU C 616 54.67 1.94 6.59
CA GLU C 616 56.04 2.32 6.26
C GLU C 616 56.71 3.18 7.34
N ASP C 617 57.44 2.51 8.24
CA ASP C 617 58.15 3.14 9.34
C ASP C 617 57.33 4.22 10.03
N GLY C 618 56.00 4.13 9.89
CA GLY C 618 55.11 5.10 10.51
C GLY C 618 54.47 4.55 11.77
N ARG C 619 55.21 3.70 12.48
CA ARG C 619 54.75 3.06 13.72
C ARG C 619 54.06 1.73 13.45
N LEU C 620 52.94 1.50 14.15
CA LEU C 620 52.15 0.27 14.02
C LEU C 620 50.74 0.46 14.62
N VAL C 621 49.80 1.02 13.84
CA VAL C 621 48.44 1.21 14.34
C VAL C 621 47.86 -0.20 14.57
N GLU C 622 46.59 -0.28 14.95
CA GLU C 622 45.91 -1.58 15.18
C GLU C 622 44.40 -1.36 15.42
N HIS C 623 43.68 -1.04 14.35
CA HIS C 623 42.24 -0.77 14.40
C HIS C 623 41.36 -2.04 14.51
N PRO C 624 40.51 -2.10 15.55
CA PRO C 624 39.62 -3.26 15.77
C PRO C 624 38.47 -3.30 14.75
N LEU C 625 37.84 -4.47 14.62
CA LEU C 625 36.72 -4.65 13.69
C LEU C 625 35.38 -4.81 14.40
N ARG C 626 34.61 -3.73 14.43
CA ARG C 626 33.28 -3.74 15.05
C ARG C 626 32.60 -5.05 14.70
N ARG C 627 32.46 -5.94 15.66
CA ARG C 627 31.84 -7.22 15.38
C ARG C 627 30.40 -7.38 15.86
N TYR C 628 29.49 -7.59 14.90
CA TYR C 628 28.07 -7.79 15.19
C TYR C 628 27.45 -6.76 16.13
N ALA C 629 27.45 -5.49 15.71
CA ALA C 629 26.86 -4.42 16.51
C ALA C 629 25.53 -4.04 15.84
N ARG C 630 24.57 -3.51 16.60
CA ARG C 630 23.27 -3.16 16.02
C ARG C 630 23.18 -1.83 15.29
N SER C 631 22.30 -1.81 14.30
CA SER C 631 22.05 -0.61 13.50
C SER C 631 21.07 0.22 14.31
N ASN C 632 20.10 0.80 13.60
CA ASN C 632 19.06 1.60 14.23
C ASN C 632 17.73 1.04 13.77
N GLN C 633 17.78 0.35 12.65
CA GLN C 633 16.62 -0.32 12.07
C GLN C 633 16.68 -1.69 12.76
N GLY C 634 17.90 -2.07 13.09
CA GLY C 634 18.18 -3.35 13.73
C GLY C 634 19.28 -3.99 12.91
N THR C 635 19.03 -4.03 11.61
CA THR C 635 19.96 -4.60 10.64
C THR C 635 20.95 -5.53 11.32
N ALA C 636 22.12 -4.98 11.60
CA ALA C 636 23.25 -5.65 12.24
C ALA C 636 24.47 -5.73 11.31
N PHE C 637 25.16 -4.61 11.15
CA PHE C 637 26.33 -4.59 10.29
C PHE C 637 27.58 -4.90 11.09
N ASP C 638 28.49 -5.59 10.44
CA ASP C 638 29.75 -5.99 11.05
C ASP C 638 30.81 -6.09 9.93
N GLN C 639 31.96 -5.46 10.16
CA GLN C 639 33.06 -5.48 9.17
C GLN C 639 33.73 -6.85 9.21
N ARG C 640 34.49 -7.20 8.17
CA ARG C 640 35.14 -8.51 8.15
C ARG C 640 36.53 -8.57 7.49
N PRO C 641 37.49 -9.21 8.17
CA PRO C 641 38.86 -9.34 7.67
C PRO C 641 38.95 -9.88 6.25
N ARG C 642 39.64 -9.13 5.38
CA ARG C 642 39.78 -9.52 4.00
C ARG C 642 41.19 -9.23 3.48
N VAL C 643 42.18 -9.74 4.19
CA VAL C 643 43.60 -9.58 3.86
C VAL C 643 44.38 -10.74 4.50
N ARG C 644 45.65 -10.92 4.13
CA ARG C 644 46.46 -12.00 4.69
C ARG C 644 47.43 -11.51 5.77
N VAL C 645 48.16 -12.44 6.40
CA VAL C 645 49.11 -12.09 7.46
C VAL C 645 50.54 -11.98 6.92
N GLY C 646 50.68 -11.29 5.79
CA GLY C 646 52.00 -11.10 5.20
C GLY C 646 51.95 -10.65 3.75
N GLN C 647 52.07 -9.33 3.55
CA GLN C 647 52.05 -8.75 2.19
C GLN C 647 52.11 -7.21 2.14
N ARG C 648 52.96 -6.72 1.24
CA ARG C 648 53.12 -5.29 1.03
C ARG C 648 51.74 -4.82 0.62
N VAL C 649 51.30 -3.69 1.16
CA VAL C 649 49.99 -3.21 0.79
C VAL C 649 50.00 -2.17 -0.33
N LYS C 650 48.82 -1.69 -0.68
CA LYS C 650 48.66 -0.74 -1.79
C LYS C 650 48.26 0.70 -1.43
N LYS C 651 48.97 1.33 -0.48
CA LYS C 651 48.70 2.73 -0.07
C LYS C 651 47.29 2.96 0.50
N GLY C 652 46.74 1.94 1.14
CA GLY C 652 45.42 2.06 1.70
C GLY C 652 44.34 1.45 0.84
N ASP C 653 44.17 0.14 0.96
CA ASP C 653 43.15 -0.57 0.21
C ASP C 653 42.41 -1.41 1.22
N LEU C 654 41.24 -1.88 0.84
CA LEU C 654 40.40 -2.70 1.72
C LEU C 654 41.21 -3.40 2.79
N LEU C 655 41.23 -2.83 3.99
CA LEU C 655 41.96 -3.42 5.10
C LEU C 655 41.06 -4.50 5.68
N ALA C 656 39.93 -4.70 5.02
CA ALA C 656 38.90 -5.68 5.41
C ALA C 656 37.56 -5.05 5.04
N ASP C 657 36.58 -5.85 4.60
CA ASP C 657 35.28 -5.32 4.20
C ASP C 657 34.36 -4.81 5.34
N GLY C 658 33.14 -4.43 4.96
CA GLY C 658 32.16 -3.94 5.93
C GLY C 658 30.97 -4.88 5.99
N PRO C 659 29.73 -4.36 6.09
CA PRO C 659 28.55 -5.23 6.17
C PRO C 659 28.25 -5.95 4.86
N ALA C 660 27.60 -5.25 3.93
CA ALA C 660 27.26 -5.82 2.64
C ALA C 660 28.26 -5.42 1.58
N SER C 661 29.52 -5.78 1.82
CA SER C 661 30.56 -5.45 0.88
C SER C 661 31.40 -6.67 0.56
N GLU C 662 31.94 -6.68 -0.65
CA GLU C 662 32.77 -7.79 -1.07
C GLU C 662 34.07 -7.25 -1.66
N GLU C 663 35.10 -7.24 -0.83
CA GLU C 663 36.42 -6.78 -1.23
C GLU C 663 36.48 -5.38 -1.83
N GLY C 664 35.73 -4.46 -1.24
CA GLY C 664 35.71 -3.09 -1.71
C GLY C 664 34.52 -2.71 -2.55
N PHE C 665 33.80 -3.71 -3.05
CA PHE C 665 32.63 -3.45 -3.89
C PHE C 665 31.31 -3.63 -3.16
N LEU C 666 30.39 -2.69 -3.40
CA LEU C 666 29.07 -2.71 -2.78
C LEU C 666 28.27 -3.95 -3.16
N ALA C 667 27.93 -4.78 -2.17
CA ALA C 667 27.19 -6.01 -2.40
C ALA C 667 25.79 -5.97 -1.78
N LEU C 668 24.95 -5.08 -2.27
CA LEU C 668 23.59 -4.97 -1.74
C LEU C 668 22.94 -6.31 -1.56
N GLY C 669 22.82 -7.06 -2.64
CA GLY C 669 22.18 -8.36 -2.54
C GLY C 669 23.06 -9.51 -3.01
N GLN C 670 22.53 -10.25 -3.97
CA GLN C 670 23.23 -11.40 -4.53
C GLN C 670 22.78 -11.71 -5.96
N ASN C 671 23.65 -11.45 -6.92
CA ASN C 671 23.36 -11.76 -8.30
C ASN C 671 23.12 -13.26 -8.35
N VAL C 672 21.97 -13.68 -8.84
CA VAL C 672 21.69 -15.09 -8.92
C VAL C 672 21.20 -15.45 -10.31
N LEU C 673 21.08 -16.74 -10.59
CA LEU C 673 20.62 -17.19 -11.90
C LEU C 673 19.10 -17.18 -11.97
N VAL C 674 18.57 -16.38 -12.89
CA VAL C 674 17.14 -16.26 -13.04
C VAL C 674 16.59 -16.87 -14.32
N ALA C 675 15.29 -17.15 -14.30
CA ALA C 675 14.59 -17.70 -15.44
C ALA C 675 13.30 -16.90 -15.58
N ILE C 676 13.24 -16.08 -16.62
CA ILE C 676 12.08 -15.25 -16.86
C ILE C 676 10.99 -16.08 -17.48
N MET C 677 9.85 -16.17 -16.80
CA MET C 677 8.72 -16.94 -17.31
C MET C 677 7.59 -17.13 -16.31
N PRO C 678 6.45 -17.67 -16.77
CA PRO C 678 5.31 -17.92 -15.90
C PRO C 678 5.34 -19.36 -15.41
N PHE C 679 5.03 -19.55 -14.14
CA PHE C 679 4.97 -20.89 -13.57
C PHE C 679 3.50 -20.98 -13.18
N ASP C 680 3.08 -22.10 -12.62
CA ASP C 680 1.68 -22.21 -12.24
C ASP C 680 1.33 -21.04 -11.33
N GLY C 681 1.02 -19.91 -11.97
CA GLY C 681 0.66 -18.71 -11.26
C GLY C 681 1.38 -18.69 -9.95
N TYR C 682 2.68 -18.83 -10.02
CA TYR C 682 3.46 -18.85 -8.80
C TYR C 682 4.41 -17.68 -8.72
N ASN C 683 3.98 -16.55 -9.26
CA ASN C 683 4.80 -15.36 -9.29
C ASN C 683 3.79 -14.32 -9.70
N PHE C 684 2.60 -14.84 -9.91
CA PHE C 684 1.46 -14.10 -10.32
C PHE C 684 1.40 -12.63 -9.92
N GLU C 685 0.91 -11.81 -10.85
CA GLU C 685 0.77 -10.37 -10.70
C GLU C 685 1.99 -9.60 -10.26
N ASP C 686 2.84 -10.24 -9.47
CA ASP C 686 4.05 -9.59 -9.04
C ASP C 686 4.70 -10.41 -7.97
N ALA C 687 4.48 -11.71 -8.04
CA ALA C 687 5.05 -12.64 -7.08
C ALA C 687 6.29 -13.30 -7.68
N ILE C 688 7.05 -14.01 -6.86
CA ILE C 688 8.26 -14.63 -7.37
C ILE C 688 8.49 -16.02 -6.76
N VAL C 689 9.06 -16.93 -7.55
CA VAL C 689 9.33 -18.29 -7.08
C VAL C 689 10.79 -18.45 -6.73
N ILE C 690 11.05 -19.33 -5.78
CA ILE C 690 12.42 -19.56 -5.39
C ILE C 690 12.68 -21.04 -5.35
N SER C 691 13.96 -21.39 -5.45
CA SER C 691 14.36 -22.77 -5.41
C SER C 691 14.98 -23.02 -4.06
N GLU C 692 14.53 -24.08 -3.41
CA GLU C 692 15.04 -24.48 -2.10
C GLU C 692 16.56 -24.28 -2.10
N GLU C 693 17.14 -24.49 -3.28
CA GLU C 693 18.57 -24.38 -3.54
C GLU C 693 19.30 -23.30 -2.75
N LEU C 694 18.72 -22.11 -2.67
CA LEU C 694 19.35 -21.01 -1.96
C LEU C 694 19.40 -21.24 -0.47
N LEU C 695 18.35 -21.85 0.08
CA LEU C 695 18.33 -22.13 1.49
C LEU C 695 19.44 -23.13 1.72
N LYS C 696 19.55 -24.08 0.80
CA LYS C 696 20.59 -25.08 0.87
C LYS C 696 21.88 -24.28 1.04
N ARG C 697 22.31 -23.62 -0.03
CA ARG C 697 23.53 -22.83 0.01
C ARG C 697 23.39 -21.72 1.04
N ASP C 698 22.20 -21.62 1.62
CA ASP C 698 21.99 -20.59 2.61
C ASP C 698 22.52 -19.37 1.89
N PHE C 699 21.80 -18.97 0.86
CA PHE C 699 22.23 -17.84 0.06
C PHE C 699 21.65 -16.51 0.51
N TYR C 700 20.33 -16.42 0.65
CA TYR C 700 19.70 -15.19 1.10
C TYR C 700 19.32 -15.20 2.58
N THR C 701 20.31 -15.03 3.45
CA THR C 701 20.11 -15.02 4.90
C THR C 701 20.52 -13.69 5.56
N SER C 702 19.65 -13.16 6.40
CA SER C 702 19.91 -11.90 7.08
C SER C 702 20.09 -12.06 8.58
N ILE C 703 21.04 -11.31 9.11
CA ILE C 703 21.29 -11.32 10.53
C ILE C 703 20.66 -10.06 11.07
N HIS C 704 20.03 -10.19 12.22
CA HIS C 704 19.34 -9.06 12.85
C HIS C 704 19.44 -9.18 14.35
N ILE C 705 19.71 -7.82 15.15
CA ILE C 705 19.84 -7.80 16.59
C ILE C 705 18.76 -6.96 17.19
N GLU C 706 17.82 -7.55 17.91
CA GLU C 706 16.76 -6.73 18.50
C GLU C 706 17.25 -6.24 19.87
N ARG C 707 17.00 -4.96 20.13
CA ARG C 707 17.42 -4.30 21.36
C ARG C 707 16.28 -4.22 22.36
N TYR C 708 16.46 -4.83 23.53
CA TYR C 708 15.44 -4.82 24.57
C TYR C 708 15.98 -3.97 25.72
N GLU C 709 15.10 -3.23 26.40
CA GLU C 709 15.51 -2.38 27.52
C GLU C 709 14.50 -2.41 28.66
N ILE C 710 14.91 -1.86 29.80
CA ILE C 710 14.07 -1.81 30.99
C ILE C 710 14.48 -0.68 31.92
N GLU C 711 13.52 -0.16 32.69
CA GLU C 711 13.77 0.92 33.64
C GLU C 711 13.14 0.67 35.02
N ALA C 712 13.95 0.79 36.07
CA ALA C 712 13.46 0.60 37.44
C ALA C 712 13.35 1.97 38.13
N ARG C 713 12.17 2.32 38.62
CA ARG C 713 11.95 3.62 39.26
C ARG C 713 11.90 3.65 40.79
N ASP C 714 11.79 4.87 41.35
CA ASP C 714 11.70 5.10 42.78
C ASP C 714 10.25 5.49 43.09
N THR C 715 9.60 4.73 43.97
CA THR C 715 8.20 4.94 44.30
C THR C 715 7.87 5.09 45.78
N LYS C 716 6.59 5.32 46.04
CA LYS C 716 6.05 5.47 47.38
C LYS C 716 5.82 4.08 47.95
N LEU C 717 5.41 3.16 47.09
CA LEU C 717 5.15 1.78 47.47
C LEU C 717 6.48 1.04 47.55
N GLY C 718 7.57 1.80 47.41
CA GLY C 718 8.89 1.19 47.48
C GLY C 718 9.66 1.30 46.19
N PRO C 719 10.99 1.13 46.25
CA PRO C 719 11.91 1.20 45.09
C PRO C 719 11.92 -0.10 44.27
N GLU C 720 12.05 0.05 42.94
CA GLU C 720 12.05 -1.08 42.03
C GLU C 720 13.43 -1.69 41.79
N ARG C 721 13.74 -2.73 42.57
CA ARG C 721 15.02 -3.41 42.46
C ARG C 721 15.04 -4.30 41.21
N ILE C 722 16.01 -5.22 41.15
CA ILE C 722 16.18 -6.14 40.02
C ILE C 722 17.13 -7.29 40.39
N THR C 723 16.62 -8.39 40.94
CA THR C 723 17.49 -9.50 41.31
C THR C 723 17.09 -10.83 40.69
N ARG C 724 18.03 -11.78 40.65
CA ARG C 724 17.76 -13.10 40.08
C ARG C 724 16.92 -13.89 41.06
N ASP C 725 16.18 -13.15 41.87
CA ASP C 725 15.33 -13.73 42.87
C ASP C 725 13.93 -13.17 42.71
N ILE C 726 13.00 -14.04 42.32
CA ILE C 726 11.60 -13.66 42.14
C ILE C 726 10.77 -14.90 42.38
N PRO C 727 9.82 -14.83 43.34
CA PRO C 727 8.91 -15.90 43.76
C PRO C 727 8.14 -16.71 42.72
N HIS C 728 7.73 -17.91 43.15
CA HIS C 728 6.99 -18.86 42.34
C HIS C 728 7.67 -19.26 41.03
N LEU C 729 8.73 -18.54 40.65
CA LEU C 729 9.48 -18.86 39.44
C LEU C 729 10.23 -20.16 39.69
N SER C 730 9.92 -21.22 38.94
CA SER C 730 10.58 -22.51 39.11
C SER C 730 11.97 -22.60 38.46
N GLU C 731 12.99 -22.67 39.30
CA GLU C 731 14.41 -22.73 38.91
C GLU C 731 14.67 -23.11 37.46
N ALA C 732 14.07 -24.20 36.98
CA ALA C 732 14.28 -24.56 35.60
C ALA C 732 14.13 -23.29 34.75
N ALA C 733 13.43 -22.29 35.31
CA ALA C 733 13.18 -21.01 34.64
C ALA C 733 14.36 -20.07 34.75
N LEU C 734 14.51 -19.47 35.92
CA LEU C 734 15.61 -18.55 36.19
C LEU C 734 16.81 -19.12 35.47
N ARG C 735 16.90 -20.44 35.55
CA ARG C 735 17.95 -21.24 34.96
C ARG C 735 19.10 -20.60 34.21
N ASP C 736 18.87 -19.51 33.50
CA ASP C 736 19.95 -18.87 32.77
C ASP C 736 20.13 -17.40 33.13
N LEU C 737 20.28 -17.13 34.41
CA LEU C 737 20.45 -15.77 34.88
C LEU C 737 21.56 -15.71 35.92
N ASP C 738 22.77 -16.04 35.48
CA ASP C 738 23.94 -16.04 36.37
C ASP C 738 24.20 -14.63 36.92
N GLU C 739 24.06 -13.64 36.05
CA GLU C 739 24.31 -12.22 36.35
C GLU C 739 23.55 -11.60 37.53
N GLU C 740 22.76 -12.40 38.23
CA GLU C 740 21.99 -11.94 39.39
C GLU C 740 20.81 -11.06 38.98
N GLY C 741 20.14 -11.47 37.92
CA GLY C 741 18.99 -10.74 37.39
C GLY C 741 19.06 -10.63 35.87
N ILE C 742 20.26 -10.68 35.32
CA ILE C 742 20.44 -10.59 33.89
C ILE C 742 20.61 -11.98 33.30
N VAL C 743 20.29 -12.08 32.02
CA VAL C 743 20.44 -13.32 31.28
C VAL C 743 21.92 -13.39 30.91
N ARG C 744 22.49 -14.58 30.96
CA ARG C 744 23.90 -14.73 30.60
C ARG C 744 24.01 -14.63 29.09
N ILE C 745 25.18 -14.28 28.61
CA ILE C 745 25.42 -14.17 27.18
C ILE C 745 25.63 -15.57 26.59
N GLY C 746 25.09 -15.79 25.39
CA GLY C 746 25.23 -17.09 24.75
C GLY C 746 24.07 -18.00 25.10
N ALA C 747 23.04 -17.42 25.70
CA ALA C 747 21.86 -18.15 26.11
C ALA C 747 20.86 -18.21 24.97
N GLU C 748 20.17 -19.35 24.81
CA GLU C 748 19.18 -19.47 23.76
C GLU C 748 17.87 -18.92 24.30
N VAL C 749 17.33 -17.93 23.60
CA VAL C 749 16.10 -17.29 24.03
C VAL C 749 14.85 -17.84 23.35
N LYS C 750 13.75 -17.76 24.09
CA LYS C 750 12.45 -18.21 23.64
C LYS C 750 11.51 -17.07 24.03
N PRO C 751 10.18 -17.24 23.87
CA PRO C 751 9.26 -16.17 24.25
C PRO C 751 8.74 -16.42 25.66
N GLY C 752 8.34 -15.37 26.36
CA GLY C 752 7.83 -15.56 27.72
C GLY C 752 8.94 -15.94 28.67
N ASP C 753 9.94 -16.66 28.15
CA ASP C 753 11.08 -17.07 28.95
C ASP C 753 11.67 -15.76 29.53
N ILE C 754 12.34 -15.85 30.66
CA ILE C 754 12.90 -14.67 31.31
C ILE C 754 14.08 -14.03 30.65
N LEU C 755 14.14 -12.71 30.75
CA LEU C 755 15.22 -11.93 30.16
C LEU C 755 15.83 -11.06 31.25
N VAL C 756 14.97 -10.32 31.95
CA VAL C 756 15.44 -9.45 33.01
C VAL C 756 14.43 -9.34 34.15
N GLY C 757 14.70 -10.03 35.25
CA GLY C 757 13.80 -9.95 36.40
C GLY C 757 13.78 -8.52 36.88
N ARG C 758 12.74 -8.12 37.59
CA ARG C 758 12.62 -6.76 38.09
C ARG C 758 11.40 -6.70 39.02
N THR C 759 11.65 -6.75 40.33
CA THR C 759 10.57 -6.74 41.32
C THR C 759 10.16 -5.42 41.94
N SER C 760 8.88 -5.10 41.80
CA SER C 760 8.31 -3.87 42.33
C SER C 760 7.24 -4.29 43.31
N PHE C 761 7.10 -3.53 44.40
CA PHE C 761 6.11 -3.83 45.43
C PHE C 761 4.67 -3.66 44.96
N LYS C 762 4.21 -2.41 44.92
CA LYS C 762 2.84 -2.11 44.52
C LYS C 762 1.83 -2.91 45.31
N GLY C 763 0.60 -2.90 44.81
CA GLY C 763 -0.48 -3.60 45.48
C GLY C 763 -1.30 -2.66 46.35
N GLU C 764 -1.65 -3.12 47.54
CA GLU C 764 -2.43 -2.39 48.50
C GLU C 764 -3.90 -2.68 48.21
N GLN C 765 -4.11 -3.40 47.11
CA GLN C 765 -5.45 -3.77 46.64
C GLN C 765 -5.60 -5.28 46.50
N GLU C 766 -6.83 -5.69 46.21
CA GLU C 766 -7.26 -7.05 46.04
C GLU C 766 -7.75 -7.33 44.63
N PRO C 767 -7.30 -8.44 44.03
CA PRO C 767 -7.68 -8.72 42.65
C PRO C 767 -9.23 -8.51 42.36
N SER C 768 -10.15 -9.60 42.29
CA SER C 768 -11.69 -9.66 42.00
C SER C 768 -11.99 -10.44 40.65
N PRO C 769 -13.04 -10.04 39.87
CA PRO C 769 -13.33 -10.67 38.46
C PRO C 769 -12.37 -10.16 37.32
N GLU C 770 -12.66 -10.41 36.01
CA GLU C 770 -11.93 -9.92 34.79
C GLU C 770 -10.41 -9.88 34.82
N GLU C 771 -9.88 -10.59 35.83
CA GLU C 771 -8.44 -10.76 36.13
C GLU C 771 -8.21 -11.82 37.28
N ARG C 772 -9.01 -12.92 37.39
CA ARG C 772 -8.94 -13.88 38.47
C ARG C 772 -9.52 -15.22 38.04
N LEU C 773 -9.63 -15.01 36.77
CA LEU C 773 -10.01 -15.93 35.82
C LEU C 773 -8.73 -15.99 34.96
N LEU C 774 -8.19 -14.80 34.55
CA LEU C 774 -6.86 -14.60 33.84
C LEU C 774 -5.89 -14.84 34.97
N ARG C 775 -5.40 -13.78 35.52
CA ARG C 775 -4.71 -13.66 36.79
C ARG C 775 -3.81 -14.86 37.05
N SER C 776 -4.45 -16.00 37.32
CA SER C 776 -3.82 -17.26 37.58
C SER C 776 -3.17 -17.62 36.32
N ILE C 777 -3.51 -16.82 35.39
CA ILE C 777 -2.69 -16.89 34.30
C ILE C 777 -1.56 -15.89 34.77
N PHE C 778 -1.82 -14.71 35.40
CA PHE C 778 -0.56 -13.96 35.81
C PHE C 778 -0.11 -14.16 37.31
N GLY C 779 -0.89 -14.75 38.25
CA GLY C 779 -0.43 -14.97 39.61
C GLY C 779 -0.59 -16.45 40.10
N GLU C 780 -1.40 -16.59 41.15
CA GLU C 780 -1.75 -17.76 41.96
C GLU C 780 -1.99 -16.93 43.15
N LYS C 781 -2.71 -15.94 42.77
CA LYS C 781 -3.03 -14.89 43.62
C LYS C 781 -1.75 -14.33 44.06
N ALA C 782 -0.89 -14.88 44.83
CA ALA C 782 0.02 -13.76 44.95
C ALA C 782 1.27 -13.81 45.76
N ARG C 783 1.69 -12.54 45.97
CA ARG C 783 2.93 -12.21 46.65
C ARG C 783 3.04 -10.73 47.18
N ASP C 784 3.96 -10.52 48.15
CA ASP C 784 4.24 -9.19 48.77
C ASP C 784 5.25 -8.34 47.96
N VAL C 785 5.71 -8.94 46.84
CA VAL C 785 6.64 -8.35 45.87
C VAL C 785 6.34 -9.08 44.54
N LYS C 786 5.98 -8.34 43.48
CA LYS C 786 5.64 -9.04 42.26
C LYS C 786 6.69 -9.19 41.16
N ASP C 787 6.42 -10.18 40.29
CA ASP C 787 7.23 -10.59 39.13
C ASP C 787 7.72 -9.46 38.22
N THR C 788 6.78 -8.83 37.53
CA THR C 788 7.05 -7.73 36.59
C THR C 788 8.41 -7.74 35.88
N SER C 789 8.98 -8.92 35.71
CA SER C 789 10.27 -9.04 35.04
C SER C 789 10.10 -8.78 33.53
N LEU C 790 11.21 -8.75 32.80
CA LEU C 790 11.16 -8.48 31.36
C LEU C 790 10.33 -9.54 30.63
N ARG C 791 11.02 -10.59 30.17
CA ARG C 791 10.39 -11.69 29.43
C ARG C 791 10.31 -11.38 27.93
N VAL C 792 10.54 -12.39 27.09
CA VAL C 792 10.56 -12.18 25.63
C VAL C 792 9.19 -11.99 24.96
N PRO C 793 8.96 -10.81 24.31
CA PRO C 793 7.71 -10.51 23.62
C PRO C 793 7.43 -11.48 22.46
N PRO C 794 6.21 -12.04 22.41
CA PRO C 794 5.77 -12.99 21.39
C PRO C 794 6.45 -13.00 20.02
N GLY C 795 6.87 -14.19 19.60
CA GLY C 795 7.51 -14.35 18.31
C GLY C 795 9.01 -14.12 18.22
N GLU C 796 9.45 -12.90 18.51
CA GLU C 796 10.87 -12.52 18.45
C GLU C 796 11.80 -13.56 19.04
N GLY C 797 12.91 -13.07 19.61
CA GLY C 797 13.86 -13.97 20.23
C GLY C 797 15.14 -14.20 19.45
N GLY C 798 15.90 -15.21 19.89
CA GLY C 798 17.16 -15.54 19.26
C GLY C 798 18.24 -15.89 20.26
N ILE C 799 19.51 -15.80 19.86
CA ILE C 799 20.60 -16.09 20.76
C ILE C 799 21.21 -14.80 21.25
N VAL C 800 21.30 -14.65 22.56
CA VAL C 800 21.84 -13.46 23.18
C VAL C 800 23.25 -13.22 22.66
N VAL C 801 23.98 -12.29 23.27
CA VAL C 801 25.34 -11.98 22.86
C VAL C 801 25.83 -10.64 23.40
N GLY C 802 24.97 -9.93 24.11
CA GLY C 802 25.38 -8.65 24.67
C GLY C 802 24.50 -8.06 25.75
N ARG C 803 25.11 -7.73 26.90
CA ARG C 803 24.43 -7.12 28.05
C ARG C 803 25.13 -5.82 28.49
N LEU C 804 24.34 -4.80 28.86
CA LEU C 804 24.89 -3.51 29.30
C LEU C 804 24.21 -3.14 30.61
N ARG C 805 24.96 -2.51 31.50
CA ARG C 805 24.41 -2.11 32.80
C ARG C 805 24.81 -0.69 33.19
N LEU C 806 23.92 -0.03 33.92
CA LEU C 806 24.14 1.33 34.41
C LEU C 806 23.52 1.36 35.80
N ARG C 807 23.49 2.54 36.40
CA ARG C 807 22.89 2.72 37.74
C ARG C 807 23.04 4.21 38.09
N ARG C 808 21.92 4.89 38.28
CA ARG C 808 21.92 6.32 38.60
C ARG C 808 23.09 6.69 39.53
N GLY C 809 24.17 7.16 38.93
CA GLY C 809 25.34 7.54 39.70
C GLY C 809 26.71 7.30 39.06
N ASP C 810 26.77 6.49 38.00
CA ASP C 810 28.06 6.21 37.32
C ASP C 810 28.70 7.55 36.92
N PRO C 811 29.94 7.52 36.41
CA PRO C 811 30.54 8.80 36.03
C PRO C 811 29.67 9.66 35.10
N GLY C 812 29.41 9.13 33.91
CA GLY C 812 28.61 9.89 32.95
C GLY C 812 27.16 9.46 32.79
N VAL C 813 26.77 8.37 33.46
CA VAL C 813 25.41 7.86 33.36
C VAL C 813 24.40 8.76 34.07
N GLU C 814 23.59 9.46 33.28
CA GLU C 814 22.57 10.34 33.83
C GLU C 814 21.16 9.85 33.50
N LEU C 815 20.44 9.48 34.56
CA LEU C 815 19.09 8.99 34.43
C LEU C 815 18.07 10.11 34.71
N LYS C 816 16.97 10.03 33.97
CA LYS C 816 15.86 10.98 34.02
C LYS C 816 15.27 11.26 35.43
N PRO C 817 14.00 11.77 35.50
CA PRO C 817 13.37 12.06 36.79
C PRO C 817 12.53 10.90 37.36
N GLY C 818 13.10 10.19 38.34
CA GLY C 818 12.39 9.08 38.95
C GLY C 818 13.05 7.75 38.72
N VAL C 819 13.84 7.64 37.64
CA VAL C 819 14.50 6.38 37.32
C VAL C 819 15.86 6.11 37.99
N ARG C 820 16.18 4.82 38.10
CA ARG C 820 17.41 4.35 38.72
C ARG C 820 17.77 3.00 38.04
N GLU C 821 19.03 2.82 37.68
CA GLU C 821 19.51 1.57 37.05
C GLU C 821 18.83 1.18 35.74
N VAL C 822 19.64 0.99 34.69
CA VAL C 822 19.15 0.60 33.37
C VAL C 822 19.78 -0.73 32.97
N VAL C 823 19.19 -1.39 31.98
CA VAL C 823 19.72 -2.65 31.50
C VAL C 823 19.28 -2.82 30.05
N ARG C 824 20.13 -3.43 29.24
CA ARG C 824 19.81 -3.67 27.84
C ARG C 824 20.40 -4.99 27.35
N VAL C 825 19.56 -5.96 27.05
CA VAL C 825 20.03 -7.24 26.56
C VAL C 825 19.96 -7.28 25.05
N PHE C 826 20.97 -7.87 24.44
CA PHE C 826 21.06 -7.95 23.00
C PHE C 826 21.10 -9.40 22.51
N VAL C 827 20.03 -9.80 21.85
CA VAL C 827 19.87 -11.14 21.31
C VAL C 827 19.62 -10.97 19.82
N ALA C 828 20.19 -11.86 18.99
CA ALA C 828 20.01 -11.74 17.54
C ALA C 828 19.28 -12.90 16.92
N GLN C 829 19.55 -13.51 15.56
CA GLN C 829 18.92 -14.61 14.83
C GLN C 829 19.35 -14.71 13.34
N LYS C 830 19.32 -15.94 12.79
CA LYS C 830 19.64 -16.13 11.37
C LYS C 830 18.25 -16.00 10.78
N ARG C 831 18.12 -15.68 9.51
CA ARG C 831 16.77 -15.56 8.99
C ARG C 831 16.42 -16.13 7.63
N LYS C 832 17.44 -16.57 6.89
CA LYS C 832 17.21 -17.14 5.56
C LYS C 832 15.99 -16.53 4.87
N LEU C 833 15.38 -17.32 4.01
CA LEU C 833 14.20 -16.86 3.31
C LEU C 833 13.00 -17.52 3.97
N GLN C 834 11.86 -16.85 3.86
CA GLN C 834 10.60 -17.35 4.40
C GLN C 834 9.53 -16.95 3.41
N VAL C 835 8.83 -17.93 2.85
CA VAL C 835 7.79 -17.65 1.87
C VAL C 835 7.09 -16.34 2.20
N GLY C 836 7.19 -15.39 1.29
CA GLY C 836 6.56 -14.12 1.52
C GLY C 836 7.59 -13.02 1.65
N ASP C 837 8.78 -13.35 2.13
CA ASP C 837 9.80 -12.31 2.27
C ASP C 837 9.86 -11.42 1.04
N LYS C 838 10.27 -10.18 1.23
CA LYS C 838 10.35 -9.21 0.16
C LYS C 838 11.72 -9.11 -0.51
N LEU C 839 11.71 -8.90 -1.83
CA LEU C 839 12.94 -8.73 -2.59
C LEU C 839 12.69 -8.22 -4.00
N ALA C 840 13.68 -7.52 -4.57
CA ALA C 840 13.57 -6.92 -5.91
C ALA C 840 14.90 -6.55 -6.58
N ASN C 841 14.79 -6.07 -7.83
CA ASN C 841 15.95 -5.67 -8.60
C ASN C 841 16.06 -4.16 -8.61
N ARG C 842 17.21 -3.66 -8.98
CA ARG C 842 17.42 -2.24 -9.02
C ARG C 842 16.45 -1.66 -10.02
N HIS C 843 16.01 -2.48 -10.96
CA HIS C 843 15.12 -2.02 -12.01
C HIS C 843 13.65 -1.87 -11.62
N GLY C 844 13.39 -1.76 -10.33
CA GLY C 844 12.03 -1.57 -9.87
C GLY C 844 11.01 -2.65 -10.18
N ASN C 845 11.31 -3.87 -9.72
CA ASN C 845 10.42 -5.01 -9.94
C ASN C 845 10.08 -5.64 -8.60
N LYS C 846 10.11 -4.84 -7.54
CA LYS C 846 9.79 -5.34 -6.21
C LYS C 846 8.95 -6.59 -6.30
N GLY C 847 9.34 -7.65 -5.60
CA GLY C 847 8.56 -8.87 -5.68
C GLY C 847 8.85 -9.86 -4.57
N VAL C 848 7.82 -10.24 -3.84
CA VAL C 848 8.00 -11.18 -2.76
C VAL C 848 7.88 -12.58 -3.28
N VAL C 849 7.90 -13.55 -2.37
CA VAL C 849 7.82 -14.94 -2.76
C VAL C 849 6.66 -15.68 -2.14
N ALA C 850 6.13 -16.65 -2.88
CA ALA C 850 5.01 -17.42 -2.41
C ALA C 850 5.30 -18.91 -2.41
N LYS C 851 6.23 -19.34 -3.25
CA LYS C 851 6.51 -20.76 -3.32
C LYS C 851 7.96 -21.15 -3.50
N ILE C 852 8.59 -21.53 -2.40
CA ILE C 852 9.98 -21.98 -2.42
C ILE C 852 9.85 -23.39 -2.98
N LEU C 853 10.36 -23.64 -4.17
CA LEU C 853 10.21 -24.98 -4.68
C LEU C 853 11.47 -25.79 -4.73
N PRO C 854 11.33 -27.08 -4.42
CA PRO C 854 12.43 -28.05 -4.40
C PRO C 854 13.27 -28.09 -5.68
N VAL C 855 14.55 -28.40 -5.53
CA VAL C 855 15.45 -28.48 -6.67
C VAL C 855 15.02 -29.58 -7.63
N GLU C 856 13.90 -30.25 -7.34
CA GLU C 856 13.38 -31.30 -8.22
C GLU C 856 12.48 -30.64 -9.25
N ASP C 857 11.74 -29.61 -8.82
CA ASP C 857 10.87 -28.84 -9.69
C ASP C 857 11.94 -27.91 -10.28
N MET C 858 11.73 -26.60 -10.24
CA MET C 858 12.74 -25.65 -10.69
C MET C 858 13.30 -25.77 -12.09
N PRO C 859 12.45 -25.59 -13.12
CA PRO C 859 12.87 -25.68 -14.50
C PRO C 859 14.36 -25.50 -14.63
N HIS C 860 15.02 -26.54 -15.08
CA HIS C 860 16.46 -26.53 -15.24
C HIS C 860 16.86 -26.47 -16.70
N LEU C 861 18.12 -26.09 -16.93
CA LEU C 861 18.69 -25.98 -18.27
C LEU C 861 18.95 -27.39 -18.78
N PRO C 862 19.52 -27.52 -19.98
CA PRO C 862 19.75 -28.88 -20.47
C PRO C 862 20.94 -29.63 -19.81
N ASP C 863 21.93 -28.88 -19.38
CA ASP C 863 23.12 -29.45 -18.76
C ASP C 863 22.97 -29.73 -17.27
N GLY C 864 21.75 -30.02 -16.85
CA GLY C 864 21.49 -30.34 -15.44
C GLY C 864 21.23 -29.21 -14.47
N THR C 865 22.16 -28.25 -14.40
CA THR C 865 22.08 -27.09 -13.52
C THR C 865 20.72 -26.35 -13.62
N PRO C 866 19.99 -26.22 -12.49
CA PRO C 866 18.69 -25.55 -12.47
C PRO C 866 18.81 -24.05 -12.22
N VAL C 867 17.75 -23.30 -12.56
CA VAL C 867 17.73 -21.87 -12.34
C VAL C 867 17.64 -21.61 -10.86
N ASP C 868 17.11 -20.46 -10.48
CA ASP C 868 16.97 -20.13 -9.07
C ASP C 868 15.62 -19.49 -8.90
N VAL C 869 15.52 -18.28 -9.39
CA VAL C 869 14.29 -17.57 -9.28
C VAL C 869 13.59 -17.53 -10.60
N ILE C 870 12.28 -17.73 -10.56
CA ILE C 870 11.50 -17.67 -11.77
C ILE C 870 10.99 -16.25 -11.73
N LEU C 871 11.32 -15.45 -12.73
CA LEU C 871 10.82 -14.07 -12.73
C LEU C 871 9.81 -13.92 -13.84
N ASN C 872 8.55 -14.15 -13.51
CA ASN C 872 7.53 -14.03 -14.52
C ASN C 872 7.70 -12.73 -15.26
N PRO C 873 7.30 -12.71 -16.53
CA PRO C 873 7.35 -11.60 -17.48
C PRO C 873 6.33 -10.51 -17.20
N LEU C 874 5.08 -10.92 -17.14
CA LEU C 874 3.97 -10.01 -16.89
C LEU C 874 4.33 -8.73 -16.14
N GLY C 875 5.12 -8.86 -15.08
CA GLY C 875 5.48 -7.68 -14.31
C GLY C 875 6.40 -6.71 -15.00
N VAL C 876 6.67 -6.92 -16.28
CA VAL C 876 7.56 -6.01 -16.97
C VAL C 876 6.85 -5.08 -17.89
N PRO C 877 5.90 -5.60 -18.69
CA PRO C 877 5.14 -4.78 -19.63
C PRO C 877 4.63 -3.41 -19.18
N SER C 878 3.46 -3.35 -18.55
CA SER C 878 2.89 -2.07 -18.12
C SER C 878 3.92 -1.08 -17.55
N ARG C 879 5.00 -1.61 -16.99
CA ARG C 879 6.06 -0.77 -16.45
C ARG C 879 7.07 -0.78 -17.58
N MET C 880 7.95 0.21 -17.65
CA MET C 880 8.90 0.20 -18.75
C MET C 880 10.33 0.10 -18.30
N ASN C 881 10.66 -1.04 -17.71
CA ASN C 881 12.00 -1.27 -17.21
C ASN C 881 12.74 -2.34 -17.99
N LEU C 882 12.92 -2.14 -19.28
CA LEU C 882 13.63 -3.12 -20.07
C LEU C 882 14.90 -3.55 -19.40
N GLY C 883 15.87 -2.65 -19.40
CA GLY C 883 17.18 -2.87 -18.81
C GLY C 883 17.33 -4.07 -17.90
N GLN C 884 16.38 -4.27 -16.99
CA GLN C 884 16.48 -5.41 -16.09
C GLN C 884 16.60 -6.64 -16.94
N ILE C 885 15.77 -6.69 -17.96
CA ILE C 885 15.81 -7.80 -18.86
C ILE C 885 17.21 -7.81 -19.45
N LEU C 886 17.78 -6.63 -19.64
CA LEU C 886 19.12 -6.56 -20.22
C LEU C 886 20.20 -7.10 -19.32
N GLU C 887 19.96 -7.06 -18.02
CA GLU C 887 20.93 -7.56 -17.04
C GLU C 887 21.00 -9.08 -17.09
N THR C 888 19.84 -9.70 -17.30
CA THR C 888 19.69 -11.15 -17.37
C THR C 888 20.51 -11.71 -18.52
N HIS C 889 20.41 -11.05 -19.67
CA HIS C 889 21.14 -11.43 -20.85
C HIS C 889 22.62 -11.41 -20.48
N LEU C 890 23.13 -10.21 -20.18
CA LEU C 890 24.52 -10.07 -19.79
C LEU C 890 24.79 -11.17 -18.77
N GLY C 891 23.77 -11.48 -17.98
CA GLY C 891 23.90 -12.54 -16.99
C GLY C 891 24.41 -13.80 -17.67
N LEU C 892 23.54 -14.58 -18.28
CA LEU C 892 23.97 -15.80 -18.94
C LEU C 892 25.35 -15.57 -19.54
N ALA C 893 25.55 -14.39 -20.10
CA ALA C 893 26.85 -14.09 -20.67
C ALA C 893 27.85 -14.31 -19.55
N GLY C 894 27.86 -13.39 -18.61
CA GLY C 894 28.78 -13.49 -17.49
C GLY C 894 28.88 -14.83 -16.79
N TYR C 895 27.96 -15.75 -17.06
CA TYR C 895 28.03 -17.05 -16.42
C TYR C 895 29.15 -17.81 -17.09
N PHE C 896 28.82 -18.49 -18.19
CA PHE C 896 29.80 -19.26 -18.94
C PHE C 896 31.05 -18.44 -19.25
N LEU C 897 30.89 -17.14 -19.39
CA LEU C 897 32.01 -16.27 -19.72
C LEU C 897 32.93 -15.99 -18.53
N GLY C 898 32.44 -16.32 -17.34
CA GLY C 898 33.23 -16.12 -16.13
C GLY C 898 33.74 -14.72 -15.91
N GLN C 899 32.84 -13.82 -15.51
CA GLN C 899 33.23 -12.45 -15.27
C GLN C 899 32.17 -11.52 -14.71
N ARG C 900 32.54 -10.25 -14.70
CA ARG C 900 31.75 -9.12 -14.22
C ARG C 900 31.99 -8.00 -15.24
N TYR C 901 31.04 -7.09 -15.34
CA TYR C 901 31.15 -6.00 -16.29
C TYR C 901 30.62 -4.73 -15.60
N ILE C 902 30.84 -3.58 -16.23
CA ILE C 902 30.39 -2.28 -15.73
C ILE C 902 29.72 -1.48 -16.84
N SER C 903 28.39 -1.44 -16.83
CA SER C 903 27.62 -0.73 -17.84
C SER C 903 27.12 0.58 -17.22
N PRO C 904 28.03 1.53 -16.98
CA PRO C 904 27.67 2.82 -16.37
C PRO C 904 26.52 3.55 -17.02
N VAL C 905 26.16 4.67 -16.40
CA VAL C 905 25.06 5.53 -16.85
C VAL C 905 25.12 5.95 -18.31
N PHE C 906 24.14 5.52 -19.09
CA PHE C 906 24.06 5.87 -20.51
C PHE C 906 25.40 5.68 -21.21
N ASP C 907 26.25 4.85 -20.59
CA ASP C 907 27.58 4.57 -21.09
C ASP C 907 27.78 3.06 -21.17
N GLY C 908 26.78 2.30 -20.70
CA GLY C 908 26.88 0.85 -20.71
C GLY C 908 27.16 0.21 -22.05
N ALA C 909 27.20 -1.11 -22.09
CA ALA C 909 27.47 -1.84 -23.32
C ALA C 909 26.34 -1.62 -24.34
N THR C 910 26.14 -2.59 -25.23
CA THR C 910 25.09 -2.45 -26.23
C THR C 910 24.68 -3.76 -26.85
N GLU C 911 23.46 -3.78 -27.38
CA GLU C 911 22.91 -4.97 -28.01
C GLU C 911 23.93 -5.57 -28.97
N PRO C 912 24.51 -4.75 -29.85
CA PRO C 912 25.50 -5.34 -30.77
C PRO C 912 26.74 -5.82 -30.01
N GLU C 913 27.12 -5.11 -28.95
CA GLU C 913 28.29 -5.47 -28.15
C GLU C 913 28.05 -6.67 -27.26
N ILE C 914 26.81 -6.84 -26.84
CA ILE C 914 26.44 -7.93 -25.95
C ILE C 914 26.23 -9.22 -26.69
N LYS C 915 25.53 -9.16 -27.80
CA LYS C 915 25.31 -10.35 -28.58
C LYS C 915 26.69 -10.98 -28.70
N GLU C 916 27.70 -10.12 -28.89
CA GLU C 916 29.10 -10.54 -29.04
C GLU C 916 29.57 -11.54 -27.97
N LEU C 917 29.49 -11.14 -26.70
CA LEU C 917 29.93 -12.02 -25.62
C LEU C 917 28.95 -13.15 -25.44
N LEU C 918 27.67 -12.85 -25.64
CA LEU C 918 26.64 -13.86 -25.50
C LEU C 918 26.99 -15.06 -26.36
N ALA C 919 27.40 -14.79 -27.59
CA ALA C 919 27.79 -15.87 -28.49
C ALA C 919 29.15 -16.36 -28.01
N GLU C 920 29.96 -15.40 -27.54
CA GLU C 920 31.29 -15.69 -27.03
C GLU C 920 31.17 -16.67 -25.87
N ALA C 921 30.01 -16.67 -25.24
CA ALA C 921 29.75 -17.57 -24.13
C ALA C 921 29.26 -18.89 -24.70
N PHE C 922 28.44 -18.81 -25.74
CA PHE C 922 27.90 -20.01 -26.35
C PHE C 922 28.99 -20.87 -26.97
N ASN C 923 29.88 -20.24 -27.71
CA ASN C 923 30.97 -20.96 -28.34
C ASN C 923 31.68 -21.77 -27.23
N LEU C 924 31.81 -21.15 -26.06
CA LEU C 924 32.45 -21.77 -24.89
C LEU C 924 31.55 -22.84 -24.30
N TYR C 925 30.45 -22.37 -23.71
CA TYR C 925 29.45 -23.25 -23.11
C TYR C 925 29.27 -24.51 -23.94
N PHE C 926 28.95 -24.35 -25.22
CA PHE C 926 28.73 -25.51 -26.09
C PHE C 926 30.00 -26.29 -26.35
N GLY C 927 31.14 -25.61 -26.43
CA GLY C 927 32.36 -26.35 -26.65
C GLY C 927 32.47 -27.35 -25.53
N LYS C 928 31.86 -27.01 -24.41
CA LYS C 928 31.86 -27.85 -23.24
C LYS C 928 31.00 -29.08 -23.48
N ARG C 929 29.84 -28.89 -24.11
CA ARG C 929 28.91 -29.99 -24.37
C ARG C 929 29.28 -30.95 -25.51
N GLN C 930 29.63 -30.42 -26.68
CA GLN C 930 30.01 -31.31 -27.76
C GLN C 930 31.29 -32.01 -27.34
N GLY C 931 32.10 -31.28 -26.57
CA GLY C 931 33.35 -31.84 -26.09
C GLY C 931 33.10 -33.05 -25.23
N GLU C 932 31.99 -33.03 -24.48
CA GLU C 932 31.65 -34.15 -23.62
C GLU C 932 31.26 -35.31 -24.51
N GLY C 933 30.69 -34.98 -25.66
CA GLY C 933 30.28 -36.00 -26.62
C GLY C 933 28.85 -35.89 -27.09
N PHE C 934 28.10 -34.94 -26.55
CA PHE C 934 26.71 -34.81 -26.94
C PHE C 934 26.53 -33.66 -27.91
N GLY C 935 25.28 -33.37 -28.21
CA GLY C 935 24.98 -32.29 -29.13
C GLY C 935 23.52 -32.13 -29.51
N VAL C 936 22.74 -31.59 -28.58
CA VAL C 936 21.33 -31.34 -28.80
C VAL C 936 20.52 -32.62 -28.97
N ASP C 937 19.32 -32.64 -28.37
CA ASP C 937 18.43 -33.79 -28.46
C ASP C 937 17.01 -33.44 -28.84
N LYS C 938 16.23 -34.48 -29.11
CA LYS C 938 14.84 -34.34 -29.48
C LYS C 938 14.19 -33.16 -28.74
N ARG C 939 14.26 -33.18 -27.42
CA ARG C 939 13.68 -32.09 -26.67
C ARG C 939 14.05 -30.73 -27.29
N GLU C 940 15.34 -30.45 -27.41
CA GLU C 940 15.79 -29.17 -27.96
C GLU C 940 15.32 -28.85 -29.36
N LYS C 941 15.64 -29.73 -30.31
CA LYS C 941 15.24 -29.50 -31.68
C LYS C 941 13.76 -29.12 -31.73
N GLU C 942 12.91 -29.99 -31.17
CA GLU C 942 11.46 -29.78 -31.14
C GLU C 942 11.11 -28.34 -30.83
N VAL C 943 11.94 -27.73 -30.00
CA VAL C 943 11.76 -26.35 -29.63
C VAL C 943 12.07 -25.60 -30.90
N LEU C 944 13.35 -25.66 -31.26
CA LEU C 944 13.84 -25.01 -32.45
C LEU C 944 12.89 -25.33 -33.60
N ALA C 945 12.19 -26.45 -33.48
CA ALA C 945 11.24 -26.87 -34.49
C ALA C 945 10.22 -25.76 -34.65
N ARG C 946 9.71 -25.28 -33.51
CA ARG C 946 8.74 -24.21 -33.52
C ARG C 946 9.41 -22.85 -33.44
N ALA C 947 10.60 -22.80 -32.85
CA ALA C 947 11.35 -21.55 -32.71
C ALA C 947 11.44 -20.81 -34.05
N GLU C 948 11.44 -21.58 -35.13
CA GLU C 948 11.51 -21.00 -36.47
C GLU C 948 10.12 -20.60 -36.93
N LYS C 949 9.18 -21.54 -36.90
CA LYS C 949 7.80 -21.27 -37.30
C LYS C 949 7.41 -19.95 -36.65
N LEU C 950 8.14 -19.58 -35.61
CA LEU C 950 7.90 -18.35 -34.86
C LEU C 950 8.78 -17.20 -35.32
N GLY C 951 9.68 -17.52 -36.24
CA GLY C 951 10.55 -16.51 -36.81
C GLY C 951 11.59 -15.88 -35.92
N LEU C 952 11.85 -16.47 -34.76
CA LEU C 952 12.87 -15.84 -33.95
C LEU C 952 14.18 -16.41 -34.45
N VAL C 953 14.10 -17.64 -34.96
CA VAL C 953 15.26 -18.34 -35.50
C VAL C 953 15.28 -18.18 -37.02
N SER C 954 16.46 -18.19 -37.62
CA SER C 954 16.57 -18.09 -39.07
C SER C 954 16.35 -19.49 -39.62
N PRO C 955 15.29 -19.68 -40.42
CA PRO C 955 15.01 -21.01 -40.98
C PRO C 955 16.15 -21.52 -41.88
N GLY C 956 16.12 -22.82 -42.19
CA GLY C 956 17.13 -23.41 -43.06
C GLY C 956 18.57 -23.42 -42.53
N LYS C 957 18.75 -23.82 -41.28
CA LYS C 957 20.07 -23.88 -40.68
C LYS C 957 20.08 -24.99 -39.63
N SER C 958 21.13 -25.81 -39.63
CA SER C 958 21.29 -26.94 -38.71
C SER C 958 20.65 -26.70 -37.35
N PRO C 959 20.27 -27.77 -36.64
CA PRO C 959 19.64 -27.56 -35.34
C PRO C 959 20.60 -26.71 -34.51
N GLU C 960 21.81 -27.25 -34.36
CA GLU C 960 22.89 -26.62 -33.62
C GLU C 960 22.90 -25.10 -33.70
N GLU C 961 22.82 -24.57 -34.92
CA GLU C 961 22.84 -23.13 -35.15
C GLU C 961 21.58 -22.47 -34.60
N GLN C 962 20.42 -23.01 -34.95
CA GLN C 962 19.17 -22.45 -34.47
C GLN C 962 19.28 -22.27 -32.97
N LEU C 963 20.22 -22.99 -32.37
CA LEU C 963 20.47 -22.86 -30.94
C LEU C 963 21.23 -21.54 -30.80
N LYS C 964 22.52 -21.52 -31.15
CA LYS C 964 23.34 -20.31 -31.06
C LYS C 964 22.54 -19.09 -31.47
N GLU C 965 22.05 -19.13 -32.70
CA GLU C 965 21.23 -18.04 -33.21
C GLU C 965 20.37 -17.61 -32.04
N LEU C 966 19.56 -18.53 -31.55
CA LEU C 966 18.66 -18.28 -30.42
C LEU C 966 19.41 -17.92 -29.13
N PHE C 967 20.38 -18.74 -28.76
CA PHE C 967 21.16 -18.50 -27.56
C PHE C 967 21.53 -17.04 -27.55
N ASP C 968 22.24 -16.63 -28.59
CA ASP C 968 22.63 -15.25 -28.70
C ASP C 968 21.40 -14.37 -28.56
N LEU C 969 20.24 -14.89 -28.92
CA LEU C 969 19.02 -14.11 -28.80
C LEU C 969 18.61 -14.05 -27.33
N GLY C 970 19.59 -14.25 -26.47
CA GLY C 970 19.40 -14.17 -25.03
C GLY C 970 18.52 -15.19 -24.32
N LYS C 971 17.92 -16.12 -25.06
CA LYS C 971 17.07 -17.13 -24.46
C LYS C 971 17.68 -18.53 -24.63
N VAL C 972 16.82 -19.56 -24.60
CA VAL C 972 17.25 -20.94 -24.78
C VAL C 972 16.14 -21.92 -24.36
N VAL C 973 16.40 -23.20 -24.51
CA VAL C 973 15.42 -24.17 -24.14
C VAL C 973 15.56 -24.47 -22.66
N LEU C 974 14.42 -24.67 -21.99
CA LEU C 974 14.40 -24.97 -20.55
C LEU C 974 13.54 -26.21 -20.27
N TYR C 975 14.06 -27.11 -19.43
CA TYR C 975 13.36 -28.35 -19.06
C TYR C 975 12.58 -28.17 -17.76
N ASP C 976 11.33 -28.65 -17.72
CA ASP C 976 10.57 -28.55 -16.48
C ASP C 976 10.84 -29.80 -15.67
N GLY C 977 11.80 -29.71 -14.76
CA GLY C 977 12.17 -30.85 -13.94
C GLY C 977 11.07 -31.84 -13.60
N ARG C 978 9.84 -31.34 -13.47
CA ARG C 978 8.69 -32.20 -13.15
C ARG C 978 8.36 -33.16 -14.29
N THR C 979 8.28 -32.63 -15.51
CA THR C 979 7.99 -33.43 -16.67
C THR C 979 9.18 -33.31 -17.60
N GLY C 980 9.75 -34.45 -17.99
CA GLY C 980 10.92 -34.45 -18.87
C GLY C 980 10.86 -33.48 -20.04
N GLU C 981 9.65 -33.24 -20.55
CA GLU C 981 9.43 -32.33 -21.67
C GLU C 981 9.87 -30.90 -21.33
N PRO C 982 10.61 -30.25 -22.23
CA PRO C 982 11.06 -28.90 -21.93
C PRO C 982 9.95 -27.93 -22.28
N PHE C 983 10.18 -26.67 -21.97
CA PHE C 983 9.21 -25.67 -22.31
C PHE C 983 9.26 -25.59 -23.81
N GLU C 984 8.14 -25.19 -24.39
CA GLU C 984 7.97 -25.05 -25.84
C GLU C 984 8.07 -23.60 -26.32
N GLY C 985 9.24 -23.02 -26.09
CA GLY C 985 9.49 -21.66 -26.50
C GLY C 985 10.80 -21.33 -25.85
N PRO C 986 11.74 -20.79 -26.60
CA PRO C 986 13.00 -20.49 -25.94
C PRO C 986 12.66 -19.63 -24.74
N ILE C 987 13.53 -19.64 -23.74
CA ILE C 987 13.33 -18.87 -22.51
C ILE C 987 14.50 -17.95 -22.22
N VAL C 988 14.19 -16.69 -21.94
CA VAL C 988 15.24 -15.75 -21.61
C VAL C 988 15.71 -16.14 -20.22
N VAL C 989 17.01 -16.42 -20.08
CA VAL C 989 17.60 -16.81 -18.80
C VAL C 989 18.88 -16.02 -18.52
N GLY C 990 19.31 -16.02 -17.26
CA GLY C 990 20.52 -15.31 -16.94
C GLY C 990 20.67 -15.03 -15.46
N GLN C 991 21.80 -14.41 -15.12
CA GLN C 991 22.10 -14.07 -13.75
C GLN C 991 21.56 -12.67 -13.47
N MET C 992 20.62 -12.57 -12.53
CA MET C 992 20.01 -11.29 -12.16
C MET C 992 20.38 -10.93 -10.72
N PHE C 993 20.91 -9.73 -10.51
CA PHE C 993 21.28 -9.29 -9.18
C PHE C 993 20.00 -8.89 -8.49
N ILE C 994 19.83 -9.34 -7.25
CA ILE C 994 18.64 -9.01 -6.48
C ILE C 994 19.03 -8.53 -5.09
N MET C 995 18.08 -8.55 -4.16
CA MET C 995 18.32 -8.10 -2.80
C MET C 995 17.21 -8.54 -1.84
N LYS C 996 17.43 -8.33 -0.54
CA LYS C 996 16.46 -8.65 0.51
C LYS C 996 16.17 -7.30 1.17
N LEU C 997 14.90 -6.92 1.28
CA LEU C 997 14.57 -5.62 1.86
C LEU C 997 14.24 -5.58 3.35
N TYR C 998 14.18 -4.36 3.88
CA TYR C 998 13.88 -4.13 5.29
C TYR C 998 12.74 -4.99 5.78
N HIS C 999 11.63 -4.98 5.05
CA HIS C 999 10.46 -5.76 5.42
C HIS C 999 10.73 -7.25 5.26
N MET C 1000 10.29 -8.02 6.26
CA MET C 1000 10.44 -9.46 6.30
C MET C 1000 9.34 -9.97 7.21
N VAL C 1001 8.25 -10.43 6.60
CA VAL C 1001 7.10 -10.97 7.31
C VAL C 1001 7.37 -11.19 8.80
N GLU C 1002 8.44 -11.92 9.08
CA GLU C 1002 8.86 -12.24 10.42
C GLU C 1002 8.50 -11.13 11.42
N ASP C 1003 8.63 -9.87 11.00
CA ASP C 1003 8.31 -8.76 11.89
C ASP C 1003 6.86 -8.30 11.78
N LYS C 1004 6.20 -8.72 10.72
CA LYS C 1004 4.78 -8.42 10.54
C LYS C 1004 4.18 -9.74 11.02
N MET C 1005 2.91 -9.99 10.68
CA MET C 1005 2.23 -11.23 11.10
C MET C 1005 1.84 -11.27 12.56
N HIS C 1006 0.55 -11.46 12.82
CA HIS C 1006 0.05 -11.51 14.17
C HIS C 1006 -1.29 -12.20 14.17
N ALA C 1007 -1.87 -12.33 15.35
CA ALA C 1007 -3.15 -12.97 15.52
C ALA C 1007 -3.48 -13.03 17.00
N ARG C 1008 -4.72 -12.67 17.33
CA ARG C 1008 -5.16 -12.67 18.72
C ARG C 1008 -6.59 -13.18 18.88
N SER C 1009 -6.76 -14.28 19.60
CA SER C 1009 -8.09 -14.81 19.86
C SER C 1009 -8.63 -14.05 21.05
N THR C 1010 -7.74 -13.71 21.97
CA THR C 1010 -8.07 -12.94 23.18
C THR C 1010 -6.78 -12.33 23.69
N GLY C 1011 -6.76 -11.96 24.97
CA GLY C 1011 -5.54 -11.39 25.52
C GLY C 1011 -5.68 -10.01 26.14
N PRO C 1012 -4.55 -9.33 26.39
CA PRO C 1012 -4.46 -8.00 27.00
C PRO C 1012 -5.58 -7.03 26.66
N TYR C 1013 -6.44 -6.80 27.65
CA TYR C 1013 -7.57 -5.87 27.53
C TYR C 1013 -7.08 -4.58 28.19
N SER C 1014 -7.12 -3.47 27.46
CA SER C 1014 -6.69 -2.18 28.02
C SER C 1014 -7.55 -1.94 29.23
N LEU C 1015 -7.18 -0.94 30.02
CA LEU C 1015 -7.94 -0.59 31.22
C LEU C 1015 -8.43 0.83 31.06
N ILE C 1016 -7.78 1.55 30.17
CA ILE C 1016 -8.14 2.92 29.91
C ILE C 1016 -9.50 2.90 29.23
N THR C 1017 -9.44 2.68 27.92
CA THR C 1017 -10.59 2.62 27.01
C THR C 1017 -11.49 1.39 27.18
N GLN C 1018 -10.96 0.38 27.85
CA GLN C 1018 -11.65 -0.89 28.10
C GLN C 1018 -11.67 -1.72 26.80
N GLN C 1019 -10.48 -2.20 26.40
CA GLN C 1019 -10.35 -2.99 25.18
C GLN C 1019 -8.90 -3.46 24.92
N PRO C 1020 -8.72 -4.44 24.02
CA PRO C 1020 -7.45 -5.07 23.60
C PRO C 1020 -6.34 -4.14 23.10
N LEU C 1021 -5.22 -4.12 23.82
CA LEU C 1021 -4.07 -3.30 23.44
C LEU C 1021 -2.81 -4.02 23.92
N GLY C 1022 -1.65 -3.35 23.84
CA GLY C 1022 -0.40 -3.95 24.28
C GLY C 1022 -0.29 -5.46 24.13
N GLY C 1023 0.36 -6.12 25.07
CA GLY C 1023 0.51 -7.57 25.01
C GLY C 1023 1.72 -8.14 25.73
N LYS C 1024 1.53 -8.47 27.00
CA LYS C 1024 2.61 -9.04 27.84
C LYS C 1024 2.90 -10.51 27.51
N ALA C 1025 1.91 -11.39 27.67
CA ALA C 1025 2.04 -12.83 27.41
C ALA C 1025 1.75 -13.22 25.95
N GLN C 1026 0.50 -13.05 25.56
CA GLN C 1026 0.04 -13.32 24.20
C GLN C 1026 0.03 -11.92 23.58
N PHE C 1027 -0.08 -11.78 22.27
CA PHE C 1027 -0.01 -10.42 21.68
C PHE C 1027 -1.00 -9.91 20.63
N GLY C 1028 -0.76 -8.66 20.25
CA GLY C 1028 -1.55 -7.98 19.24
C GLY C 1028 -2.96 -7.54 19.61
N GLY C 1029 -3.53 -6.73 18.72
CA GLY C 1029 -4.87 -6.22 18.87
C GLY C 1029 -5.24 -5.40 17.65
N GLN C 1030 -5.70 -6.07 16.58
CA GLN C 1030 -6.04 -5.39 15.33
C GLN C 1030 -7.11 -4.30 15.41
N ARG C 1031 -6.94 -3.27 14.58
CA ARG C 1031 -7.86 -2.13 14.53
C ARG C 1031 -9.02 -2.41 13.58
N PHE C 1032 -9.92 -1.44 13.45
CA PHE C 1032 -11.07 -1.57 12.56
C PHE C 1032 -11.70 -0.22 12.26
N GLY C 1033 -11.65 0.19 11.00
CA GLY C 1033 -12.20 1.49 10.64
C GLY C 1033 -13.52 1.59 9.91
N GLU C 1034 -14.05 2.81 9.90
CA GLU C 1034 -15.30 3.17 9.27
C GLU C 1034 -15.51 2.37 8.00
N MET C 1035 -14.62 2.59 7.04
CA MET C 1035 -14.67 1.89 5.77
C MET C 1035 -15.26 0.55 6.13
N GLU C 1036 -14.42 -0.25 6.77
CA GLU C 1036 -14.78 -1.57 7.22
C GLU C 1036 -16.27 -1.67 7.47
N VAL C 1037 -16.74 -0.83 8.38
CA VAL C 1037 -18.14 -0.82 8.76
C VAL C 1037 -19.06 -0.55 7.58
N TRP C 1038 -18.90 0.62 6.97
CA TRP C 1038 -19.76 0.99 5.85
C TRP C 1038 -19.99 -0.21 4.96
N ALA C 1039 -18.91 -0.81 4.52
CA ALA C 1039 -19.04 -1.98 3.67
C ALA C 1039 -19.79 -3.00 4.50
N LEU C 1040 -19.28 -3.28 5.69
CA LEU C 1040 -19.96 -4.23 6.54
C LEU C 1040 -21.42 -3.85 6.31
N GLU C 1041 -21.68 -2.56 6.42
CA GLU C 1041 -23.02 -2.10 6.18
C GLU C 1041 -23.38 -2.54 4.77
N ALA C 1042 -22.51 -2.26 3.81
CA ALA C 1042 -22.77 -2.67 2.44
C ALA C 1042 -23.54 -3.99 2.45
N TYR C 1043 -22.98 -5.02 3.06
CA TYR C 1043 -23.71 -6.30 3.13
C TYR C 1043 -24.66 -6.17 4.31
N GLY C 1044 -25.76 -6.90 4.30
CA GLY C 1044 -26.69 -6.83 5.42
C GLY C 1044 -26.05 -7.52 6.62
N ALA C 1045 -24.73 -7.35 6.70
CA ALA C 1045 -23.90 -7.96 7.73
C ALA C 1045 -24.31 -7.68 9.17
N ALA C 1046 -25.56 -7.27 9.35
CA ALA C 1046 -26.09 -6.97 10.69
C ALA C 1046 -25.12 -7.32 11.81
N HIS C 1047 -25.31 -8.49 12.40
CA HIS C 1047 -24.46 -8.94 13.50
C HIS C 1047 -23.00 -8.79 13.16
N THR C 1048 -22.57 -9.45 12.09
CA THR C 1048 -21.18 -9.38 11.68
C THR C 1048 -20.69 -7.96 11.98
N LEU C 1049 -21.61 -7.00 11.93
CA LEU C 1049 -21.32 -5.61 12.25
C LEU C 1049 -21.29 -5.42 13.76
N GLN C 1050 -22.40 -5.77 14.39
CA GLN C 1050 -22.57 -5.63 15.86
C GLN C 1050 -21.56 -6.44 16.68
N GLU C 1051 -21.31 -7.66 16.24
CA GLU C 1051 -20.35 -8.52 16.93
C GLU C 1051 -18.97 -7.94 16.66
N MET C 1052 -18.90 -7.03 15.70
CA MET C 1052 -17.66 -6.38 15.34
C MET C 1052 -17.53 -5.05 16.09
N LEU C 1053 -18.55 -4.71 16.86
CA LEU C 1053 -18.55 -3.47 17.62
C LEU C 1053 -18.74 -3.72 19.10
N THR C 1054 -18.68 -4.99 19.51
CA THR C 1054 -18.90 -5.32 20.92
C THR C 1054 -17.94 -6.29 21.58
N ILE C 1055 -18.39 -7.54 21.72
CA ILE C 1055 -17.60 -8.59 22.35
C ILE C 1055 -16.23 -8.77 21.77
N LYS C 1056 -15.81 -7.84 20.93
CA LYS C 1056 -14.50 -7.92 20.33
C LYS C 1056 -13.75 -6.64 20.66
N SER C 1057 -14.24 -5.87 21.61
CA SER C 1057 -13.61 -4.62 21.99
C SER C 1057 -14.06 -4.06 23.37
N ASP C 1058 -14.88 -2.84 23.46
CA ASP C 1058 -15.33 -2.20 24.70
C ASP C 1058 -16.22 -3.04 25.63
N ASP C 1059 -17.52 -3.11 25.32
CA ASP C 1059 -18.52 -3.85 26.14
C ASP C 1059 -17.91 -4.98 26.97
N ILE C 1060 -17.28 -4.60 28.08
CA ILE C 1060 -16.63 -5.55 28.97
C ILE C 1060 -17.49 -6.77 29.25
N GLU C 1061 -18.76 -6.56 29.55
CA GLU C 1061 -19.68 -7.66 29.81
C GLU C 1061 -19.33 -8.77 28.81
N GLY C 1062 -19.79 -8.57 27.57
CA GLY C 1062 -19.55 -9.53 26.52
C GLY C 1062 -18.20 -10.24 26.47
N ARG C 1063 -17.15 -9.57 26.00
CA ARG C 1063 -15.83 -10.18 25.88
C ARG C 1063 -15.54 -11.29 26.87
N ASN C 1064 -15.91 -11.09 28.12
CA ASN C 1064 -15.72 -12.14 29.10
C ASN C 1064 -16.83 -13.12 28.75
N ALA C 1065 -18.07 -12.67 28.99
CA ALA C 1065 -19.28 -13.43 28.70
C ALA C 1065 -18.99 -14.30 27.50
N ALA C 1066 -18.76 -13.64 26.37
CA ALA C 1066 -18.45 -14.35 25.16
C ALA C 1066 -17.25 -15.26 25.47
N TYR C 1067 -16.07 -14.68 25.69
CA TYR C 1067 -14.90 -15.51 25.97
C TYR C 1067 -15.30 -16.80 26.66
N GLN C 1068 -16.01 -16.70 27.76
CA GLN C 1068 -16.45 -17.90 28.47
C GLN C 1068 -17.20 -18.75 27.42
N ALA C 1069 -18.35 -18.24 27.00
CA ALA C 1069 -19.22 -18.89 26.04
C ALA C 1069 -18.65 -20.01 25.16
N ILE C 1070 -17.48 -19.78 24.56
CA ILE C 1070 -16.87 -20.80 23.72
C ILE C 1070 -16.23 -21.85 24.57
N ILE C 1071 -15.55 -21.43 25.64
CA ILE C 1071 -14.90 -22.38 26.53
C ILE C 1071 -15.82 -23.57 26.76
N LYS C 1072 -17.12 -23.36 26.51
CA LYS C 1072 -18.13 -24.40 26.65
C LYS C 1072 -18.84 -24.64 25.32
N GLY C 1073 -18.81 -23.64 24.43
CA GLY C 1073 -19.44 -23.81 23.15
C GLY C 1073 -20.94 -23.67 23.24
N GLU C 1074 -21.38 -22.43 23.18
CA GLU C 1074 -22.80 -22.09 23.25
C GLU C 1074 -23.02 -21.11 22.09
N ASP C 1075 -24.18 -20.46 22.00
CA ASP C 1075 -24.40 -19.48 20.93
C ASP C 1075 -23.33 -18.42 21.12
N VAL C 1076 -23.07 -18.11 22.40
CA VAL C 1076 -22.02 -17.20 22.85
C VAL C 1076 -22.20 -15.72 23.19
N PRO C 1077 -22.72 -14.92 22.26
CA PRO C 1077 -22.86 -13.51 22.61
C PRO C 1077 -24.25 -13.09 23.02
N GLU C 1078 -24.86 -12.20 22.23
CA GLU C 1078 -26.19 -11.66 22.47
C GLU C 1078 -26.14 -10.48 23.44
N PRO C 1079 -24.95 -9.86 23.64
CA PRO C 1079 -24.83 -8.73 24.58
C PRO C 1079 -26.08 -7.90 24.85
N SER C 1080 -26.36 -7.68 26.15
CA SER C 1080 -27.53 -6.90 26.64
C SER C 1080 -27.71 -5.62 25.80
N VAL C 1081 -26.96 -4.56 26.13
CA VAL C 1081 -26.99 -3.32 25.35
C VAL C 1081 -25.52 -2.92 25.31
N PRO C 1082 -24.98 -2.70 24.12
CA PRO C 1082 -23.59 -2.32 23.91
C PRO C 1082 -23.05 -1.33 24.93
N GLU C 1083 -21.82 -1.56 25.39
CA GLU C 1083 -21.20 -0.67 26.35
C GLU C 1083 -21.45 0.76 25.89
N SER C 1084 -20.52 1.25 25.10
CA SER C 1084 -20.55 2.59 24.55
C SER C 1084 -21.90 3.34 24.64
N PHE C 1085 -23.01 2.71 24.24
CA PHE C 1085 -24.31 3.39 24.30
C PHE C 1085 -24.44 3.96 25.70
N ARG C 1086 -24.45 3.09 26.70
CA ARG C 1086 -24.56 3.55 28.08
C ARG C 1086 -23.51 4.62 28.34
N VAL C 1087 -22.24 4.26 28.14
CA VAL C 1087 -21.12 5.18 28.35
C VAL C 1087 -21.55 6.59 27.95
N LEU C 1088 -21.76 6.76 26.66
CA LEU C 1088 -22.16 8.05 26.13
C LEU C 1088 -23.31 8.67 26.93
N VAL C 1089 -24.49 8.03 26.89
CA VAL C 1089 -25.62 8.55 27.63
C VAL C 1089 -25.12 9.15 28.93
N LYS C 1090 -24.21 8.41 29.58
CA LYS C 1090 -23.64 8.83 30.86
C LYS C 1090 -22.60 9.94 30.72
N GLU C 1091 -21.85 9.92 29.63
CA GLU C 1091 -20.88 10.97 29.40
C GLU C 1091 -21.74 12.20 29.14
N LEU C 1092 -23.00 11.95 28.80
CA LEU C 1092 -23.97 12.99 28.52
C LEU C 1092 -24.45 13.63 29.80
N GLN C 1093 -25.27 12.89 30.53
CA GLN C 1093 -25.78 13.38 31.79
C GLN C 1093 -24.58 13.92 32.52
N ALA C 1094 -23.44 13.27 32.31
CA ALA C 1094 -22.20 13.73 32.92
C ALA C 1094 -21.91 15.02 32.17
N LEU C 1095 -22.93 15.85 32.06
CA LEU C 1095 -22.83 17.10 31.34
C LEU C 1095 -24.25 17.54 31.05
N ALA C 1096 -25.13 17.37 32.02
CA ALA C 1096 -26.54 17.74 31.88
C ALA C 1096 -27.28 16.89 30.85
N LEU C 1097 -28.56 17.20 30.62
CA LEU C 1097 -29.40 16.50 29.64
C LEU C 1097 -29.70 15.04 29.97
N ASP C 1098 -30.93 14.77 30.35
CA ASP C 1098 -31.34 13.40 30.70
C ASP C 1098 -30.88 12.40 29.65
N VAL C 1099 -31.45 12.46 28.44
CA VAL C 1099 -31.08 11.51 27.39
C VAL C 1099 -31.82 10.21 27.69
N GLN C 1100 -33.14 10.31 27.70
CA GLN C 1100 -34.00 9.18 28.01
C GLN C 1100 -34.04 8.08 26.95
N THR C 1101 -35.06 7.24 27.00
CA THR C 1101 -35.22 6.15 26.04
C THR C 1101 -36.64 5.56 26.08
N LEU C 1102 -37.30 5.54 24.91
CA LEU C 1102 -38.67 5.01 24.75
C LEU C 1102 -38.67 4.00 23.59
N ASP C 1103 -39.80 3.33 23.37
CA ASP C 1103 -39.90 2.34 22.28
C ASP C 1103 -40.72 2.82 21.08
N GLU C 1104 -41.82 2.08 20.83
CA GLU C 1104 -42.78 2.32 19.75
C GLU C 1104 -44.01 3.02 20.34
N LYS C 1105 -44.32 2.71 21.60
CA LYS C 1105 -45.45 3.29 22.31
C LYS C 1105 -45.00 4.47 23.18
N ASP C 1106 -43.73 4.83 23.05
CA ASP C 1106 -43.14 5.93 23.81
C ASP C 1106 -43.36 5.69 25.30
N ASN C 1107 -42.43 4.97 25.93
CA ASN C 1107 -42.50 4.65 27.35
C ASN C 1107 -41.13 4.61 28.01
N PRO C 1108 -41.08 4.73 29.34
CA PRO C 1108 -39.80 4.72 30.05
C PRO C 1108 -38.98 3.46 29.81
N VAL C 1109 -37.69 3.65 29.66
CA VAL C 1109 -36.79 2.53 29.44
C VAL C 1109 -36.35 1.98 30.79
N ASP C 1110 -35.16 1.39 30.80
CA ASP C 1110 -34.54 0.77 31.97
C ASP C 1110 -33.21 0.41 31.34
N ILE C 1111 -32.54 1.45 30.85
CA ILE C 1111 -31.27 1.34 30.16
C ILE C 1111 -30.05 0.91 30.96
N PHE C 1112 -30.12 0.94 32.28
CA PHE C 1112 -28.94 0.58 33.06
C PHE C 1112 -29.06 -0.50 34.14
N GLU C 1113 -30.28 -0.91 34.48
CA GLU C 1113 -30.51 -1.95 35.49
C GLU C 1113 -29.51 -2.01 36.69
N GLY C 1114 -28.87 -0.89 37.03
CA GLY C 1114 -27.91 -0.88 38.13
C GLY C 1114 -27.09 0.37 38.45
N LYS D 3 -38.09 -5.80 27.28
CA LYS D 3 -38.20 -5.04 26.01
C LYS D 3 -36.92 -4.23 25.72
N GLU D 4 -36.54 -4.16 24.44
CA GLU D 4 -35.33 -3.45 23.99
C GLU D 4 -35.60 -2.07 23.35
N VAL D 5 -34.60 -1.19 23.40
CA VAL D 5 -34.69 0.19 22.87
C VAL D 5 -35.45 0.37 21.56
N ARG D 6 -35.89 1.60 21.32
CA ARG D 6 -36.60 1.96 20.11
C ARG D 6 -36.76 3.47 19.98
N LYS D 7 -35.79 4.18 20.55
CA LYS D 7 -35.74 5.65 20.52
C LYS D 7 -34.79 6.16 21.59
N VAL D 8 -34.37 7.42 21.44
CA VAL D 8 -33.49 8.05 22.40
C VAL D 8 -33.80 9.54 22.42
N ARG D 9 -34.50 9.98 23.47
CA ARG D 9 -34.87 11.38 23.62
C ARG D 9 -33.97 12.10 24.60
N ILE D 10 -33.40 13.21 24.15
CA ILE D 10 -32.53 14.00 25.00
C ILE D 10 -33.31 15.09 25.71
N ALA D 11 -33.54 14.89 26.99
CA ALA D 11 -34.25 15.87 27.80
C ALA D 11 -33.15 16.71 28.45
N LEU D 12 -33.54 17.81 29.10
CA LEU D 12 -32.56 18.69 29.73
C LEU D 12 -32.08 18.15 31.08
N ALA D 13 -31.38 18.99 31.84
CA ALA D 13 -30.84 18.65 33.14
C ALA D 13 -31.53 19.47 34.24
N SER D 14 -32.19 18.78 35.18
CA SER D 14 -32.90 19.43 36.27
C SER D 14 -32.13 19.31 37.60
N PRO D 15 -32.12 20.39 38.41
CA PRO D 15 -31.39 20.29 39.67
C PRO D 15 -31.90 19.08 40.42
N GLU D 16 -33.21 19.09 40.64
CA GLU D 16 -33.88 18.00 41.33
C GLU D 16 -33.43 16.64 40.85
N LYS D 17 -33.39 16.47 39.54
CA LYS D 17 -32.99 15.20 38.95
C LYS D 17 -31.49 14.93 38.98
N ILE D 18 -30.65 15.96 38.88
CA ILE D 18 -29.21 15.74 38.91
C ILE D 18 -28.90 15.09 40.23
N ARG D 19 -29.59 15.57 41.26
CA ARG D 19 -29.43 15.06 42.62
C ARG D 19 -30.01 13.65 42.64
N SER D 20 -31.23 13.52 42.12
CA SER D 20 -31.94 12.24 42.07
C SER D 20 -30.95 11.12 41.78
N TRP D 21 -30.08 11.36 40.80
CA TRP D 21 -29.04 10.40 40.42
C TRP D 21 -27.90 10.58 41.42
N SER D 22 -26.68 10.70 40.88
CA SER D 22 -25.51 10.90 41.72
C SER D 22 -25.26 9.84 42.78
N TYR D 23 -26.27 9.02 43.08
CA TYR D 23 -26.17 7.97 44.10
C TYR D 23 -25.57 8.53 45.38
N GLY D 24 -24.32 8.99 45.30
CA GLY D 24 -23.65 9.57 46.44
C GLY D 24 -23.93 11.05 46.59
N GLU D 25 -22.84 11.82 46.70
CA GLU D 25 -22.91 13.26 46.87
C GLU D 25 -21.50 13.69 47.16
N VAL D 26 -20.69 13.79 46.12
CA VAL D 26 -19.31 14.20 46.29
C VAL D 26 -19.23 15.61 46.78
N GLU D 27 -19.99 15.91 47.83
CA GLU D 27 -19.93 17.23 48.40
C GLU D 27 -18.61 17.19 49.16
N LYS D 28 -17.66 16.40 48.65
CA LYS D 28 -16.38 16.24 49.34
C LYS D 28 -15.11 16.49 48.47
N PRO D 29 -13.97 16.89 49.10
CA PRO D 29 -12.63 17.22 48.57
C PRO D 29 -12.05 16.51 47.35
N GLU D 30 -10.80 16.04 47.44
CA GLU D 30 -10.11 15.35 46.33
C GLU D 30 -10.12 13.84 46.58
N THR D 31 -9.81 13.03 45.55
CA THR D 31 -9.84 11.58 45.73
C THR D 31 -8.75 10.75 45.06
N ILE D 32 -8.06 9.99 45.90
CA ILE D 32 -6.96 9.11 45.52
C ILE D 32 -6.21 8.91 46.84
N ASN D 33 -5.07 8.24 46.81
CA ASN D 33 -4.35 8.05 48.06
C ASN D 33 -3.00 7.36 47.90
N TYR D 34 -2.59 7.16 46.65
CA TYR D 34 -1.31 6.51 46.28
C TYR D 34 -0.64 5.47 47.22
N ARG D 35 -0.29 5.88 48.45
CA ARG D 35 0.34 4.99 49.44
C ARG D 35 -0.55 3.77 49.63
N THR D 36 -1.83 4.03 49.93
CA THR D 36 -2.86 2.99 50.12
C THR D 36 -3.99 3.25 49.11
N LEU D 37 -4.16 2.34 48.17
CA LEU D 37 -5.22 2.51 47.19
C LEU D 37 -6.56 2.53 47.92
N LYS D 38 -7.14 3.73 47.97
CA LYS D 38 -8.42 3.99 48.61
C LYS D 38 -8.86 5.44 48.30
N PRO D 39 -10.16 5.66 47.98
CA PRO D 39 -10.77 6.95 47.65
C PRO D 39 -10.26 8.15 48.45
N GLU D 40 -10.85 8.37 49.63
CA GLU D 40 -10.50 9.46 50.56
C GLU D 40 -11.78 9.84 51.27
N ARG D 41 -12.01 9.19 52.42
CA ARG D 41 -13.22 9.39 53.22
C ARG D 41 -14.14 10.42 52.57
N ASP D 42 -14.94 9.92 51.63
CA ASP D 42 -15.87 10.73 50.86
C ASP D 42 -15.06 11.68 49.93
N GLY D 43 -15.26 11.54 48.62
CA GLY D 43 -14.56 12.37 47.64
C GLY D 43 -14.91 12.09 46.18
N LEU D 44 -13.93 11.72 45.36
CA LEU D 44 -14.17 11.41 43.95
C LEU D 44 -14.20 9.91 43.75
N PHE D 45 -13.59 9.18 44.68
CA PHE D 45 -13.54 7.72 44.58
C PHE D 45 -14.21 6.96 45.71
N ASP D 46 -14.60 7.68 46.75
CA ASP D 46 -15.27 7.01 47.85
C ASP D 46 -16.17 6.03 47.15
N GLU D 47 -15.90 4.76 47.33
CA GLU D 47 -16.71 3.76 46.68
C GLU D 47 -18.06 3.64 47.36
N ARG D 48 -18.07 3.74 48.69
CA ARG D 48 -19.30 3.64 49.48
C ARG D 48 -20.52 4.28 48.77
N ILE D 49 -20.26 5.39 48.07
CA ILE D 49 -21.29 6.15 47.33
C ILE D 49 -21.58 5.67 45.90
N PHE D 50 -20.61 5.01 45.27
CA PHE D 50 -20.75 4.51 43.90
C PHE D 50 -20.97 2.99 43.89
N GLY D 51 -19.94 2.29 43.43
CA GLY D 51 -19.96 0.84 43.37
C GLY D 51 -18.62 0.35 43.90
N PRO D 52 -18.50 -0.92 44.34
CA PRO D 52 -17.24 -1.45 44.86
C PRO D 52 -16.15 -1.68 43.83
N ILE D 53 -14.97 -1.12 44.09
CA ILE D 53 -13.82 -1.24 43.19
C ILE D 53 -13.51 -2.72 42.93
N LYS D 54 -13.44 -3.50 44.00
CA LYS D 54 -13.14 -4.92 43.89
C LYS D 54 -14.33 -5.78 43.49
N ASP D 55 -14.13 -7.07 43.68
CA ASP D 55 -15.10 -8.13 43.40
C ASP D 55 -16.20 -8.16 44.46
N TYR D 56 -17.37 -7.64 44.13
CA TYR D 56 -18.46 -7.63 45.09
C TYR D 56 -18.08 -6.87 46.34
N GLU D 57 -17.34 -7.57 47.19
CA GLU D 57 -16.83 -7.10 48.47
C GLU D 57 -16.90 -5.61 48.83
N CYS D 58 -16.91 -5.37 50.14
CA CYS D 58 -16.98 -4.05 50.77
C CYS D 58 -15.63 -3.29 50.73
N ALA D 59 -15.26 -2.71 51.87
CA ALA D 59 -14.01 -1.97 52.04
C ALA D 59 -13.39 -2.59 53.29
N CYS D 60 -14.17 -3.43 53.95
CA CYS D 60 -13.72 -4.14 55.14
C CYS D 60 -13.99 -5.64 54.95
N GLY D 61 -15.12 -6.00 54.33
CA GLY D 61 -15.44 -7.41 54.11
C GLY D 61 -16.79 -7.89 54.62
N LYS D 62 -17.61 -8.43 53.71
CA LYS D 62 -18.95 -8.93 54.05
C LYS D 62 -19.26 -10.15 53.18
N TYR D 63 -20.46 -10.73 53.34
CA TYR D 63 -20.88 -11.90 52.56
C TYR D 63 -21.00 -11.56 51.06
N LYS D 64 -19.97 -11.91 50.29
CA LYS D 64 -19.95 -11.68 48.84
C LYS D 64 -20.93 -12.67 48.23
N ARG D 65 -22.05 -12.81 48.93
CA ARG D 65 -23.12 -13.71 48.55
C ARG D 65 -23.90 -13.16 47.34
N GLN D 66 -24.13 -14.05 46.38
CA GLN D 66 -24.88 -13.76 45.15
C GLN D 66 -26.27 -13.19 45.43
N ARG D 67 -27.03 -13.86 46.29
CA ARG D 67 -28.40 -13.47 46.65
C ARG D 67 -28.48 -12.76 48.04
N PHE D 68 -29.67 -12.20 48.29
CA PHE D 68 -30.11 -11.41 49.48
C PHE D 68 -30.55 -10.02 49.01
N GLU D 69 -29.68 -9.42 48.19
CA GLU D 69 -29.92 -8.09 47.60
C GLU D 69 -29.94 -7.00 48.68
N GLY D 70 -28.97 -6.09 48.60
CA GLY D 70 -28.91 -5.00 49.57
C GLY D 70 -27.78 -5.12 50.57
N LYS D 71 -26.56 -4.96 50.04
CA LYS D 71 -25.36 -5.07 50.85
C LYS D 71 -24.85 -3.72 51.41
N VAL D 72 -24.56 -3.72 52.71
CA VAL D 72 -24.05 -2.54 53.44
C VAL D 72 -23.40 -3.06 54.73
N CYS D 73 -23.08 -2.17 55.68
CA CYS D 73 -22.43 -2.63 56.90
C CYS D 73 -22.73 -1.83 58.19
N GLU D 74 -21.79 -2.00 59.13
CA GLU D 74 -21.76 -1.34 60.43
C GLU D 74 -21.13 0.01 60.11
N ARG D 75 -19.83 -0.04 59.80
CA ARG D 75 -18.98 1.10 59.45
C ARG D 75 -18.31 0.89 58.08
N CYS D 76 -19.06 0.28 57.15
CA CYS D 76 -18.55 0.02 55.81
C CYS D 76 -19.74 -0.11 54.84
N GLY D 77 -20.41 1.00 54.58
CA GLY D 77 -21.56 0.99 53.69
C GLY D 77 -21.26 0.96 52.21
N VAL D 78 -20.50 -0.05 51.77
CA VAL D 78 -20.14 -0.21 50.36
C VAL D 78 -21.04 -1.30 49.75
N GLU D 79 -22.18 -0.88 49.20
CA GLU D 79 -23.12 -1.82 48.61
C GLU D 79 -22.38 -2.84 47.76
N VAL D 80 -22.68 -4.12 47.98
CA VAL D 80 -22.04 -5.19 47.24
C VAL D 80 -22.85 -5.64 46.00
N THR D 81 -22.46 -5.07 44.86
CA THR D 81 -23.04 -5.35 43.55
C THR D 81 -21.92 -5.09 42.55
N ARG D 82 -21.04 -6.10 42.40
CA ARG D 82 -19.85 -6.10 41.52
C ARG D 82 -18.99 -4.82 41.35
N SER D 83 -17.90 -4.94 40.58
CA SER D 83 -16.94 -3.84 40.36
C SER D 83 -17.13 -2.95 39.12
N ILE D 84 -18.02 -3.38 38.22
CA ILE D 84 -18.30 -2.62 36.99
C ILE D 84 -19.09 -1.34 37.21
N VAL D 85 -20.27 -1.45 37.85
CA VAL D 85 -21.15 -0.31 38.08
C VAL D 85 -20.43 1.01 38.43
N ARG D 86 -19.11 0.94 38.64
CA ARG D 86 -18.36 2.16 38.90
C ARG D 86 -18.40 2.95 37.59
N ARG D 87 -18.85 2.28 36.51
CA ARG D 87 -18.95 2.84 35.17
C ARG D 87 -20.21 3.60 34.77
N TYR D 88 -21.08 3.94 35.73
CA TYR D 88 -22.28 4.68 35.38
C TYR D 88 -22.81 5.48 36.55
N ARG D 89 -22.71 4.92 37.75
CA ARG D 89 -23.18 5.61 38.95
C ARG D 89 -22.46 6.94 39.08
N MET D 90 -23.22 8.03 38.95
CA MET D 90 -22.71 9.39 39.02
C MET D 90 -22.65 9.93 40.44
N GLY D 91 -22.30 11.20 40.56
CA GLY D 91 -22.22 11.85 41.85
C GLY D 91 -22.66 13.29 41.67
N HIS D 92 -22.51 14.13 42.70
CA HIS D 92 -22.90 15.53 42.57
C HIS D 92 -22.32 16.45 43.65
N ILE D 93 -22.16 17.70 43.27
CA ILE D 93 -21.66 18.72 44.17
C ILE D 93 -22.74 19.78 44.23
N GLU D 94 -23.72 19.58 45.09
CA GLU D 94 -24.79 20.55 45.27
C GLU D 94 -24.04 21.86 45.40
N LEU D 95 -24.12 22.65 44.34
CA LEU D 95 -23.42 23.92 44.27
C LEU D 95 -23.70 24.95 45.33
N ALA D 96 -22.89 25.99 45.34
CA ALA D 96 -23.02 27.07 46.28
C ALA D 96 -24.22 27.95 45.94
N THR D 97 -24.29 28.47 44.71
CA THR D 97 -25.40 29.36 44.36
C THR D 97 -25.98 29.37 42.92
N PRO D 98 -25.34 30.08 41.96
CA PRO D 98 -25.91 30.10 40.61
C PRO D 98 -25.08 29.32 39.59
N ALA D 99 -25.55 29.24 38.35
CA ALA D 99 -24.81 28.52 37.31
C ALA D 99 -25.12 28.90 35.88
N ALA D 100 -24.26 28.41 34.99
CA ALA D 100 -24.37 28.67 33.57
C ALA D 100 -23.67 27.57 32.79
N HIS D 101 -24.47 26.65 32.25
CA HIS D 101 -23.90 25.58 31.47
C HIS D 101 -23.51 26.17 30.15
N ILE D 102 -22.50 27.03 30.17
CA ILE D 102 -22.00 27.73 29.00
C ILE D 102 -22.76 27.52 27.69
N TRP D 103 -23.03 26.26 27.36
CA TRP D 103 -23.74 25.92 26.14
C TRP D 103 -25.04 26.66 25.92
N PHE D 104 -25.32 27.62 26.78
CA PHE D 104 -26.53 28.43 26.68
C PHE D 104 -26.11 29.87 26.83
N VAL D 105 -24.80 30.05 26.89
CA VAL D 105 -24.15 31.34 27.07
C VAL D 105 -23.25 31.74 25.91
N LYS D 106 -22.28 30.89 25.59
CA LYS D 106 -21.33 31.18 24.52
C LYS D 106 -21.24 30.08 23.45
N ASP D 107 -22.40 29.64 22.96
CA ASP D 107 -22.47 28.61 21.92
C ASP D 107 -22.35 29.24 20.54
N VAL D 108 -23.48 29.71 20.03
CA VAL D 108 -23.54 30.33 18.74
C VAL D 108 -24.64 31.37 18.74
N PRO D 109 -25.88 30.97 19.08
CA PRO D 109 -26.97 31.93 19.11
C PRO D 109 -27.14 32.56 20.48
N SER D 110 -26.60 31.89 21.50
CA SER D 110 -26.69 32.36 22.87
C SER D 110 -28.09 32.07 23.41
N LYS D 111 -28.37 30.77 23.54
CA LYS D 111 -29.65 30.26 23.99
C LYS D 111 -30.37 31.02 25.09
N ILE D 112 -29.64 31.73 25.92
CA ILE D 112 -30.30 32.47 26.98
C ILE D 112 -30.33 33.93 26.66
N GLY D 113 -29.20 34.45 26.21
CA GLY D 113 -29.10 35.85 25.86
C GLY D 113 -29.91 36.13 24.61
N THR D 114 -30.96 35.32 24.45
CA THR D 114 -31.83 35.46 23.32
C THR D 114 -33.22 35.26 23.87
N LEU D 115 -33.44 34.10 24.47
CA LEU D 115 -34.73 33.79 25.04
C LEU D 115 -35.15 34.90 25.97
N LEU D 116 -34.19 35.73 26.36
CA LEU D 116 -34.50 36.84 27.24
C LEU D 116 -33.90 38.12 26.75
N ASP D 117 -33.45 38.13 25.50
CA ASP D 117 -32.86 39.34 24.95
C ASP D 117 -31.49 39.66 25.55
N LEU D 118 -31.48 40.16 26.77
CA LEU D 118 -30.25 40.53 27.44
C LEU D 118 -29.17 40.94 26.49
N SER D 119 -29.34 42.13 25.94
CA SER D 119 -28.41 42.71 24.99
C SER D 119 -27.55 41.64 24.34
N ALA D 120 -28.17 40.74 23.58
CA ALA D 120 -27.46 39.66 22.89
C ALA D 120 -26.37 39.15 23.83
N THR D 121 -25.23 39.82 23.79
CA THR D 121 -24.12 39.46 24.64
C THR D 121 -23.64 40.67 25.43
N GLU D 122 -22.47 40.53 26.06
CA GLU D 122 -21.91 41.62 26.85
C GLU D 122 -22.73 41.86 28.10
N LEU D 123 -24.04 41.72 27.95
CA LEU D 123 -24.95 41.90 29.06
C LEU D 123 -24.83 40.66 29.96
N GLU D 124 -25.11 39.49 29.42
CA GLU D 124 -24.96 38.29 30.23
C GLU D 124 -23.52 38.34 30.71
N GLN D 125 -22.64 38.52 29.74
CA GLN D 125 -21.20 38.60 29.99
C GLN D 125 -20.91 39.45 31.21
N VAL D 126 -21.62 40.55 31.32
CA VAL D 126 -21.44 41.43 32.46
C VAL D 126 -22.47 41.11 33.55
N LEU D 127 -23.29 40.10 33.33
CA LEU D 127 -24.32 39.74 34.32
C LEU D 127 -23.87 38.75 35.41
N TYR D 128 -22.56 38.56 35.58
CA TYR D 128 -22.02 37.65 36.61
C TYR D 128 -20.61 38.11 36.95
N PHE D 129 -19.75 37.98 35.93
CA PHE D 129 -18.36 38.37 36.01
C PHE D 129 -18.41 39.89 35.95
N ASN D 130 -17.25 40.55 35.87
CA ASN D 130 -17.15 42.01 35.76
C ASN D 130 -18.19 42.77 36.57
N LYS D 131 -18.71 42.09 37.60
CA LYS D 131 -19.74 42.68 38.43
C LYS D 131 -20.93 43.00 37.55
N TYR D 132 -21.31 44.29 37.44
CA TYR D 132 -22.47 44.70 36.64
C TYR D 132 -23.69 44.08 37.31
N ILE D 133 -24.64 44.92 37.60
CA ILE D 133 -25.79 44.32 38.24
C ILE D 133 -26.99 44.42 37.44
N VAL D 134 -27.58 43.32 37.53
CA VAL D 134 -28.76 43.05 36.91
C VAL D 134 -29.92 43.68 37.67
N LEU D 135 -30.96 43.96 36.93
CA LEU D 135 -32.15 44.56 37.49
C LEU D 135 -33.32 43.60 37.36
N ASP D 136 -33.52 42.75 38.36
CA ASP D 136 -34.57 41.72 38.34
C ASP D 136 -35.95 42.22 38.57
N PRO D 137 -36.30 42.22 39.86
CA PRO D 137 -37.62 42.52 40.01
C PRO D 137 -38.13 43.71 39.42
N LYS D 138 -38.77 43.82 40.51
CA LYS D 138 -39.71 44.60 41.08
C LYS D 138 -39.20 45.68 41.78
N GLY D 139 -40.01 46.60 41.60
CA GLY D 139 -39.57 47.72 42.22
C GLY D 139 -39.79 48.74 41.22
N ALA D 140 -40.61 49.62 41.64
CA ALA D 140 -40.86 50.70 40.79
C ALA D 140 -39.56 51.44 40.45
N VAL D 141 -39.21 51.21 39.16
CA VAL D 141 -38.16 51.48 38.07
C VAL D 141 -37.20 52.73 37.70
N LEU D 142 -37.51 54.06 37.84
CA LEU D 142 -36.55 55.19 37.30
C LEU D 142 -35.78 56.06 38.33
N ASP D 143 -34.42 55.94 38.39
CA ASP D 143 -33.58 56.60 39.41
C ASP D 143 -32.91 57.93 39.08
N GLY D 144 -32.75 58.26 37.81
CA GLY D 144 -32.13 59.51 37.38
C GLY D 144 -32.56 59.64 35.94
N VAL D 145 -33.30 58.51 35.56
CA VAL D 145 -33.98 58.15 34.21
C VAL D 145 -35.00 56.94 34.35
N PRO D 146 -36.20 56.89 33.64
CA PRO D 146 -36.93 55.67 33.90
C PRO D 146 -35.88 54.59 33.84
N VAL D 147 -36.32 53.48 33.36
CA VAL D 147 -35.46 52.30 33.25
C VAL D 147 -36.40 51.10 33.24
N GLU D 148 -36.79 50.89 31.96
CA GLU D 148 -37.70 49.93 31.25
C GLU D 148 -37.61 48.37 31.62
N LYS D 149 -38.51 47.84 32.55
CA LYS D 149 -38.47 46.42 33.08
C LYS D 149 -37.69 45.55 32.13
N ARG D 150 -36.34 45.69 32.41
CA ARG D 150 -35.25 45.03 31.71
C ARG D 150 -33.78 45.16 32.19
N GLN D 151 -33.02 46.26 32.12
CA GLN D 151 -31.80 45.88 32.68
C GLN D 151 -30.66 46.78 32.70
N LEU D 152 -29.86 46.02 33.41
CA LEU D 152 -28.64 46.29 33.94
C LEU D 152 -28.83 47.60 34.63
N LEU D 153 -27.71 48.08 34.95
CA LEU D 153 -27.41 49.28 35.64
C LEU D 153 -25.95 49.02 35.92
N THR D 154 -25.13 50.07 35.86
CA THR D 154 -23.66 49.92 36.07
C THR D 154 -23.25 49.93 37.57
N ASP D 155 -22.23 49.11 37.87
CA ASP D 155 -21.65 48.96 39.21
C ASP D 155 -21.78 50.19 40.08
N GLU D 156 -20.88 51.13 39.82
CA GLU D 156 -20.84 52.37 40.55
C GLU D 156 -21.84 53.32 39.91
N GLU D 157 -22.73 52.72 39.12
CA GLU D 157 -23.81 53.49 38.52
C GLU D 157 -24.92 53.17 39.50
N TYR D 158 -24.63 53.56 40.74
CA TYR D 158 -25.49 53.42 41.89
C TYR D 158 -26.88 52.77 41.67
N GLY D 159 -27.86 53.28 42.42
CA GLY D 159 -29.22 52.77 42.35
C GLY D 159 -29.47 51.87 43.54
N GLY D 160 -28.69 50.80 43.59
CA GLY D 160 -28.80 49.80 44.62
C GLY D 160 -28.88 48.49 43.86
N ILE D 161 -29.77 47.60 44.28
CA ILE D 161 -29.98 46.34 43.55
C ILE D 161 -31.45 45.91 43.51
N ASP D 162 -31.90 45.21 44.54
CA ASP D 162 -33.26 44.75 44.53
C ASP D 162 -33.36 44.02 43.20
N ALA D 163 -32.29 43.31 42.88
CA ALA D 163 -32.17 42.54 41.65
C ALA D 163 -31.14 41.46 41.94
N ARG D 164 -29.88 41.90 42.12
CA ARG D 164 -28.74 41.02 42.45
C ARG D 164 -27.63 41.04 41.39
N MET D 165 -27.04 39.87 41.16
CA MET D 165 -25.98 39.64 40.19
C MET D 165 -25.82 38.11 40.03
N GLY D 166 -24.67 37.65 39.57
CA GLY D 166 -24.48 36.22 39.41
C GLY D 166 -25.61 35.61 38.61
N ALA D 167 -25.69 34.28 38.59
CA ALA D 167 -26.74 33.63 37.84
C ALA D 167 -28.08 33.68 38.54
N GLU D 168 -28.06 33.71 39.88
CA GLU D 168 -29.31 33.77 40.62
C GLU D 168 -30.15 34.66 39.76
N ALA D 169 -29.56 35.78 39.41
CA ALA D 169 -30.20 36.76 38.56
C ALA D 169 -30.97 36.06 37.45
N ILE D 170 -30.24 35.64 36.43
CA ILE D 170 -30.85 34.97 35.30
C ILE D 170 -31.70 33.79 35.73
N GLN D 171 -31.46 33.25 36.93
CA GLN D 171 -32.26 32.11 37.38
C GLN D 171 -33.68 32.59 37.68
N GLU D 172 -33.89 33.10 38.90
CA GLU D 172 -35.21 33.59 39.31
C GLU D 172 -35.75 34.45 38.18
N LEU D 173 -34.85 34.82 37.25
CA LEU D 173 -35.24 35.59 36.10
C LEU D 173 -36.09 34.65 35.25
N LEU D 174 -35.45 33.66 34.63
CA LEU D 174 -36.16 32.71 33.80
C LEU D 174 -37.48 32.28 34.43
N LYS D 175 -37.40 31.61 35.57
CA LYS D 175 -38.60 31.14 36.26
C LYS D 175 -39.72 32.13 36.01
N GLU D 176 -39.69 33.24 36.75
CA GLU D 176 -40.70 34.27 36.59
C GLU D 176 -40.57 34.84 35.19
N LEU D 177 -41.21 34.18 34.23
CA LEU D 177 -41.17 34.63 32.86
C LEU D 177 -42.29 33.96 32.09
N ASP D 178 -43.37 34.70 31.88
CA ASP D 178 -44.53 34.19 31.18
C ASP D 178 -44.08 33.38 29.98
N LEU D 179 -44.63 32.17 29.86
CA LEU D 179 -44.29 31.28 28.77
C LEU D 179 -45.07 31.68 27.52
N GLU D 180 -46.38 31.40 27.53
CA GLU D 180 -47.26 31.69 26.40
C GLU D 180 -47.40 33.14 25.95
N LYS D 181 -47.38 34.08 26.90
CA LYS D 181 -47.52 35.48 26.54
C LYS D 181 -46.57 35.87 25.42
N LEU D 182 -45.34 35.36 25.47
CA LEU D 182 -44.40 35.69 24.42
C LEU D 182 -44.81 35.04 23.10
N GLU D 183 -45.74 34.10 23.17
CA GLU D 183 -46.21 33.49 21.94
C GLU D 183 -47.11 34.56 21.34
N ARG D 184 -47.47 35.56 22.15
CA ARG D 184 -48.32 36.67 21.72
C ARG D 184 -47.55 37.98 21.50
N GLU D 185 -46.56 38.25 22.35
CA GLU D 185 -45.75 39.46 22.24
C GLU D 185 -44.80 39.34 21.04
N LEU D 186 -44.80 38.15 20.44
CA LEU D 186 -43.98 37.86 19.28
C LEU D 186 -44.90 37.60 18.10
N LEU D 187 -46.12 37.15 18.41
CA LEU D 187 -47.12 36.90 17.38
C LEU D 187 -47.98 38.15 17.19
N GLU D 188 -47.34 39.31 17.33
CA GLU D 188 -47.93 40.64 17.14
C GLU D 188 -46.86 41.53 16.49
N GLU D 189 -45.61 41.10 16.65
CA GLU D 189 -44.48 41.80 16.07
C GLU D 189 -43.98 40.94 14.92
N MET D 190 -44.87 40.09 14.42
CA MET D 190 -44.54 39.21 13.29
C MET D 190 -45.28 39.65 12.03
N LYS D 191 -46.38 40.40 12.18
CA LYS D 191 -47.15 40.86 11.02
C LYS D 191 -47.12 42.37 10.77
N HIS D 192 -46.74 43.16 11.77
CA HIS D 192 -46.65 44.61 11.61
C HIS D 192 -45.22 45.06 11.94
N PRO D 193 -44.21 44.54 11.22
CA PRO D 193 -42.81 44.91 11.49
C PRO D 193 -42.13 45.69 10.38
N SER D 194 -40.86 46.01 10.61
CA SER D 194 -40.03 46.75 9.65
C SER D 194 -39.33 45.78 8.68
N ARG D 195 -38.75 44.70 9.23
CA ARG D 195 -38.03 43.66 8.47
C ARG D 195 -36.51 43.89 8.46
N ALA D 196 -35.99 44.46 9.54
CA ALA D 196 -34.56 44.72 9.69
C ALA D 196 -34.06 44.02 10.95
N ARG D 197 -34.75 44.25 12.06
CA ARG D 197 -34.40 43.62 13.34
C ARG D 197 -35.67 42.91 13.81
N ARG D 198 -36.72 42.97 12.98
CA ARG D 198 -37.98 42.32 13.29
C ARG D 198 -37.87 40.95 12.61
N ALA D 199 -36.61 40.56 12.39
CA ALA D 199 -36.24 39.29 11.75
C ALA D 199 -35.87 38.27 12.80
N LYS D 200 -35.18 38.74 13.85
CA LYS D 200 -34.77 37.89 14.98
C LYS D 200 -36.02 37.63 15.82
N ALA D 201 -36.99 38.53 15.66
CA ALA D 201 -38.26 38.44 16.37
C ALA D 201 -38.69 36.98 16.28
N ARG D 202 -38.91 36.54 15.05
CA ARG D 202 -39.33 35.17 14.82
C ARG D 202 -38.43 34.22 15.61
N LYS D 203 -37.12 34.31 15.37
CA LYS D 203 -36.15 33.44 16.04
C LYS D 203 -36.39 33.29 17.53
N ARG D 204 -36.93 34.32 18.17
CA ARG D 204 -37.18 34.17 19.59
C ARG D 204 -38.03 32.93 19.77
N LEU D 205 -39.17 32.86 19.09
CA LEU D 205 -40.04 31.70 19.20
C LEU D 205 -39.27 30.39 19.08
N GLU D 206 -38.54 30.23 17.98
CA GLU D 206 -37.77 29.00 17.73
C GLU D 206 -37.04 28.39 18.93
N VAL D 207 -36.95 29.14 20.00
CA VAL D 207 -36.33 28.63 21.21
C VAL D 207 -37.56 28.49 22.09
N VAL D 208 -38.32 29.58 22.13
CA VAL D 208 -39.55 29.66 22.87
C VAL D 208 -40.38 28.41 22.68
N ARG D 209 -41.12 28.40 21.59
CA ARG D 209 -41.98 27.28 21.25
C ARG D 209 -41.16 26.01 21.47
N ALA D 210 -39.84 26.12 21.31
CA ALA D 210 -38.95 24.98 21.49
C ALA D 210 -38.95 24.49 22.92
N PHE D 211 -39.24 25.40 23.85
CA PHE D 211 -39.30 25.09 25.27
C PHE D 211 -40.71 24.63 25.65
N LEU D 212 -41.70 25.25 25.01
CA LEU D 212 -43.10 24.95 25.25
C LEU D 212 -43.47 23.55 24.81
N ASP D 213 -44.06 23.44 23.63
CA ASP D 213 -44.44 22.15 23.09
C ASP D 213 -43.14 21.37 23.03
N SER D 214 -42.69 20.93 24.21
CA SER D 214 -41.46 20.17 24.37
C SER D 214 -41.55 19.41 25.69
N GLY D 215 -41.90 20.14 26.75
CA GLY D 215 -41.99 19.51 28.06
C GLY D 215 -40.75 19.85 28.85
N ASN D 216 -39.92 20.70 28.29
CA ASN D 216 -38.70 21.11 28.96
C ASN D 216 -38.82 22.54 29.44
N ARG D 217 -38.49 22.71 30.72
CA ARG D 217 -38.56 23.99 31.43
C ARG D 217 -37.22 24.71 31.35
N PRO D 218 -37.22 26.06 31.40
CA PRO D 218 -35.94 26.76 31.34
C PRO D 218 -35.26 26.69 32.70
N GLU D 219 -35.05 27.84 33.32
CA GLU D 219 -34.46 27.89 34.65
C GLU D 219 -33.30 26.93 34.82
N TRP D 220 -33.66 25.66 34.88
CA TRP D 220 -32.69 24.61 35.04
C TRP D 220 -31.44 24.89 34.23
N MET D 221 -31.52 25.77 33.24
CA MET D 221 -30.35 26.10 32.45
C MET D 221 -29.23 26.61 33.38
N ILE D 222 -29.63 27.26 34.47
CA ILE D 222 -28.67 27.68 35.47
C ILE D 222 -28.69 26.46 36.36
N LEU D 223 -27.50 25.95 36.69
CA LEU D 223 -27.35 24.74 37.50
C LEU D 223 -27.34 24.85 39.01
N GLU D 224 -28.31 24.18 39.61
CA GLU D 224 -28.42 24.14 41.06
C GLU D 224 -27.74 22.83 41.41
N ALA D 225 -27.34 22.11 40.37
CA ALA D 225 -26.66 20.84 40.56
C ALA D 225 -25.63 20.62 39.48
N VAL D 226 -24.36 20.53 39.90
CA VAL D 226 -23.26 20.31 38.99
C VAL D 226 -22.68 18.90 39.20
N PRO D 227 -23.34 17.88 38.63
CA PRO D 227 -23.00 16.45 38.70
C PRO D 227 -21.54 16.04 38.54
N VAL D 228 -21.30 14.76 38.85
CA VAL D 228 -20.00 14.15 38.78
C VAL D 228 -20.04 12.81 38.09
N LEU D 229 -19.35 12.72 36.96
CA LEU D 229 -19.29 11.48 36.18
C LEU D 229 -18.63 10.38 37.00
N PRO D 230 -18.83 9.11 36.61
CA PRO D 230 -18.23 7.98 37.32
C PRO D 230 -16.70 7.89 37.20
N PRO D 231 -16.07 7.15 38.13
CA PRO D 231 -14.62 6.94 38.20
C PRO D 231 -14.11 6.05 37.07
N ASP D 232 -14.68 4.85 36.98
CA ASP D 232 -14.31 3.88 35.96
C ASP D 232 -14.44 4.49 34.55
N LEU D 233 -14.60 5.81 34.48
CA LEU D 233 -14.73 6.51 33.20
C LEU D 233 -13.76 7.66 33.06
N ARG D 234 -13.33 8.18 34.19
CA ARG D 234 -12.36 9.25 34.20
C ARG D 234 -11.29 8.65 35.11
N PRO D 235 -10.76 7.48 34.71
CA PRO D 235 -9.73 6.65 35.35
C PRO D 235 -8.63 7.33 36.14
N MET D 236 -7.98 6.51 36.97
CA MET D 236 -6.88 6.93 37.79
C MET D 236 -6.02 5.69 37.75
N VAL D 237 -5.44 5.44 36.59
CA VAL D 237 -4.62 4.27 36.43
C VAL D 237 -3.19 4.50 36.88
N GLN D 238 -2.57 3.44 37.39
CA GLN D 238 -1.20 3.50 37.85
C GLN D 238 -0.28 3.46 36.61
N VAL D 239 0.62 4.44 36.50
CA VAL D 239 1.57 4.51 35.37
C VAL D 239 2.69 3.48 35.65
N ASP D 240 3.93 3.94 35.81
CA ASP D 240 5.04 3.01 36.10
C ASP D 240 5.49 3.01 37.58
N GLY D 241 4.56 2.74 38.50
CA GLY D 241 4.89 2.71 39.91
C GLY D 241 3.93 3.45 40.81
N GLY D 242 4.30 4.65 41.25
CA GLY D 242 3.45 5.42 42.14
C GLY D 242 2.91 6.69 41.51
N ARG D 243 3.53 7.16 40.43
CA ARG D 243 3.07 8.36 39.72
C ARG D 243 1.96 7.96 38.73
N PHE D 244 0.77 8.52 38.91
CA PHE D 244 -0.38 8.18 38.06
C PHE D 244 -0.67 9.04 36.84
N ALA D 245 -1.82 8.75 36.22
CA ALA D 245 -2.31 9.45 35.06
C ALA D 245 -3.82 9.57 35.15
N THR D 246 -4.28 10.73 35.62
CA THR D 246 -5.71 11.03 35.76
C THR D 246 -6.25 11.20 34.31
N SER D 247 -7.57 11.17 34.11
CA SER D 247 -8.21 11.30 32.77
C SER D 247 -8.04 12.69 32.16
N ASP D 248 -7.32 13.52 32.91
CA ASP D 248 -7.03 14.88 32.57
C ASP D 248 -8.25 15.72 32.87
N LEU D 249 -9.43 15.13 32.77
CA LEU D 249 -10.66 15.85 33.05
C LEU D 249 -10.70 16.11 34.55
N ASN D 250 -10.50 15.04 35.30
CA ASN D 250 -10.53 15.07 36.75
C ASN D 250 -9.78 16.20 37.44
N ASP D 251 -8.78 16.77 36.77
CA ASP D 251 -8.03 17.88 37.36
C ASP D 251 -8.84 19.18 37.26
N LEU D 252 -9.92 19.12 36.48
CA LEU D 252 -10.80 20.27 36.28
C LEU D 252 -11.83 20.29 37.39
N TYR D 253 -12.63 19.22 37.42
CA TYR D 253 -13.65 19.00 38.43
C TYR D 253 -12.98 19.49 39.72
N ARG D 254 -11.66 19.28 39.75
CA ARG D 254 -10.80 19.67 40.86
C ARG D 254 -11.10 21.08 41.31
N ARG D 255 -10.42 22.05 40.72
CA ARG D 255 -10.63 23.42 41.13
C ARG D 255 -12.11 23.72 41.22
N LEU D 256 -12.92 23.02 40.43
CA LEU D 256 -14.36 23.24 40.49
C LEU D 256 -14.88 23.06 41.91
N ILE D 257 -14.22 22.19 42.66
CA ILE D 257 -14.62 21.96 44.03
C ILE D 257 -13.81 22.94 44.88
N ASN D 258 -12.57 23.15 44.44
CA ASN D 258 -11.63 24.07 45.08
C ASN D 258 -12.32 25.41 45.38
N ARG D 259 -13.00 25.97 44.38
CA ARG D 259 -13.68 27.23 44.58
C ARG D 259 -14.94 27.09 45.40
N ASN D 260 -15.88 26.27 44.93
CA ASN D 260 -17.16 26.07 45.62
C ASN D 260 -16.99 25.78 47.12
N ASN D 261 -15.75 25.69 47.57
CA ASN D 261 -15.49 25.43 48.98
C ASN D 261 -14.85 26.65 49.60
N ARG D 262 -13.95 27.27 48.86
CA ARG D 262 -13.27 28.46 49.35
C ARG D 262 -14.23 29.66 49.57
N LEU D 263 -15.30 29.72 48.79
CA LEU D 263 -16.27 30.80 48.96
C LEU D 263 -17.41 30.32 49.84
N LYS D 264 -17.66 29.02 49.81
CA LYS D 264 -18.68 28.39 50.62
C LYS D 264 -18.40 28.80 52.06
N LYS D 265 -17.16 29.22 52.30
CA LYS D 265 -16.70 29.65 53.63
C LYS D 265 -16.92 31.17 53.83
N LEU D 266 -16.45 31.96 52.86
CA LEU D 266 -16.59 33.41 52.91
C LEU D 266 -17.99 33.87 53.31
N LEU D 267 -19.00 33.17 52.80
CA LEU D 267 -20.41 33.49 53.09
C LEU D 267 -20.83 33.04 54.47
N ALA D 268 -20.26 31.93 54.92
CA ALA D 268 -20.56 31.42 56.24
C ALA D 268 -20.02 32.47 57.21
N GLN D 269 -18.91 33.09 56.85
CA GLN D 269 -18.29 34.11 57.70
C GLN D 269 -17.47 35.14 56.92
N GLY D 270 -17.64 36.40 57.27
CA GLY D 270 -16.93 37.45 56.59
C GLY D 270 -17.69 37.84 55.34
N ALA D 271 -18.53 38.87 55.46
CA ALA D 271 -19.34 39.32 54.33
C ALA D 271 -18.78 40.51 53.53
N PRO D 272 -17.44 40.64 53.43
CA PRO D 272 -16.91 41.76 52.66
C PRO D 272 -17.38 41.70 51.19
N GLU D 273 -18.37 42.53 50.86
CA GLU D 273 -18.95 42.56 49.53
C GLU D 273 -17.98 42.33 48.38
N ILE D 274 -17.19 43.36 48.04
CA ILE D 274 -16.22 43.31 46.94
C ILE D 274 -15.57 41.93 46.72
N ILE D 275 -15.23 41.24 47.81
CA ILE D 275 -14.59 39.93 47.70
C ILE D 275 -15.59 38.87 47.22
N ILE D 276 -16.69 38.71 47.96
CA ILE D 276 -17.70 37.74 47.57
C ILE D 276 -17.77 37.77 46.05
N ARG D 277 -17.78 38.99 45.50
CA ARG D 277 -17.83 39.22 44.06
C ARG D 277 -16.62 38.61 43.34
N ASN D 278 -15.43 39.10 43.65
CA ASN D 278 -14.21 38.58 43.01
C ASN D 278 -14.10 37.07 43.11
N GLU D 279 -14.95 36.46 43.95
CA GLU D 279 -14.91 35.01 44.13
C GLU D 279 -15.87 34.26 43.20
N LYS D 280 -17.16 34.51 43.33
CA LYS D 280 -18.12 33.83 42.47
C LYS D 280 -17.61 33.94 41.06
N ARG D 281 -16.94 35.04 40.75
CA ARG D 281 -16.39 35.24 39.43
C ARG D 281 -15.64 33.99 39.00
N MET D 282 -15.19 33.21 39.98
CA MET D 282 -14.48 31.98 39.67
C MET D 282 -15.43 30.80 39.64
N LEU D 283 -16.45 30.83 40.49
CA LEU D 283 -17.43 29.75 40.55
C LEU D 283 -17.77 29.31 39.12
N GLN D 284 -18.19 30.26 38.31
CA GLN D 284 -18.55 29.96 36.92
C GLN D 284 -17.28 29.47 36.22
N GLU D 285 -16.30 30.37 36.09
CA GLU D 285 -15.04 30.06 35.44
C GLU D 285 -14.59 28.64 35.78
N ALA D 286 -15.06 28.13 36.91
CA ALA D 286 -14.74 26.77 37.29
C ALA D 286 -15.49 25.96 36.24
N VAL D 287 -16.78 25.78 36.49
CA VAL D 287 -17.65 25.05 35.58
C VAL D 287 -17.25 25.40 34.16
N ASP D 288 -17.28 26.70 33.86
CA ASP D 288 -16.92 27.20 32.53
C ASP D 288 -15.84 26.30 31.98
N ALA D 289 -14.69 26.31 32.63
CA ALA D 289 -13.60 25.48 32.18
C ALA D 289 -14.09 24.05 32.03
N VAL D 290 -14.28 23.38 33.16
CA VAL D 290 -14.74 22.00 33.20
C VAL D 290 -15.60 21.63 32.01
N ILE D 291 -16.57 22.47 31.73
CA ILE D 291 -17.47 22.23 30.63
C ILE D 291 -16.80 22.45 29.27
N ASP D 292 -16.48 23.71 28.97
CA ASP D 292 -15.86 24.06 27.70
C ASP D 292 -14.59 24.88 27.88
N ASN D 293 -13.75 24.45 28.81
CA ASN D 293 -12.50 25.12 29.11
C ASN D 293 -12.05 26.09 28.02
N GLY D 294 -11.52 25.52 26.95
CA GLY D 294 -11.02 26.29 25.81
C GLY D 294 -11.54 27.68 25.46
N ARG D 295 -12.84 27.90 25.58
CA ARG D 295 -13.48 29.19 25.24
C ARG D 295 -12.82 30.49 25.69
N ARG D 296 -13.38 31.59 25.20
CA ARG D 296 -12.94 32.95 25.53
C ARG D 296 -11.55 33.35 25.03
N GLY D 297 -10.53 33.11 25.84
CA GLY D 297 -9.16 33.44 25.45
C GLY D 297 -8.14 33.01 26.48
N SER D 298 -8.61 32.32 27.51
CA SER D 298 -7.75 31.86 28.58
C SER D 298 -8.00 30.39 28.88
N PRO D 299 -7.06 29.51 28.49
CA PRO D 299 -7.17 28.06 28.74
C PRO D 299 -6.55 27.75 30.10
N VAL D 300 -7.08 26.75 30.79
CA VAL D 300 -6.56 26.42 32.11
C VAL D 300 -5.09 26.04 32.11
N THR D 301 -4.36 26.65 33.04
CA THR D 301 -2.92 26.43 33.20
C THR D 301 -2.58 25.49 34.35
N ASN D 302 -2.41 24.21 34.04
CA ASN D 302 -2.00 23.21 35.02
C ASN D 302 -0.67 23.84 35.51
N PRO D 303 -0.46 23.96 36.84
CA PRO D 303 0.80 24.56 37.29
C PRO D 303 2.05 23.87 36.71
N GLY D 304 2.58 24.44 35.63
CA GLY D 304 3.74 23.86 34.98
C GLY D 304 3.62 23.89 33.46
N SER D 305 3.07 22.84 32.87
CA SER D 305 2.90 22.78 31.42
C SER D 305 2.04 23.96 30.90
N GLU D 306 1.72 23.93 29.61
CA GLU D 306 0.90 24.97 28.99
C GLU D 306 -0.14 24.20 28.15
N ARG D 307 -0.39 22.96 28.57
CA ARG D 307 -1.32 22.06 27.92
C ARG D 307 -2.78 22.32 28.31
N PRO D 308 -3.63 22.64 27.31
CA PRO D 308 -5.06 22.92 27.53
C PRO D 308 -5.91 22.00 28.40
N LEU D 309 -5.61 20.70 28.44
CA LEU D 309 -6.38 19.74 29.25
C LEU D 309 -7.87 19.75 28.89
N ARG D 310 -8.36 18.61 28.40
CA ARG D 310 -9.75 18.41 27.96
C ARG D 310 -10.82 19.15 28.76
N SER D 311 -12.06 18.73 28.55
CA SER D 311 -13.18 19.30 29.25
C SER D 311 -14.37 18.52 28.76
N LEU D 312 -15.48 18.67 29.46
CA LEU D 312 -16.71 17.99 29.09
C LEU D 312 -16.96 18.12 27.59
N THR D 313 -16.59 19.28 27.06
CA THR D 313 -16.74 19.60 25.66
C THR D 313 -15.86 18.67 24.85
N ASP D 314 -14.57 18.96 24.90
CA ASP D 314 -13.56 18.18 24.21
C ASP D 314 -13.95 16.72 24.17
N ILE D 315 -13.95 16.09 25.34
CA ILE D 315 -14.29 14.67 25.47
C ILE D 315 -15.36 14.17 24.51
N LEU D 316 -16.51 14.82 24.49
CA LEU D 316 -17.60 14.41 23.61
C LEU D 316 -17.33 14.88 22.17
N SER D 317 -16.49 15.91 22.05
CA SER D 317 -16.12 16.50 20.77
C SER D 317 -15.33 15.60 19.82
N GLY D 318 -15.97 14.55 19.32
CA GLY D 318 -15.31 13.64 18.39
C GLY D 318 -13.80 13.54 18.52
N LYS D 319 -13.09 13.49 17.39
CA LYS D 319 -11.64 13.35 17.45
C LYS D 319 -11.53 12.11 18.32
N GLN D 320 -12.52 11.24 18.12
CA GLN D 320 -12.75 9.98 18.84
C GLN D 320 -13.57 10.27 20.09
N GLY D 321 -14.32 11.37 20.04
CA GLY D 321 -15.15 11.77 21.16
C GLY D 321 -16.50 11.08 21.11
N ARG D 322 -16.59 9.99 21.88
CA ARG D 322 -17.77 9.11 22.03
C ARG D 322 -18.70 9.00 20.80
N PHE D 323 -18.80 9.82 19.90
CA PHE D 323 -19.61 9.88 18.69
C PHE D 323 -18.83 9.25 17.52
N ARG D 324 -17.68 9.86 17.21
CA ARG D 324 -16.82 9.40 16.12
C ARG D 324 -16.10 8.10 16.48
N GLN D 325 -15.41 8.10 17.63
CA GLN D 325 -14.66 6.95 18.15
C GLN D 325 -15.19 5.58 17.73
N ASN D 326 -16.50 5.55 17.44
CA ASN D 326 -17.18 4.33 17.03
C ASN D 326 -16.93 3.99 15.57
N LEU D 327 -17.31 4.91 14.69
CA LEU D 327 -17.17 4.72 13.26
C LEU D 327 -15.76 5.00 12.76
N LEU D 328 -14.78 4.91 13.64
CA LEU D 328 -13.39 5.21 13.26
C LEU D 328 -12.41 4.08 13.56
N GLY D 329 -12.67 3.37 14.66
CA GLY D 329 -11.77 2.31 15.04
C GLY D 329 -12.26 1.18 15.93
N LYS D 330 -11.81 1.19 17.18
CA LYS D 330 -12.10 0.13 18.12
C LYS D 330 -11.14 -1.00 17.68
N ARG D 331 -10.83 -1.94 18.55
CA ARG D 331 -9.91 -3.01 18.18
C ARG D 331 -10.45 -4.42 18.50
N VAL D 332 -10.53 -5.23 17.46
CA VAL D 332 -11.02 -6.60 17.53
C VAL D 332 -10.47 -7.48 18.65
N ASP D 333 -11.13 -8.62 18.84
CA ASP D 333 -10.71 -9.58 19.84
C ASP D 333 -10.24 -10.86 19.14
N TYR D 334 -10.78 -11.12 17.95
CA TYR D 334 -10.36 -12.29 17.18
C TYR D 334 -9.83 -11.78 15.86
N SER D 335 -8.73 -11.05 15.95
CA SER D 335 -8.09 -10.45 14.79
C SER D 335 -6.73 -11.04 14.51
N GLY D 336 -6.14 -10.59 13.41
CA GLY D 336 -4.83 -11.04 12.98
C GLY D 336 -4.63 -10.56 11.55
N ARG D 337 -3.47 -9.97 11.27
CA ARG D 337 -3.18 -9.47 9.93
C ARG D 337 -2.01 -10.25 9.36
N SER D 338 -1.42 -9.77 8.27
CA SER D 338 -0.28 -10.44 7.65
C SER D 338 -0.02 -10.12 6.19
N VAL D 339 1.14 -10.55 5.70
CA VAL D 339 1.51 -10.37 4.30
C VAL D 339 0.79 -11.44 3.55
N ILE D 340 0.40 -11.10 2.35
CA ILE D 340 -0.34 -12.00 1.54
C ILE D 340 0.51 -12.58 0.43
N VAL D 341 0.08 -13.73 -0.08
CA VAL D 341 0.78 -14.41 -1.17
C VAL D 341 -0.17 -15.24 -2.04
N VAL D 342 0.32 -15.62 -3.20
CA VAL D 342 -0.45 -16.39 -4.14
C VAL D 342 -1.02 -17.67 -3.57
N GLY D 343 -2.25 -17.97 -3.95
CA GLY D 343 -2.89 -19.19 -3.50
C GLY D 343 -3.26 -19.94 -4.76
N PRO D 344 -2.29 -20.06 -5.68
CA PRO D 344 -2.54 -20.76 -6.94
C PRO D 344 -3.44 -21.96 -6.76
N GLN D 345 -2.95 -22.93 -6.03
CA GLN D 345 -3.73 -24.13 -5.80
C GLN D 345 -5.13 -23.74 -5.32
N LEU D 346 -5.18 -23.08 -4.16
CA LEU D 346 -6.45 -22.67 -3.55
C LEU D 346 -7.60 -22.47 -4.51
N LYS D 347 -8.69 -23.14 -4.22
CA LYS D 347 -9.89 -23.01 -5.02
C LYS D 347 -10.47 -21.70 -4.56
N LEU D 348 -11.18 -21.01 -5.45
CA LEU D 348 -11.78 -19.74 -5.10
C LEU D 348 -12.14 -19.60 -3.62
N HIS D 349 -13.38 -19.90 -3.29
CA HIS D 349 -13.88 -19.78 -1.93
C HIS D 349 -12.85 -20.07 -0.82
N GLN D 350 -11.85 -20.88 -1.14
CA GLN D 350 -10.82 -21.23 -0.17
C GLN D 350 -9.93 -20.04 0.27
N CYS D 351 -8.97 -20.29 1.15
CA CYS D 351 -8.08 -19.23 1.61
C CYS D 351 -6.93 -19.60 2.54
N GLY D 352 -5.98 -18.67 2.64
CA GLY D 352 -4.79 -18.86 3.46
C GLY D 352 -4.95 -19.24 4.92
N LEU D 353 -4.01 -18.73 5.72
CA LEU D 353 -3.93 -18.96 7.17
C LEU D 353 -3.02 -20.08 7.62
N PRO D 354 -1.75 -19.76 7.89
CA PRO D 354 -0.70 -20.69 8.33
C PRO D 354 -0.93 -21.14 9.76
N LYS D 355 -0.64 -22.40 10.04
CA LYS D 355 -0.83 -22.94 11.38
C LYS D 355 -0.49 -21.92 12.46
N ARG D 356 0.78 -21.55 12.54
CA ARG D 356 1.22 -20.62 13.55
C ARG D 356 0.07 -19.75 14.04
N MET D 357 -0.21 -18.66 13.33
CA MET D 357 -1.30 -17.78 13.73
C MET D 357 -2.61 -18.56 13.77
N ALA D 358 -2.92 -19.20 12.65
CA ALA D 358 -4.14 -19.99 12.47
C ALA D 358 -4.64 -20.63 13.75
N LEU D 359 -3.72 -20.92 14.65
CA LEU D 359 -4.09 -21.53 15.91
C LEU D 359 -4.43 -20.46 16.91
N GLU D 360 -3.46 -19.60 17.18
CA GLU D 360 -3.66 -18.53 18.13
C GLU D 360 -4.97 -17.83 17.83
N LEU D 361 -5.35 -17.81 16.55
CA LEU D 361 -6.59 -17.16 16.15
C LEU D 361 -7.82 -18.07 16.25
N PHE D 362 -7.75 -19.06 17.13
CA PHE D 362 -8.87 -19.98 17.33
C PHE D 362 -8.86 -20.63 18.73
N LYS D 363 -7.77 -20.40 19.46
CA LYS D 363 -7.57 -20.96 20.79
C LYS D 363 -8.86 -21.51 21.33
N PRO D 364 -9.85 -20.64 21.56
CA PRO D 364 -11.13 -21.07 22.08
C PRO D 364 -11.59 -22.39 21.51
N PHE D 365 -12.63 -22.32 20.69
CA PHE D 365 -13.24 -23.48 20.05
C PHE D 365 -12.35 -24.71 20.11
N LEU D 366 -11.09 -24.54 19.73
CA LEU D 366 -10.13 -25.63 19.75
C LEU D 366 -10.28 -26.29 21.10
N LEU D 367 -9.88 -25.52 22.10
CA LEU D 367 -9.95 -25.95 23.48
C LEU D 367 -11.06 -26.97 23.65
N LYS D 368 -12.26 -26.47 23.92
CA LYS D 368 -13.42 -27.32 24.13
C LYS D 368 -13.44 -28.49 23.18
N LYS D 369 -13.40 -28.20 21.88
CA LYS D 369 -13.43 -29.27 20.93
C LYS D 369 -12.45 -30.34 21.43
N MET D 370 -11.29 -29.93 21.92
CA MET D 370 -10.31 -30.88 22.43
C MET D 370 -10.91 -31.81 23.49
N GLU D 371 -11.48 -31.23 24.54
CA GLU D 371 -12.09 -32.01 25.63
C GLU D 371 -13.12 -32.97 25.07
N GLU D 372 -14.05 -32.43 24.29
CA GLU D 372 -15.12 -33.20 23.66
C GLU D 372 -14.52 -34.39 22.91
N LYS D 373 -13.20 -34.43 22.87
CA LYS D 373 -12.46 -35.50 22.22
C LYS D 373 -11.61 -36.20 23.28
N ALA D 374 -11.72 -37.53 23.33
CA ALA D 374 -10.99 -38.39 24.27
C ALA D 374 -9.75 -37.78 24.88
N PHE D 375 -9.02 -37.01 24.06
CA PHE D 375 -7.78 -36.30 24.46
C PHE D 375 -8.00 -35.01 25.27
N ALA D 376 -7.02 -34.70 26.14
CA ALA D 376 -7.07 -33.51 27.01
C ALA D 376 -8.25 -33.65 27.98
N PRO D 377 -7.98 -33.97 29.26
CA PRO D 377 -9.03 -34.15 30.27
C PRO D 377 -9.98 -32.96 30.50
N ASN D 378 -9.53 -31.96 31.26
CA ASN D 378 -10.37 -30.82 31.56
C ASN D 378 -9.99 -29.57 30.78
N VAL D 379 -11.01 -28.77 30.50
CA VAL D 379 -10.84 -27.54 29.75
C VAL D 379 -9.50 -26.87 30.03
N LYS D 380 -9.47 -26.03 31.05
CA LYS D 380 -8.28 -25.32 31.44
C LYS D 380 -7.06 -26.22 31.31
N ALA D 381 -7.24 -27.48 31.68
CA ALA D 381 -6.15 -28.44 31.62
C ALA D 381 -5.58 -28.41 30.23
N ALA D 382 -6.46 -28.37 29.26
CA ALA D 382 -6.08 -28.31 27.86
C ALA D 382 -5.21 -27.08 27.64
N ARG D 383 -5.74 -25.94 28.09
CA ARG D 383 -5.06 -24.66 27.97
C ARG D 383 -3.54 -24.80 28.15
N ARG D 384 -3.15 -25.70 29.05
CA ARG D 384 -1.75 -25.94 29.38
C ARG D 384 -0.85 -26.65 28.34
N MET D 385 -1.44 -27.45 27.48
CA MET D 385 -0.66 -28.19 26.48
C MET D 385 -0.25 -27.39 25.26
N LEU D 386 -1.01 -26.33 24.98
CA LEU D 386 -0.74 -25.49 23.82
C LEU D 386 0.02 -24.25 24.27
N GLU D 387 0.62 -24.39 25.45
CA GLU D 387 1.42 -23.36 26.08
C GLU D 387 2.78 -23.94 26.51
N ARG D 388 3.05 -25.17 26.10
CA ARG D 388 4.31 -25.89 26.39
C ARG D 388 5.37 -25.38 25.40
N GLN D 389 5.41 -24.05 25.28
CA GLN D 389 6.25 -23.24 24.36
C GLN D 389 5.89 -23.39 22.88
N ARG D 390 6.33 -24.49 22.25
CA ARG D 390 6.05 -24.74 20.83
C ARG D 390 5.94 -26.24 20.51
N ASP D 391 6.37 -26.62 19.30
CA ASP D 391 6.33 -28.01 18.87
C ASP D 391 5.15 -28.78 19.41
N ILE D 392 4.05 -28.63 18.69
CA ILE D 392 2.79 -29.25 19.01
C ILE D 392 2.86 -30.75 18.73
N LYS D 393 1.84 -31.46 19.17
CA LYS D 393 1.76 -32.91 18.96
C LYS D 393 1.01 -33.12 17.66
N ASP D 394 0.84 -34.39 17.30
CA ASP D 394 0.14 -34.73 16.08
C ASP D 394 -1.36 -34.52 16.31
N GLU D 395 -2.06 -35.57 16.75
CA GLU D 395 -3.51 -35.53 17.01
C GLU D 395 -4.11 -34.13 17.06
N VAL D 396 -3.41 -33.24 17.74
CA VAL D 396 -3.80 -31.83 17.87
C VAL D 396 -4.39 -31.31 16.58
N TRP D 397 -3.50 -30.82 15.73
CA TRP D 397 -3.88 -30.28 14.45
C TRP D 397 -5.17 -30.91 13.95
N ASP D 398 -5.12 -32.22 13.71
CA ASP D 398 -6.30 -32.95 13.23
C ASP D 398 -7.49 -32.17 13.74
N ALA D 399 -7.48 -31.91 15.03
CA ALA D 399 -8.55 -31.15 15.64
C ALA D 399 -8.67 -29.81 14.96
N LEU D 400 -7.70 -28.94 15.19
CA LEU D 400 -7.71 -27.61 14.60
C LEU D 400 -8.43 -27.63 13.26
N GLU D 401 -8.31 -28.75 12.56
CA GLU D 401 -8.97 -28.90 11.27
C GLU D 401 -10.47 -29.13 11.43
N GLU D 402 -10.86 -30.27 12.00
CA GLU D 402 -12.28 -30.56 12.22
C GLU D 402 -12.83 -29.38 12.97
N VAL D 403 -11.91 -28.49 13.32
CA VAL D 403 -12.19 -27.28 14.05
C VAL D 403 -12.73 -26.14 13.18
N ILE D 404 -12.14 -26.01 12.02
CA ILE D 404 -12.50 -24.94 11.11
C ILE D 404 -13.39 -25.38 9.94
N HIS D 405 -13.31 -26.65 9.58
CA HIS D 405 -14.15 -27.19 8.50
C HIS D 405 -15.55 -26.67 8.76
N GLY D 406 -16.02 -25.76 7.92
CA GLY D 406 -17.36 -25.24 8.10
C GLY D 406 -17.43 -23.76 8.36
N LYS D 407 -16.62 -23.26 9.28
CA LYS D 407 -16.67 -21.84 9.55
C LYS D 407 -15.69 -21.09 8.67
N VAL D 408 -15.98 -19.82 8.43
CA VAL D 408 -15.14 -19.00 7.57
C VAL D 408 -14.58 -17.80 8.28
N VAL D 409 -13.77 -17.04 7.55
CA VAL D 409 -13.15 -15.84 8.09
C VAL D 409 -13.34 -14.74 7.07
N LEU D 410 -13.12 -13.51 7.50
CA LEU D 410 -13.25 -12.38 6.59
C LEU D 410 -11.85 -11.90 6.28
N LEU D 411 -11.69 -11.23 5.14
CA LEU D 411 -10.37 -10.71 4.80
C LEU D 411 -10.50 -9.25 4.41
N ASN D 412 -9.37 -8.56 4.31
CA ASN D 412 -9.41 -7.16 3.96
C ASN D 412 -8.03 -6.60 3.68
N ARG D 413 -7.92 -5.76 2.65
CA ARG D 413 -6.64 -5.16 2.32
C ARG D 413 -6.49 -3.93 3.22
N ALA D 414 -5.57 -3.02 2.88
CA ALA D 414 -5.36 -1.82 3.69
C ALA D 414 -6.48 -0.78 3.50
N PRO D 415 -6.57 -0.16 2.31
CA PRO D 415 -7.67 0.79 2.22
C PRO D 415 -8.91 0.09 1.67
N THR D 416 -9.71 -0.54 2.52
CA THR D 416 -10.92 -1.21 2.06
C THR D 416 -11.69 -0.10 1.40
N LEU D 417 -12.67 -0.43 0.56
CA LEU D 417 -13.42 0.62 -0.12
C LEU D 417 -14.82 0.20 -0.52
N HIS D 418 -14.94 -1.06 -0.90
CA HIS D 418 -16.21 -1.63 -1.34
C HIS D 418 -16.52 -2.89 -0.55
N ARG D 419 -17.80 -3.20 -0.40
CA ARG D 419 -18.20 -4.38 0.35
C ARG D 419 -17.21 -5.49 0.07
N LEU D 420 -16.85 -5.63 -1.19
CA LEU D 420 -15.89 -6.65 -1.57
C LEU D 420 -14.61 -6.52 -0.79
N GLY D 421 -14.23 -5.29 -0.47
CA GLY D 421 -13.02 -4.99 0.28
C GLY D 421 -12.77 -5.99 1.39
N ILE D 422 -13.73 -6.88 1.56
CA ILE D 422 -13.66 -7.94 2.53
C ILE D 422 -14.49 -9.08 2.02
N GLN D 423 -14.00 -10.29 2.24
CA GLN D 423 -14.73 -11.47 1.82
C GLN D 423 -14.41 -12.56 2.81
N ALA D 424 -15.07 -13.70 2.64
CA ALA D 424 -14.90 -14.85 3.50
C ALA D 424 -14.41 -16.05 2.72
N PHE D 425 -13.72 -16.95 3.40
CA PHE D 425 -13.17 -18.15 2.78
C PHE D 425 -12.98 -19.26 3.81
N GLN D 426 -13.16 -20.50 3.35
CA GLN D 426 -13.00 -21.71 4.14
C GLN D 426 -11.49 -21.81 4.28
N PRO D 427 -10.90 -20.97 5.15
CA PRO D 427 -9.45 -21.02 5.29
C PRO D 427 -8.88 -22.40 5.44
N VAL D 428 -7.62 -22.53 5.04
CA VAL D 428 -6.93 -23.79 5.14
C VAL D 428 -5.58 -23.58 5.74
N LEU D 429 -5.12 -24.62 6.39
CA LEU D 429 -3.83 -24.61 7.04
C LEU D 429 -2.80 -24.71 5.93
N VAL D 430 -1.67 -24.02 6.10
CA VAL D 430 -0.60 -24.07 5.10
C VAL D 430 0.70 -23.45 5.62
N GLU D 431 1.81 -24.12 5.30
CA GLU D 431 3.15 -23.72 5.71
C GLU D 431 3.43 -22.24 5.45
N GLY D 432 4.69 -21.86 5.54
CA GLY D 432 5.02 -20.47 5.33
C GLY D 432 4.20 -19.66 6.28
N GLN D 433 4.74 -18.55 6.74
CA GLN D 433 4.01 -17.75 7.69
C GLN D 433 3.11 -16.70 7.07
N SER D 434 3.24 -16.47 5.77
CA SER D 434 2.41 -15.45 5.12
C SER D 434 1.01 -16.00 4.82
N ILE D 435 0.12 -15.11 4.37
CA ILE D 435 -1.25 -15.52 4.05
C ILE D 435 -1.43 -15.81 2.61
N GLN D 436 -2.06 -16.94 2.33
CA GLN D 436 -2.30 -17.33 0.96
C GLN D 436 -3.69 -16.83 0.55
N LEU D 437 -3.77 -16.32 -0.68
CA LEU D 437 -5.01 -15.79 -1.24
C LEU D 437 -5.18 -16.13 -2.73
N HIS D 438 -6.43 -16.38 -3.13
CA HIS D 438 -6.76 -16.73 -4.51
C HIS D 438 -6.59 -15.57 -5.46
N PRO D 439 -6.36 -15.87 -6.73
CA PRO D 439 -6.19 -14.84 -7.74
C PRO D 439 -7.47 -14.06 -7.79
N LEU D 440 -8.12 -14.14 -8.95
CA LEU D 440 -9.35 -13.43 -9.20
C LEU D 440 -9.55 -12.26 -8.24
N VAL D 441 -9.97 -12.56 -7.03
CA VAL D 441 -10.20 -11.54 -6.02
C VAL D 441 -9.39 -10.27 -6.25
N CYS D 442 -8.07 -10.41 -6.16
CA CYS D 442 -7.13 -9.32 -6.33
C CYS D 442 -7.81 -8.06 -6.80
N GLU D 443 -8.39 -8.17 -7.98
CA GLU D 443 -9.11 -7.08 -8.60
C GLU D 443 -9.76 -6.18 -7.58
N ALA D 444 -10.65 -6.77 -6.80
CA ALA D 444 -11.37 -6.05 -5.76
C ALA D 444 -10.43 -5.13 -4.99
N PHE D 445 -9.84 -5.68 -3.95
CA PHE D 445 -8.93 -4.97 -3.06
C PHE D 445 -7.85 -4.24 -3.84
N ASN D 446 -7.80 -4.52 -5.13
CA ASN D 446 -6.76 -3.98 -5.98
C ASN D 446 -5.62 -4.75 -5.30
N ALA D 447 -5.87 -6.04 -5.11
CA ALA D 447 -4.92 -6.93 -4.46
C ALA D 447 -3.64 -6.96 -5.24
N ASP D 448 -2.64 -6.35 -4.65
CA ASP D 448 -1.32 -6.26 -5.22
C ASP D 448 -0.43 -7.34 -4.62
N PHE D 449 0.78 -7.47 -5.13
CA PHE D 449 1.74 -8.44 -4.61
C PHE D 449 3.15 -7.87 -4.58
N ASP D 450 3.40 -7.11 -3.50
CA ASP D 450 4.67 -6.45 -3.25
C ASP D 450 4.84 -6.37 -1.74
N GLY D 451 4.36 -7.40 -1.05
CA GLY D 451 4.47 -7.41 0.38
C GLY D 451 3.30 -6.71 1.06
N ASP D 452 2.30 -6.32 0.29
CA ASP D 452 1.15 -5.68 0.91
C ASP D 452 0.57 -6.70 1.86
N GLN D 453 -0.37 -6.27 2.69
CA GLN D 453 -0.99 -7.19 3.62
C GLN D 453 -2.49 -7.01 3.69
N MET D 454 -3.12 -7.99 4.32
CA MET D 454 -4.56 -8.00 4.50
C MET D 454 -4.88 -8.39 5.93
N ALA D 455 -6.16 -8.36 6.27
CA ALA D 455 -6.59 -8.70 7.60
C ALA D 455 -7.43 -9.95 7.57
N VAL D 456 -7.82 -10.39 8.76
CA VAL D 456 -8.64 -11.57 8.92
C VAL D 456 -9.40 -11.51 10.26
N HIS D 457 -10.72 -11.35 10.17
CA HIS D 457 -11.55 -11.27 11.37
C HIS D 457 -12.34 -12.55 11.56
N VAL D 458 -12.52 -12.93 12.81
CA VAL D 458 -13.24 -14.14 13.09
C VAL D 458 -14.59 -13.87 13.72
N PRO D 459 -15.66 -14.38 13.11
CA PRO D 459 -17.03 -14.21 13.59
C PRO D 459 -17.42 -15.44 14.41
N LEU D 460 -18.14 -15.24 15.51
CA LEU D 460 -18.58 -16.34 16.38
C LEU D 460 -20.06 -16.63 16.24
N SER D 461 -20.87 -15.58 16.41
CA SER D 461 -22.33 -15.67 16.31
C SER D 461 -22.70 -16.72 15.31
N SER D 462 -23.48 -17.71 15.74
CA SER D 462 -23.91 -18.72 14.81
C SER D 462 -24.47 -17.83 13.70
N PHE D 463 -24.74 -16.57 14.05
CA PHE D 463 -25.26 -15.55 13.14
C PHE D 463 -24.22 -14.93 12.20
N ALA D 464 -23.37 -14.03 12.70
CA ALA D 464 -22.35 -13.38 11.85
C ALA D 464 -21.73 -14.32 10.83
N GLN D 465 -21.45 -15.54 11.28
CA GLN D 465 -20.87 -16.58 10.44
C GLN D 465 -21.77 -16.69 9.24
N ALA D 466 -22.94 -17.28 9.45
CA ALA D 466 -23.91 -17.44 8.38
C ALA D 466 -23.99 -16.15 7.57
N GLU D 467 -24.06 -15.03 8.28
CA GLU D 467 -24.14 -13.75 7.59
C GLU D 467 -23.06 -13.67 6.54
N ALA D 468 -21.83 -13.98 6.94
CA ALA D 468 -20.71 -13.92 6.04
C ALA D 468 -20.85 -14.68 4.73
N ARG D 469 -20.49 -15.96 4.77
CA ARG D 469 -20.51 -16.83 3.60
C ARG D 469 -21.70 -16.70 2.66
N ILE D 470 -22.90 -16.46 3.20
CA ILE D 470 -24.06 -16.33 2.34
C ILE D 470 -24.25 -14.90 1.87
N GLN D 471 -23.37 -14.00 2.30
CA GLN D 471 -23.46 -12.62 1.88
C GLN D 471 -22.09 -12.03 1.58
N MET D 472 -21.05 -12.69 2.07
CA MET D 472 -19.71 -12.17 1.85
C MET D 472 -18.68 -13.08 1.18
N LEU D 473 -19.05 -14.31 0.82
CA LEU D 473 -18.09 -15.19 0.18
C LEU D 473 -17.75 -14.60 -1.19
N SER D 474 -16.46 -14.43 -1.46
CA SER D 474 -16.04 -13.89 -2.75
C SER D 474 -16.85 -14.67 -3.75
N ALA D 475 -16.95 -15.96 -3.47
CA ALA D 475 -17.66 -16.90 -4.31
C ALA D 475 -19.10 -16.51 -4.58
N HIS D 476 -19.85 -16.17 -3.56
CA HIS D 476 -21.22 -15.78 -3.83
C HIS D 476 -21.25 -14.36 -4.39
N ASN D 477 -20.19 -13.58 -4.12
CA ASN D 477 -20.09 -12.22 -4.65
C ASN D 477 -19.04 -12.13 -5.74
N LEU D 478 -19.51 -12.16 -6.98
CA LEU D 478 -18.69 -12.14 -8.20
C LEU D 478 -18.69 -10.83 -8.97
N LEU D 479 -19.83 -10.16 -8.94
CA LEU D 479 -20.05 -8.94 -9.69
C LEU D 479 -20.04 -7.64 -8.87
N SER D 480 -19.59 -6.57 -9.53
CA SER D 480 -19.48 -5.25 -8.93
C SER D 480 -20.71 -4.41 -9.07
N PRO D 481 -21.55 -4.36 -8.02
CA PRO D 481 -22.77 -3.57 -8.07
C PRO D 481 -22.37 -2.26 -8.72
N ALA D 482 -21.12 -1.87 -8.46
CA ALA D 482 -20.59 -0.64 -9.00
C ALA D 482 -20.98 -0.50 -10.46
N SER D 483 -21.22 -1.61 -11.14
CA SER D 483 -21.61 -1.54 -12.54
C SER D 483 -22.00 -2.88 -13.15
N GLY D 484 -22.81 -3.63 -12.42
CA GLY D 484 -23.31 -4.91 -12.89
C GLY D 484 -22.42 -5.79 -13.76
N GLU D 485 -21.13 -5.55 -13.73
CA GLU D 485 -20.24 -6.38 -14.53
C GLU D 485 -19.39 -7.23 -13.60
N PRO D 486 -18.74 -8.26 -14.15
CA PRO D 486 -17.89 -9.15 -13.35
C PRO D 486 -16.76 -8.46 -12.59
N LEU D 487 -15.99 -9.23 -11.84
CA LEU D 487 -14.88 -8.72 -11.06
C LEU D 487 -13.97 -9.90 -10.80
N ALA D 488 -14.59 -11.06 -10.70
CA ALA D 488 -13.84 -12.29 -10.49
C ALA D 488 -13.24 -12.61 -11.84
N LYS D 489 -13.11 -11.58 -12.67
CA LYS D 489 -12.59 -11.73 -14.02
C LYS D 489 -11.17 -12.20 -14.17
N PRO D 490 -10.99 -13.38 -14.75
CA PRO D 490 -9.64 -13.92 -14.92
C PRO D 490 -8.87 -12.81 -15.58
N SER D 491 -7.54 -12.91 -15.57
CA SER D 491 -6.79 -11.87 -16.20
C SER D 491 -5.30 -11.90 -15.97
N ARG D 492 -4.69 -10.77 -16.32
CA ARG D 492 -3.26 -10.54 -16.19
C ARG D 492 -2.41 -11.79 -16.18
N ASP D 493 -2.81 -12.78 -16.97
CA ASP D 493 -2.09 -14.04 -17.09
C ASP D 493 -3.02 -15.10 -17.60
N ILE D 494 -3.91 -15.52 -16.70
CA ILE D 494 -4.94 -16.53 -16.99
C ILE D 494 -5.21 -16.33 -18.46
N ILE D 495 -5.37 -15.06 -18.78
CA ILE D 495 -5.60 -14.63 -20.12
C ILE D 495 -4.46 -15.23 -20.94
N LEU D 496 -3.36 -14.49 -21.00
CA LEU D 496 -2.19 -14.90 -21.73
C LEU D 496 -2.38 -16.34 -22.11
N GLY D 497 -2.46 -17.18 -21.08
CA GLY D 497 -2.67 -18.59 -21.31
C GLY D 497 -3.73 -18.80 -22.37
N LEU D 498 -4.98 -18.83 -21.94
CA LEU D 498 -6.10 -19.04 -22.83
C LEU D 498 -5.90 -18.59 -24.28
N TYR D 499 -5.27 -17.43 -24.45
CA TYR D 499 -5.04 -16.88 -25.78
C TYR D 499 -4.21 -17.86 -26.60
N TYR D 500 -2.94 -17.95 -26.24
CA TYR D 500 -1.99 -18.82 -26.89
C TYR D 500 -2.59 -20.12 -27.39
N ILE D 501 -3.35 -20.79 -26.53
CA ILE D 501 -3.96 -22.05 -26.88
C ILE D 501 -5.22 -21.84 -27.71
N THR D 502 -5.54 -20.58 -27.98
CA THR D 502 -6.73 -20.29 -28.78
C THR D 502 -6.51 -19.17 -29.78
N GLN D 503 -5.29 -19.05 -30.30
CA GLN D 503 -4.96 -18.01 -31.28
C GLN D 503 -4.82 -18.63 -32.66
N VAL D 504 -4.21 -19.81 -32.71
CA VAL D 504 -4.00 -20.53 -33.96
C VAL D 504 -2.88 -19.83 -34.73
N ARG D 505 -2.25 -20.54 -35.67
CA ARG D 505 -1.14 -19.98 -36.45
C ARG D 505 -1.40 -19.64 -37.93
N LYS D 506 -0.41 -19.00 -38.55
CA LYS D 506 -0.45 -18.61 -39.97
C LYS D 506 0.97 -18.57 -40.52
N GLU D 507 1.29 -19.47 -41.46
CA GLU D 507 2.62 -19.58 -42.07
C GLU D 507 2.61 -19.02 -43.50
N LYS D 508 3.79 -18.86 -44.12
CA LYS D 508 3.83 -18.31 -45.47
C LYS D 508 4.56 -19.05 -46.59
N LYS D 509 5.43 -20.00 -46.27
CA LYS D 509 6.13 -20.73 -47.32
C LYS D 509 5.15 -21.53 -48.18
N GLY D 510 4.18 -20.83 -48.78
CA GLY D 510 3.18 -21.46 -49.63
C GLY D 510 2.02 -20.53 -49.99
N ALA D 511 1.94 -20.13 -51.25
CA ALA D 511 0.88 -19.24 -51.71
C ALA D 511 -0.21 -19.97 -52.49
N GLY D 512 0.04 -20.28 -53.76
CA GLY D 512 -0.95 -20.99 -54.57
C GLY D 512 -1.30 -22.33 -53.97
N MET D 513 -2.06 -22.25 -52.86
CA MET D 513 -2.53 -23.38 -52.03
C MET D 513 -3.96 -23.93 -52.30
N ALA D 514 -4.92 -23.62 -51.42
CA ALA D 514 -6.29 -24.12 -51.51
C ALA D 514 -7.05 -24.06 -52.84
N PHE D 515 -8.33 -24.44 -52.81
CA PHE D 515 -9.12 -24.49 -54.04
C PHE D 515 -10.53 -25.02 -53.78
N ALA D 516 -11.49 -24.55 -54.56
CA ALA D 516 -12.88 -24.99 -54.45
C ALA D 516 -12.92 -26.39 -55.04
N THR D 517 -12.11 -26.58 -56.08
CA THR D 517 -11.92 -27.86 -56.80
C THR D 517 -10.44 -28.17 -56.53
N PRO D 518 -10.14 -29.35 -55.93
CA PRO D 518 -8.75 -29.76 -55.62
C PRO D 518 -7.61 -29.52 -56.64
N GLU D 519 -6.73 -28.55 -56.35
CA GLU D 519 -5.58 -28.25 -57.22
C GLU D 519 -4.85 -29.58 -57.40
N GLU D 520 -4.94 -30.13 -58.61
CA GLU D 520 -4.32 -31.41 -58.94
C GLU D 520 -5.01 -32.51 -58.18
N ALA D 521 -4.76 -32.59 -56.88
CA ALA D 521 -5.39 -33.61 -56.06
C ALA D 521 -5.11 -33.43 -54.58
N LEU D 522 -5.56 -34.42 -53.82
CA LEU D 522 -5.37 -34.41 -52.40
C LEU D 522 -4.14 -35.29 -52.18
N ALA D 523 -4.16 -36.47 -52.80
CA ALA D 523 -3.05 -37.42 -52.70
C ALA D 523 -1.77 -36.72 -53.11
N ALA D 524 -1.93 -35.55 -53.73
CA ALA D 524 -0.81 -34.76 -54.21
C ALA D 524 -0.64 -33.57 -53.29
N TYR D 525 -1.69 -32.75 -53.19
CA TYR D 525 -1.66 -31.60 -52.35
C TYR D 525 -0.81 -31.95 -51.13
N GLU D 526 -1.06 -33.11 -50.54
CA GLU D 526 -0.33 -33.54 -49.36
C GLU D 526 1.11 -33.95 -49.56
N ARG D 527 1.34 -35.04 -50.27
CA ARG D 527 2.70 -35.52 -50.52
C ARG D 527 3.63 -34.34 -50.80
N GLY D 528 3.05 -33.28 -51.36
CA GLY D 528 3.83 -32.10 -51.66
C GLY D 528 4.33 -31.49 -50.37
N GLU D 529 3.81 -32.02 -49.27
CA GLU D 529 4.19 -31.56 -47.95
C GLU D 529 5.37 -32.41 -47.47
N VAL D 530 5.21 -33.73 -47.39
CA VAL D 530 6.32 -34.57 -46.93
C VAL D 530 7.52 -34.42 -47.89
N ALA D 531 7.30 -33.67 -48.97
CA ALA D 531 8.31 -33.34 -49.97
C ALA D 531 8.31 -31.81 -50.11
N LEU D 532 8.74 -31.16 -49.03
CA LEU D 532 8.85 -29.70 -48.84
C LEU D 532 7.90 -28.69 -49.50
N ASN D 533 8.16 -27.42 -49.18
CA ASN D 533 7.44 -26.23 -49.66
C ASN D 533 6.38 -25.66 -48.71
N ALA D 534 5.13 -25.68 -49.14
CA ALA D 534 4.01 -25.18 -48.35
C ALA D 534 3.74 -26.04 -47.13
N PRO D 535 3.79 -25.43 -45.94
CA PRO D 535 3.56 -26.07 -44.65
C PRO D 535 2.12 -26.12 -44.14
N ILE D 536 1.84 -27.21 -43.44
CA ILE D 536 0.55 -27.49 -42.82
C ILE D 536 -0.49 -26.39 -42.97
N VAL D 537 -0.40 -25.40 -42.09
CA VAL D 537 -1.32 -24.28 -42.11
C VAL D 537 -0.70 -23.17 -42.95
N VAL D 538 -1.51 -22.54 -43.79
CA VAL D 538 -1.06 -21.45 -44.68
C VAL D 538 -2.20 -20.98 -45.60
N ALA D 539 -1.96 -19.89 -46.34
CA ALA D 539 -2.96 -19.35 -47.25
C ALA D 539 -3.64 -20.45 -48.07
N GLY D 540 -4.69 -20.06 -48.77
CA GLY D 540 -5.43 -21.00 -49.59
C GLY D 540 -6.78 -20.38 -49.85
N ARG D 541 -7.55 -20.94 -50.77
CA ARG D 541 -8.90 -20.44 -51.10
C ARG D 541 -9.91 -21.25 -50.30
N GLU D 542 -9.52 -22.48 -49.94
CA GLU D 542 -10.39 -23.37 -49.18
C GLU D 542 -9.68 -24.36 -48.25
N THR D 543 -8.34 -24.36 -48.21
CA THR D 543 -7.64 -25.32 -47.36
C THR D 543 -6.12 -25.17 -47.19
N SER D 544 -5.59 -25.86 -46.17
CA SER D 544 -4.17 -25.92 -45.80
C SER D 544 -3.88 -27.42 -45.57
N VAL D 545 -2.64 -27.86 -45.82
CA VAL D 545 -2.28 -29.28 -45.67
C VAL D 545 -2.92 -29.91 -44.46
N GLY D 546 -2.90 -29.17 -43.37
CA GLY D 546 -3.50 -29.67 -42.16
C GLY D 546 -4.95 -30.00 -42.44
N ARG D 547 -5.68 -29.02 -42.95
CA ARG D 547 -7.10 -29.18 -43.26
C ARG D 547 -7.36 -30.58 -43.78
N LEU D 548 -6.32 -31.22 -44.30
CA LEU D 548 -6.45 -32.57 -44.84
C LEU D 548 -5.63 -33.62 -44.08
N LYS D 549 -4.38 -33.32 -43.72
CA LYS D 549 -3.54 -34.29 -43.02
C LYS D 549 -4.22 -34.84 -41.76
N PHE D 550 -4.98 -34.00 -41.08
CA PHE D 550 -5.66 -34.41 -39.86
C PHE D 550 -7.19 -34.36 -39.96
N VAL D 551 -7.76 -35.56 -40.02
CA VAL D 551 -9.21 -35.78 -40.09
C VAL D 551 -9.56 -36.50 -38.76
N PHE D 552 -9.73 -35.73 -37.67
CA PHE D 552 -10.03 -36.28 -36.34
C PHE D 552 -11.52 -36.45 -35.99
N ALA D 553 -11.84 -37.58 -35.36
CA ALA D 553 -13.21 -37.93 -34.98
C ALA D 553 -13.73 -37.33 -33.67
N ASN D 554 -13.02 -37.55 -32.58
CA ASN D 554 -13.43 -37.03 -31.28
C ASN D 554 -12.53 -35.90 -30.86
N PRO D 555 -12.91 -35.18 -29.80
CA PRO D 555 -11.99 -34.11 -29.42
C PRO D 555 -10.75 -34.85 -28.94
N ASP D 556 -11.01 -35.99 -28.31
CA ASP D 556 -9.98 -36.88 -27.77
C ASP D 556 -8.78 -36.91 -28.70
N GLU D 557 -8.96 -37.65 -29.78
CA GLU D 557 -7.98 -37.84 -30.84
C GLU D 557 -7.18 -36.57 -31.04
N ALA D 558 -7.83 -35.59 -31.66
CA ALA D 558 -7.23 -34.30 -31.94
C ALA D 558 -6.22 -33.99 -30.86
N LEU D 559 -6.62 -34.31 -29.64
CA LEU D 559 -5.75 -34.07 -28.52
C LEU D 559 -4.72 -35.18 -28.44
N LEU D 560 -5.19 -36.41 -28.32
CA LEU D 560 -4.25 -37.53 -28.24
C LEU D 560 -3.15 -37.30 -29.27
N ALA D 561 -3.46 -36.54 -30.30
CA ALA D 561 -2.49 -36.22 -31.32
C ALA D 561 -1.38 -35.43 -30.64
N VAL D 562 -1.72 -34.24 -30.14
CA VAL D 562 -0.77 -33.36 -29.46
C VAL D 562 0.08 -34.08 -28.42
N ALA D 563 -0.32 -35.29 -28.06
CA ALA D 563 0.44 -36.08 -27.09
C ALA D 563 1.76 -36.39 -27.76
N HIS D 564 1.66 -36.69 -29.05
CA HIS D 564 2.82 -36.99 -29.88
C HIS D 564 3.07 -35.74 -30.74
N GLY D 565 4.33 -35.33 -30.84
CA GLY D 565 4.71 -34.15 -31.59
C GLY D 565 4.25 -34.04 -33.02
N LEU D 566 2.95 -34.01 -33.23
CA LEU D 566 2.42 -33.88 -34.58
C LEU D 566 2.08 -32.42 -34.83
N LEU D 567 1.21 -31.85 -34.00
CA LEU D 567 0.85 -30.45 -34.13
C LEU D 567 0.92 -29.80 -32.76
N ASP D 568 0.65 -28.50 -32.69
CA ASP D 568 0.73 -27.81 -31.42
C ASP D 568 -0.48 -27.03 -30.96
N LEU D 569 -1.61 -27.72 -30.84
CA LEU D 569 -2.84 -27.08 -30.38
C LEU D 569 -3.36 -25.95 -31.28
N GLN D 570 -2.47 -25.06 -31.67
CA GLN D 570 -2.82 -23.90 -32.49
C GLN D 570 -2.98 -24.12 -34.00
N ASP D 571 -2.70 -25.31 -34.51
CA ASP D 571 -2.84 -25.55 -35.95
C ASP D 571 -4.31 -25.70 -36.30
N VAL D 572 -4.64 -25.42 -37.56
CA VAL D 572 -6.02 -25.50 -38.02
C VAL D 572 -6.36 -26.90 -38.52
N VAL D 573 -6.84 -27.79 -37.65
CA VAL D 573 -7.15 -29.15 -38.09
C VAL D 573 -8.63 -29.46 -38.21
N THR D 574 -8.93 -30.34 -39.14
CA THR D 574 -10.29 -30.76 -39.38
C THR D 574 -10.68 -31.73 -38.28
N VAL D 575 -11.80 -31.46 -37.61
CA VAL D 575 -12.26 -32.36 -36.55
C VAL D 575 -13.74 -32.22 -36.25
N ARG D 576 -14.42 -33.35 -36.15
CA ARG D 576 -15.85 -33.38 -35.87
C ARG D 576 -16.15 -33.22 -34.39
N TYR D 577 -16.69 -32.06 -34.04
CA TYR D 577 -17.07 -31.74 -32.67
C TYR D 577 -18.59 -31.85 -32.55
N LEU D 578 -19.05 -32.51 -31.49
CA LEU D 578 -20.47 -32.69 -31.24
C LEU D 578 -21.19 -33.23 -32.47
N GLY D 579 -21.75 -32.32 -33.26
CA GLY D 579 -22.48 -32.74 -34.44
C GLY D 579 -22.24 -32.04 -35.75
N ARG D 580 -21.00 -32.10 -36.24
CA ARG D 580 -20.63 -31.51 -37.54
C ARG D 580 -19.12 -31.46 -37.73
N ARG D 581 -18.67 -30.95 -38.88
CA ARG D 581 -17.25 -30.84 -39.19
C ARG D 581 -16.79 -29.42 -38.87
N LEU D 582 -15.66 -29.30 -38.16
CA LEU D 582 -15.15 -28.00 -37.78
C LEU D 582 -13.67 -27.76 -38.08
N GLU D 583 -13.40 -26.55 -38.57
CA GLU D 583 -12.05 -26.10 -38.95
C GLU D 583 -11.08 -25.92 -37.76
N THR D 584 -11.56 -25.24 -36.72
CA THR D 584 -10.84 -24.93 -35.47
C THR D 584 -9.54 -25.71 -35.11
N SER D 585 -8.85 -25.26 -34.05
CA SER D 585 -7.58 -25.85 -33.58
C SER D 585 -7.74 -26.78 -32.38
N PRO D 586 -6.77 -27.69 -32.18
CA PRO D 586 -6.89 -28.59 -31.04
C PRO D 586 -6.95 -27.65 -29.86
N GLY D 587 -6.32 -26.49 -30.05
CA GLY D 587 -6.25 -25.47 -29.02
C GLY D 587 -7.55 -24.74 -28.70
N ARG D 588 -8.33 -24.41 -29.71
CA ARG D 588 -9.58 -23.74 -29.44
C ARG D 588 -10.52 -24.74 -28.79
N ILE D 589 -10.83 -25.81 -29.52
CA ILE D 589 -11.71 -26.87 -29.03
C ILE D 589 -11.56 -27.13 -27.53
N LEU D 590 -10.33 -27.41 -27.12
CA LEU D 590 -10.04 -27.70 -25.73
C LEU D 590 -10.67 -26.68 -24.80
N PHE D 591 -10.44 -25.40 -25.11
CA PHE D 591 -11.02 -24.35 -24.29
C PHE D 591 -12.41 -24.79 -23.90
N ALA D 592 -13.25 -24.96 -24.92
CA ALA D 592 -14.62 -25.39 -24.71
C ALA D 592 -14.69 -26.47 -23.65
N ARG D 593 -14.42 -27.70 -24.07
CA ARG D 593 -14.45 -28.85 -23.17
C ARG D 593 -14.09 -28.36 -21.77
N ILE D 594 -12.92 -27.73 -21.67
CA ILE D 594 -12.49 -27.20 -20.40
C ILE D 594 -13.70 -26.52 -19.81
N VAL D 595 -14.11 -25.43 -20.45
CA VAL D 595 -15.28 -24.68 -20.00
C VAL D 595 -16.36 -25.72 -19.78
N GLY D 596 -16.84 -26.27 -20.88
CA GLY D 596 -17.88 -27.27 -20.83
C GLY D 596 -17.92 -28.14 -19.58
N GLU D 597 -17.13 -29.22 -19.57
CA GLU D 597 -17.10 -30.15 -18.44
C GLU D 597 -17.46 -29.48 -17.13
N ALA D 598 -16.47 -28.77 -16.61
CA ALA D 598 -16.59 -28.06 -15.36
C ALA D 598 -17.82 -27.14 -15.34
N VAL D 599 -18.45 -27.00 -16.50
CA VAL D 599 -19.67 -26.21 -16.62
C VAL D 599 -20.83 -27.14 -16.36
N GLY D 600 -20.68 -28.39 -16.81
CA GLY D 600 -21.72 -29.39 -16.62
C GLY D 600 -22.37 -29.91 -17.89
N ASP D 601 -22.77 -28.99 -18.75
CA ASP D 601 -23.41 -29.33 -19.99
C ASP D 601 -22.55 -28.91 -21.18
N GLU D 602 -21.77 -29.85 -21.66
CA GLU D 602 -20.84 -29.70 -22.78
C GLU D 602 -21.45 -29.02 -24.00
N LYS D 603 -22.78 -28.81 -23.99
CA LYS D 603 -23.48 -28.20 -25.11
C LYS D 603 -23.87 -26.73 -24.95
N VAL D 604 -24.60 -26.41 -23.90
CA VAL D 604 -25.00 -25.03 -23.68
C VAL D 604 -23.71 -24.24 -23.56
N ALA D 605 -22.64 -24.93 -23.17
CA ALA D 605 -21.35 -24.29 -23.06
C ALA D 605 -21.09 -23.67 -24.43
N GLN D 606 -20.69 -24.53 -25.37
CA GLN D 606 -20.41 -24.15 -26.76
C GLN D 606 -21.20 -22.89 -27.10
N GLU D 607 -22.43 -22.85 -26.57
CA GLU D 607 -23.32 -21.73 -26.79
C GLU D 607 -22.65 -20.39 -26.47
N LEU D 608 -22.65 -19.99 -25.22
CA LEU D 608 -22.05 -18.72 -24.84
C LEU D 608 -20.73 -18.48 -25.54
N ILE D 609 -19.86 -19.48 -25.52
CA ILE D 609 -18.53 -19.38 -26.14
C ILE D 609 -18.54 -18.74 -27.52
N GLN D 610 -17.41 -18.13 -27.88
CA GLN D 610 -17.26 -17.54 -29.20
C GLN D 610 -16.28 -18.45 -29.95
N MET D 611 -16.70 -19.71 -30.07
CA MET D 611 -16.01 -20.81 -30.75
C MET D 611 -14.82 -20.61 -31.69
N ASP D 612 -14.78 -19.49 -32.43
CA ASP D 612 -13.69 -19.24 -33.36
C ASP D 612 -13.19 -17.80 -33.35
N VAL D 613 -12.06 -17.59 -32.69
CA VAL D 613 -11.43 -16.26 -32.57
C VAL D 613 -10.59 -16.23 -31.29
N PRO D 614 -9.44 -15.54 -31.32
CA PRO D 614 -8.60 -15.46 -30.12
C PRO D 614 -9.32 -15.02 -28.84
N GLN D 615 -9.27 -15.84 -27.79
CA GLN D 615 -9.92 -15.52 -26.53
C GLN D 615 -9.29 -14.27 -25.91
N GLU D 616 -9.97 -13.62 -24.97
CA GLU D 616 -9.42 -12.42 -24.32
C GLU D 616 -10.23 -11.81 -23.18
N LYS D 617 -9.72 -10.73 -22.59
CA LYS D 617 -10.42 -10.06 -21.49
C LYS D 617 -11.89 -9.98 -21.82
N ASN D 618 -12.26 -8.89 -22.48
CA ASN D 618 -13.64 -8.65 -22.88
C ASN D 618 -14.32 -9.99 -23.11
N SER D 619 -13.80 -10.75 -24.07
CA SER D 619 -14.29 -12.07 -24.46
C SER D 619 -15.02 -12.84 -23.36
N LEU D 620 -14.23 -13.62 -22.64
CA LEU D 620 -14.69 -14.46 -21.56
C LEU D 620 -15.62 -13.68 -20.64
N LYS D 621 -15.10 -12.56 -20.12
CA LYS D 621 -15.87 -11.67 -19.25
C LYS D 621 -17.34 -11.94 -19.55
N ASP D 622 -17.74 -11.65 -20.79
CA ASP D 622 -19.11 -11.86 -21.22
C ASP D 622 -19.42 -13.27 -20.77
N LEU D 623 -18.83 -14.24 -21.46
CA LEU D 623 -19.05 -15.62 -21.07
C LEU D 623 -19.27 -15.57 -19.58
N VAL D 624 -18.21 -15.18 -18.88
CA VAL D 624 -18.24 -15.06 -17.44
C VAL D 624 -19.65 -14.64 -17.08
N TYR D 625 -19.92 -13.35 -17.25
CA TYR D 625 -21.24 -12.83 -16.96
C TYR D 625 -22.24 -13.82 -17.52
N GLN D 626 -22.22 -13.95 -18.85
CA GLN D 626 -23.09 -14.87 -19.57
C GLN D 626 -23.32 -16.09 -18.70
N ALA D 627 -22.35 -17.00 -18.71
CA ALA D 627 -22.42 -18.20 -17.91
C ALA D 627 -23.32 -17.99 -16.73
N PHE D 628 -22.88 -17.13 -15.81
CA PHE D 628 -23.68 -16.83 -14.63
C PHE D 628 -25.13 -16.70 -15.04
N LEU D 629 -25.38 -15.84 -16.03
CA LEU D 629 -26.73 -15.61 -16.51
C LEU D 629 -27.54 -16.90 -16.47
N ARG D 630 -27.28 -17.81 -17.40
CA ARG D 630 -28.00 -19.07 -17.49
C ARG D 630 -27.45 -20.26 -16.70
N LEU D 631 -26.77 -19.97 -15.60
CA LEU D 631 -26.22 -21.02 -14.72
C LEU D 631 -25.91 -20.51 -13.32
N GLY D 632 -26.41 -21.24 -12.32
CA GLY D 632 -26.24 -20.88 -10.92
C GLY D 632 -24.86 -20.46 -10.45
N MET D 633 -24.82 -19.43 -9.62
CA MET D 633 -23.55 -18.94 -9.09
C MET D 633 -22.61 -20.11 -8.89
N GLU D 634 -23.12 -21.13 -8.21
CA GLU D 634 -22.34 -22.33 -7.94
C GLU D 634 -21.40 -22.56 -9.10
N LYS D 635 -21.97 -23.09 -10.18
CA LYS D 635 -21.22 -23.38 -11.38
C LYS D 635 -20.31 -22.19 -11.72
N THR D 636 -20.91 -21.04 -12.04
CA THR D 636 -20.17 -19.85 -12.41
C THR D 636 -18.76 -19.92 -11.85
N ALA D 637 -18.69 -20.13 -10.54
CA ALA D 637 -17.41 -20.24 -9.90
C ALA D 637 -16.53 -21.25 -10.61
N ARG D 638 -16.76 -22.54 -10.33
CA ARG D 638 -15.96 -23.62 -10.92
C ARG D 638 -15.38 -23.14 -12.22
N LEU D 639 -16.21 -22.56 -13.07
CA LEU D 639 -15.72 -22.03 -14.31
C LEU D 639 -14.58 -21.11 -13.93
N LEU D 640 -14.92 -19.93 -13.42
CA LEU D 640 -13.90 -18.98 -13.01
C LEU D 640 -12.68 -19.79 -12.62
N ASP D 641 -12.89 -20.72 -11.69
CA ASP D 641 -11.82 -21.57 -11.22
C ASP D 641 -10.94 -22.12 -12.33
N ALA D 642 -11.15 -23.39 -12.68
CA ALA D 642 -10.36 -24.03 -13.71
C ALA D 642 -9.65 -23.01 -14.61
N LEU D 643 -10.43 -22.12 -15.22
CA LEU D 643 -9.85 -21.11 -16.07
C LEU D 643 -8.57 -20.76 -15.36
N LYS D 644 -8.71 -20.17 -14.19
CA LYS D 644 -7.57 -19.83 -13.36
C LYS D 644 -6.55 -20.91 -13.67
N TYR D 645 -6.82 -22.09 -13.14
CA TYR D 645 -5.93 -23.22 -13.34
C TYR D 645 -5.55 -23.44 -14.77
N TYR D 646 -6.40 -24.22 -15.43
CA TYR D 646 -6.20 -24.58 -16.81
C TYR D 646 -5.40 -23.58 -17.57
N GLY D 647 -5.71 -22.31 -17.36
CA GLY D 647 -4.96 -21.27 -18.03
C GLY D 647 -3.54 -21.31 -17.52
N PHE D 648 -3.40 -21.11 -16.22
CA PHE D 648 -2.11 -21.11 -15.55
C PHE D 648 -1.19 -22.18 -16.10
N THR D 649 -1.34 -23.39 -15.56
CA THR D 649 -0.53 -24.49 -16.02
C THR D 649 -0.29 -24.30 -17.52
N LEU D 650 -1.34 -23.99 -18.27
CA LEU D 650 -1.17 -23.79 -19.69
C LEU D 650 -0.26 -22.60 -19.94
N SER D 651 -0.67 -21.47 -19.40
CA SER D 651 0.05 -20.20 -19.52
C SER D 651 1.49 -20.38 -19.15
N THR D 652 1.88 -21.63 -19.00
CA THR D 652 3.25 -21.94 -18.66
C THR D 652 3.76 -23.10 -19.49
N THR D 653 2.91 -24.08 -19.76
CA THR D 653 3.35 -25.20 -20.58
C THR D 653 3.85 -24.58 -21.87
N SER D 654 3.08 -23.61 -22.38
CA SER D 654 3.43 -22.93 -23.62
C SER D 654 4.55 -21.91 -23.44
N GLY D 655 5.39 -22.17 -22.46
CA GLY D 655 6.52 -21.30 -22.14
C GLY D 655 6.89 -20.09 -22.99
N ILE D 656 6.32 -18.94 -22.65
CA ILE D 656 6.63 -17.71 -23.34
C ILE D 656 7.59 -16.99 -22.44
N THR D 657 8.17 -15.90 -22.92
CA THR D 657 9.14 -15.16 -22.13
C THR D 657 9.43 -13.76 -22.64
N ILE D 658 10.44 -13.12 -22.07
CA ILE D 658 10.83 -11.78 -22.46
C ILE D 658 12.32 -11.67 -22.73
N GLY D 659 12.68 -11.79 -23.99
CA GLY D 659 14.07 -11.68 -24.41
C GLY D 659 14.11 -10.42 -25.24
N ILE D 660 14.62 -9.35 -24.65
CA ILE D 660 14.69 -8.05 -25.30
C ILE D 660 14.49 -8.05 -26.80
N ASP D 661 15.12 -8.99 -27.49
CA ASP D 661 14.96 -9.04 -28.95
C ASP D 661 13.46 -9.01 -29.26
N ASP D 662 12.69 -9.75 -28.48
CA ASP D 662 11.24 -9.79 -28.68
C ASP D 662 10.68 -8.38 -28.57
N ALA D 663 11.50 -7.45 -28.08
CA ALA D 663 11.08 -6.06 -27.96
C ALA D 663 11.31 -5.51 -29.36
N VAL D 664 10.45 -5.95 -30.28
CA VAL D 664 10.54 -5.60 -31.69
C VAL D 664 10.40 -4.12 -32.09
N ILE D 665 11.14 -3.74 -33.13
CA ILE D 665 11.12 -2.40 -33.70
C ILE D 665 10.75 -2.55 -35.18
N PRO D 666 9.67 -1.89 -35.64
CA PRO D 666 9.25 -1.99 -37.04
C PRO D 666 10.27 -1.39 -38.02
N GLU D 667 10.80 -2.22 -38.92
CA GLU D 667 11.81 -1.78 -39.89
C GLU D 667 11.60 -0.33 -40.36
N GLU D 668 10.35 0.04 -40.61
CA GLU D 668 10.02 1.38 -41.08
C GLU D 668 10.35 2.48 -40.05
N LYS D 669 11.02 2.14 -38.96
CA LYS D 669 11.33 3.19 -38.01
C LYS D 669 12.17 4.20 -38.74
N GLN D 670 13.31 3.76 -39.26
CA GLN D 670 14.22 4.63 -39.99
C GLN D 670 13.43 5.49 -40.99
N ARG D 671 13.01 4.90 -42.10
CA ARG D 671 12.23 5.62 -43.11
C ARG D 671 11.18 6.60 -42.53
N TYR D 672 10.63 6.30 -41.36
CA TYR D 672 9.63 7.17 -40.73
C TYR D 672 10.25 8.33 -39.95
N LEU D 673 11.28 8.05 -39.18
CA LEU D 673 11.98 9.07 -38.40
C LEU D 673 12.92 9.75 -39.38
N GLU D 674 13.01 9.16 -40.58
CA GLU D 674 13.84 9.67 -41.66
C GLU D 674 13.08 10.70 -42.50
N GLU D 675 11.93 10.30 -43.06
CA GLU D 675 11.12 11.18 -43.90
C GLU D 675 10.50 12.31 -43.06
N ALA D 676 10.34 12.04 -41.77
CA ALA D 676 9.80 13.02 -40.83
C ALA D 676 10.93 14.01 -40.49
N ASP D 677 12.10 13.47 -40.15
CA ASP D 677 13.29 14.25 -39.81
C ASP D 677 13.50 15.31 -40.88
N ARG D 678 13.03 14.99 -42.08
CA ARG D 678 13.18 15.90 -43.20
C ARG D 678 12.07 16.95 -43.30
N LYS D 679 10.84 16.63 -42.92
CA LYS D 679 9.76 17.62 -43.01
C LYS D 679 10.05 18.86 -42.13
N LEU D 680 11.10 18.76 -41.30
CA LEU D 680 11.55 19.82 -40.39
C LEU D 680 12.48 20.84 -41.03
N ARG D 681 13.54 20.37 -41.67
CA ARG D 681 14.46 21.26 -42.36
C ARG D 681 13.65 22.05 -43.40
N GLN D 682 12.36 21.72 -43.57
CA GLN D 682 11.50 22.41 -44.54
C GLN D 682 10.48 23.35 -43.91
N ILE D 683 10.47 23.40 -42.58
CA ILE D 683 9.55 24.27 -41.86
C ILE D 683 10.34 25.32 -41.07
N GLU D 684 11.65 25.10 -41.01
CA GLU D 684 12.59 25.98 -40.32
C GLU D 684 13.32 26.79 -41.42
N GLN D 685 13.36 26.20 -42.62
CA GLN D 685 13.97 26.77 -43.84
C GLN D 685 12.83 27.37 -44.63
N ALA D 686 11.65 27.28 -44.03
CA ALA D 686 10.42 27.83 -44.55
C ALA D 686 10.21 29.04 -43.63
N TYR D 687 10.81 28.99 -42.44
CA TYR D 687 10.72 30.07 -41.46
C TYR D 687 11.79 31.15 -41.78
N GLU D 688 12.97 30.68 -42.19
CA GLU D 688 14.12 31.52 -42.58
C GLU D 688 13.69 32.79 -43.34
N MET D 689 12.66 32.61 -44.15
CA MET D 689 12.06 33.67 -44.95
C MET D 689 11.02 34.32 -44.06
N GLY D 690 9.77 33.94 -44.27
CA GLY D 690 8.67 34.48 -43.49
C GLY D 690 7.35 33.73 -43.64
N PHE D 691 7.32 32.69 -44.49
CA PHE D 691 6.12 31.85 -44.74
C PHE D 691 5.30 31.62 -43.43
N LEU D 692 6.01 31.52 -42.30
CA LEU D 692 5.39 31.24 -40.99
C LEU D 692 5.78 32.20 -39.84
N THR D 693 4.78 32.59 -39.03
CA THR D 693 5.02 33.46 -37.85
C THR D 693 5.66 32.53 -36.82
N ASP D 694 6.05 33.03 -35.64
CA ASP D 694 6.66 32.14 -34.65
C ASP D 694 5.58 31.23 -34.10
N ARG D 695 4.34 31.66 -34.28
CA ARG D 695 3.17 30.91 -33.83
C ARG D 695 2.74 29.89 -34.90
N GLU D 696 2.55 30.34 -36.14
CA GLU D 696 2.15 29.40 -37.20
C GLU D 696 3.24 28.31 -37.29
N ARG D 697 4.47 28.66 -36.91
CA ARG D 697 5.64 27.74 -36.94
C ARG D 697 5.68 26.70 -35.81
N TYR D 698 5.71 27.18 -34.57
CA TYR D 698 5.78 26.32 -33.41
C TYR D 698 4.67 25.24 -33.34
N ASP D 699 3.51 25.51 -33.96
CA ASP D 699 2.39 24.56 -33.96
C ASP D 699 2.53 23.49 -35.02
N GLN D 700 3.59 23.60 -35.80
CA GLN D 700 3.87 22.67 -36.90
C GLN D 700 4.89 21.60 -36.50
N VAL D 701 5.96 22.00 -35.84
CA VAL D 701 6.96 21.03 -35.40
C VAL D 701 6.27 20.14 -34.36
N ILE D 702 5.26 20.70 -33.71
CA ILE D 702 4.51 19.96 -32.71
C ILE D 702 3.54 19.00 -33.38
N GLN D 703 2.51 19.54 -34.03
CA GLN D 703 1.53 18.70 -34.74
C GLN D 703 2.27 17.85 -35.77
N LEU D 704 3.59 18.02 -35.79
CA LEU D 704 4.47 17.28 -36.69
C LEU D 704 4.76 15.91 -36.14
N TRP D 705 5.68 15.89 -35.17
CA TRP D 705 6.09 14.64 -34.57
C TRP D 705 4.95 13.80 -34.06
N THR D 706 3.86 14.44 -33.66
CA THR D 706 2.70 13.70 -33.15
C THR D 706 2.01 12.93 -34.28
N GLU D 707 2.07 13.46 -35.49
CA GLU D 707 1.48 12.79 -36.63
C GLU D 707 2.39 11.58 -36.87
N THR D 708 3.71 11.82 -36.94
CA THR D 708 4.71 10.76 -37.16
C THR D 708 4.68 9.78 -36.00
N THR D 709 4.60 10.33 -34.80
CA THR D 709 4.55 9.55 -33.58
C THR D 709 3.47 8.48 -33.77
N GLU D 710 2.26 8.92 -34.11
CA GLU D 710 1.12 8.03 -34.32
C GLU D 710 1.43 7.00 -35.42
N LYS D 711 2.37 7.34 -36.29
CA LYS D 711 2.76 6.43 -37.36
C LYS D 711 3.56 5.33 -36.69
N VAL D 712 4.53 5.75 -35.88
CA VAL D 712 5.40 4.84 -35.12
C VAL D 712 4.49 3.83 -34.47
N THR D 713 3.60 4.35 -33.65
CA THR D 713 2.63 3.56 -32.92
C THR D 713 2.05 2.49 -33.85
N GLN D 714 0.98 2.86 -34.53
CA GLN D 714 0.27 1.97 -35.43
C GLN D 714 1.13 1.13 -36.37
N ALA D 715 2.28 1.65 -36.81
CA ALA D 715 3.14 0.89 -37.71
C ALA D 715 3.75 -0.34 -37.04
N VAL D 716 4.55 -0.11 -36.00
CA VAL D 716 5.19 -1.19 -35.26
C VAL D 716 4.15 -2.23 -34.93
N PHE D 717 2.89 -1.84 -35.04
CA PHE D 717 1.79 -2.74 -34.74
C PHE D 717 1.35 -3.52 -35.98
N LYS D 718 1.21 -2.83 -37.11
CA LYS D 718 0.79 -3.51 -38.32
C LYS D 718 1.76 -4.63 -38.55
N ASN D 719 3.05 -4.30 -38.44
CA ASN D 719 4.11 -5.29 -38.61
C ASN D 719 3.89 -6.36 -37.55
N PHE D 720 3.31 -5.94 -36.43
CA PHE D 720 3.06 -6.84 -35.32
C PHE D 720 1.95 -7.86 -35.56
N GLU D 721 1.26 -7.75 -36.68
CA GLU D 721 0.21 -8.72 -36.98
C GLU D 721 0.57 -9.62 -38.14
N GLU D 722 1.30 -9.07 -39.11
CA GLU D 722 1.72 -9.81 -40.30
C GLU D 722 2.99 -10.62 -40.02
N ASN D 723 3.72 -10.21 -38.98
CA ASN D 723 4.93 -10.90 -38.62
C ASN D 723 5.09 -10.86 -37.13
N TYR D 724 5.19 -12.04 -36.52
CA TYR D 724 5.36 -12.18 -35.07
C TYR D 724 4.04 -12.06 -34.28
N PRO D 725 2.91 -12.51 -34.87
CA PRO D 725 1.63 -12.41 -34.16
C PRO D 725 1.57 -13.21 -32.85
N PHE D 726 2.72 -13.70 -32.41
CA PHE D 726 2.82 -14.45 -31.14
C PHE D 726 3.88 -13.82 -30.27
N ASN D 727 4.39 -12.69 -30.75
CA ASN D 727 5.39 -11.93 -30.02
C ASN D 727 4.86 -11.72 -28.62
N PRO D 728 5.69 -12.02 -27.61
CA PRO D 728 5.28 -11.86 -26.23
C PRO D 728 4.44 -10.57 -26.02
N LEU D 729 5.11 -9.45 -25.79
CA LEU D 729 4.44 -8.17 -25.59
C LEU D 729 3.06 -8.13 -26.24
N TYR D 730 3.04 -7.88 -27.54
CA TYR D 730 1.80 -7.80 -28.32
C TYR D 730 0.73 -8.66 -27.66
N VAL D 731 0.66 -9.90 -28.13
CA VAL D 731 -0.31 -10.85 -27.65
C VAL D 731 -0.91 -10.35 -26.36
N MET D 732 -0.06 -10.12 -25.37
CA MET D 732 -0.54 -9.62 -24.09
C MET D 732 -1.47 -8.47 -24.36
N ALA D 733 -0.92 -7.31 -24.69
CA ALA D 733 -1.74 -6.13 -24.97
C ALA D 733 -3.01 -6.49 -25.74
N GLN D 734 -2.89 -7.35 -26.75
CA GLN D 734 -4.07 -7.76 -27.52
C GLN D 734 -5.01 -8.42 -26.55
N SER D 735 -4.61 -9.58 -26.06
CA SER D 735 -5.39 -10.29 -25.08
C SER D 735 -5.51 -9.36 -23.88
N GLY D 736 -5.87 -9.90 -22.72
CA GLY D 736 -5.99 -9.06 -21.55
C GLY D 736 -4.73 -8.91 -20.70
N ALA D 737 -3.90 -9.95 -20.68
CA ALA D 737 -2.67 -9.96 -19.90
C ALA D 737 -2.26 -8.57 -19.43
N ARG D 738 -1.24 -8.00 -20.09
CA ARG D 738 -0.77 -6.67 -19.73
C ARG D 738 -0.48 -5.88 -20.99
N GLY D 739 -0.31 -4.58 -20.81
CA GLY D 739 0.00 -3.72 -21.94
C GLY D 739 -1.19 -3.07 -22.59
N ASN D 740 -1.09 -1.75 -22.78
CA ASN D 740 -2.13 -0.96 -23.41
C ASN D 740 -1.62 -0.43 -24.75
N PRO D 741 -2.51 0.15 -25.58
CA PRO D 741 -2.02 0.67 -26.86
C PRO D 741 -0.76 1.51 -26.64
N GLN D 742 -0.83 2.43 -25.69
CA GLN D 742 0.28 3.31 -25.33
C GLN D 742 1.58 2.54 -25.06
N GLN D 743 1.92 2.46 -23.78
CA GLN D 743 3.11 1.77 -23.31
C GLN D 743 3.93 1.12 -24.42
N ILE D 744 3.46 -0.05 -24.84
CA ILE D 744 4.10 -0.83 -25.88
C ILE D 744 4.96 0.05 -26.71
N ARG D 745 4.36 1.15 -27.17
CA ARG D 745 5.11 2.04 -28.02
C ARG D 745 6.44 2.38 -27.42
N GLN D 746 6.44 3.21 -26.39
CA GLN D 746 7.67 3.62 -25.74
C GLN D 746 8.75 2.53 -25.76
N LEU D 747 8.30 1.29 -25.64
CA LEU D 747 9.21 0.15 -25.62
C LEU D 747 9.97 -0.03 -26.90
N CYS D 748 9.19 -0.28 -27.94
CA CYS D 748 9.67 -0.57 -29.27
C CYS D 748 9.94 0.62 -30.18
N GLY D 749 8.86 1.18 -30.74
CA GLY D 749 8.98 2.30 -31.66
C GLY D 749 9.56 3.61 -31.13
N MET D 750 8.92 4.17 -30.12
CA MET D 750 9.38 5.43 -29.56
C MET D 750 8.36 6.08 -28.65
N ARG D 751 8.83 7.09 -27.92
CA ARG D 751 8.00 7.82 -26.97
C ARG D 751 7.23 8.96 -27.60
N GLY D 752 7.91 10.06 -27.83
CA GLY D 752 7.26 11.21 -28.43
C GLY D 752 7.70 12.53 -27.81
N LEU D 753 6.76 13.46 -27.70
CA LEU D 753 7.05 14.77 -27.11
C LEU D 753 6.49 14.82 -25.70
N MET D 754 7.25 15.48 -24.83
CA MET D 754 6.89 15.58 -23.43
C MET D 754 6.12 16.83 -23.07
N GLN D 755 5.54 16.80 -21.87
CA GLN D 755 4.80 17.93 -21.35
C GLN D 755 5.72 18.65 -20.38
N LYS D 756 5.96 19.93 -20.66
CA LYS D 756 6.81 20.76 -19.83
C LYS D 756 6.26 20.75 -18.40
N PRO D 757 6.93 21.46 -17.48
CA PRO D 757 6.43 21.49 -16.11
C PRO D 757 5.21 22.40 -15.99
N SER D 758 5.11 23.35 -16.92
CA SER D 758 4.01 24.30 -16.95
C SER D 758 3.02 23.97 -18.08
N GLY D 759 2.86 22.68 -18.36
CA GLY D 759 1.94 22.21 -19.37
C GLY D 759 2.31 22.46 -20.83
N GLU D 760 3.57 22.79 -21.08
CA GLU D 760 4.07 23.06 -22.44
C GLU D 760 4.66 21.78 -23.04
N THR D 761 5.21 21.88 -24.25
CA THR D 761 5.80 20.74 -24.95
C THR D 761 6.99 21.19 -25.81
N PHE D 762 8.21 20.79 -25.43
CA PHE D 762 9.41 21.14 -26.18
C PHE D 762 9.24 20.67 -27.61
N GLU D 763 9.71 21.46 -28.56
CA GLU D 763 9.57 21.07 -29.96
C GLU D 763 10.60 20.02 -30.35
N VAL D 764 11.31 19.50 -29.35
CA VAL D 764 12.33 18.46 -29.53
C VAL D 764 11.76 17.13 -28.98
N PRO D 765 11.67 16.10 -29.84
CA PRO D 765 11.15 14.78 -29.47
C PRO D 765 12.10 13.81 -28.77
N VAL D 766 11.56 12.61 -28.54
CA VAL D 766 12.28 11.52 -27.91
C VAL D 766 12.28 10.39 -28.94
N ARG D 767 13.24 10.46 -29.85
CA ARG D 767 13.40 9.49 -30.93
C ARG D 767 13.67 8.10 -30.41
N SER D 768 14.61 8.01 -29.48
CA SER D 768 14.95 6.72 -28.92
C SER D 768 13.69 6.07 -28.39
N SER D 769 13.79 4.78 -28.10
CA SER D 769 12.69 4.00 -27.54
C SER D 769 13.38 3.19 -26.46
N PHE D 770 12.66 2.85 -25.41
CA PHE D 770 13.29 2.10 -24.35
C PHE D 770 14.11 0.90 -24.82
N ARG D 771 13.62 0.15 -25.81
CA ARG D 771 14.38 -1.01 -26.31
C ARG D 771 15.81 -0.56 -26.61
N GLU D 772 15.93 0.73 -26.88
CA GLU D 772 17.21 1.36 -27.15
C GLU D 772 17.48 2.15 -25.86
N GLY D 773 18.75 2.29 -25.50
CA GLY D 773 19.09 3.02 -24.29
C GLY D 773 18.91 4.53 -24.37
N LEU D 774 17.65 4.96 -24.24
CA LEU D 774 17.31 6.38 -24.31
C LEU D 774 18.46 7.23 -23.78
N THR D 775 18.79 8.30 -24.51
CA THR D 775 19.92 9.13 -24.10
C THR D 775 19.70 10.14 -23.00
N VAL D 776 20.83 10.69 -22.59
CA VAL D 776 20.97 11.68 -21.55
C VAL D 776 19.87 12.72 -21.41
N LEU D 777 19.71 13.53 -22.44
CA LEU D 777 18.70 14.58 -22.42
C LEU D 777 17.27 14.05 -22.36
N GLU D 778 16.88 13.35 -23.43
CA GLU D 778 15.54 12.77 -23.56
C GLU D 778 14.99 12.28 -22.23
N TYR D 779 15.90 11.88 -21.35
CA TYR D 779 15.51 11.40 -20.05
C TYR D 779 15.16 12.61 -19.20
N PHE D 780 16.09 13.55 -19.09
CA PHE D 780 15.85 14.72 -18.29
C PHE D 780 14.59 15.51 -18.63
N ILE D 781 13.95 15.14 -19.73
CA ILE D 781 12.73 15.82 -20.14
C ILE D 781 11.52 14.88 -20.14
N SER D 782 11.82 13.60 -20.20
CA SER D 782 10.79 12.56 -20.19
C SER D 782 10.52 12.23 -18.71
N SER D 783 11.34 12.82 -17.85
CA SER D 783 11.27 12.64 -16.41
C SER D 783 10.05 13.23 -15.74
N HIS D 784 9.86 14.52 -15.92
CA HIS D 784 8.73 15.20 -15.31
C HIS D 784 7.54 14.29 -15.20
N GLY D 785 7.09 13.79 -16.35
CA GLY D 785 5.93 12.92 -16.41
C GLY D 785 5.59 11.98 -15.26
N ALA D 786 6.56 11.19 -14.81
CA ALA D 786 6.35 10.21 -13.73
C ALA D 786 6.08 10.80 -12.34
N ARG D 787 6.61 11.98 -12.07
CA ARG D 787 6.43 12.60 -10.79
C ARG D 787 5.35 13.66 -10.78
N LYS D 788 5.19 14.36 -11.90
CA LYS D 788 4.14 15.37 -11.99
C LYS D 788 2.88 14.53 -12.18
N GLY D 789 3.14 13.26 -12.48
CA GLY D 789 2.12 12.25 -12.66
C GLY D 789 2.28 11.29 -11.50
N GLY D 790 3.11 11.74 -10.55
CA GLY D 790 3.38 11.01 -9.34
C GLY D 790 2.83 11.86 -8.22
N ALA D 791 2.40 13.06 -8.59
CA ALA D 791 1.81 14.01 -7.67
C ALA D 791 0.37 13.53 -7.55
N ASP D 792 -0.12 12.91 -8.63
CA ASP D 792 -1.46 12.34 -8.68
C ASP D 792 -1.47 11.26 -7.60
N THR D 793 -0.84 10.12 -7.91
CA THR D 793 -0.74 9.00 -6.98
C THR D 793 -0.40 9.52 -5.60
N ALA D 794 0.12 10.75 -5.59
CA ALA D 794 0.47 11.43 -4.36
C ALA D 794 -0.82 11.99 -3.76
N LEU D 795 -1.06 13.28 -3.98
CA LEU D 795 -2.24 13.94 -3.44
C LEU D 795 -3.57 13.25 -3.77
N ARG D 796 -3.54 12.29 -4.68
CA ARG D 796 -4.77 11.60 -5.04
C ARG D 796 -5.03 10.41 -4.11
N THR D 797 -4.02 10.02 -3.33
CA THR D 797 -4.16 8.88 -2.40
C THR D 797 -4.54 9.34 -1.00
N ALA D 798 -3.88 10.40 -0.55
CA ALA D 798 -4.11 10.97 0.78
C ALA D 798 -5.59 11.05 1.13
N ASP D 799 -6.25 12.12 0.68
CA ASP D 799 -7.68 12.35 0.95
C ASP D 799 -8.46 11.03 1.02
N SER D 800 -8.20 10.30 2.10
CA SER D 800 -8.79 9.00 2.37
C SER D 800 -9.84 8.66 1.33
N GLY D 801 -11.09 8.91 1.69
CA GLY D 801 -12.19 8.66 0.79
C GLY D 801 -12.94 9.97 0.71
N TYR D 802 -12.28 11.02 1.23
CA TYR D 802 -12.84 12.36 1.26
C TYR D 802 -14.23 12.40 0.64
N LEU D 803 -14.30 12.17 -0.66
CA LEU D 803 -15.58 12.14 -1.33
C LEU D 803 -16.45 11.18 -0.53
N THR D 804 -16.06 9.92 -0.58
CA THR D 804 -16.71 8.83 0.12
C THR D 804 -17.49 9.25 1.35
N ARG D 805 -16.75 9.64 2.38
CA ARG D 805 -17.35 10.06 3.64
C ARG D 805 -18.61 10.88 3.37
N LYS D 806 -18.44 12.20 3.27
CA LYS D 806 -19.54 13.13 3.02
C LYS D 806 -20.68 12.38 2.38
N LEU D 807 -20.36 11.71 1.29
CA LEU D 807 -21.31 10.90 0.57
C LEU D 807 -22.07 10.13 1.64
N VAL D 808 -21.42 9.07 2.09
CA VAL D 808 -21.96 8.19 3.10
C VAL D 808 -22.96 8.89 4.01
N ASP D 809 -22.46 9.73 4.92
CA ASP D 809 -23.30 10.45 5.87
C ASP D 809 -24.69 10.76 5.34
N VAL D 810 -24.78 11.09 4.06
CA VAL D 810 -26.06 11.42 3.52
C VAL D 810 -27.01 10.23 3.44
N ALA D 811 -26.84 9.38 2.44
CA ALA D 811 -27.74 8.25 2.23
C ALA D 811 -27.62 6.97 3.07
N HIS D 812 -26.84 6.97 4.14
CA HIS D 812 -26.72 5.75 4.94
C HIS D 812 -28.10 5.27 5.38
N GLU D 813 -29.10 6.09 5.11
CA GLU D 813 -30.50 5.82 5.43
C GLU D 813 -31.04 4.92 4.35
N ILE D 814 -31.28 5.59 3.24
CA ILE D 814 -31.81 5.00 2.04
C ILE D 814 -31.49 3.51 2.02
N VAL D 815 -32.54 2.71 1.94
CA VAL D 815 -32.44 1.25 1.90
C VAL D 815 -33.68 0.69 1.25
N VAL D 816 -33.61 -0.55 0.78
CA VAL D 816 -34.77 -1.17 0.18
C VAL D 816 -35.71 -1.31 1.35
N ARG D 817 -36.72 -0.45 1.46
CA ARG D 817 -37.65 -0.53 2.59
C ARG D 817 -39.07 -0.93 2.18
N GLU D 818 -39.24 -1.37 0.96
CA GLU D 818 -40.57 -1.72 0.52
C GLU D 818 -40.52 -2.17 -0.92
N ALA D 819 -41.62 -2.75 -1.39
CA ALA D 819 -41.72 -3.22 -2.76
C ALA D 819 -42.72 -2.36 -3.52
N ASP D 820 -42.17 -1.41 -4.29
CA ASP D 820 -42.97 -0.50 -5.08
C ASP D 820 -43.46 0.69 -4.25
N CYS D 821 -42.88 1.85 -4.45
CA CYS D 821 -43.31 3.02 -3.71
C CYS D 821 -44.81 3.18 -3.96
N GLY D 822 -45.27 2.53 -5.03
CA GLY D 822 -46.66 2.57 -5.40
C GLY D 822 -46.88 3.66 -6.45
N THR D 823 -45.84 4.46 -6.66
CA THR D 823 -45.90 5.56 -7.60
C THR D 823 -46.03 5.24 -9.07
N THR D 824 -46.78 6.09 -9.75
CA THR D 824 -46.98 5.93 -11.17
C THR D 824 -45.81 6.65 -11.78
N ASN D 825 -45.52 7.83 -11.23
CA ASN D 825 -44.44 8.67 -11.72
C ASN D 825 -43.23 7.88 -12.21
N TYR D 826 -42.59 8.41 -13.27
CA TYR D 826 -41.43 7.77 -13.89
C TYR D 826 -40.38 8.76 -14.34
N ILE D 827 -39.51 8.30 -15.23
CA ILE D 827 -38.46 9.16 -15.76
C ILE D 827 -38.28 8.92 -17.22
N SER D 828 -37.85 9.97 -17.90
CA SER D 828 -37.61 9.93 -19.34
C SER D 828 -36.09 9.79 -19.58
N VAL D 829 -35.63 8.60 -19.97
CA VAL D 829 -34.21 8.37 -20.20
C VAL D 829 -33.72 8.83 -21.56
N PRO D 830 -32.66 9.64 -21.57
CA PRO D 830 -32.06 10.20 -22.78
C PRO D 830 -31.16 9.24 -23.56
N LEU D 831 -31.59 8.83 -24.74
CA LEU D 831 -30.79 7.91 -25.55
C LEU D 831 -29.87 8.65 -26.50
N PHE D 832 -30.34 9.78 -27.01
CA PHE D 832 -29.58 10.58 -27.96
C PHE D 832 -29.02 11.85 -27.37
N GLN D 833 -27.69 11.90 -27.24
CA GLN D 833 -27.04 13.07 -26.71
C GLN D 833 -27.23 14.26 -27.64
N MET D 834 -27.18 15.45 -27.06
CA MET D 834 -27.32 16.71 -27.79
C MET D 834 -26.01 17.47 -27.60
N ASP D 835 -25.13 17.40 -28.60
CA ASP D 835 -23.83 18.08 -28.56
C ASP D 835 -24.06 19.57 -28.33
N GLU D 836 -23.82 20.05 -27.13
CA GLU D 836 -24.03 21.46 -26.82
C GLU D 836 -23.17 22.43 -27.67
N VAL D 837 -22.32 21.87 -28.53
CA VAL D 837 -21.45 22.68 -29.40
C VAL D 837 -21.99 22.68 -30.85
N THR D 838 -21.73 21.59 -31.57
CA THR D 838 -22.18 21.44 -32.96
C THR D 838 -23.69 21.57 -32.97
N ARG D 839 -24.30 20.96 -31.94
CA ARG D 839 -25.74 20.88 -31.72
C ARG D 839 -26.27 19.67 -32.53
N THR D 840 -25.43 19.15 -33.43
CA THR D 840 -25.76 17.98 -34.25
C THR D 840 -25.99 16.83 -33.30
N LEU D 841 -26.79 15.86 -33.70
CA LEU D 841 -27.06 14.75 -32.79
C LEU D 841 -26.26 13.49 -33.00
N ARG D 842 -26.49 12.53 -32.10
CA ARG D 842 -25.85 11.23 -32.09
C ARG D 842 -26.32 10.46 -30.84
N LEU D 843 -26.48 9.15 -30.95
CA LEU D 843 -26.91 8.33 -29.82
C LEU D 843 -25.76 8.29 -28.85
N ARG D 844 -25.97 7.75 -27.67
CA ARG D 844 -24.87 7.67 -26.71
C ARG D 844 -23.95 6.51 -27.07
N LYS D 845 -22.80 6.42 -26.39
CA LYS D 845 -21.85 5.35 -26.63
C LYS D 845 -22.29 4.08 -25.91
N ARG D 846 -21.78 2.95 -26.36
CA ARG D 846 -22.12 1.68 -25.76
C ARG D 846 -22.42 1.76 -24.25
N SER D 847 -21.43 1.48 -23.41
CA SER D 847 -21.60 1.49 -21.95
C SER D 847 -22.65 2.44 -21.38
N ASP D 848 -22.34 3.73 -21.33
CA ASP D 848 -23.24 4.75 -20.80
C ASP D 848 -24.61 4.15 -20.64
N ILE D 849 -25.22 3.92 -21.79
CA ILE D 849 -26.53 3.33 -21.88
C ILE D 849 -26.77 2.32 -20.76
N GLU D 850 -26.13 1.17 -20.88
CA GLU D 850 -26.27 0.09 -19.91
C GLU D 850 -26.44 0.73 -18.55
N SER D 851 -25.42 1.51 -18.19
CA SER D 851 -25.39 2.23 -16.93
C SER D 851 -26.41 3.36 -16.97
N GLY D 852 -27.58 3.06 -17.50
CA GLY D 852 -28.62 4.07 -17.59
C GLY D 852 -29.93 3.34 -17.68
N LEU D 853 -29.85 2.11 -18.15
CA LEU D 853 -31.04 1.31 -18.30
C LEU D 853 -30.85 0.00 -17.62
N TYR D 854 -29.61 -0.46 -17.60
CA TYR D 854 -29.39 -1.74 -17.00
C TYR D 854 -30.27 -1.88 -15.79
N GLY D 855 -30.90 -3.04 -15.70
CA GLY D 855 -31.77 -3.32 -14.58
C GLY D 855 -32.80 -2.27 -14.22
N ARG D 856 -33.09 -1.32 -15.10
CA ARG D 856 -34.09 -0.31 -14.77
C ARG D 856 -35.47 -0.95 -14.80
N VAL D 857 -36.52 -0.17 -14.52
CA VAL D 857 -37.87 -0.71 -14.54
C VAL D 857 -38.80 0.12 -15.42
N LEU D 858 -39.27 -0.46 -16.52
CA LEU D 858 -40.15 0.29 -17.44
C LEU D 858 -41.41 0.84 -16.80
N ALA D 859 -41.73 2.09 -17.12
CA ALA D 859 -42.89 2.77 -16.53
C ALA D 859 -44.13 2.84 -17.40
N ARG D 860 -43.93 2.80 -18.69
CA ARG D 860 -45.05 2.86 -19.62
C ARG D 860 -44.61 2.07 -20.85
N GLU D 861 -44.95 0.77 -20.85
CA GLU D 861 -44.61 -0.16 -21.93
C GLU D 861 -44.16 0.46 -23.24
N VAL D 862 -43.30 -0.26 -23.97
CA VAL D 862 -42.82 0.27 -25.23
C VAL D 862 -42.83 -0.68 -26.42
N GLU D 863 -43.25 -0.13 -27.55
CA GLU D 863 -43.34 -0.86 -28.80
C GLU D 863 -42.20 -0.48 -29.72
N ALA D 864 -41.70 -1.47 -30.44
CA ALA D 864 -40.62 -1.29 -31.40
C ALA D 864 -40.27 -2.65 -32.00
N LEU D 865 -39.83 -2.61 -33.26
CA LEU D 865 -39.45 -3.82 -34.00
C LEU D 865 -40.42 -5.00 -33.93
N GLY D 866 -41.56 -4.83 -33.27
CA GLY D 866 -42.50 -5.92 -33.18
C GLY D 866 -42.60 -6.54 -31.80
N ARG D 867 -41.51 -6.46 -31.04
CA ARG D 867 -41.52 -6.99 -29.69
C ARG D 867 -42.29 -5.95 -28.89
N ARG D 868 -42.86 -6.39 -27.78
CA ARG D 868 -43.66 -5.53 -26.89
C ARG D 868 -43.15 -5.64 -25.44
N LEU D 869 -42.64 -4.54 -24.88
CA LEU D 869 -42.17 -4.58 -23.51
C LEU D 869 -43.23 -4.07 -22.56
N GLU D 870 -43.95 -5.02 -21.97
CA GLU D 870 -45.03 -4.72 -21.04
C GLU D 870 -44.58 -3.66 -20.04
N GLU D 871 -45.53 -3.18 -19.25
CA GLU D 871 -45.25 -2.16 -18.26
C GLU D 871 -44.69 -2.75 -16.97
N GLY D 872 -43.39 -2.63 -16.80
CA GLY D 872 -42.76 -3.14 -15.61
C GLY D 872 -42.19 -4.54 -15.72
N ARG D 873 -40.97 -4.59 -16.23
CA ARG D 873 -40.22 -5.84 -16.38
C ARG D 873 -38.79 -5.42 -16.22
N TYR D 874 -38.04 -6.18 -15.46
CA TYR D 874 -36.65 -5.83 -15.30
C TYR D 874 -36.06 -6.23 -16.66
N LEU D 875 -35.62 -5.24 -17.40
CA LEU D 875 -35.02 -5.44 -18.71
C LEU D 875 -33.61 -5.96 -18.52
N SER D 876 -33.23 -7.01 -19.27
CA SER D 876 -31.89 -7.57 -19.14
C SER D 876 -30.93 -6.88 -20.07
N LEU D 877 -29.64 -7.01 -19.77
CA LEU D 877 -28.63 -6.40 -20.61
C LEU D 877 -29.13 -6.68 -22.01
N GLU D 878 -29.26 -7.96 -22.32
CA GLU D 878 -29.78 -8.35 -23.60
C GLU D 878 -30.91 -7.35 -23.83
N ASP D 879 -31.93 -7.40 -22.98
CA ASP D 879 -33.06 -6.49 -23.13
C ASP D 879 -32.62 -5.08 -23.50
N VAL D 880 -31.80 -4.43 -22.68
CA VAL D 880 -31.38 -3.08 -23.04
C VAL D 880 -30.65 -3.08 -24.37
N HIS D 881 -29.78 -4.06 -24.52
CA HIS D 881 -29.01 -4.22 -25.74
C HIS D 881 -29.97 -3.90 -26.86
N PHE D 882 -31.08 -4.61 -26.84
CA PHE D 882 -32.15 -4.49 -27.80
C PHE D 882 -32.57 -3.04 -28.02
N LEU D 883 -33.19 -2.44 -27.02
CA LEU D 883 -33.64 -1.07 -27.15
C LEU D 883 -32.60 -0.24 -27.86
N ILE D 884 -31.34 -0.56 -27.61
CA ILE D 884 -30.26 0.16 -28.24
C ILE D 884 -30.45 0.13 -29.76
N LYS D 885 -30.36 -1.06 -30.34
CA LYS D 885 -30.52 -1.22 -31.78
C LYS D 885 -31.88 -0.66 -32.19
N ALA D 886 -32.79 -0.67 -31.23
CA ALA D 886 -34.13 -0.16 -31.46
C ALA D 886 -34.13 1.29 -31.95
N ALA D 887 -33.35 2.15 -31.30
CA ALA D 887 -33.28 3.56 -31.68
C ALA D 887 -32.29 3.82 -32.82
N GLU D 888 -31.30 2.96 -32.95
CA GLU D 888 -30.35 3.11 -34.04
C GLU D 888 -31.32 3.02 -35.18
N ALA D 889 -32.32 2.18 -34.96
CA ALA D 889 -33.38 1.97 -35.91
C ALA D 889 -34.47 2.98 -35.57
N GLY D 890 -34.12 3.96 -34.73
CA GLY D 890 -35.04 4.99 -34.31
C GLY D 890 -36.52 4.61 -34.33
N GLU D 891 -37.10 4.36 -33.17
CA GLU D 891 -38.52 4.01 -33.06
C GLU D 891 -38.94 4.36 -31.65
N VAL D 892 -38.05 5.06 -30.98
CA VAL D 892 -38.28 5.44 -29.61
C VAL D 892 -37.28 6.51 -29.22
N ARG D 893 -37.74 7.50 -28.46
CA ARG D 893 -36.84 8.56 -28.04
C ARG D 893 -36.35 8.47 -26.58
N GLU D 894 -37.26 8.65 -25.61
CA GLU D 894 -36.91 8.59 -24.19
C GLU D 894 -37.40 7.29 -23.52
N VAL D 895 -36.49 6.39 -23.15
CA VAL D 895 -36.90 5.13 -22.52
C VAL D 895 -37.37 5.38 -21.11
N PRO D 896 -38.69 5.50 -20.93
CA PRO D 896 -39.30 5.75 -19.63
C PRO D 896 -38.94 4.64 -18.65
N VAL D 897 -38.65 5.02 -17.42
CA VAL D 897 -38.26 4.07 -16.39
C VAL D 897 -38.58 4.57 -15.00
N ARG D 898 -38.70 3.62 -14.08
CA ARG D 898 -38.95 3.91 -12.68
C ARG D 898 -37.58 3.79 -12.00
N SER D 899 -37.16 4.90 -11.40
CA SER D 899 -35.87 4.99 -10.73
C SER D 899 -36.04 5.49 -9.31
N PRO D 900 -34.93 5.84 -8.69
CA PRO D 900 -34.92 6.35 -7.33
C PRO D 900 -35.09 7.85 -7.38
N LEU D 901 -34.49 8.46 -8.38
CA LEU D 901 -34.54 9.91 -8.56
C LEU D 901 -35.86 10.44 -8.03
N THR D 902 -36.85 9.56 -8.05
CA THR D 902 -38.16 9.90 -7.56
C THR D 902 -38.63 8.93 -6.49
N CYS D 903 -39.11 7.77 -6.92
CA CYS D 903 -39.61 6.71 -6.03
C CYS D 903 -39.95 7.15 -4.61
N GLN D 904 -41.22 7.40 -4.30
CA GLN D 904 -41.54 7.84 -2.94
C GLN D 904 -41.68 6.76 -1.87
N THR D 905 -40.77 6.79 -0.90
CA THR D 905 -40.75 5.84 0.21
C THR D 905 -40.03 6.61 1.32
N ARG D 906 -39.43 7.70 0.86
CA ARG D 906 -38.67 8.62 1.69
C ARG D 906 -37.42 8.01 2.30
N TYR D 907 -37.51 7.65 3.57
CA TYR D 907 -36.39 7.09 4.31
C TYR D 907 -35.86 5.75 3.77
N GLY D 908 -35.69 5.67 2.44
CA GLY D 908 -35.21 4.47 1.79
C GLY D 908 -35.76 4.42 0.38
N VAL D 909 -35.62 3.30 -0.34
CA VAL D 909 -36.14 3.22 -1.71
C VAL D 909 -37.10 2.06 -1.97
N CYS D 910 -38.05 2.29 -2.87
CA CYS D 910 -39.02 1.25 -3.20
C CYS D 910 -38.43 0.24 -4.15
N GLN D 911 -38.57 -1.03 -3.77
CA GLN D 911 -38.04 -2.15 -4.53
C GLN D 911 -38.06 -2.03 -6.05
N LYS D 912 -39.24 -2.03 -6.65
CA LYS D 912 -39.31 -1.95 -8.10
C LYS D 912 -38.81 -0.62 -8.72
N CYS D 913 -38.18 0.20 -7.88
CA CYS D 913 -37.54 1.47 -8.28
C CYS D 913 -36.09 1.06 -8.05
N TYR D 914 -35.17 1.48 -8.91
CA TYR D 914 -33.76 1.08 -8.74
C TYR D 914 -33.72 -0.41 -9.04
N GLY D 915 -34.07 -1.17 -8.02
CA GLY D 915 -34.11 -2.63 -8.08
C GLY D 915 -33.03 -3.34 -8.86
N TYR D 916 -33.20 -4.65 -8.96
CA TYR D 916 -32.32 -5.56 -9.67
C TYR D 916 -30.85 -5.52 -9.24
N ASP D 917 -29.94 -5.22 -10.17
CA ASP D 917 -28.48 -5.15 -9.92
C ASP D 917 -27.98 -5.40 -8.50
N LEU D 918 -28.32 -6.53 -7.92
CA LEU D 918 -27.82 -6.77 -6.59
C LEU D 918 -26.39 -7.11 -6.92
N SER D 919 -26.04 -6.75 -8.16
CA SER D 919 -24.76 -7.01 -8.79
C SER D 919 -24.97 -8.45 -9.12
N MET D 920 -25.85 -9.07 -8.34
CA MET D 920 -26.18 -10.47 -8.52
C MET D 920 -27.08 -10.64 -9.72
N ALA D 921 -27.46 -9.54 -10.35
CA ALA D 921 -28.34 -9.66 -11.51
C ALA D 921 -29.56 -10.47 -11.09
N ARG D 922 -30.38 -9.82 -10.28
CA ARG D 922 -31.62 -10.37 -9.75
C ARG D 922 -32.33 -9.17 -9.13
N PRO D 923 -33.68 -9.13 -9.13
CA PRO D 923 -34.31 -7.97 -8.51
C PRO D 923 -33.78 -7.74 -7.08
N VAL D 924 -33.48 -6.49 -6.74
CA VAL D 924 -32.93 -6.19 -5.42
C VAL D 924 -33.71 -6.73 -4.24
N SER D 925 -33.06 -7.56 -3.44
CA SER D 925 -33.68 -8.13 -2.26
C SER D 925 -33.90 -7.02 -1.25
N ILE D 926 -34.96 -7.13 -0.47
CA ILE D 926 -35.32 -6.12 0.53
C ILE D 926 -34.33 -5.93 1.67
N GLY D 927 -34.16 -4.66 2.05
CA GLY D 927 -33.27 -4.32 3.15
C GLY D 927 -31.88 -3.89 2.76
N GLU D 928 -31.47 -4.19 1.54
CA GLU D 928 -30.12 -3.84 1.11
C GLU D 928 -29.81 -2.40 1.53
N ALA D 929 -28.51 -2.15 1.72
CA ALA D 929 -27.99 -0.86 2.17
C ALA D 929 -27.62 0.10 1.07
N VAL D 930 -28.34 -0.01 -0.04
CA VAL D 930 -28.12 0.86 -1.17
C VAL D 930 -27.54 2.16 -0.64
N GLY D 931 -28.27 2.80 0.26
CA GLY D 931 -27.82 4.05 0.83
C GLY D 931 -26.33 4.07 0.69
N VAL D 932 -25.68 3.13 1.36
CA VAL D 932 -24.24 3.02 1.29
C VAL D 932 -23.85 2.70 -0.12
N VAL D 933 -24.07 1.44 -0.46
CA VAL D 933 -23.77 0.90 -1.78
C VAL D 933 -23.48 2.06 -2.70
N ALA D 934 -24.54 2.79 -3.05
CA ALA D 934 -24.42 3.95 -3.90
C ALA D 934 -23.11 4.61 -3.53
N ALA D 935 -23.16 5.35 -2.44
CA ALA D 935 -21.99 6.02 -1.94
C ALA D 935 -20.84 5.11 -2.32
N GLU D 936 -20.66 4.05 -1.55
CA GLU D 936 -19.62 3.08 -1.81
C GLU D 936 -19.06 3.22 -3.21
N SER D 937 -19.76 2.61 -4.15
CA SER D 937 -19.36 2.63 -5.55
C SER D 937 -18.80 3.99 -5.99
N ILE D 938 -19.68 4.97 -6.11
CA ILE D 938 -19.35 6.31 -6.54
C ILE D 938 -17.90 6.79 -6.34
N GLY D 939 -17.44 6.71 -5.10
CA GLY D 939 -16.10 7.19 -4.80
C GLY D 939 -14.96 6.22 -5.01
N GLU D 940 -15.28 4.94 -5.16
CA GLU D 940 -14.25 3.93 -5.36
C GLU D 940 -13.36 4.38 -6.52
N PRO D 941 -13.92 5.15 -7.47
CA PRO D 941 -13.08 5.58 -8.58
C PRO D 941 -12.44 6.91 -8.25
N GLY D 942 -12.99 7.58 -7.24
CA GLY D 942 -12.44 8.86 -6.84
C GLY D 942 -10.94 8.76 -6.92
N THR D 943 -10.47 7.53 -6.75
CA THR D 943 -9.07 7.17 -6.80
C THR D 943 -8.45 7.68 -8.08
N GLN D 944 -8.41 7.18 -9.06
CA GLN D 944 -7.89 7.46 -10.38
C GLN D 944 -8.38 8.77 -11.01
N LEU D 945 -9.15 9.57 -10.27
CA LEU D 945 -9.65 10.85 -10.79
C LEU D 945 -8.55 11.89 -10.64
N THR D 946 -8.15 12.51 -11.75
CA THR D 946 -7.10 13.51 -11.70
C THR D 946 -7.42 14.66 -10.75
N MET D 947 -6.42 15.08 -9.99
CA MET D 947 -6.60 16.14 -9.02
C MET D 947 -5.78 17.37 -9.36
N ARG D 948 -5.59 17.60 -10.65
CA ARG D 948 -4.83 18.77 -11.11
C ARG D 948 -5.85 19.82 -11.57
N THR D 949 -5.71 21.05 -11.07
CA THR D 949 -6.64 22.13 -11.42
C THR D 949 -6.04 23.53 -11.26
N THR D 962 -12.29 22.96 -15.94
CA THR D 962 -12.07 22.03 -14.79
C THR D 962 -12.75 20.67 -15.06
N GLN D 963 -12.22 19.61 -14.44
CA GLN D 963 -12.77 18.28 -14.61
C GLN D 963 -12.70 17.47 -13.32
N GLY D 964 -12.44 16.18 -13.52
CA GLY D 964 -12.31 15.20 -12.45
C GLY D 964 -12.86 15.49 -11.06
N LEU D 965 -12.14 14.98 -10.07
CA LEU D 965 -12.51 15.14 -8.68
C LEU D 965 -12.88 16.61 -8.36
N PRO D 966 -11.98 17.57 -8.67
CA PRO D 966 -12.24 18.98 -8.39
C PRO D 966 -13.67 19.45 -8.72
N ARG D 967 -14.32 18.77 -9.66
CA ARG D 967 -15.68 19.14 -10.01
C ARG D 967 -16.61 18.41 -9.08
N VAL D 968 -16.45 17.10 -9.01
CA VAL D 968 -17.29 16.25 -8.17
C VAL D 968 -17.67 17.00 -6.90
N ILE D 969 -16.69 17.64 -6.27
CA ILE D 969 -16.92 18.41 -5.05
C ILE D 969 -17.95 19.46 -5.41
N GLU D 970 -17.50 20.39 -6.25
CA GLU D 970 -18.34 21.47 -6.74
C GLU D 970 -19.77 20.97 -6.86
N LEU D 971 -19.91 19.86 -7.57
CA LEU D 971 -21.21 19.26 -7.81
C LEU D 971 -21.96 18.85 -6.54
N PHE D 972 -21.90 17.58 -6.16
CA PHE D 972 -22.63 17.12 -4.97
C PHE D 972 -22.85 18.28 -4.05
N GLU D 973 -21.77 18.95 -3.67
CA GLU D 973 -21.91 20.08 -2.80
C GLU D 973 -22.81 21.08 -3.52
N ALA D 974 -22.28 21.61 -4.62
CA ALA D 974 -22.98 22.57 -5.46
C ALA D 974 -22.62 23.98 -5.11
N ARG D 975 -21.60 24.51 -5.76
CA ARG D 975 -21.16 25.88 -5.52
C ARG D 975 -20.91 26.58 -6.87
N ARG D 976 -21.61 27.70 -7.11
CA ARG D 976 -21.49 28.48 -8.35
C ARG D 976 -20.05 28.54 -8.85
N PRO D 977 -19.62 27.52 -9.59
CA PRO D 977 -18.26 27.47 -10.10
C PRO D 977 -17.83 28.75 -10.77
N LYS D 978 -16.54 28.81 -11.10
CA LYS D 978 -15.94 29.97 -11.75
C LYS D 978 -16.77 30.35 -12.99
N ALA D 979 -16.74 31.62 -13.37
CA ALA D 979 -17.46 32.15 -14.54
C ALA D 979 -18.91 31.67 -14.74
N LYS D 980 -19.66 31.60 -13.65
CA LYS D 980 -21.08 31.20 -13.58
C LYS D 980 -21.87 30.68 -14.82
N ALA D 981 -21.44 31.02 -16.02
CA ALA D 981 -22.15 30.60 -17.22
C ALA D 981 -23.50 31.31 -17.21
N VAL D 982 -23.63 32.28 -18.10
CA VAL D 982 -24.85 33.07 -18.22
C VAL D 982 -26.04 32.20 -18.63
N ILE D 983 -27.09 32.29 -17.83
CA ILE D 983 -28.30 31.50 -18.05
C ILE D 983 -29.49 32.32 -18.49
N SER D 984 -30.27 31.74 -19.37
CA SER D 984 -31.45 32.41 -19.85
C SER D 984 -32.52 32.19 -18.79
N GLU D 985 -32.89 33.26 -18.09
CA GLU D 985 -33.90 33.16 -17.06
C GLU D 985 -35.25 32.80 -17.69
N ILE D 986 -35.67 33.58 -18.69
CA ILE D 986 -36.95 33.37 -19.39
C ILE D 986 -36.92 32.58 -20.73
N ASP D 987 -37.72 32.99 -21.72
CA ASP D 987 -37.87 32.36 -23.07
C ASP D 987 -37.95 33.45 -24.22
N GLY D 988 -37.24 33.31 -25.35
CA GLY D 988 -37.36 34.33 -26.40
C GLY D 988 -36.48 34.46 -27.65
N VAL D 989 -35.97 35.69 -27.89
CA VAL D 989 -35.09 36.07 -29.03
C VAL D 989 -33.80 36.69 -28.50
N VAL D 990 -32.87 37.09 -29.40
CA VAL D 990 -31.58 37.72 -29.00
C VAL D 990 -30.87 38.57 -30.06
N ARG D 991 -29.87 39.33 -29.60
CA ARG D 991 -29.03 40.22 -30.43
C ARG D 991 -27.79 40.68 -29.63
N ILE D 992 -26.58 40.41 -30.15
CA ILE D 992 -25.34 40.82 -29.47
C ILE D 992 -25.01 42.27 -29.83
N GLU D 993 -24.20 42.94 -29.01
CA GLU D 993 -23.87 44.34 -29.29
C GLU D 993 -22.44 44.83 -28.90
N GLU D 994 -21.74 45.41 -29.88
CA GLU D 994 -20.38 45.96 -29.75
C GLU D 994 -19.28 44.90 -29.95
N GLY D 995 -18.08 45.37 -30.33
CA GLY D 995 -16.94 44.48 -30.55
C GLY D 995 -15.55 45.08 -30.28
N GLU D 996 -14.87 44.61 -29.22
CA GLU D 996 -13.54 45.05 -28.76
C GLU D 996 -13.55 46.23 -27.75
N ASP D 997 -14.66 46.35 -27.00
CA ASP D 997 -14.86 47.40 -25.98
C ASP D 997 -15.70 46.89 -24.78
N ARG D 998 -17.03 47.05 -24.85
CA ARG D 998 -17.95 46.61 -23.79
C ARG D 998 -18.83 45.46 -24.28
N LEU D 999 -18.46 44.22 -23.92
CA LEU D 999 -19.20 43.00 -24.33
C LEU D 999 -20.39 42.65 -23.44
N SER D 1000 -21.41 42.08 -24.06
CA SER D 1000 -22.64 41.69 -23.38
C SER D 1000 -23.48 41.04 -24.45
N VAL D 1001 -24.71 40.71 -24.09
CA VAL D 1001 -25.66 40.12 -25.01
C VAL D 1001 -27.00 40.48 -24.40
N PHE D 1002 -28.11 40.20 -25.10
CA PHE D 1002 -29.43 40.56 -24.59
C PHE D 1002 -30.50 39.47 -24.85
N VAL D 1003 -31.20 39.02 -23.83
CA VAL D 1003 -32.25 38.02 -24.06
C VAL D 1003 -33.63 38.66 -24.07
N GLU D 1004 -33.92 39.30 -25.20
CA GLU D 1004 -35.19 39.99 -25.40
C GLU D 1004 -36.31 39.23 -26.10
N SER D 1005 -37.22 38.73 -25.29
CA SER D 1005 -38.39 38.02 -25.76
C SER D 1005 -39.29 39.10 -26.37
N GLU D 1006 -40.51 39.23 -25.83
CA GLU D 1006 -41.49 40.22 -26.28
C GLU D 1006 -41.71 41.26 -25.17
N GLY D 1007 -40.94 42.35 -25.18
CA GLY D 1007 -41.10 43.37 -24.15
C GLY D 1007 -39.91 43.56 -23.20
N PHE D 1008 -39.62 42.56 -22.36
CA PHE D 1008 -38.50 42.61 -21.40
C PHE D 1008 -37.10 42.15 -21.92
N SER D 1009 -36.28 43.12 -22.35
CA SER D 1009 -34.91 42.89 -22.87
C SER D 1009 -33.87 42.76 -21.78
N LYS D 1010 -33.80 41.58 -21.20
CA LYS D 1010 -32.86 41.33 -20.13
C LYS D 1010 -31.41 41.56 -20.56
N GLU D 1011 -30.77 42.49 -19.86
CA GLU D 1011 -29.38 42.90 -20.06
C GLU D 1011 -28.42 41.80 -19.56
N TYR D 1012 -28.00 40.94 -20.48
CA TYR D 1012 -27.10 39.83 -20.17
C TYR D 1012 -25.66 40.14 -20.56
N LYS D 1013 -24.91 40.63 -19.59
CA LYS D 1013 -23.52 41.01 -19.78
C LYS D 1013 -22.51 39.88 -19.99
N LEU D 1014 -21.27 40.29 -20.30
CA LEU D 1014 -20.09 39.44 -20.51
C LEU D 1014 -18.85 40.26 -20.06
N PRO D 1015 -17.96 39.68 -19.21
CA PRO D 1015 -16.74 40.33 -18.69
C PRO D 1015 -15.64 40.87 -19.65
N LYS D 1016 -15.85 40.77 -20.96
CA LYS D 1016 -14.90 41.21 -22.02
C LYS D 1016 -14.03 40.03 -22.52
N ASP D 1017 -14.33 38.83 -22.01
CA ASP D 1017 -13.56 37.60 -22.30
C ASP D 1017 -14.46 36.34 -22.22
N ALA D 1018 -15.54 36.31 -22.98
CA ALA D 1018 -16.45 35.16 -22.94
C ALA D 1018 -16.56 34.43 -24.27
N ARG D 1019 -16.66 33.10 -24.20
CA ARG D 1019 -16.78 32.24 -25.38
C ARG D 1019 -18.21 31.73 -25.67
N LEU D 1020 -19.15 32.68 -25.82
CA LEU D 1020 -20.56 32.33 -26.04
C LEU D 1020 -20.87 31.44 -27.23
N LEU D 1021 -22.10 30.92 -27.25
CA LEU D 1021 -22.56 30.03 -28.30
C LEU D 1021 -24.08 29.92 -28.39
N VAL D 1022 -24.65 30.91 -29.07
CA VAL D 1022 -26.06 31.10 -29.38
C VAL D 1022 -25.80 32.45 -30.08
N LYS D 1023 -25.29 32.35 -31.33
CA LYS D 1023 -24.87 33.44 -32.27
C LYS D 1023 -25.32 34.93 -32.19
N ASP D 1024 -26.42 35.23 -32.90
CA ASP D 1024 -27.08 36.56 -33.00
C ASP D 1024 -28.46 36.39 -33.75
N GLY D 1025 -29.53 36.05 -33.01
CA GLY D 1025 -30.84 35.84 -33.61
C GLY D 1025 -31.64 34.74 -32.89
N ASP D 1026 -31.05 33.54 -32.86
CA ASP D 1026 -31.56 32.31 -32.22
C ASP D 1026 -32.95 32.26 -31.55
N TYR D 1027 -33.26 31.11 -30.95
CA TYR D 1027 -34.54 30.89 -30.26
C TYR D 1027 -34.58 29.89 -29.10
N VAL D 1028 -35.39 30.19 -28.08
CA VAL D 1028 -35.42 29.39 -26.83
C VAL D 1028 -36.65 28.92 -26.01
N GLU D 1029 -36.32 28.58 -24.75
CA GLU D 1029 -37.19 28.10 -23.66
C GLU D 1029 -36.41 28.11 -22.28
N ALA D 1030 -37.12 28.33 -21.16
CA ALA D 1030 -36.61 28.44 -19.74
C ALA D 1030 -35.37 27.74 -19.14
N GLY D 1031 -34.57 28.53 -18.44
CA GLY D 1031 -33.35 28.06 -17.77
C GLY D 1031 -32.47 27.18 -18.61
N GLN D 1032 -31.46 27.76 -19.26
CA GLN D 1032 -30.63 26.96 -20.15
C GLN D 1032 -29.24 27.53 -20.38
N PRO D 1033 -28.30 26.66 -20.76
CA PRO D 1033 -26.90 26.99 -21.04
C PRO D 1033 -26.79 28.00 -22.17
N LEU D 1034 -26.61 29.28 -21.83
CA LEU D 1034 -26.49 30.27 -22.87
C LEU D 1034 -25.03 30.50 -23.24
N THR D 1035 -24.31 31.19 -22.35
CA THR D 1035 -22.90 31.47 -22.60
C THR D 1035 -22.14 30.21 -23.02
N ARG D 1036 -21.96 29.33 -22.05
CA ARG D 1036 -21.27 28.06 -22.21
C ARG D 1036 -20.79 27.70 -20.81
N GLY D 1037 -19.48 27.71 -20.61
CA GLY D 1037 -18.93 27.41 -19.30
C GLY D 1037 -19.66 26.39 -18.45
N ALA D 1038 -20.42 26.87 -17.46
CA ALA D 1038 -21.13 25.99 -16.53
C ALA D 1038 -22.63 26.14 -16.39
N ILE D 1039 -23.13 25.64 -15.27
CA ILE D 1039 -24.54 25.68 -14.98
C ILE D 1039 -24.73 25.65 -13.48
N ASP D 1040 -24.94 26.82 -12.90
CA ASP D 1040 -25.14 26.92 -11.45
C ASP D 1040 -26.33 26.15 -10.95
N PRO D 1041 -26.17 25.43 -9.81
CA PRO D 1041 -27.23 24.64 -9.20
C PRO D 1041 -28.40 25.52 -8.79
N HIS D 1042 -28.25 26.16 -7.63
CA HIS D 1042 -29.27 27.06 -7.08
C HIS D 1042 -29.88 27.92 -8.21
N GLN D 1043 -29.17 28.98 -8.63
CA GLN D 1043 -29.65 29.89 -9.68
C GLN D 1043 -30.53 29.22 -10.72
N LEU D 1044 -30.16 28.01 -11.13
CA LEU D 1044 -30.97 27.28 -12.07
C LEU D 1044 -32.24 27.04 -11.27
N LEU D 1045 -32.34 25.83 -10.75
CA LEU D 1045 -33.45 25.42 -9.91
C LEU D 1045 -34.52 26.51 -9.79
N GLU D 1046 -34.26 27.40 -8.84
CA GLU D 1046 -35.11 28.54 -8.53
C GLU D 1046 -36.08 28.78 -9.68
N ALA D 1047 -35.55 29.20 -10.81
CA ALA D 1047 -36.37 29.48 -11.96
C ALA D 1047 -36.43 28.34 -12.96
N LYS D 1048 -36.80 27.13 -12.51
CA LYS D 1048 -36.94 25.97 -13.41
C LYS D 1048 -37.28 24.63 -12.76
N GLY D 1049 -37.33 24.60 -11.44
CA GLY D 1049 -37.67 23.35 -10.78
C GLY D 1049 -36.53 22.48 -10.34
N PRO D 1050 -36.76 21.69 -9.28
CA PRO D 1050 -35.87 20.74 -8.61
C PRO D 1050 -35.42 19.55 -9.44
N GLU D 1051 -36.37 18.76 -9.96
CA GLU D 1051 -35.95 17.62 -10.77
C GLU D 1051 -34.85 18.17 -11.65
N ALA D 1052 -35.26 19.00 -12.60
CA ALA D 1052 -34.38 19.64 -13.57
C ALA D 1052 -32.92 19.63 -13.16
N VAL D 1053 -32.63 20.29 -12.06
CA VAL D 1053 -31.29 20.35 -11.55
C VAL D 1053 -30.82 18.89 -11.46
N GLU D 1054 -31.45 18.11 -10.59
CA GLU D 1054 -31.09 16.71 -10.42
C GLU D 1054 -30.52 16.18 -11.72
N ARG D 1055 -31.40 16.05 -12.72
CA ARG D 1055 -31.01 15.57 -14.04
C ARG D 1055 -29.61 16.03 -14.37
N TYR D 1056 -29.42 17.35 -14.37
CA TYR D 1056 -28.12 17.93 -14.67
C TYR D 1056 -27.08 17.32 -13.74
N LEU D 1057 -27.28 17.53 -12.45
CA LEU D 1057 -26.38 17.02 -11.44
C LEU D 1057 -25.71 15.73 -11.90
N VAL D 1058 -26.34 14.62 -11.53
CA VAL D 1058 -25.85 13.30 -11.88
C VAL D 1058 -25.09 13.36 -13.18
N ASP D 1059 -25.87 13.37 -14.26
CA ASP D 1059 -25.31 13.44 -15.59
C ASP D 1059 -24.00 14.21 -15.52
N GLU D 1060 -24.08 15.52 -15.28
CA GLU D 1060 -22.89 16.33 -15.16
C GLU D 1060 -21.81 15.50 -14.54
N ILE D 1061 -22.02 15.15 -13.28
CA ILE D 1061 -21.06 14.32 -12.56
C ILE D 1061 -20.61 13.22 -13.50
N GLN D 1062 -21.54 12.37 -13.92
CA GLN D 1062 -21.19 11.27 -14.81
C GLN D 1062 -20.21 11.69 -15.90
N LYS D 1063 -20.50 12.78 -16.60
CA LYS D 1063 -19.62 13.22 -17.67
C LYS D 1063 -18.12 13.07 -17.40
N VAL D 1064 -17.67 13.46 -16.22
CA VAL D 1064 -16.25 13.32 -15.93
C VAL D 1064 -15.90 11.86 -15.77
N TYR D 1065 -16.69 11.19 -14.93
CA TYR D 1065 -16.51 9.77 -14.67
C TYR D 1065 -16.36 8.99 -15.97
N ARG D 1066 -17.25 9.27 -16.92
CA ARG D 1066 -17.23 8.60 -18.20
C ARG D 1066 -15.90 8.94 -18.90
N ALA D 1067 -15.50 10.20 -18.80
CA ALA D 1067 -14.26 10.69 -19.41
C ALA D 1067 -13.00 10.13 -18.78
N GLN D 1068 -13.13 9.10 -17.94
CA GLN D 1068 -11.96 8.52 -17.30
C GLN D 1068 -12.04 7.01 -17.22
N GLY D 1069 -12.98 6.44 -17.95
CA GLY D 1069 -13.11 5.01 -17.92
C GLY D 1069 -14.12 4.61 -16.87
N VAL D 1070 -14.59 5.57 -16.09
CA VAL D 1070 -15.54 5.23 -15.05
C VAL D 1070 -16.76 4.62 -15.66
N LYS D 1071 -17.23 3.57 -15.02
CA LYS D 1071 -18.45 2.94 -15.44
C LYS D 1071 -19.12 2.87 -14.11
N LEU D 1072 -20.44 2.78 -14.10
CA LEU D 1072 -21.16 2.71 -12.84
C LEU D 1072 -22.60 3.04 -13.11
N HIS D 1073 -23.48 2.19 -12.62
CA HIS D 1073 -24.90 2.43 -12.83
C HIS D 1073 -25.16 3.85 -12.38
N ASP D 1074 -26.02 4.55 -13.11
CA ASP D 1074 -26.35 5.92 -12.76
C ASP D 1074 -27.05 5.89 -11.40
N LYS D 1075 -28.07 5.04 -11.29
CA LYS D 1075 -28.85 4.88 -10.07
C LYS D 1075 -28.09 5.43 -8.89
N HIS D 1076 -26.93 4.84 -8.65
CA HIS D 1076 -26.09 5.25 -7.56
C HIS D 1076 -26.11 6.76 -7.44
N ILE D 1077 -25.34 7.43 -8.30
CA ILE D 1077 -25.30 8.88 -8.25
C ILE D 1077 -26.66 9.44 -7.88
N GLU D 1078 -27.70 8.96 -8.55
CA GLU D 1078 -29.05 9.43 -8.24
C GLU D 1078 -29.24 9.42 -6.73
N ILE D 1079 -29.46 8.22 -6.19
CA ILE D 1079 -29.67 8.02 -4.75
C ILE D 1079 -29.08 9.14 -3.93
N VAL D 1080 -27.83 9.46 -4.23
CA VAL D 1080 -27.12 10.53 -3.58
C VAL D 1080 -28.03 11.74 -3.70
N VAL D 1081 -28.01 12.30 -4.90
CA VAL D 1081 -28.81 13.44 -5.26
C VAL D 1081 -30.02 13.52 -4.34
N ARG D 1082 -30.90 12.54 -4.42
CA ARG D 1082 -32.13 12.48 -3.63
C ARG D 1082 -32.18 13.37 -2.40
N GLN D 1083 -31.26 13.16 -1.48
CA GLN D 1083 -31.23 13.95 -0.25
C GLN D 1083 -30.97 15.42 -0.57
N MET D 1084 -30.23 15.66 -1.65
CA MET D 1084 -29.92 17.02 -2.06
C MET D 1084 -31.19 17.84 -2.17
N LEU D 1085 -32.31 17.13 -2.30
CA LEU D 1085 -33.60 17.78 -2.40
C LEU D 1085 -34.31 17.79 -1.05
N LYS D 1086 -34.28 16.62 -0.41
CA LYS D 1086 -34.92 16.34 0.89
C LYS D 1086 -35.48 17.53 1.68
N TYR D 1087 -34.83 18.67 1.60
CA TYR D 1087 -35.28 19.85 2.34
C TYR D 1087 -35.91 20.95 1.52
N VAL D 1088 -36.88 21.61 2.13
CA VAL D 1088 -37.62 22.71 1.50
C VAL D 1088 -37.90 23.79 2.54
N GLU D 1089 -37.92 25.05 2.10
CA GLU D 1089 -38.18 26.17 3.00
C GLU D 1089 -39.70 26.34 3.09
N VAL D 1090 -40.18 27.35 3.83
CA VAL D 1090 -41.62 27.52 3.97
C VAL D 1090 -42.20 28.95 3.88
N THR D 1091 -43.47 29.03 3.46
CA THR D 1091 -44.24 30.27 3.37
C THR D 1091 -45.69 29.89 3.71
N ASP D 1092 -46.47 30.84 4.21
CA ASP D 1092 -47.87 30.59 4.62
C ASP D 1092 -47.96 29.24 5.34
N PRO D 1093 -47.59 29.22 6.63
CA PRO D 1093 -47.61 28.00 7.47
C PRO D 1093 -48.92 27.65 8.16
N GLY D 1094 -49.01 26.40 8.59
CA GLY D 1094 -50.18 25.91 9.28
C GLY D 1094 -49.82 25.37 10.64
N ASP D 1095 -48.53 25.41 10.96
CA ASP D 1095 -48.06 24.93 12.26
C ASP D 1095 -46.65 25.31 12.79
N SER D 1096 -45.56 24.85 12.16
CA SER D 1096 -44.23 25.23 12.65
C SER D 1096 -43.78 26.64 12.32
N ARG D 1097 -42.49 26.91 12.47
CA ARG D 1097 -41.97 28.25 12.19
C ARG D 1097 -42.23 28.61 10.75
N LEU D 1098 -42.08 29.88 10.39
CA LEU D 1098 -42.32 30.32 9.02
C LEU D 1098 -41.12 30.15 8.08
N LEU D 1099 -40.14 29.34 8.46
CA LEU D 1099 -38.98 29.09 7.62
C LEU D 1099 -38.37 27.70 7.80
N GLU D 1100 -38.01 27.38 9.04
CA GLU D 1100 -37.41 26.10 9.40
C GLU D 1100 -37.29 25.18 8.19
N GLY D 1101 -36.05 24.94 7.76
CA GLY D 1101 -35.84 24.07 6.62
C GLY D 1101 -36.65 22.82 6.85
N GLN D 1102 -36.88 22.00 5.82
CA GLN D 1102 -37.66 20.82 6.08
C GLN D 1102 -37.74 19.68 5.08
N VAL D 1103 -38.01 18.50 5.66
CA VAL D 1103 -38.15 17.26 4.95
C VAL D 1103 -39.42 17.23 4.11
N LEU D 1104 -39.35 16.59 2.95
CA LEU D 1104 -40.49 16.49 2.06
C LEU D 1104 -41.63 15.79 2.81
N GLU D 1105 -41.53 14.48 2.95
CA GLU D 1105 -42.56 13.68 3.63
C GLU D 1105 -43.17 14.45 4.79
N LYS D 1106 -42.34 14.91 5.71
CA LYS D 1106 -42.82 15.66 6.87
C LYS D 1106 -43.75 16.77 6.44
N TRP D 1107 -43.45 17.36 5.29
CA TRP D 1107 -44.28 18.45 4.76
C TRP D 1107 -45.62 17.95 4.25
N ASP D 1108 -45.63 16.73 3.68
CA ASP D 1108 -46.87 16.16 3.14
C ASP D 1108 -47.75 15.30 4.09
N VAL D 1109 -47.14 14.64 5.08
CA VAL D 1109 -47.94 13.87 6.03
C VAL D 1109 -48.59 14.92 6.91
N GLU D 1110 -48.29 16.18 6.58
CA GLU D 1110 -48.80 17.36 7.26
C GLU D 1110 -49.44 18.31 6.23
N ALA D 1111 -49.13 18.14 4.95
CA ALA D 1111 -49.72 18.99 3.90
C ALA D 1111 -50.76 18.18 3.10
N LEU D 1112 -50.97 16.93 3.53
CA LEU D 1112 -51.95 16.01 2.96
C LEU D 1112 -52.64 15.43 4.19
N ASN D 1113 -52.74 16.26 5.21
CA ASN D 1113 -53.34 15.86 6.46
C ASN D 1113 -53.99 17.06 7.16
N GLU D 1114 -53.82 18.24 6.58
CA GLU D 1114 -54.40 19.49 7.08
C GLU D 1114 -55.32 20.01 5.98
N ARG D 1115 -55.96 19.05 5.31
CA ARG D 1115 -56.92 19.31 4.23
C ARG D 1115 -57.73 18.03 3.94
N LEU D 1116 -57.35 16.92 4.59
CA LEU D 1116 -58.03 15.63 4.41
C LEU D 1116 -58.88 15.20 5.61
N ILE D 1117 -58.25 14.62 6.64
CA ILE D 1117 -58.99 14.19 7.81
C ILE D 1117 -59.19 15.36 8.77
N ALA D 1118 -58.13 16.15 8.98
CA ALA D 1118 -58.20 17.32 9.88
C ALA D 1118 -58.30 18.62 9.11
N GLU D 1119 -59.16 18.63 8.10
CA GLU D 1119 -59.38 19.78 7.22
C GLU D 1119 -59.19 21.18 7.83
N GLY D 1120 -58.56 22.07 7.07
CA GLY D 1120 -58.34 23.42 7.54
C GLY D 1120 -56.91 23.87 7.80
N LYS D 1121 -56.79 24.92 8.61
CA LYS D 1121 -55.53 25.55 9.00
C LYS D 1121 -54.79 26.25 7.84
N VAL D 1122 -54.21 25.47 6.94
CA VAL D 1122 -53.48 25.94 5.76
C VAL D 1122 -52.62 24.78 5.27
N PRO D 1123 -52.55 24.59 3.95
CA PRO D 1123 -51.75 23.50 3.39
C PRO D 1123 -50.32 23.49 3.92
N VAL D 1124 -49.77 24.69 4.05
CA VAL D 1124 -48.40 24.88 4.51
C VAL D 1124 -47.46 24.49 3.38
N ALA D 1125 -47.43 25.32 2.33
CA ALA D 1125 -46.57 25.04 1.17
C ALA D 1125 -45.11 25.23 1.49
N TRP D 1126 -44.27 24.90 0.53
CA TRP D 1126 -42.83 25.02 0.68
C TRP D 1126 -42.26 25.66 -0.56
N LYS D 1127 -41.11 25.16 -1.00
CA LYS D 1127 -40.44 25.66 -2.20
C LYS D 1127 -39.28 24.77 -2.59
N PRO D 1128 -38.51 25.16 -3.62
CA PRO D 1128 -37.36 24.37 -4.06
C PRO D 1128 -36.09 24.70 -3.26
N LEU D 1129 -35.62 23.77 -2.45
CA LEU D 1129 -34.42 24.02 -1.65
C LEU D 1129 -33.30 23.04 -1.91
N LEU D 1130 -32.08 23.58 -2.07
CA LEU D 1130 -30.94 22.73 -2.38
C LEU D 1130 -29.79 22.73 -1.39
N MET D 1131 -29.50 21.53 -0.90
CA MET D 1131 -28.42 21.29 0.05
C MET D 1131 -27.38 20.48 -0.70
N GLY D 1132 -26.19 20.37 -0.11
CA GLY D 1132 -25.12 19.60 -0.70
C GLY D 1132 -24.48 18.75 0.38
N VAL D 1133 -24.47 17.43 0.20
CA VAL D 1133 -23.90 16.49 1.18
C VAL D 1133 -23.70 17.23 2.47
N THR D 1134 -22.66 18.04 2.45
CA THR D 1134 -22.28 18.91 3.53
C THR D 1134 -23.56 19.50 4.13
N LYS D 1135 -23.90 20.73 3.77
CA LYS D 1135 -25.10 21.39 4.29
C LYS D 1135 -26.15 20.33 4.61
N SER D 1136 -26.29 19.38 3.70
CA SER D 1136 -27.23 18.28 3.85
C SER D 1136 -27.19 17.70 5.25
N ALA D 1137 -26.77 16.44 5.36
CA ALA D 1137 -26.69 15.75 6.64
C ALA D 1137 -26.98 16.68 7.78
N LEU D 1138 -26.13 17.70 7.93
CA LEU D 1138 -26.27 18.66 9.00
C LEU D 1138 -27.71 18.89 9.46
N SER D 1139 -28.62 19.18 8.54
CA SER D 1139 -30.02 19.42 8.94
C SER D 1139 -30.83 18.16 9.17
N THR D 1140 -30.23 16.99 8.98
CA THR D 1140 -30.97 15.78 9.20
C THR D 1140 -31.52 15.87 10.59
N LYS D 1141 -32.79 15.54 10.75
CA LYS D 1141 -33.42 15.59 12.05
C LYS D 1141 -32.63 14.90 13.16
N SER D 1142 -32.23 13.65 12.95
CA SER D 1142 -31.48 12.92 13.99
C SER D 1142 -30.28 13.70 14.50
N TRP D 1143 -29.98 13.53 15.78
CA TRP D 1143 -28.87 14.22 16.38
C TRP D 1143 -27.68 13.31 16.53
N LEU D 1144 -27.87 12.16 17.16
CA LEU D 1144 -26.75 11.23 17.38
C LEU D 1144 -25.88 11.25 16.14
N SER D 1145 -26.47 11.23 15.11
CA SER D 1145 -25.74 11.27 13.88
C SER D 1145 -25.38 12.73 13.73
N ALA D 1146 -26.40 13.58 13.79
CA ALA D 1146 -26.24 15.02 13.66
C ALA D 1146 -24.93 15.48 14.29
N ALA D 1147 -24.54 14.83 15.38
CA ALA D 1147 -23.32 15.19 16.06
C ALA D 1147 -22.19 15.08 15.06
N SER D 1148 -21.39 14.03 15.23
CA SER D 1148 -20.25 13.70 14.37
C SER D 1148 -19.67 14.74 13.41
N PHE D 1149 -20.39 15.82 13.15
CA PHE D 1149 -19.95 16.86 12.22
C PHE D 1149 -19.61 18.18 12.90
N GLN D 1150 -19.31 19.20 12.09
CA GLN D 1150 -18.95 20.54 12.56
C GLN D 1150 -18.63 20.62 14.05
N ASN D 1151 -19.44 21.40 14.78
CA ASN D 1151 -19.28 21.55 16.22
C ASN D 1151 -20.52 20.97 16.86
N THR D 1152 -20.36 19.78 17.40
CA THR D 1152 -21.46 19.09 18.04
C THR D 1152 -22.23 20.01 18.99
N THR D 1153 -21.50 20.69 19.86
CA THR D 1153 -22.11 21.59 20.84
C THR D 1153 -23.47 21.96 20.31
N HIS D 1154 -23.43 22.92 19.38
CA HIS D 1154 -24.61 23.46 18.76
C HIS D 1154 -25.67 22.40 18.70
N VAL D 1155 -25.46 21.41 17.86
CA VAL D 1155 -26.43 20.34 17.71
C VAL D 1155 -27.09 20.03 19.05
N LEU D 1156 -26.36 19.38 19.96
CA LEU D 1156 -26.97 19.06 21.24
C LEU D 1156 -27.72 20.26 21.77
N THR D 1157 -26.95 21.30 22.07
CA THR D 1157 -27.49 22.54 22.60
C THR D 1157 -28.95 22.69 22.23
N GLU D 1158 -29.18 23.32 21.09
CA GLU D 1158 -30.52 23.53 20.59
C GLU D 1158 -31.28 22.28 20.95
N ALA D 1159 -31.01 21.21 20.22
CA ALA D 1159 -31.66 19.93 20.43
C ALA D 1159 -32.18 19.79 21.85
N ALA D 1160 -31.32 19.30 22.73
CA ALA D 1160 -31.66 19.12 24.13
C ALA D 1160 -32.90 19.91 24.50
N ILE D 1161 -32.77 21.22 24.41
CA ILE D 1161 -33.86 22.13 24.72
C ILE D 1161 -35.23 21.50 24.46
N ALA D 1162 -35.69 21.53 23.22
CA ALA D 1162 -36.97 20.91 22.95
C ALA D 1162 -36.71 19.42 23.13
N GLY D 1163 -37.77 18.66 23.39
CA GLY D 1163 -37.59 17.23 23.59
C GLY D 1163 -36.58 16.61 22.66
N LYS D 1164 -36.89 16.65 21.36
CA LYS D 1164 -36.05 16.08 20.32
C LYS D 1164 -35.82 14.60 20.50
N LYS D 1165 -36.38 13.84 19.57
CA LYS D 1165 -36.27 12.40 19.59
C LYS D 1165 -35.50 11.98 18.35
N ASP D 1166 -35.25 10.68 18.22
CA ASP D 1166 -34.53 10.19 17.06
C ASP D 1166 -35.28 9.10 16.30
N GLU D 1167 -35.60 8.01 16.99
CA GLU D 1167 -36.31 6.87 16.42
C GLU D 1167 -35.30 5.83 15.95
N LEU D 1168 -34.03 6.20 15.94
CA LEU D 1168 -32.95 5.30 15.53
C LEU D 1168 -33.24 4.63 14.19
N ILE D 1169 -33.74 5.21 13.09
CA ILE D 1169 -34.08 4.67 11.79
C ILE D 1169 -32.86 4.37 10.95
N GLY D 1170 -31.81 5.14 11.14
CA GLY D 1170 -30.60 4.98 10.35
C GLY D 1170 -29.42 4.11 10.80
N LEU D 1171 -28.38 4.07 9.96
CA LEU D 1171 -27.19 3.29 10.24
C LEU D 1171 -26.31 4.06 11.21
N LYS D 1172 -25.63 5.08 10.69
CA LYS D 1172 -24.76 5.89 11.53
C LYS D 1172 -25.47 6.13 12.84
N GLU D 1173 -26.79 6.11 12.78
CA GLU D 1173 -27.60 6.27 13.96
C GLU D 1173 -27.35 5.07 14.89
N ASN D 1174 -28.13 4.00 14.71
CA ASN D 1174 -28.05 2.77 15.52
C ASN D 1174 -26.66 2.21 15.76
N VAL D 1175 -25.67 2.78 15.10
CA VAL D 1175 -24.33 2.29 15.30
C VAL D 1175 -23.57 3.07 16.35
N ILE D 1176 -23.64 4.39 16.28
CA ILE D 1176 -22.94 5.21 17.27
C ILE D 1176 -23.18 4.52 18.58
N LEU D 1177 -24.32 3.85 18.68
CA LEU D 1177 -24.68 3.17 19.92
C LEU D 1177 -24.39 1.69 19.84
N GLY D 1178 -24.28 1.17 18.63
CA GLY D 1178 -23.96 -0.23 18.47
C GLY D 1178 -25.14 -1.16 18.57
N ARG D 1179 -26.21 -0.83 17.84
CA ARG D 1179 -27.39 -1.66 17.84
C ARG D 1179 -27.23 -2.75 16.80
N LEU D 1180 -28.36 -3.24 16.30
CA LEU D 1180 -28.34 -4.30 15.29
C LEU D 1180 -28.83 -3.76 13.95
N ILE D 1181 -28.15 -2.73 13.45
CA ILE D 1181 -28.47 -2.07 12.17
C ILE D 1181 -29.82 -2.41 11.52
N PRO D 1182 -30.60 -1.39 11.18
CA PRO D 1182 -31.91 -1.63 10.55
C PRO D 1182 -31.74 -2.16 9.14
N ALA D 1183 -30.77 -3.05 8.93
CA ALA D 1183 -30.53 -3.56 7.60
C ALA D 1183 -30.36 -5.06 7.43
N GLY D 1184 -30.69 -5.53 6.24
CA GLY D 1184 -30.58 -6.94 5.91
C GLY D 1184 -31.14 -7.87 6.96
N THR D 1185 -30.26 -8.37 7.82
CA THR D 1185 -30.67 -9.29 8.86
C THR D 1185 -31.35 -8.48 9.93
N GLY D 1186 -30.88 -7.25 10.09
CA GLY D 1186 -31.42 -6.36 11.09
C GLY D 1186 -32.52 -5.47 10.55
N SER D 1187 -33.25 -5.94 9.53
CA SER D 1187 -34.35 -5.17 8.93
C SER D 1187 -35.68 -5.41 9.67
N ASP D 1188 -36.79 -5.25 8.95
CA ASP D 1188 -38.13 -5.42 9.51
C ASP D 1188 -38.98 -6.46 8.76
N PHE D 1189 -38.37 -7.21 7.84
CA PHE D 1189 -39.09 -8.24 7.03
C PHE D 1189 -38.47 -9.68 7.01
N VAL D 1190 -37.21 -9.85 7.40
CA VAL D 1190 -36.59 -11.19 7.42
C VAL D 1190 -35.90 -11.59 8.77
N ARG D 1191 -36.15 -10.84 9.84
CA ARG D 1191 -35.57 -11.16 11.18
C ARG D 1191 -36.59 -11.63 12.25
N PHE D 1192 -37.86 -11.22 12.11
CA PHE D 1192 -38.97 -11.59 13.04
C PHE D 1192 -39.66 -12.87 12.53
N THR D 1193 -38.84 -13.84 12.12
CA THR D 1193 -39.27 -15.13 11.59
C THR D 1193 -38.82 -16.30 12.53
N GLN D 1194 -39.75 -17.19 12.87
CA GLN D 1194 -39.45 -18.35 13.70
C GLN D 1194 -39.54 -19.63 12.85
N VAL D 1195 -38.44 -20.41 12.81
CA VAL D 1195 -38.35 -21.65 12.01
C VAL D 1195 -38.94 -22.91 12.68
N VAL D 1196 -39.70 -23.69 11.91
CA VAL D 1196 -40.33 -24.94 12.38
C VAL D 1196 -39.65 -26.17 11.74
N ASP D 1197 -39.70 -27.30 12.45
CA ASP D 1197 -39.06 -28.55 12.01
C ASP D 1197 -39.98 -29.77 11.71
N GLN D 1198 -41.06 -29.55 10.94
CA GLN D 1198 -42.05 -30.59 10.55
C GLN D 1198 -42.73 -31.46 11.65
N ARG D 1199 -41.94 -32.09 12.53
CA ARG D 1199 -42.46 -32.91 13.62
C ARG D 1199 -42.67 -32.10 14.90
N THR D 1200 -41.86 -31.06 15.09
CA THR D 1200 -41.94 -30.15 16.24
C THR D 1200 -42.88 -28.97 15.90
N LEU D 1201 -44.04 -29.33 15.37
CA LEU D 1201 -45.14 -28.42 14.99
C LEU D 1201 -46.45 -29.10 15.44
N LYS D 1202 -46.33 -30.35 15.90
CA LYS D 1202 -47.48 -31.13 16.38
C LYS D 1202 -47.35 -31.44 17.91
N ALA D 1203 -46.39 -30.78 18.57
CA ALA D 1203 -46.15 -30.88 20.01
C ALA D 1203 -46.38 -29.44 20.46
N ILE D 1204 -46.64 -28.61 19.44
CA ILE D 1204 -46.91 -27.16 19.52
C ILE D 1204 -48.33 -26.88 18.98
N GLU D 1205 -49.06 -27.95 18.68
CA GLU D 1205 -50.44 -27.89 18.18
C GLU D 1205 -51.41 -28.51 19.21
N GLU D 1206 -50.86 -29.13 20.25
CA GLU D 1206 -51.66 -29.76 21.32
C GLU D 1206 -51.57 -28.93 22.61
N ALA D 1207 -50.66 -27.95 22.62
CA ALA D 1207 -50.44 -27.04 23.75
C ALA D 1207 -50.99 -25.65 23.42
N ARG D 1208 -51.77 -25.61 22.33
CA ARG D 1208 -52.43 -24.40 21.82
C ARG D 1208 -53.95 -24.59 21.95
N LYS D 1209 -54.42 -25.83 21.79
CA LYS D 1209 -55.85 -26.12 21.94
C LYS D 1209 -56.08 -26.77 23.33
N GLU D 1210 -55.69 -26.00 24.35
CA GLU D 1210 -55.81 -26.32 25.79
C GLU D 1210 -56.16 -25.01 26.55
#